data_8CFY
#
_entry.id   8CFY
#
_cell.length_a   109.085
_cell.length_b   103.191
_cell.length_c   175.392
_cell.angle_alpha   90.00
_cell.angle_beta   99.55
_cell.angle_gamma   90.00
#
_symmetry.space_group_name_H-M   'P 1 2 1'
#
loop_
_entity.id
_entity.type
_entity.pdbx_description
1 polymer Adenosylhomocysteinase
2 non-polymer NICOTINAMIDE-ADENINE-DINUCLEOTIDE
3 non-polymer ADENINE
4 non-polymer 'POTASSIUM ION'
5 non-polymer 'PHOSPHATE ION'
6 non-polymer 'DIMETHYL SULFOXIDE'
7 non-polymer ~{N}-methyl-~{N}-[(1-methylpyrazol-4-yl)methyl]cyclohexanecarboxamide
8 water water
#
_entity_poly.entity_id   1
_entity_poly.type   'polypeptide(L)'
_entity_poly.pdbx_seq_one_letter_code
;SNAMSAVMTPAGFTDYKVADITLAAWGRRELIIAESEMPALMGLRRKYAGQQPLKGAKILGCIHMTIQTGVLIETLVALG
AEVRWSSCNIFSTQDQAAAAIAAAGIPVFAWKGETEEEYEWCIEQTILKDGQPWDANMVLDDGGDLTEILHKKYPQMLER
IHGITEETTTGVHRLLDMLKNGTLKVPAINVNDSVTKSKNDNKYGCRHSLNDAIKRGTDHLLSGKQALVIGYGDVGKGSS
QSLRQEGMIVKVAEVDPICAMQACMDGFEVVSPYKNGINDGTEASIDAALLGKIDLIVTTTGNVNVCDANMLKALKKRAV
VCNIGHFDNEIDTAFMRKNWAWEEVKPQVHKIHRTGKDGFDAHNDDYLILLAEGRLVNLGNATGHPSRIMDGSFANQVLA
QIHLFEQKYADLPAAEKAKRLSVEVLPKKLDEEVALEMVKGFGGVVTQLTPKQAEYIGVSVEGPFKPDTYRY
;
_entity_poly.pdbx_strand_id   A,B,C,D,G,H,I,J
#
loop_
_chem_comp.id
_chem_comp.type
_chem_comp.name
_chem_comp.formula
ADE non-polymer ADENINE 'C5 H5 N5'
DMS non-polymer 'DIMETHYL SULFOXIDE' 'C2 H6 O S'
K non-polymer 'POTASSIUM ION' 'K 1'
NAD non-polymer NICOTINAMIDE-ADENINE-DINUCLEOTIDE 'C21 H27 N7 O14 P2'
PO4 non-polymer 'PHOSPHATE ION' 'O4 P -3'
UIV non-polymer ~{N}-methyl-~{N}-[(1-methylpyrazol-4-yl)methyl]cyclohexanecarboxamide 'C13 H21 N3 O'
#
# COMPACT_ATOMS: atom_id res chain seq x y z
N ALA A 11 13.03 -17.31 69.94
CA ALA A 11 13.53 -18.48 70.65
C ALA A 11 13.28 -19.76 69.87
N GLY A 12 14.30 -20.25 69.17
CA GLY A 12 14.19 -21.50 68.43
C GLY A 12 13.38 -21.43 67.17
N PHE A 13 13.49 -20.34 66.40
CA PHE A 13 12.79 -20.22 65.13
C PHE A 13 13.65 -20.83 64.03
N THR A 14 13.12 -21.83 63.34
CA THR A 14 13.87 -22.54 62.31
C THR A 14 13.16 -22.60 60.97
N ASP A 15 12.00 -21.95 60.84
CA ASP A 15 11.11 -22.15 59.69
C ASP A 15 11.47 -21.15 58.60
N TYR A 16 12.66 -21.35 58.03
CA TYR A 16 13.19 -20.43 57.01
C TYR A 16 14.36 -21.12 56.33
N LYS A 17 14.83 -20.51 55.24
CA LYS A 17 16.07 -20.93 54.60
C LYS A 17 16.66 -19.73 53.86
N VAL A 18 17.79 -19.23 54.34
CA VAL A 18 18.46 -18.06 53.77
C VAL A 18 19.95 -18.34 53.64
N ALA A 19 20.64 -17.44 52.94
CA ALA A 19 22.07 -17.65 52.68
C ALA A 19 22.88 -17.62 53.97
N ASP A 20 22.66 -16.61 54.81
CA ASP A 20 23.55 -16.29 55.93
C ASP A 20 22.73 -15.46 56.91
N ILE A 21 22.32 -16.08 58.02
CA ILE A 21 21.48 -15.39 59.00
C ILE A 21 22.25 -14.27 59.71
N THR A 22 23.59 -14.33 59.72
CA THR A 22 24.38 -13.30 60.38
C THR A 22 24.38 -11.99 59.61
N LEU A 23 23.75 -11.93 58.44
CA LEU A 23 23.57 -10.67 57.73
C LEU A 23 22.33 -9.92 58.21
N ALA A 24 21.62 -10.46 59.21
CA ALA A 24 20.37 -9.85 59.66
C ALA A 24 20.58 -8.42 60.12
N ALA A 25 21.57 -8.19 60.99
CA ALA A 25 21.77 -6.85 61.53
C ALA A 25 21.97 -5.85 60.39
N TRP A 26 22.80 -6.21 59.41
CA TRP A 26 22.98 -5.35 58.24
C TRP A 26 21.66 -5.11 57.54
N GLY A 27 20.87 -6.17 57.32
CA GLY A 27 19.60 -6.00 56.65
C GLY A 27 18.66 -5.09 57.43
N ARG A 28 18.68 -5.19 58.75
CA ARG A 28 17.83 -4.33 59.57
C ARG A 28 18.21 -2.87 59.40
N ARG A 29 19.51 -2.57 59.41
CA ARG A 29 19.93 -1.19 59.19
C ARG A 29 19.39 -0.65 57.88
N GLU A 30 19.46 -1.44 56.81
CA GLU A 30 18.97 -0.97 55.52
C GLU A 30 17.45 -0.93 55.46
N LEU A 31 16.75 -1.78 56.23
CA LEU A 31 15.29 -1.65 56.32
C LEU A 31 14.89 -0.34 56.97
N ILE A 32 15.63 0.09 57.99
CA ILE A 32 15.28 1.33 58.69
C ILE A 32 15.46 2.52 57.77
N ILE A 33 16.55 2.53 56.99
CA ILE A 33 16.71 3.55 55.96
C ILE A 33 15.55 3.48 54.96
N ALA A 34 15.22 2.27 54.49
CA ALA A 34 14.21 2.18 53.43
C ALA A 34 12.84 2.67 53.91
N GLU A 35 12.53 2.46 55.19
CA GLU A 35 11.27 2.95 55.73
C GLU A 35 11.16 4.47 55.59
N SER A 36 12.27 5.18 55.75
CA SER A 36 12.29 6.63 55.58
C SER A 36 12.16 7.05 54.12
N GLU A 37 12.37 6.12 53.18
CA GLU A 37 12.23 6.37 51.75
C GLU A 37 10.89 5.91 51.21
N MET A 38 9.98 5.42 52.06
CA MET A 38 8.72 4.82 51.60
C MET A 38 7.54 5.38 52.38
N PRO A 39 7.22 6.66 52.18
CA PRO A 39 6.17 7.31 52.99
C PRO A 39 4.75 6.82 52.72
N ALA A 40 4.44 6.43 51.48
CA ALA A 40 3.09 5.91 51.25
C ALA A 40 2.90 4.57 51.95
N LEU A 41 3.88 3.66 51.85
CA LEU A 41 3.78 2.38 52.54
C LEU A 41 3.83 2.55 54.05
N MET A 42 4.75 3.38 54.55
N MET A 42 4.71 3.40 54.56
CA MET A 42 4.77 3.70 55.98
CA MET A 42 4.73 3.61 56.01
C MET A 42 3.47 4.33 56.43
C MET A 42 3.51 4.40 56.49
N GLY A 43 2.93 5.24 55.62
CA GLY A 43 1.69 5.89 55.98
C GLY A 43 0.56 4.90 56.15
N LEU A 44 0.50 3.88 55.29
CA LEU A 44 -0.48 2.81 55.46
C LEU A 44 -0.23 2.06 56.76
N ARG A 45 1.01 1.66 56.99
CA ARG A 45 1.34 0.98 58.24
C ARG A 45 0.85 1.79 59.44
N ARG A 46 1.08 3.11 59.45
CA ARG A 46 0.66 3.94 60.57
C ARG A 46 -0.86 4.06 60.66
N LYS A 47 -1.54 4.23 59.52
CA LYS A 47 -2.98 4.49 59.54
C LYS A 47 -3.77 3.25 59.93
N TYR A 48 -3.31 2.06 59.55
CA TYR A 48 -4.10 0.85 59.69
C TYR A 48 -3.63 -0.06 60.82
N ALA A 49 -2.55 0.30 61.52
CA ALA A 49 -2.00 -0.58 62.55
C ALA A 49 -3.02 -0.86 63.65
N GLY A 50 -3.70 0.17 64.15
CA GLY A 50 -4.66 -0.03 65.22
C GLY A 50 -5.89 -0.80 64.79
N GLN A 51 -6.27 -0.66 63.52
CA GLN A 51 -7.44 -1.34 62.99
C GLN A 51 -7.17 -2.82 62.70
N GLN A 52 -5.93 -3.20 62.42
CA GLN A 52 -5.55 -4.58 62.13
C GLN A 52 -6.42 -5.19 61.02
N PRO A 53 -6.47 -4.56 59.85
CA PRO A 53 -7.36 -5.06 58.78
C PRO A 53 -6.94 -6.40 58.20
N LEU A 54 -5.72 -6.85 58.47
CA LEU A 54 -5.26 -8.13 57.96
C LEU A 54 -5.18 -9.20 59.04
N LYS A 55 -5.80 -8.96 60.21
CA LYS A 55 -5.83 -9.98 61.25
C LYS A 55 -6.60 -11.20 60.74
N GLY A 56 -5.95 -12.36 60.77
CA GLY A 56 -6.52 -13.56 60.19
C GLY A 56 -6.10 -13.83 58.76
N ALA A 57 -5.41 -12.89 58.10
CA ALA A 57 -4.90 -13.14 56.76
C ALA A 57 -3.67 -14.05 56.85
N LYS A 58 -3.57 -14.96 55.89
CA LYS A 58 -2.45 -15.89 55.79
C LYS A 58 -1.99 -15.84 54.33
N ILE A 59 -0.93 -15.07 54.09
CA ILE A 59 -0.53 -14.67 52.75
C ILE A 59 0.66 -15.49 52.30
N LEU A 60 0.50 -16.21 51.19
CA LEU A 60 1.62 -16.76 50.45
C LEU A 60 2.20 -15.66 49.56
N GLY A 61 3.45 -15.30 49.79
CA GLY A 61 4.09 -14.26 48.99
C GLY A 61 5.26 -14.77 48.17
N CYS A 62 5.28 -14.42 46.87
CA CYS A 62 6.35 -14.76 45.94
C CYS A 62 6.72 -13.49 45.19
N ILE A 63 7.76 -12.79 45.66
CA ILE A 63 8.25 -11.59 44.99
C ILE A 63 9.66 -11.34 45.49
N HIS A 64 10.51 -10.84 44.58
CA HIS A 64 11.92 -10.54 44.84
C HIS A 64 12.16 -10.19 46.30
N MET A 65 12.98 -10.97 46.99
CA MET A 65 13.22 -10.80 48.42
C MET A 65 14.30 -9.74 48.62
N THR A 66 13.94 -8.51 48.29
CA THR A 66 14.75 -7.32 48.42
C THR A 66 14.45 -6.59 49.73
N ILE A 67 15.27 -5.58 50.01
CA ILE A 67 14.99 -4.69 51.14
C ILE A 67 13.61 -4.05 51.00
N GLN A 68 13.25 -3.65 49.78
CA GLN A 68 11.92 -3.06 49.57
C GLN A 68 10.82 -4.07 49.86
N THR A 69 10.99 -5.30 49.41
CA THR A 69 9.99 -6.31 49.75
C THR A 69 9.93 -6.54 51.25
N GLY A 70 11.08 -6.46 51.92
CA GLY A 70 11.09 -6.54 53.37
C GLY A 70 10.15 -5.54 54.03
N VAL A 71 10.17 -4.28 53.58
CA VAL A 71 9.29 -3.28 54.18
C VAL A 71 7.83 -3.62 53.90
N LEU A 72 7.56 -4.15 52.71
CA LEU A 72 6.21 -4.60 52.40
C LEU A 72 5.79 -5.72 53.35
N ILE A 73 6.64 -6.74 53.48
CA ILE A 73 6.35 -7.87 54.37
C ILE A 73 6.04 -7.38 55.79
N GLU A 74 6.93 -6.55 56.34
CA GLU A 74 6.69 -6.11 57.70
C GLU A 74 5.51 -5.14 57.79
N THR A 75 5.07 -4.55 56.68
CA THR A 75 3.83 -3.77 56.70
C THR A 75 2.61 -4.69 56.78
N LEU A 76 2.62 -5.78 55.99
CA LEU A 76 1.51 -6.74 56.07
C LEU A 76 1.43 -7.37 57.45
N VAL A 77 2.58 -7.73 58.04
CA VAL A 77 2.59 -8.30 59.37
C VAL A 77 2.09 -7.28 60.39
N ALA A 78 2.51 -6.02 60.23
CA ALA A 78 2.10 -4.95 61.13
C ALA A 78 0.59 -4.76 61.12
N LEU A 79 -0.04 -5.02 59.98
CA LEU A 79 -1.49 -4.89 59.87
C LEU A 79 -2.23 -6.16 60.28
N GLY A 80 -1.53 -7.18 60.78
CA GLY A 80 -2.15 -8.38 61.31
C GLY A 80 -1.90 -9.66 60.55
N ALA A 81 -1.29 -9.61 59.36
CA ALA A 81 -1.15 -10.81 58.55
C ALA A 81 -0.08 -11.74 59.10
N GLU A 82 -0.26 -13.03 58.80
CA GLU A 82 0.84 -14.01 58.80
C GLU A 82 1.24 -14.24 57.35
N VAL A 83 2.54 -14.46 57.11
CA VAL A 83 3.03 -14.66 55.75
C VAL A 83 4.03 -15.80 55.72
N ARG A 84 4.18 -16.39 54.53
CA ARG A 84 5.27 -17.30 54.19
C ARG A 84 5.79 -16.84 52.83
N TRP A 85 7.09 -16.55 52.74
CA TRP A 85 7.62 -15.76 51.62
C TRP A 85 8.71 -16.50 50.83
N SER A 86 8.73 -16.26 49.52
CA SER A 86 9.80 -16.74 48.65
C SER A 86 10.09 -15.68 47.58
N SER A 87 11.25 -15.75 46.94
CA SER A 87 11.50 -14.82 45.84
C SER A 87 10.90 -15.37 44.55
N CYS A 88 10.55 -14.46 43.63
CA CYS A 88 10.06 -14.89 42.33
C CYS A 88 11.16 -14.95 41.26
N ASN A 89 12.44 -14.86 41.67
CA ASN A 89 13.53 -14.98 40.71
C ASN A 89 14.76 -15.50 41.43
N ILE A 90 15.54 -16.31 40.70
CA ILE A 90 16.66 -17.00 41.34
C ILE A 90 17.80 -16.05 41.70
N PHE A 91 17.88 -14.85 41.10
CA PHE A 91 19.00 -13.94 41.34
C PHE A 91 18.62 -12.63 42.03
N SER A 92 17.36 -12.42 42.36
CA SER A 92 16.89 -11.10 42.75
C SER A 92 16.94 -10.87 44.26
N THR A 93 17.12 -11.91 45.05
CA THR A 93 17.15 -11.75 46.50
C THR A 93 18.38 -10.95 46.94
N GLN A 94 18.17 -10.04 47.88
CA GLN A 94 19.26 -9.48 48.67
C GLN A 94 19.38 -10.31 49.94
N ASP A 95 20.52 -10.98 50.13
CA ASP A 95 20.64 -11.92 51.25
C ASP A 95 20.50 -11.22 52.61
N GLN A 96 20.95 -9.97 52.73
CA GLN A 96 20.78 -9.29 54.01
C GLN A 96 19.30 -8.97 54.29
N ALA A 97 18.50 -8.79 53.25
CA ALA A 97 17.07 -8.58 53.45
C ALA A 97 16.37 -9.87 53.85
N ALA A 98 16.73 -11.00 53.22
CA ALA A 98 16.20 -12.28 53.64
C ALA A 98 16.58 -12.58 55.09
N ALA A 99 17.84 -12.33 55.45
CA ALA A 99 18.29 -12.59 56.82
C ALA A 99 17.49 -11.78 57.83
N ALA A 100 17.24 -10.50 57.56
CA ALA A 100 16.52 -9.68 58.54
C ALA A 100 15.07 -10.14 58.69
N ILE A 101 14.44 -10.56 57.60
CA ILE A 101 13.07 -11.06 57.69
C ILE A 101 13.03 -12.38 58.46
N ALA A 102 13.94 -13.30 58.15
CA ALA A 102 14.03 -14.54 58.91
C ALA A 102 14.33 -14.26 60.37
N ALA A 103 15.26 -13.34 60.65
CA ALA A 103 15.65 -13.08 62.03
C ALA A 103 14.49 -12.52 62.84
N ALA A 104 13.51 -11.90 62.19
CA ALA A 104 12.30 -11.39 62.83
C ALA A 104 11.23 -12.46 63.04
N GLY A 105 11.56 -13.72 62.79
CA GLY A 105 10.60 -14.79 62.97
C GLY A 105 9.55 -14.92 61.87
N ILE A 106 9.89 -14.54 60.65
CA ILE A 106 8.99 -14.59 59.50
C ILE A 106 9.50 -15.69 58.57
N PRO A 107 8.69 -16.69 58.23
CA PRO A 107 9.16 -17.75 57.32
C PRO A 107 9.49 -17.20 55.94
N VAL A 108 10.74 -17.37 55.53
CA VAL A 108 11.19 -16.89 54.24
C VAL A 108 12.18 -17.89 53.68
N PHE A 109 12.07 -18.19 52.40
CA PHE A 109 12.93 -19.18 51.74
C PHE A 109 13.48 -18.53 50.48
N ALA A 110 14.70 -18.01 50.55
CA ALA A 110 15.20 -17.19 49.45
C ALA A 110 16.68 -16.88 49.64
N TRP A 111 17.43 -17.00 48.54
CA TRP A 111 18.81 -16.54 48.52
C TRP A 111 19.18 -16.20 47.09
N LYS A 112 20.23 -15.38 46.95
CA LYS A 112 20.72 -14.99 45.65
C LYS A 112 21.53 -16.14 45.06
N GLY A 113 21.23 -16.50 43.82
CA GLY A 113 21.88 -17.62 43.19
C GLY A 113 21.25 -18.97 43.41
N GLU A 114 19.93 -19.04 43.59
CA GLU A 114 19.26 -20.33 43.64
C GLU A 114 19.41 -21.07 42.31
N THR A 115 19.44 -22.40 42.38
CA THR A 115 19.21 -23.19 41.17
C THR A 115 17.71 -23.23 40.85
N GLU A 116 17.38 -23.67 39.64
CA GLU A 116 15.96 -23.83 39.28
C GLU A 116 15.25 -24.77 40.24
N GLU A 117 15.90 -25.86 40.63
CA GLU A 117 15.30 -26.79 41.58
C GLU A 117 15.09 -26.14 42.93
N GLU A 118 16.08 -25.37 43.42
CA GLU A 118 15.91 -24.71 44.70
C GLU A 118 14.82 -23.65 44.65
N TYR A 119 14.68 -22.97 43.51
CA TYR A 119 13.62 -21.99 43.34
C TYR A 119 12.25 -22.63 43.55
N GLU A 120 11.99 -23.75 42.87
CA GLU A 120 10.73 -24.45 43.03
C GLU A 120 10.55 -24.96 44.46
N TRP A 121 11.65 -25.43 45.07
CA TRP A 121 11.58 -25.92 46.44
C TRP A 121 11.24 -24.80 47.42
N CYS A 122 11.76 -23.58 47.20
CA CYS A 122 11.43 -22.45 48.06
C CYS A 122 9.94 -22.12 48.00
N ILE A 123 9.35 -22.11 46.80
CA ILE A 123 7.93 -21.83 46.71
C ILE A 123 7.15 -22.86 47.50
N GLU A 124 7.53 -24.14 47.36
CA GLU A 124 6.82 -25.21 48.05
C GLU A 124 6.90 -25.04 49.56
N GLN A 125 8.03 -24.55 50.07
CA GLN A 125 8.19 -24.35 51.51
C GLN A 125 7.22 -23.30 52.03
N THR A 126 6.83 -22.33 51.20
CA THR A 126 5.81 -21.38 51.63
C THR A 126 4.44 -22.03 51.63
N ILE A 127 4.16 -22.88 50.63
CA ILE A 127 2.87 -23.56 50.50
C ILE A 127 2.68 -24.62 51.59
N LEU A 128 3.74 -25.33 51.94
CA LEU A 128 3.68 -26.41 52.93
C LEU A 128 4.28 -25.96 54.25
N LYS A 129 3.56 -26.17 55.33
CA LYS A 129 4.08 -25.99 56.68
C LYS A 129 4.09 -27.34 57.37
N ASP A 130 5.25 -27.74 57.87
CA ASP A 130 5.42 -29.05 58.51
C ASP A 130 4.87 -30.17 57.62
N GLY A 131 5.15 -30.08 56.32
CA GLY A 131 4.86 -31.14 55.40
C GLY A 131 3.44 -31.22 54.90
N GLN A 132 2.57 -30.30 55.30
CA GLN A 132 1.18 -30.29 54.88
C GLN A 132 0.80 -28.90 54.42
N PRO A 133 -0.22 -28.77 53.59
CA PRO A 133 -0.61 -27.44 53.09
C PRO A 133 -0.92 -26.47 54.22
N TRP A 134 -0.24 -25.33 54.21
CA TRP A 134 -0.57 -24.24 55.10
C TRP A 134 -1.99 -23.75 54.81
N ASP A 135 -2.68 -23.28 55.84
CA ASP A 135 -4.04 -22.76 55.67
C ASP A 135 -4.02 -21.33 55.11
N ALA A 136 -3.43 -21.19 53.93
CA ALA A 136 -3.35 -19.88 53.29
C ALA A 136 -4.75 -19.37 52.92
N ASN A 137 -4.89 -18.05 52.88
CA ASN A 137 -6.13 -17.49 52.35
C ASN A 137 -5.88 -16.25 51.49
N MET A 138 -4.62 -15.90 51.23
CA MET A 138 -4.31 -14.76 50.38
C MET A 138 -3.03 -15.09 49.60
N VAL A 139 -2.93 -14.53 48.40
CA VAL A 139 -1.74 -14.72 47.57
C VAL A 139 -1.23 -13.36 47.12
N LEU A 140 0.07 -13.15 47.27
CA LEU A 140 0.74 -12.00 46.68
C LEU A 140 1.80 -12.54 45.74
N ASP A 141 1.67 -12.23 44.45
CA ASP A 141 2.50 -12.85 43.42
C ASP A 141 3.13 -11.79 42.51
N ASP A 142 4.27 -12.13 41.93
CA ASP A 142 4.96 -11.25 40.99
C ASP A 142 5.45 -12.15 39.87
N GLY A 143 4.70 -12.19 38.76
CA GLY A 143 5.04 -13.01 37.63
C GLY A 143 4.14 -14.21 37.43
N GLY A 144 3.38 -14.62 38.44
CA GLY A 144 2.42 -15.69 38.28
C GLY A 144 2.92 -17.10 38.58
N ASP A 145 4.18 -17.26 38.99
CA ASP A 145 4.70 -18.62 39.25
C ASP A 145 3.98 -19.29 40.42
N LEU A 146 3.86 -18.59 41.56
CA LEU A 146 3.12 -19.16 42.69
C LEU A 146 1.66 -19.43 42.31
N THR A 147 1.01 -18.48 41.62
CA THR A 147 -0.36 -18.66 41.16
C THR A 147 -0.50 -19.91 40.31
N GLU A 148 0.45 -20.14 39.40
CA GLU A 148 0.38 -21.31 38.52
C GLU A 148 0.56 -22.60 39.30
N ILE A 149 1.47 -22.60 40.27
CA ILE A 149 1.72 -23.80 41.07
C ILE A 149 0.50 -24.14 41.92
N LEU A 150 -0.15 -23.12 42.49
CA LEU A 150 -1.36 -23.37 43.28
C LEU A 150 -2.47 -23.94 42.41
N HIS A 151 -2.72 -23.34 41.23
CA HIS A 151 -3.80 -23.85 40.39
C HIS A 151 -3.49 -25.26 39.90
N LYS A 152 -2.21 -25.53 39.61
CA LYS A 152 -1.85 -26.79 38.97
C LYS A 152 -1.68 -27.91 39.99
N LYS A 153 -1.04 -27.62 41.12
CA LYS A 153 -0.62 -28.66 42.03
C LYS A 153 -1.36 -28.64 43.36
N TYR A 154 -1.94 -27.50 43.76
CA TYR A 154 -2.65 -27.40 45.03
C TYR A 154 -4.01 -26.73 44.89
N PRO A 155 -4.84 -27.19 43.95
CA PRO A 155 -6.14 -26.52 43.76
C PRO A 155 -7.00 -26.50 45.00
N GLN A 156 -6.86 -27.49 45.90
CA GLN A 156 -7.69 -27.52 47.10
C GLN A 156 -7.39 -26.35 48.02
N MET A 157 -6.15 -25.86 48.00
CA MET A 157 -5.82 -24.68 48.79
C MET A 157 -6.55 -23.45 48.29
N LEU A 158 -6.82 -23.39 46.98
CA LEU A 158 -7.41 -22.19 46.43
C LEU A 158 -8.86 -22.02 46.86
N GLU A 159 -9.50 -23.13 47.29
CA GLU A 159 -10.86 -23.07 47.80
C GLU A 159 -10.97 -22.15 49.02
N ARG A 160 -9.87 -21.99 49.76
CA ARG A 160 -9.86 -21.18 50.97
C ARG A 160 -9.24 -19.81 50.75
N ILE A 161 -8.79 -19.51 49.54
CA ILE A 161 -8.04 -18.30 49.26
C ILE A 161 -8.99 -17.23 48.72
N HIS A 162 -8.94 -16.05 49.34
CA HIS A 162 -9.88 -14.96 49.04
C HIS A 162 -9.46 -14.13 47.83
N GLY A 163 -8.22 -14.24 47.38
CA GLY A 163 -7.80 -13.45 46.24
C GLY A 163 -6.30 -13.40 46.04
N ILE A 164 -5.90 -12.98 44.83
CA ILE A 164 -4.51 -12.83 44.41
C ILE A 164 -4.27 -11.35 44.11
N THR A 165 -3.13 -10.83 44.54
CA THR A 165 -2.74 -9.48 44.14
C THR A 165 -1.44 -9.61 43.36
N GLU A 166 -1.50 -9.30 42.07
CA GLU A 166 -0.42 -9.61 41.14
C GLU A 166 0.33 -8.34 40.76
N GLU A 167 1.65 -8.41 40.83
CA GLU A 167 2.51 -7.22 40.75
C GLU A 167 2.77 -6.76 39.32
N THR A 168 2.94 -7.68 38.37
CA THR A 168 3.66 -7.31 37.15
C THR A 168 2.89 -7.68 35.89
N THR A 169 3.30 -7.05 34.78
CA THR A 169 2.60 -7.16 33.50
C THR A 169 2.47 -8.61 33.06
N THR A 170 3.58 -9.35 33.09
CA THR A 170 3.55 -10.74 32.68
C THR A 170 2.54 -11.53 33.53
N GLY A 171 2.51 -11.26 34.83
CA GLY A 171 1.61 -11.99 35.71
C GLY A 171 0.16 -11.71 35.41
N VAL A 172 -0.17 -10.44 35.16
CA VAL A 172 -1.54 -10.06 34.82
C VAL A 172 -1.99 -10.76 33.55
N HIS A 173 -1.09 -10.83 32.54
CA HIS A 173 -1.43 -11.53 31.32
C HIS A 173 -1.79 -12.98 31.60
N ARG A 174 -1.02 -13.66 32.47
CA ARG A 174 -1.33 -15.05 32.77
C ARG A 174 -2.66 -15.17 33.52
N LEU A 175 -2.98 -14.19 34.38
CA LEU A 175 -4.27 -14.19 35.04
C LEU A 175 -5.41 -14.04 34.04
N LEU A 176 -5.25 -13.14 33.08
CA LEU A 176 -6.32 -12.89 32.11
C LEU A 176 -6.49 -14.07 31.16
N ASP A 177 -5.40 -14.77 30.85
CA ASP A 177 -5.54 -16.00 30.06
C ASP A 177 -6.32 -17.06 30.83
N MET A 178 -6.09 -17.17 32.15
CA MET A 178 -6.83 -18.14 32.94
C MET A 178 -8.30 -17.74 33.06
N LEU A 179 -8.57 -16.46 33.26
CA LEU A 179 -9.95 -15.97 33.33
C LEU A 179 -10.70 -16.31 32.05
N LYS A 180 -10.11 -16.03 30.89
CA LYS A 180 -10.84 -16.28 29.64
C LYS A 180 -11.03 -17.77 29.40
N ASN A 181 -10.12 -18.61 29.89
CA ASN A 181 -10.24 -20.06 29.78
C ASN A 181 -11.07 -20.68 30.88
N GLY A 182 -11.62 -19.88 31.81
CA GLY A 182 -12.41 -20.44 32.89
C GLY A 182 -11.65 -21.26 33.90
N THR A 183 -10.33 -21.06 34.01
CA THR A 183 -9.46 -21.82 34.90
C THR A 183 -8.98 -21.02 36.11
N LEU A 184 -9.25 -19.72 36.16
CA LEU A 184 -8.94 -18.92 37.34
C LEU A 184 -9.94 -19.22 38.45
N LYS A 185 -9.43 -19.58 39.63
CA LYS A 185 -10.25 -20.04 40.75
C LYS A 185 -10.59 -18.96 41.78
N VAL A 186 -9.80 -17.89 41.88
CA VAL A 186 -10.05 -16.82 42.85
C VAL A 186 -9.90 -15.46 42.17
N PRO A 187 -10.58 -14.43 42.67
CA PRO A 187 -10.45 -13.10 42.06
C PRO A 187 -9.04 -12.54 42.25
N ALA A 188 -8.69 -11.60 41.40
CA ALA A 188 -7.39 -10.97 41.46
C ALA A 188 -7.54 -9.46 41.36
N ILE A 189 -6.59 -8.75 41.97
CA ILE A 189 -6.39 -7.34 41.73
C ILE A 189 -5.12 -7.20 40.91
N ASN A 190 -5.24 -6.51 39.79
CA ASN A 190 -4.14 -6.12 38.89
C ASN A 190 -3.47 -4.89 39.51
N VAL A 191 -2.39 -5.13 40.25
CA VAL A 191 -1.66 -4.04 40.89
C VAL A 191 -0.84 -3.30 39.87
N ASN A 192 -0.40 -4.01 38.82
CA ASN A 192 0.44 -3.41 37.79
C ASN A 192 -0.16 -2.11 37.25
N ASP A 193 -1.48 -2.10 37.01
CA ASP A 193 -2.12 -1.03 36.27
C ASP A 193 -2.67 0.10 37.15
N SER A 194 -2.31 0.16 38.43
CA SER A 194 -2.37 1.46 39.09
C SER A 194 -1.38 2.37 38.38
N VAL A 195 -1.71 3.66 38.26
CA VAL A 195 -0.75 4.56 37.63
C VAL A 195 0.48 4.72 38.51
N THR A 196 0.30 4.77 39.83
CA THR A 196 1.43 4.80 40.76
C THR A 196 2.20 3.49 40.81
N LYS A 197 1.84 2.52 39.98
CA LYS A 197 2.66 1.32 39.79
C LYS A 197 3.19 1.34 38.36
N SER A 198 2.34 1.11 37.35
CA SER A 198 2.80 0.97 35.98
C SER A 198 3.67 2.15 35.52
N LYS A 199 3.22 3.37 35.77
CA LYS A 199 3.88 4.53 35.21
C LYS A 199 4.85 5.14 36.20
N ASN A 200 5.27 4.36 37.18
CA ASN A 200 6.19 4.75 38.24
C ASN A 200 7.27 3.68 38.31
N ASP A 201 6.89 2.51 38.77
CA ASP A 201 7.72 1.32 38.82
C ASP A 201 8.22 0.90 37.43
N ASN A 202 7.33 0.50 36.53
CA ASN A 202 7.79 -0.10 35.27
C ASN A 202 8.68 0.86 34.48
N LYS A 203 8.36 2.15 34.50
CA LYS A 203 9.08 3.13 33.68
C LYS A 203 10.24 3.73 34.47
N TYR A 204 9.93 4.50 35.52
CA TYR A 204 10.98 5.20 36.26
C TYR A 204 11.91 4.25 37.01
N GLY A 205 11.39 3.12 37.50
CA GLY A 205 12.26 2.15 38.16
C GLY A 205 13.36 1.63 37.24
N CYS A 206 13.00 1.29 36.00
CA CYS A 206 14.00 0.80 35.06
C CYS A 206 14.95 1.91 34.62
N ARG A 207 14.45 3.14 34.50
CA ARG A 207 15.33 4.28 34.26
C ARG A 207 16.45 4.33 35.30
N HIS A 208 16.11 4.13 36.57
CA HIS A 208 17.08 4.15 37.66
C HIS A 208 18.01 2.94 37.60
N SER A 209 17.45 1.74 37.44
CA SER A 209 18.18 0.52 37.78
C SER A 209 18.80 -0.20 36.58
N LEU A 210 18.45 0.15 35.34
CA LEU A 210 19.09 -0.54 34.22
C LEU A 210 20.55 -0.12 34.07
N ASN A 211 20.83 1.19 33.89
CA ASN A 211 22.24 1.58 33.79
CA ASN A 211 22.23 1.61 33.80
C ASN A 211 23.00 1.22 35.06
N ASP A 212 22.32 1.20 36.20
CA ASP A 212 22.91 0.79 37.47
C ASP A 212 23.44 -0.64 37.38
N ALA A 213 22.59 -1.59 36.93
CA ALA A 213 23.04 -2.98 36.83
C ALA A 213 24.14 -3.14 35.79
N ILE A 214 24.04 -2.45 34.66
CA ILE A 214 25.08 -2.58 33.63
C ILE A 214 26.42 -2.08 34.17
N LYS A 215 26.40 -0.95 34.90
CA LYS A 215 27.64 -0.44 35.48
C LYS A 215 28.22 -1.40 36.51
N ARG A 216 27.38 -1.98 37.38
CA ARG A 216 27.92 -2.90 38.38
C ARG A 216 28.49 -4.15 37.73
N GLY A 217 27.80 -4.67 36.72
CA GLY A 217 28.24 -5.90 36.09
C GLY A 217 29.52 -5.74 35.31
N THR A 218 29.63 -4.64 34.53
CA THR A 218 30.72 -4.46 33.56
C THR A 218 31.58 -3.24 33.78
N ASP A 219 31.09 -2.20 34.47
CA ASP A 219 31.80 -0.93 34.60
C ASP A 219 32.19 -0.35 33.24
N HIS A 220 31.43 -0.71 32.21
CA HIS A 220 31.60 -0.12 30.88
C HIS A 220 31.12 1.32 30.82
N LEU A 221 31.94 2.19 30.25
CA LEU A 221 31.43 3.47 29.78
C LEU A 221 30.26 3.20 28.86
N LEU A 222 29.17 3.97 29.05
CA LEU A 222 28.04 3.90 28.14
C LEU A 222 27.99 5.04 27.14
N SER A 223 28.39 6.26 27.55
CA SER A 223 28.40 7.42 26.68
C SER A 223 29.08 7.12 25.35
N GLY A 224 28.44 7.53 24.26
CA GLY A 224 29.03 7.42 22.94
C GLY A 224 28.82 6.10 22.24
N LYS A 225 28.34 5.08 22.96
CA LYS A 225 28.20 3.74 22.41
C LYS A 225 26.77 3.49 21.91
N GLN A 226 26.61 2.43 21.12
CA GLN A 226 25.35 2.17 20.44
C GLN A 226 24.55 1.13 21.21
N ALA A 227 23.29 1.45 21.50
CA ALA A 227 22.40 0.52 22.18
C ALA A 227 21.21 0.22 21.28
N LEU A 228 20.68 -1.00 21.42
CA LEU A 228 19.41 -1.35 20.82
C LEU A 228 18.50 -1.85 21.93
N VAL A 229 17.36 -1.19 22.10
CA VAL A 229 16.36 -1.57 23.08
C VAL A 229 15.22 -2.23 22.33
N ILE A 230 14.92 -3.49 22.65
CA ILE A 230 13.81 -4.21 22.03
C ILE A 230 12.59 -3.99 22.91
N GLY A 231 11.61 -3.25 22.39
CA GLY A 231 10.39 -2.93 23.09
C GLY A 231 10.35 -1.48 23.55
N TYR A 232 9.16 -0.89 23.56
CA TYR A 232 8.98 0.49 24.00
C TYR A 232 7.64 0.65 24.71
N GLY A 233 7.28 -0.36 25.53
CA GLY A 233 6.21 -0.23 26.51
C GLY A 233 6.74 0.56 27.69
N ASP A 234 6.17 0.34 28.88
CA ASP A 234 6.66 1.11 30.03
C ASP A 234 8.11 0.77 30.35
N VAL A 235 8.45 -0.53 30.41
CA VAL A 235 9.82 -0.92 30.70
C VAL A 235 10.76 -0.44 29.60
N GLY A 236 10.34 -0.56 28.34
CA GLY A 236 11.19 -0.12 27.24
C GLY A 236 11.41 1.38 27.24
N LYS A 237 10.38 2.15 27.58
CA LYS A 237 10.54 3.60 27.72
C LYS A 237 11.55 3.94 28.81
N GLY A 238 11.38 3.35 30.00
CA GLY A 238 12.31 3.63 31.10
C GLY A 238 13.73 3.19 30.79
N SER A 239 13.87 2.00 30.18
CA SER A 239 15.18 1.49 29.80
C SER A 239 15.86 2.38 28.77
N SER A 240 15.12 2.77 27.71
CA SER A 240 15.72 3.64 26.68
C SER A 240 16.23 4.95 27.31
N GLN A 241 15.47 5.50 28.26
CA GLN A 241 15.90 6.72 28.95
C GLN A 241 17.10 6.47 29.86
N SER A 242 17.13 5.31 30.53
CA SER A 242 18.28 4.96 31.36
C SER A 242 19.58 5.02 30.56
N LEU A 243 19.53 4.62 29.29
CA LEU A 243 20.72 4.60 28.46
C LEU A 243 20.95 5.92 27.74
N ARG A 244 19.89 6.53 27.22
CA ARG A 244 20.07 7.82 26.55
C ARG A 244 20.59 8.90 27.51
N GLN A 245 20.12 8.89 28.77
CA GLN A 245 20.59 9.92 29.71
C GLN A 245 22.06 9.77 30.05
N GLU A 246 22.63 8.57 29.89
CA GLU A 246 24.06 8.35 30.00
C GLU A 246 24.84 8.74 28.74
N GLY A 247 24.16 9.19 27.68
CA GLY A 247 24.83 9.53 26.44
C GLY A 247 24.94 8.42 25.42
N MET A 248 24.22 7.32 25.57
CA MET A 248 24.24 6.31 24.53
C MET A 248 23.46 6.79 23.30
N ILE A 249 23.83 6.28 22.13
CA ILE A 249 23.03 6.43 20.92
C ILE A 249 22.09 5.24 20.90
N VAL A 250 20.80 5.48 21.12
CA VAL A 250 19.84 4.42 21.41
C VAL A 250 18.91 4.25 20.21
N LYS A 251 18.82 3.04 19.69
CA LYS A 251 17.81 2.69 18.70
C LYS A 251 16.79 1.77 19.37
N VAL A 252 15.55 1.88 18.93
CA VAL A 252 14.42 1.18 19.54
C VAL A 252 13.75 0.29 18.50
N ALA A 253 13.38 -0.92 18.91
CA ALA A 253 12.57 -1.80 18.08
C ALA A 253 11.21 -1.97 18.73
N GLU A 254 10.17 -2.10 17.90
CA GLU A 254 8.81 -2.29 18.40
C GLU A 254 7.99 -3.05 17.37
N VAL A 255 7.00 -3.79 17.85
CA VAL A 255 5.95 -4.29 16.98
C VAL A 255 4.69 -3.43 17.04
N ASP A 256 4.58 -2.57 18.06
CA ASP A 256 3.38 -1.74 18.25
C ASP A 256 3.62 -0.38 17.60
N PRO A 257 2.91 -0.02 16.53
CA PRO A 257 3.21 1.26 15.85
C PRO A 257 2.98 2.48 16.74
N ILE A 258 2.05 2.41 17.70
CA ILE A 258 1.82 3.57 18.57
C ILE A 258 3.04 3.78 19.47
N CYS A 259 3.49 2.71 20.14
CA CYS A 259 4.72 2.80 20.92
C CYS A 259 5.89 3.27 20.07
N ALA A 260 6.00 2.77 18.84
CA ALA A 260 7.07 3.21 17.96
C ALA A 260 6.96 4.70 17.65
N MET A 261 5.73 5.18 17.43
N MET A 261 5.74 5.18 17.43
CA MET A 261 5.53 6.60 17.19
CA MET A 261 5.55 6.60 17.18
C MET A 261 6.04 7.42 18.37
C MET A 261 6.07 7.41 18.37
N GLN A 262 5.78 6.95 19.58
CA GLN A 262 6.31 7.61 20.78
C GLN A 262 7.84 7.62 20.77
N ALA A 263 8.48 6.51 20.41
CA ALA A 263 9.94 6.46 20.40
C ALA A 263 10.51 7.48 19.42
N CYS A 264 9.91 7.61 18.23
CA CYS A 264 10.35 8.64 17.28
C CYS A 264 10.24 10.03 17.89
N MET A 265 9.04 10.38 18.38
CA MET A 265 8.84 11.70 18.98
C MET A 265 9.75 11.94 20.18
N ASP A 266 10.12 10.88 20.91
CA ASP A 266 11.03 11.01 22.05
C ASP A 266 12.49 11.13 21.63
N GLY A 267 12.78 11.09 20.33
CA GLY A 267 14.10 11.34 19.84
C GLY A 267 14.93 10.12 19.52
N PHE A 268 14.30 8.97 19.25
CA PHE A 268 15.00 7.73 18.99
C PHE A 268 14.76 7.29 17.55
N GLU A 269 15.76 6.63 16.97
CA GLU A 269 15.59 6.00 15.67
C GLU A 269 14.94 4.63 15.87
N VAL A 270 13.85 4.39 15.17
CA VAL A 270 13.14 3.11 15.31
C VAL A 270 13.62 2.17 14.20
N VAL A 271 14.20 1.04 14.58
CA VAL A 271 14.82 0.08 13.68
C VAL A 271 14.32 -1.31 14.03
N SER A 272 14.51 -2.24 13.11
CA SER A 272 14.16 -3.65 13.32
C SER A 272 15.41 -4.51 13.19
N PRO A 273 15.57 -5.55 14.02
CA PRO A 273 16.68 -6.49 13.80
C PRO A 273 16.61 -7.20 12.46
N TYR A 274 15.46 -7.14 11.77
CA TYR A 274 15.21 -7.88 10.55
C TYR A 274 14.96 -6.91 9.39
N LYS A 275 15.46 -7.29 8.22
CA LYS A 275 15.23 -6.52 7.01
C LYS A 275 13.74 -6.35 6.77
N ASN A 276 13.32 -5.09 6.65
CA ASN A 276 11.92 -4.72 6.47
C ASN A 276 11.04 -5.22 7.61
N GLY A 277 11.64 -5.57 8.75
CA GLY A 277 10.89 -6.05 9.91
C GLY A 277 10.36 -7.46 9.81
N ILE A 278 10.80 -8.25 8.83
CA ILE A 278 10.23 -9.57 8.57
C ILE A 278 11.15 -10.64 9.15
N ASN A 279 10.64 -11.38 10.14
CA ASN A 279 11.38 -12.37 10.90
C ASN A 279 10.99 -13.74 10.33
N ASP A 280 11.68 -14.13 9.27
CA ASP A 280 11.37 -15.39 8.61
C ASP A 280 12.20 -16.56 9.16
N GLY A 281 12.97 -16.32 10.22
CA GLY A 281 13.74 -17.37 10.86
C GLY A 281 15.05 -17.72 10.19
N THR A 282 15.47 -16.99 9.16
CA THR A 282 16.70 -17.32 8.44
C THR A 282 17.76 -16.27 8.73
N GLU A 283 19.02 -16.67 8.54
CA GLU A 283 20.12 -15.75 8.76
C GLU A 283 20.07 -14.59 7.79
N ALA A 284 19.52 -14.83 6.59
CA ALA A 284 19.42 -13.79 5.58
C ALA A 284 18.47 -12.67 6.00
N SER A 285 17.58 -12.92 6.96
CA SER A 285 16.66 -11.89 7.37
C SER A 285 17.30 -10.88 8.30
N ILE A 286 18.45 -11.21 8.89
CA ILE A 286 19.06 -10.36 9.90
C ILE A 286 19.72 -9.16 9.23
N ASP A 287 19.38 -7.96 9.67
CA ASP A 287 20.13 -6.75 9.31
C ASP A 287 21.48 -6.82 10.01
N ALA A 288 22.42 -7.54 9.39
CA ALA A 288 23.74 -7.76 9.98
C ALA A 288 24.55 -6.47 10.11
N ALA A 289 24.35 -5.53 9.19
CA ALA A 289 25.03 -4.25 9.29
C ALA A 289 24.61 -3.51 10.55
N LEU A 290 23.31 -3.50 10.85
CA LEU A 290 22.83 -2.82 12.06
C LEU A 290 23.41 -3.49 13.31
N LEU A 291 23.24 -4.80 13.43
CA LEU A 291 23.63 -5.49 14.66
C LEU A 291 25.14 -5.53 14.85
N GLY A 292 25.89 -5.50 13.75
CA GLY A 292 27.34 -5.39 13.83
C GLY A 292 27.83 -4.08 14.42
N LYS A 293 26.94 -3.10 14.59
CA LYS A 293 27.31 -1.82 15.21
C LYS A 293 26.80 -1.68 16.63
N ILE A 294 26.06 -2.67 17.16
CA ILE A 294 25.40 -2.54 18.46
C ILE A 294 26.36 -2.98 19.55
N ASP A 295 26.55 -2.12 20.56
CA ASP A 295 27.39 -2.44 21.71
C ASP A 295 26.59 -3.03 22.87
N LEU A 296 25.28 -2.89 22.85
CA LEU A 296 24.44 -3.26 23.98
C LEU A 296 23.03 -3.53 23.46
N ILE A 297 22.49 -4.68 23.78
CA ILE A 297 21.09 -4.94 23.49
C ILE A 297 20.38 -5.29 24.80
N VAL A 298 19.16 -4.76 24.95
CA VAL A 298 18.36 -4.91 26.15
C VAL A 298 16.95 -5.32 25.72
N THR A 299 16.44 -6.41 26.28
CA THR A 299 15.08 -6.84 25.95
C THR A 299 14.11 -6.40 27.04
N THR A 300 12.95 -5.88 26.61
CA THR A 300 11.99 -5.25 27.53
C THR A 300 10.56 -5.71 27.25
N THR A 301 10.38 -6.84 26.54
CA THR A 301 9.10 -7.10 25.88
C THR A 301 8.11 -7.93 26.69
N GLY A 302 8.56 -8.82 27.55
CA GLY A 302 7.61 -9.82 28.03
C GLY A 302 7.22 -10.85 26.99
N ASN A 303 7.86 -10.82 25.82
CA ASN A 303 7.62 -11.76 24.72
C ASN A 303 8.73 -12.80 24.70
N VAL A 304 8.68 -13.71 23.73
CA VAL A 304 9.60 -14.84 23.65
C VAL A 304 10.54 -14.65 22.46
N ASN A 305 11.83 -14.86 22.70
CA ASN A 305 12.80 -14.95 21.61
C ASN A 305 12.87 -13.68 20.75
N VAL A 306 12.97 -12.53 21.43
CA VAL A 306 13.11 -11.24 20.73
C VAL A 306 14.56 -10.83 20.55
N CYS A 307 15.50 -11.52 21.18
CA CYS A 307 16.91 -11.49 20.82
C CYS A 307 17.27 -12.94 20.49
N ASP A 308 17.09 -13.32 19.23
CA ASP A 308 17.14 -14.73 18.83
C ASP A 308 18.56 -15.15 18.44
N ALA A 309 18.71 -16.44 18.10
CA ALA A 309 20.05 -16.99 17.84
C ALA A 309 20.73 -16.25 16.69
N ASN A 310 20.01 -16.01 15.59
CA ASN A 310 20.62 -15.29 14.46
C ASN A 310 21.01 -13.86 14.83
N MET A 311 20.25 -13.20 15.71
CA MET A 311 20.69 -11.89 16.17
C MET A 311 21.96 -12.00 17.01
N LEU A 312 22.04 -13.00 17.88
CA LEU A 312 23.23 -13.14 18.72
C LEU A 312 24.46 -13.46 17.90
N LYS A 313 24.30 -14.19 16.80
CA LYS A 313 25.45 -14.48 15.95
C LYS A 313 25.94 -13.25 15.21
N ALA A 314 25.05 -12.30 14.91
CA ALA A 314 25.38 -11.12 14.13
C ALA A 314 25.88 -9.95 14.97
N LEU A 315 25.72 -10.01 16.28
CA LEU A 315 26.05 -8.88 17.14
C LEU A 315 27.53 -8.54 17.06
N LYS A 316 27.82 -7.24 17.22
CA LYS A 316 29.19 -6.77 17.31
C LYS A 316 29.96 -7.51 18.40
N LYS A 317 31.21 -7.86 18.10
CA LYS A 317 32.09 -8.49 19.09
C LYS A 317 32.09 -7.70 20.39
N ARG A 318 32.02 -8.44 21.50
CA ARG A 318 32.08 -7.91 22.86
C ARG A 318 30.87 -7.07 23.23
N ALA A 319 29.76 -7.19 22.50
CA ALA A 319 28.53 -6.51 22.90
C ALA A 319 28.03 -7.07 24.22
N VAL A 320 27.30 -6.24 24.96
CA VAL A 320 26.59 -6.67 26.16
C VAL A 320 25.16 -7.04 25.80
N VAL A 321 24.70 -8.17 26.37
CA VAL A 321 23.37 -8.74 26.15
C VAL A 321 22.68 -8.86 27.50
N CYS A 322 21.49 -8.28 27.65
CA CYS A 322 20.78 -8.40 28.92
C CYS A 322 19.29 -8.24 28.72
N ASN A 323 18.53 -8.70 29.71
CA ASN A 323 17.08 -8.73 29.66
C ASN A 323 16.53 -8.13 30.93
N ILE A 324 15.56 -7.23 30.80
CA ILE A 324 14.91 -6.62 31.96
C ILE A 324 13.40 -6.92 32.00
N GLY A 325 12.89 -7.69 31.05
CA GLY A 325 11.56 -8.29 31.17
C GLY A 325 11.55 -9.43 32.19
N HIS A 326 10.35 -9.97 32.44
CA HIS A 326 10.21 -10.83 33.62
C HIS A 326 10.96 -12.16 33.50
N PHE A 327 10.97 -12.78 32.32
CA PHE A 327 11.53 -14.11 32.16
C PHE A 327 12.71 -14.10 31.19
N ASP A 328 13.61 -15.08 31.35
CA ASP A 328 14.85 -15.15 30.57
C ASP A 328 14.66 -15.65 29.13
N ASN A 329 13.47 -16.11 28.75
CA ASN A 329 13.28 -16.60 27.39
C ASN A 329 13.12 -15.46 26.37
N GLU A 330 13.29 -14.20 26.77
CA GLU A 330 13.37 -13.13 25.78
C GLU A 330 14.62 -13.29 24.92
N ILE A 331 15.69 -13.83 25.49
CA ILE A 331 16.94 -14.07 24.80
C ILE A 331 17.10 -15.57 24.61
N ASP A 332 17.57 -15.99 23.43
CA ASP A 332 17.79 -17.42 23.22
C ASP A 332 19.09 -17.84 23.92
N THR A 333 19.04 -17.85 25.25
CA THR A 333 20.19 -18.35 25.99
C THR A 333 20.39 -19.84 25.81
N ALA A 334 19.32 -20.60 25.53
CA ALA A 334 19.47 -22.03 25.30
C ALA A 334 20.40 -22.29 24.13
N PHE A 335 20.24 -21.52 23.04
CA PHE A 335 21.14 -21.64 21.91
C PHE A 335 22.58 -21.45 22.35
N MET A 336 22.85 -20.45 23.19
CA MET A 336 24.22 -20.16 23.60
C MET A 336 24.78 -21.22 24.54
N ARG A 337 23.94 -21.78 25.43
CA ARG A 337 24.41 -22.91 26.25
C ARG A 337 24.81 -24.09 25.38
N LYS A 338 24.07 -24.31 24.29
CA LYS A 338 24.28 -25.49 23.46
C LYS A 338 25.50 -25.36 22.56
N ASN A 339 25.84 -24.14 22.13
CA ASN A 339 26.79 -23.94 21.04
C ASN A 339 28.07 -23.23 21.43
N TRP A 340 28.05 -22.42 22.50
CA TRP A 340 29.15 -21.53 22.82
C TRP A 340 29.67 -21.82 24.23
N ALA A 341 30.93 -21.45 24.47
CA ALA A 341 31.60 -21.71 25.74
C ALA A 341 31.45 -20.53 26.69
N TRP A 342 31.09 -20.81 27.95
CA TRP A 342 30.81 -19.78 28.93
C TRP A 342 32.00 -19.61 29.88
N GLU A 343 32.48 -18.38 30.00
CA GLU A 343 33.52 -18.03 30.96
C GLU A 343 32.91 -17.10 31.99
N GLU A 344 32.90 -17.53 33.24
CA GLU A 344 32.38 -16.66 34.29
C GLU A 344 33.40 -15.59 34.60
N VAL A 345 33.01 -14.33 34.44
CA VAL A 345 33.88 -13.26 34.91
C VAL A 345 33.76 -13.13 36.41
N LYS A 346 32.52 -13.09 36.87
CA LYS A 346 32.14 -12.99 38.28
C LYS A 346 30.66 -13.33 38.34
N PRO A 347 30.09 -13.52 39.54
CA PRO A 347 28.69 -13.93 39.61
C PRO A 347 27.78 -13.04 38.77
N GLN A 348 26.88 -13.69 38.01
CA GLN A 348 25.94 -13.03 37.12
C GLN A 348 26.60 -12.23 35.99
N VAL A 349 27.84 -12.56 35.62
CA VAL A 349 28.50 -11.91 34.49
C VAL A 349 29.31 -12.98 33.76
N HIS A 350 28.93 -13.29 32.52
CA HIS A 350 29.56 -14.36 31.75
C HIS A 350 30.04 -13.86 30.40
N LYS A 351 31.26 -14.22 30.03
CA LYS A 351 31.69 -14.08 28.65
C LYS A 351 31.28 -15.33 27.88
N ILE A 352 30.62 -15.14 26.75
CA ILE A 352 30.14 -16.26 25.95
C ILE A 352 30.92 -16.25 24.65
N HIS A 353 31.79 -17.24 24.50
CA HIS A 353 32.80 -17.28 23.43
C HIS A 353 32.20 -17.95 22.19
N ARG A 354 32.07 -17.18 21.13
CA ARG A 354 31.41 -17.67 19.93
C ARG A 354 32.31 -18.53 19.07
N THR A 355 33.51 -18.85 19.55
CA THR A 355 34.46 -19.68 18.79
C THR A 355 34.13 -21.16 18.85
N GLY A 356 33.23 -21.60 19.72
CA GLY A 356 32.93 -23.00 19.86
C GLY A 356 32.49 -23.33 21.26
N LYS A 357 32.06 -24.58 21.44
CA LYS A 357 31.44 -25.00 22.70
C LYS A 357 32.45 -25.59 23.68
N ASP A 358 33.41 -26.37 23.19
CA ASP A 358 34.32 -27.10 24.06
C ASP A 358 35.60 -26.28 24.22
N GLY A 359 35.66 -25.50 25.30
CA GLY A 359 36.84 -24.72 25.60
C GLY A 359 36.81 -23.33 24.98
N PHE A 360 37.70 -22.49 25.46
CA PHE A 360 37.86 -21.15 24.91
C PHE A 360 39.30 -20.69 25.12
N ASP A 361 39.71 -19.74 24.30
CA ASP A 361 40.98 -19.05 24.52
C ASP A 361 40.75 -17.92 25.50
N ALA A 362 41.58 -17.84 26.54
CA ALA A 362 41.39 -16.79 27.54
C ALA A 362 41.51 -15.39 26.93
N HIS A 363 42.24 -15.26 25.81
CA HIS A 363 42.40 -13.97 25.14
C HIS A 363 41.57 -13.87 23.86
N ASN A 364 40.56 -14.72 23.71
CA ASN A 364 39.68 -14.62 22.55
C ASN A 364 38.95 -13.29 22.57
N ASP A 365 38.80 -12.67 21.39
CA ASP A 365 38.11 -11.39 21.27
C ASP A 365 36.68 -11.51 20.77
N ASP A 366 36.27 -12.68 20.29
CA ASP A 366 34.91 -12.86 19.77
C ASP A 366 34.04 -13.50 20.86
N TYR A 367 33.57 -12.65 21.78
CA TYR A 367 32.67 -13.08 22.84
C TYR A 367 31.57 -12.04 23.03
N LEU A 368 30.47 -12.47 23.62
CA LEU A 368 29.45 -11.57 24.13
C LEU A 368 29.49 -11.60 25.65
N ILE A 369 29.04 -10.52 26.28
CA ILE A 369 28.92 -10.48 27.73
C ILE A 369 27.44 -10.56 28.05
N LEU A 370 27.05 -11.65 28.70
CA LEU A 370 25.67 -11.87 29.11
C LEU A 370 25.58 -11.54 30.60
N LEU A 371 24.60 -10.73 30.98
CA LEU A 371 24.38 -10.39 32.39
C LEU A 371 23.24 -11.22 32.96
N ALA A 372 23.41 -11.68 34.20
CA ALA A 372 22.40 -12.41 34.98
C ALA A 372 21.85 -13.62 34.23
N GLU A 373 22.67 -14.23 33.37
CA GLU A 373 22.25 -15.37 32.54
C GLU A 373 20.91 -15.10 31.86
N GLY A 374 20.66 -13.83 31.49
CA GLY A 374 19.43 -13.45 30.84
C GLY A 374 18.24 -13.22 31.75
N ARG A 375 18.40 -13.40 33.07
CA ARG A 375 17.33 -13.05 33.99
C ARG A 375 17.29 -11.55 34.24
N LEU A 376 16.15 -11.07 34.75
CA LEU A 376 15.92 -9.65 35.08
C LEU A 376 17.21 -8.98 35.52
N VAL A 377 17.79 -8.14 34.67
CA VAL A 377 19.15 -7.67 34.91
C VAL A 377 19.19 -6.65 36.04
N ASN A 378 18.15 -5.80 36.18
CA ASN A 378 18.23 -4.78 37.24
C ASN A 378 18.31 -5.43 38.61
N LEU A 379 17.57 -6.52 38.82
CA LEU A 379 17.60 -7.22 40.11
C LEU A 379 18.75 -8.21 40.22
N GLY A 380 19.20 -8.78 39.09
CA GLY A 380 20.28 -9.75 39.11
C GLY A 380 21.66 -9.16 39.30
N ASN A 381 21.97 -8.04 38.63
CA ASN A 381 23.27 -7.40 38.76
C ASN A 381 23.28 -6.14 39.63
N ALA A 382 22.12 -5.66 40.07
CA ALA A 382 22.11 -4.59 41.07
C ALA A 382 21.06 -4.87 42.14
N THR A 383 20.25 -3.88 42.50
CA THR A 383 19.28 -4.09 43.58
C THR A 383 17.85 -3.82 43.11
N GLY A 384 17.61 -3.84 41.81
CA GLY A 384 16.29 -3.49 41.32
C GLY A 384 15.96 -2.03 41.60
N HIS A 385 14.65 -1.74 41.59
CA HIS A 385 14.15 -0.39 41.74
C HIS A 385 14.43 0.13 43.16
N PRO A 386 14.63 1.44 43.29
CA PRO A 386 14.88 2.02 44.61
C PRO A 386 13.62 2.11 45.47
N SER A 387 13.87 2.16 46.78
CA SER A 387 12.78 2.18 47.76
C SER A 387 11.72 3.21 47.43
N ARG A 388 12.12 4.45 47.08
CA ARG A 388 11.10 5.49 46.91
C ARG A 388 10.23 5.24 45.69
N ILE A 389 10.67 4.43 44.74
CA ILE A 389 9.79 4.05 43.64
C ILE A 389 8.92 2.88 44.03
N MET A 390 9.51 1.84 44.65
CA MET A 390 8.73 0.69 45.09
C MET A 390 7.68 1.06 46.13
N ASP A 391 7.87 2.19 46.82
CA ASP A 391 6.83 2.72 47.70
C ASP A 391 5.46 2.74 47.02
N GLY A 392 5.38 3.26 45.79
CA GLY A 392 4.10 3.27 45.09
C GLY A 392 3.55 1.87 44.85
N SER A 393 4.36 1.00 44.26
CA SER A 393 3.91 -0.36 43.97
C SER A 393 3.42 -1.05 45.23
N PHE A 394 4.20 -0.94 46.30
CA PHE A 394 3.90 -1.73 47.48
C PHE A 394 2.81 -1.12 48.34
N ALA A 395 2.60 0.20 48.29
CA ALA A 395 1.39 0.73 48.89
C ALA A 395 0.15 0.19 48.17
N ASN A 396 0.20 0.09 46.84
CA ASN A 396 -0.92 -0.51 46.10
C ASN A 396 -1.15 -1.96 46.50
N GLN A 397 -0.05 -2.72 46.67
CA GLN A 397 -0.18 -4.10 47.12
C GLN A 397 -0.89 -4.19 48.47
N VAL A 398 -0.52 -3.32 49.42
CA VAL A 398 -1.14 -3.41 50.73
C VAL A 398 -2.62 -3.08 50.62
N LEU A 399 -2.96 -2.06 49.82
CA LEU A 399 -4.37 -1.74 49.64
C LEU A 399 -5.10 -2.89 48.95
N ALA A 400 -4.46 -3.53 47.98
CA ALA A 400 -5.12 -4.60 47.24
C ALA A 400 -5.36 -5.81 48.15
N GLN A 401 -4.41 -6.10 49.05
CA GLN A 401 -4.58 -7.19 50.01
C GLN A 401 -5.73 -6.91 50.96
N ILE A 402 -5.79 -5.70 51.51
CA ILE A 402 -6.87 -5.37 52.43
C ILE A 402 -8.22 -5.52 51.74
N HIS A 403 -8.32 -5.07 50.50
CA HIS A 403 -9.61 -5.09 49.84
C HIS A 403 -10.10 -6.52 49.59
N LEU A 404 -9.22 -7.36 49.02
CA LEU A 404 -9.61 -8.74 48.73
C LEU A 404 -9.81 -9.53 50.00
N PHE A 405 -8.96 -9.32 51.01
CA PHE A 405 -9.15 -10.03 52.26
C PHE A 405 -10.48 -9.63 52.91
N GLU A 406 -10.86 -8.36 52.83
CA GLU A 406 -12.13 -7.96 53.45
C GLU A 406 -13.34 -8.40 52.63
N GLN A 407 -13.17 -8.65 51.33
CA GLN A 407 -14.29 -9.13 50.53
C GLN A 407 -14.62 -10.59 50.79
N LYS A 408 -13.66 -11.38 51.28
CA LYS A 408 -13.90 -12.74 51.75
C LYS A 408 -14.56 -13.63 50.70
N TYR A 409 -14.02 -13.57 49.48
CA TYR A 409 -14.56 -14.35 48.35
C TYR A 409 -14.72 -15.83 48.69
N ALA A 410 -13.74 -16.42 49.38
CA ALA A 410 -13.78 -17.86 49.64
C ALA A 410 -14.94 -18.27 50.53
N ASP A 411 -15.56 -17.33 51.23
CA ASP A 411 -16.71 -17.65 52.07
C ASP A 411 -18.04 -17.51 51.34
N LEU A 412 -18.02 -17.20 50.02
CA LEU A 412 -19.29 -16.99 49.32
C LEU A 412 -19.85 -18.31 48.80
N PRO A 413 -21.18 -18.42 48.70
CA PRO A 413 -21.76 -19.56 47.97
C PRO A 413 -21.23 -19.61 46.54
N ALA A 414 -21.36 -20.80 45.95
CA ALA A 414 -20.91 -21.00 44.58
C ALA A 414 -21.53 -19.98 43.63
N ALA A 415 -22.82 -19.68 43.83
CA ALA A 415 -23.49 -18.72 42.95
C ALA A 415 -22.89 -17.32 43.07
N GLU A 416 -22.46 -16.93 44.28
CA GLU A 416 -21.90 -15.59 44.46
C GLU A 416 -20.43 -15.52 44.05
N LYS A 417 -19.69 -16.62 44.20
CA LYS A 417 -18.32 -16.66 43.67
C LYS A 417 -18.32 -16.39 42.17
N ALA A 418 -19.26 -17.00 41.44
CA ALA A 418 -19.31 -16.82 39.99
C ALA A 418 -19.52 -15.36 39.61
N LYS A 419 -20.26 -14.60 40.42
CA LYS A 419 -20.49 -13.20 40.10
C LYS A 419 -19.32 -12.29 40.46
N ARG A 420 -18.42 -12.74 41.34
CA ARG A 420 -17.31 -11.89 41.77
C ARG A 420 -15.96 -12.34 41.22
N LEU A 421 -15.93 -13.36 40.39
CA LEU A 421 -14.67 -13.90 39.88
C LEU A 421 -14.21 -13.01 38.72
N SER A 422 -13.16 -12.22 38.96
CA SER A 422 -12.74 -11.25 37.96
C SER A 422 -11.34 -10.73 38.30
N VAL A 423 -10.79 -9.94 37.37
CA VAL A 423 -9.48 -9.30 37.54
C VAL A 423 -9.71 -7.80 37.44
N GLU A 424 -9.52 -7.10 38.55
CA GLU A 424 -9.87 -5.70 38.66
C GLU A 424 -8.65 -4.90 39.06
N VAL A 425 -8.79 -3.58 38.96
CA VAL A 425 -7.78 -2.65 39.43
C VAL A 425 -8.34 -1.89 40.62
N LEU A 426 -7.45 -1.26 41.38
CA LEU A 426 -7.85 -0.40 42.46
C LEU A 426 -8.57 0.84 41.92
N PRO A 427 -9.48 1.42 42.71
CA PRO A 427 -10.15 2.66 42.28
C PRO A 427 -9.16 3.82 42.14
N LYS A 428 -9.49 4.75 41.25
CA LYS A 428 -8.58 5.88 40.98
C LYS A 428 -8.37 6.74 42.21
N LYS A 429 -9.38 6.87 43.07
CA LYS A 429 -9.21 7.67 44.28
C LYS A 429 -8.06 7.13 45.13
N LEU A 430 -7.93 5.80 45.23
CA LEU A 430 -6.83 5.22 45.99
C LEU A 430 -5.48 5.45 45.30
N ASP A 431 -5.44 5.20 43.98
CA ASP A 431 -4.25 5.56 43.18
C ASP A 431 -3.80 7.00 43.46
N GLU A 432 -4.75 7.94 43.48
CA GLU A 432 -4.41 9.35 43.74
C GLU A 432 -3.86 9.54 45.16
N GLU A 433 -4.46 8.87 46.16
CA GLU A 433 -4.00 9.01 47.53
C GLU A 433 -2.59 8.45 47.71
N VAL A 434 -2.28 7.34 47.04
CA VAL A 434 -0.89 6.87 47.02
C VAL A 434 0.03 7.93 46.40
N ALA A 435 -0.38 8.49 45.26
CA ALA A 435 0.45 9.52 44.61
C ALA A 435 0.66 10.73 45.52
N LEU A 436 -0.37 11.13 46.27
CA LEU A 436 -0.23 12.30 47.14
C LEU A 436 0.88 12.09 48.17
N GLU A 437 0.92 10.91 48.79
CA GLU A 437 1.98 10.61 49.74
C GLU A 437 3.35 10.57 49.07
N MET A 438 3.43 10.05 47.84
CA MET A 438 4.72 10.08 47.13
C MET A 438 5.18 11.51 46.91
N VAL A 439 4.29 12.38 46.46
CA VAL A 439 4.65 13.77 46.17
C VAL A 439 5.12 14.48 47.43
N LYS A 440 4.40 14.28 48.55
CA LYS A 440 4.82 14.83 49.83
C LYS A 440 6.21 14.36 50.22
N GLY A 441 6.55 13.11 49.88
CA GLY A 441 7.87 12.61 50.19
C GLY A 441 8.99 13.37 49.48
N PHE A 442 8.70 13.92 48.29
CA PHE A 442 9.61 14.80 47.56
C PHE A 442 9.56 16.23 48.06
N GLY A 443 8.71 16.56 49.02
CA GLY A 443 8.53 17.93 49.40
C GLY A 443 7.62 18.71 48.48
N GLY A 444 6.90 18.03 47.59
CA GLY A 444 6.00 18.70 46.67
C GLY A 444 4.73 19.18 47.36
N VAL A 445 4.14 20.22 46.78
CA VAL A 445 2.93 20.85 47.32
C VAL A 445 1.88 20.86 46.21
N VAL A 446 0.86 20.02 46.37
CA VAL A 446 -0.27 19.98 45.46
C VAL A 446 -1.21 21.14 45.76
N THR A 447 -1.72 21.78 44.72
CA THR A 447 -2.69 22.84 44.87
C THR A 447 -4.10 22.26 45.06
N GLN A 448 -4.92 22.96 45.83
CA GLN A 448 -6.31 22.55 46.00
C GLN A 448 -7.23 23.42 45.15
N LEU A 449 -8.01 22.78 44.28
CA LEU A 449 -9.04 23.47 43.51
C LEU A 449 -9.93 24.28 44.43
N THR A 450 -10.36 25.46 43.97
CA THR A 450 -11.49 26.11 44.59
C THR A 450 -12.77 25.42 44.14
N PRO A 451 -13.85 25.55 44.92
CA PRO A 451 -15.13 24.97 44.48
C PRO A 451 -15.54 25.37 43.06
N LYS A 452 -15.35 26.64 42.69
CA LYS A 452 -15.70 27.07 41.33
C LYS A 452 -14.79 26.43 40.29
N GLN A 453 -13.51 26.23 40.61
CA GLN A 453 -12.65 25.51 39.68
C GLN A 453 -13.04 24.05 39.56
N ALA A 454 -13.36 23.42 40.69
CA ALA A 454 -13.83 22.03 40.66
C ALA A 454 -15.09 21.91 39.83
N GLU A 455 -16.04 22.82 40.02
CA GLU A 455 -17.27 22.81 39.22
C GLU A 455 -16.95 22.99 37.74
N TYR A 456 -16.01 23.89 37.42
CA TYR A 456 -15.73 24.24 36.04
C TYR A 456 -15.22 23.05 35.24
N ILE A 457 -14.35 22.24 35.84
CA ILE A 457 -13.88 21.05 35.13
C ILE A 457 -14.66 19.80 35.51
N GLY A 458 -15.70 19.92 36.33
CA GLY A 458 -16.57 18.79 36.65
C GLY A 458 -15.96 17.72 37.55
N VAL A 459 -15.22 18.11 38.58
CA VAL A 459 -14.65 17.15 39.52
C VAL A 459 -15.02 17.59 40.93
N SER A 460 -14.82 16.67 41.87
CA SER A 460 -14.89 17.03 43.27
C SER A 460 -13.55 17.61 43.71
N VAL A 461 -13.60 18.45 44.76
CA VAL A 461 -12.37 19.13 45.19
C VAL A 461 -11.34 18.10 45.64
N GLU A 462 -11.80 17.01 46.27
CA GLU A 462 -10.92 15.97 46.75
C GLU A 462 -10.54 14.96 45.68
N GLY A 463 -11.13 15.03 44.50
CA GLY A 463 -10.89 14.05 43.47
C GLY A 463 -11.92 12.95 43.50
N PRO A 464 -11.87 11.99 42.56
CA PRO A 464 -10.84 11.85 41.52
C PRO A 464 -10.87 12.98 40.49
N PHE A 465 -9.72 13.22 39.85
CA PHE A 465 -9.51 14.39 39.01
C PHE A 465 -9.59 14.09 37.52
N LYS A 466 -9.61 12.82 37.15
CA LYS A 466 -9.55 12.36 35.77
C LYS A 466 -10.59 11.26 35.57
N PRO A 467 -11.18 11.18 34.39
CA PRO A 467 -12.05 10.04 34.09
C PRO A 467 -11.21 8.77 34.04
N ASP A 468 -11.90 7.62 34.19
CA ASP A 468 -11.20 6.34 34.19
C ASP A 468 -10.47 6.09 32.87
N THR A 469 -10.89 6.74 31.79
CA THR A 469 -10.23 6.60 30.50
C THR A 469 -8.90 7.33 30.41
N TYR A 470 -8.55 8.17 31.38
CA TYR A 470 -7.41 9.06 31.20
C TYR A 470 -6.11 8.27 31.22
N ARG A 471 -5.16 8.66 30.36
CA ARG A 471 -3.96 7.85 30.17
C ARG A 471 -2.69 8.42 30.79
N TYR A 472 -2.72 9.66 31.29
CA TYR A 472 -1.57 10.30 31.92
C TYR A 472 -0.35 10.25 30.98
N GLY B 12 59.25 -17.50 43.87
CA GLY B 12 58.71 -17.07 45.15
C GLY B 12 58.68 -15.56 45.33
N PHE B 13 57.83 -14.89 44.56
CA PHE B 13 57.70 -13.44 44.65
C PHE B 13 56.93 -13.08 45.92
N THR B 14 57.52 -12.22 46.76
CA THR B 14 56.89 -11.79 48.00
C THR B 14 56.93 -10.27 48.19
N ASP B 15 57.38 -9.53 47.18
CA ASP B 15 57.66 -8.10 47.29
C ASP B 15 56.38 -7.32 47.01
N TYR B 16 55.41 -7.47 47.91
CA TYR B 16 54.11 -6.86 47.74
C TYR B 16 53.33 -6.98 49.05
N LYS B 17 52.20 -6.27 49.12
CA LYS B 17 51.19 -6.57 50.13
C LYS B 17 49.82 -6.14 49.60
N VAL B 18 48.88 -7.10 49.59
CA VAL B 18 47.53 -6.89 49.07
C VAL B 18 46.56 -7.58 50.02
N ALA B 19 45.26 -7.37 49.79
CA ALA B 19 44.26 -7.92 50.70
C ALA B 19 44.21 -9.44 50.59
N ASP B 20 44.28 -9.97 49.37
CA ASP B 20 43.97 -11.37 49.13
C ASP B 20 44.50 -11.75 47.73
N ILE B 21 45.66 -12.43 47.71
CA ILE B 21 46.30 -12.80 46.44
C ILE B 21 45.45 -13.73 45.60
N THR B 22 44.48 -14.44 46.20
CA THR B 22 43.63 -15.39 45.48
C THR B 22 42.60 -14.71 44.59
N LEU B 23 42.46 -13.39 44.67
CA LEU B 23 41.61 -12.63 43.76
C LEU B 23 42.28 -12.35 42.42
N ALA B 24 43.50 -12.85 42.22
CA ALA B 24 44.27 -12.50 41.02
C ALA B 24 43.60 -13.00 39.75
N ALA B 25 43.06 -14.23 39.75
CA ALA B 25 42.46 -14.75 38.53
C ALA B 25 41.26 -13.90 38.12
N TRP B 26 40.42 -13.56 39.10
CA TRP B 26 39.35 -12.58 38.87
C TRP B 26 39.91 -11.27 38.32
N GLY B 27 40.89 -10.68 39.01
CA GLY B 27 41.50 -9.46 38.50
C GLY B 27 41.98 -9.60 37.07
N ARG B 28 42.66 -10.72 36.76
CA ARG B 28 43.13 -10.95 35.40
C ARG B 28 41.99 -10.93 34.40
N ARG B 29 40.86 -11.57 34.75
CA ARG B 29 39.71 -11.55 33.85
C ARG B 29 39.25 -10.13 33.58
N GLU B 30 39.18 -9.29 34.60
CA GLU B 30 38.73 -7.93 34.37
C GLU B 30 39.81 -7.10 33.66
N LEU B 31 41.09 -7.43 33.86
CA LEU B 31 42.14 -6.75 33.10
C LEU B 31 42.00 -7.04 31.61
N ILE B 32 41.67 -8.28 31.24
CA ILE B 32 41.59 -8.63 29.83
C ILE B 32 40.41 -7.93 29.17
N ILE B 33 39.30 -7.79 29.90
CA ILE B 33 38.19 -6.99 29.39
C ILE B 33 38.60 -5.52 29.25
N ALA B 34 39.29 -5.00 30.27
CA ALA B 34 39.66 -3.60 30.29
C ALA B 34 40.55 -3.23 29.10
N GLU B 35 41.44 -4.15 28.71
CA GLU B 35 42.29 -3.92 27.54
C GLU B 35 41.45 -3.67 26.29
N SER B 36 40.34 -4.40 26.15
CA SER B 36 39.48 -4.17 25.00
C SER B 36 38.78 -2.81 25.07
N GLU B 37 38.69 -2.21 26.26
CA GLU B 37 38.07 -0.91 26.43
C GLU B 37 39.07 0.25 26.37
N MET B 38 40.36 -0.04 26.17
CA MET B 38 41.43 0.95 26.28
C MET B 38 42.31 0.95 25.03
N PRO B 39 41.73 1.32 23.88
CA PRO B 39 42.47 1.20 22.61
C PRO B 39 43.67 2.15 22.50
N ALA B 40 43.59 3.36 23.08
CA ALA B 40 44.74 4.27 22.98
C ALA B 40 45.94 3.70 23.73
N LEU B 41 45.71 3.21 24.94
CA LEU B 41 46.76 2.60 25.75
C LEU B 41 47.28 1.32 25.10
N MET B 42 46.36 0.44 24.67
CA MET B 42 46.82 -0.76 24.00
C MET B 42 47.50 -0.42 22.68
N GLY B 43 47.06 0.64 22.01
CA GLY B 43 47.76 1.09 20.81
C GLY B 43 49.18 1.53 21.09
N LEU B 44 49.38 2.17 22.25
CA LEU B 44 50.74 2.49 22.70
C LEU B 44 51.57 1.24 22.90
N ARG B 45 50.98 0.22 23.52
CA ARG B 45 51.67 -1.04 23.71
C ARG B 45 52.17 -1.61 22.38
N ARG B 46 51.34 -1.57 21.34
CA ARG B 46 51.77 -2.15 20.07
C ARG B 46 52.75 -1.24 19.34
N LYS B 47 52.60 0.08 19.46
CA LYS B 47 53.44 0.97 18.68
C LYS B 47 54.87 1.04 19.23
N TYR B 48 55.02 1.02 20.55
CA TYR B 48 56.32 1.19 21.20
C TYR B 48 56.93 -0.11 21.71
N ALA B 49 56.22 -1.25 21.58
CA ALA B 49 56.72 -2.51 22.13
C ALA B 49 58.12 -2.82 21.64
N GLY B 50 58.32 -2.83 20.32
CA GLY B 50 59.60 -3.25 19.78
C GLY B 50 60.76 -2.36 20.21
N GLN B 51 60.48 -1.08 20.45
CA GLN B 51 61.52 -0.11 20.73
C GLN B 51 61.88 -0.01 22.21
N GLN B 52 61.02 -0.50 23.10
CA GLN B 52 61.29 -0.48 24.54
C GLN B 52 61.76 0.89 25.03
N PRO B 53 60.97 1.95 24.81
CA PRO B 53 61.45 3.29 25.16
C PRO B 53 61.60 3.51 26.66
N LEU B 54 61.05 2.64 27.50
CA LEU B 54 61.18 2.78 28.95
C LEU B 54 62.13 1.73 29.54
N LYS B 55 62.89 1.02 28.71
CA LYS B 55 63.91 0.13 29.22
C LYS B 55 64.89 0.91 30.10
N GLY B 56 65.14 0.38 31.31
CA GLY B 56 65.94 1.09 32.28
C GLY B 56 65.17 2.05 33.17
N ALA B 57 63.95 2.39 32.82
CA ALA B 57 63.16 3.25 33.70
C ALA B 57 62.74 2.49 34.95
N LYS B 58 62.84 3.16 36.10
CA LYS B 58 62.45 2.61 37.40
C LYS B 58 61.47 3.60 38.03
N ILE B 59 60.19 3.25 38.02
CA ILE B 59 59.11 4.20 38.22
C ILE B 59 58.46 3.95 39.57
N LEU B 60 58.49 4.96 40.44
CA LEU B 60 57.64 5.01 41.63
C LEU B 60 56.25 5.49 41.23
N GLY B 61 55.24 4.65 41.40
CA GLY B 61 53.89 4.97 41.01
C GLY B 61 53.00 5.07 42.24
N CYS B 62 52.22 6.15 42.31
CA CYS B 62 51.25 6.32 43.40
C CYS B 62 49.95 6.80 42.78
N ILE B 63 49.01 5.87 42.56
CA ILE B 63 47.72 6.22 42.00
C ILE B 63 46.77 5.07 42.26
N HIS B 64 45.50 5.41 42.53
CA HIS B 64 44.41 4.48 42.77
C HIS B 64 44.62 3.14 42.09
N MET B 65 44.77 2.06 42.87
CA MET B 65 45.11 0.75 42.34
C MET B 65 43.84 0.06 41.85
N THR B 66 43.30 0.59 40.77
CA THR B 66 42.12 0.05 40.10
C THR B 66 42.53 -0.88 38.96
N ILE B 67 41.53 -1.55 38.38
CA ILE B 67 41.77 -2.34 37.18
C ILE B 67 42.37 -1.48 36.08
N GLN B 68 41.89 -0.23 35.96
CA GLN B 68 42.44 0.67 34.95
C GLN B 68 43.91 0.97 35.21
N THR B 69 44.26 1.22 36.47
CA THR B 69 45.67 1.43 36.77
C THR B 69 46.49 0.19 36.44
N GLY B 70 45.89 -1.00 36.56
CA GLY B 70 46.60 -2.22 36.22
C GLY B 70 47.00 -2.29 34.75
N VAL B 71 46.10 -1.84 33.85
CA VAL B 71 46.46 -1.77 32.44
C VAL B 71 47.55 -0.72 32.19
N LEU B 72 47.52 0.39 32.93
CA LEU B 72 48.61 1.37 32.84
C LEU B 72 49.93 0.75 33.28
N ILE B 73 49.93 0.09 34.44
CA ILE B 73 51.14 -0.51 34.98
C ILE B 73 51.73 -1.51 33.98
N GLU B 74 50.89 -2.43 33.49
CA GLU B 74 51.39 -3.42 32.56
C GLU B 74 51.79 -2.82 31.23
N THR B 75 51.21 -1.68 30.84
CA THR B 75 51.70 -1.00 29.66
C THR B 75 53.09 -0.45 29.89
N LEU B 76 53.33 0.17 31.05
CA LEU B 76 54.66 0.69 31.36
C LEU B 76 55.70 -0.43 31.35
N VAL B 77 55.34 -1.58 31.93
CA VAL B 77 56.25 -2.73 31.95
C VAL B 77 56.48 -3.27 30.53
N ALA B 78 55.41 -3.38 29.73
CA ALA B 78 55.57 -3.87 28.36
C ALA B 78 56.58 -3.03 27.58
N LEU B 79 56.74 -1.75 27.93
CA LEU B 79 57.67 -0.85 27.25
C LEU B 79 59.05 -0.83 27.91
N GLY B 80 59.26 -1.59 28.97
CA GLY B 80 60.58 -1.81 29.52
C GLY B 80 60.76 -1.40 30.96
N ALA B 81 59.76 -0.80 31.60
CA ALA B 81 59.95 -0.21 32.92
C ALA B 81 59.90 -1.26 34.03
N GLU B 82 60.62 -0.97 35.11
CA GLU B 82 60.33 -1.57 36.41
C GLU B 82 59.52 -0.54 37.21
N VAL B 83 58.60 -1.04 38.05
CA VAL B 83 57.75 -0.16 38.83
C VAL B 83 57.64 -0.69 40.26
N ARG B 84 57.30 0.21 41.17
CA ARG B 84 56.86 -0.14 42.52
C ARG B 84 55.68 0.76 42.83
N TRP B 85 54.55 0.17 43.21
CA TRP B 85 53.25 0.84 43.14
C TRP B 85 52.56 0.89 44.49
N SER B 86 51.86 2.00 44.73
CA SER B 86 50.94 2.15 45.83
C SER B 86 49.73 2.92 45.32
N SER B 87 48.67 2.90 46.11
CA SER B 87 47.48 3.70 45.82
C SER B 87 47.64 5.09 46.43
N CYS B 88 46.99 6.08 45.82
CA CYS B 88 46.98 7.43 46.37
C CYS B 88 45.76 7.72 47.23
N ASN B 89 44.93 6.72 47.52
CA ASN B 89 43.79 6.88 48.43
C ASN B 89 43.56 5.59 49.19
N ILE B 90 43.11 5.72 50.44
CA ILE B 90 42.95 4.55 51.31
C ILE B 90 41.78 3.66 50.91
N PHE B 91 40.82 4.17 50.11
CA PHE B 91 39.61 3.45 49.75
C PHE B 91 39.47 3.13 48.26
N SER B 92 40.38 3.62 47.42
CA SER B 92 40.19 3.54 45.98
C SER B 92 40.69 2.22 45.37
N THR B 93 41.45 1.42 46.10
CA THR B 93 41.99 0.20 45.51
C THR B 93 40.87 -0.79 45.19
N GLN B 94 40.97 -1.45 44.03
CA GLN B 94 40.21 -2.66 43.77
C GLN B 94 41.11 -3.85 44.10
N ASP B 95 40.70 -4.66 45.09
CA ASP B 95 41.58 -5.70 45.61
C ASP B 95 41.91 -6.76 44.56
N GLN B 96 40.98 -7.06 43.63
CA GLN B 96 41.31 -8.00 42.57
C GLN B 96 42.34 -7.42 41.59
N ALA B 97 42.37 -6.10 41.41
CA ALA B 97 43.38 -5.48 40.55
C ALA B 97 44.76 -5.53 41.20
N ALA B 98 44.84 -5.15 42.48
CA ALA B 98 46.09 -5.28 43.21
C ALA B 98 46.59 -6.72 43.20
N ALA B 99 45.69 -7.68 43.39
CA ALA B 99 46.09 -9.09 43.43
C ALA B 99 46.67 -9.53 42.10
N ALA B 100 46.03 -9.17 40.99
CA ALA B 100 46.53 -9.56 39.67
C ALA B 100 47.90 -8.95 39.41
N ILE B 101 48.10 -7.71 39.85
CA ILE B 101 49.39 -7.06 39.63
C ILE B 101 50.48 -7.78 40.43
N ALA B 102 50.20 -8.07 41.71
CA ALA B 102 51.15 -8.81 42.54
C ALA B 102 51.43 -10.20 41.97
N ALA B 103 50.38 -10.90 41.51
CA ALA B 103 50.60 -12.23 40.97
C ALA B 103 51.48 -12.20 39.73
N ALA B 104 51.49 -11.08 39.00
CA ALA B 104 52.33 -10.95 37.82
C ALA B 104 53.78 -10.66 38.15
N GLY B 105 54.14 -10.63 39.44
CA GLY B 105 55.49 -10.33 39.84
C GLY B 105 55.83 -8.86 39.91
N ILE B 106 54.84 -8.00 40.10
CA ILE B 106 55.03 -6.55 40.14
C ILE B 106 54.84 -6.08 41.58
N PRO B 107 55.79 -5.34 42.16
CA PRO B 107 55.65 -4.86 43.54
C PRO B 107 54.51 -3.85 43.68
N VAL B 108 53.52 -4.18 44.49
CA VAL B 108 52.37 -3.32 44.73
C VAL B 108 51.98 -3.41 46.20
N PHE B 109 51.72 -2.27 46.81
CA PHE B 109 51.33 -2.21 48.23
C PHE B 109 50.07 -1.37 48.28
N ALA B 110 48.93 -2.04 48.38
CA ALA B 110 47.64 -1.36 48.24
C ALA B 110 46.50 -2.33 48.57
N TRP B 111 45.52 -1.84 49.32
CA TRP B 111 44.29 -2.59 49.52
C TRP B 111 43.17 -1.61 49.84
N LYS B 112 41.93 -2.07 49.64
CA LYS B 112 40.78 -1.24 49.93
C LYS B 112 40.55 -1.21 51.45
N GLY B 113 40.44 -0.02 52.02
CA GLY B 113 40.25 0.11 53.44
C GLY B 113 41.51 0.24 54.27
N GLU B 114 42.54 0.90 53.75
CA GLU B 114 43.75 1.16 54.53
C GLU B 114 43.47 2.15 55.65
N THR B 115 44.22 2.01 56.75
CA THR B 115 44.32 3.09 57.72
C THR B 115 45.27 4.17 57.19
N GLU B 116 45.27 5.34 57.85
CA GLU B 116 46.19 6.41 57.44
C GLU B 116 47.63 5.97 57.61
N GLU B 117 47.91 5.20 58.67
CA GLU B 117 49.25 4.69 58.89
C GLU B 117 49.67 3.71 57.81
N GLU B 118 48.78 2.75 57.47
CA GLU B 118 49.09 1.82 56.39
C GLU B 118 49.26 2.54 55.06
N TYR B 119 48.49 3.60 54.82
CA TYR B 119 48.65 4.37 53.60
C TYR B 119 50.06 4.91 53.49
N GLU B 120 50.57 5.49 54.57
CA GLU B 120 51.93 6.00 54.59
C GLU B 120 52.94 4.86 54.44
N TRP B 121 52.68 3.72 55.09
CA TRP B 121 53.57 2.58 54.99
C TRP B 121 53.67 2.07 53.56
N CYS B 122 52.55 2.08 52.82
CA CYS B 122 52.55 1.55 51.45
C CYS B 122 53.41 2.41 50.52
N ILE B 123 53.30 3.73 50.62
CA ILE B 123 54.19 4.59 49.83
C ILE B 123 55.64 4.32 50.19
N GLU B 124 55.93 4.17 51.48
CA GLU B 124 57.30 3.91 51.92
C GLU B 124 57.82 2.58 51.38
N GLN B 125 56.95 1.59 51.19
CA GLN B 125 57.40 0.31 50.64
C GLN B 125 57.76 0.42 49.17
N THR B 126 57.14 1.37 48.44
CA THR B 126 57.56 1.59 47.06
C THR B 126 58.90 2.32 47.01
N ILE B 127 59.14 3.25 47.95
CA ILE B 127 60.37 4.02 47.95
C ILE B 127 61.55 3.14 48.36
N LEU B 128 61.35 2.30 49.37
CA LEU B 128 62.41 1.47 49.93
C LEU B 128 62.32 0.05 49.38
N LYS B 129 63.44 -0.49 48.94
CA LYS B 129 63.55 -1.88 48.55
C LYS B 129 64.64 -2.53 49.40
N ASP B 130 64.27 -3.56 50.16
CA ASP B 130 65.19 -4.26 51.06
C ASP B 130 65.81 -3.28 52.06
N GLY B 131 64.99 -2.38 52.57
CA GLY B 131 65.39 -1.44 53.60
C GLY B 131 66.24 -0.28 53.13
N GLN B 132 66.45 -0.12 51.84
CA GLN B 132 67.26 0.96 51.28
C GLN B 132 66.48 1.63 50.16
N PRO B 133 66.79 2.90 49.86
CA PRO B 133 66.10 3.56 48.74
C PRO B 133 66.32 2.80 47.44
N TRP B 134 65.23 2.50 46.76
CA TRP B 134 65.31 1.93 45.42
C TRP B 134 66.03 2.92 44.51
N ASP B 135 66.65 2.40 43.45
CA ASP B 135 67.32 3.27 42.47
C ASP B 135 66.29 3.76 41.43
N ALA B 136 65.30 4.48 41.95
CA ALA B 136 64.24 5.02 41.12
C ALA B 136 64.76 6.16 40.25
N ASN B 137 64.18 6.31 39.06
CA ASN B 137 64.53 7.44 38.19
C ASN B 137 63.32 8.09 37.54
N MET B 138 62.10 7.64 37.83
CA MET B 138 60.89 8.26 37.33
C MET B 138 59.83 8.18 38.42
N VAL B 139 58.92 9.17 38.41
CA VAL B 139 57.83 9.27 39.38
C VAL B 139 56.53 9.47 38.62
N LEU B 140 55.52 8.66 38.94
CA LEU B 140 54.15 8.87 38.48
C LEU B 140 53.27 9.06 39.72
N ASP B 141 52.52 10.17 39.77
CA ASP B 141 51.85 10.57 41.00
C ASP B 141 50.44 11.04 40.69
N ASP B 142 49.54 10.86 41.65
CA ASP B 142 48.16 11.32 41.54
C ASP B 142 47.84 12.03 42.86
N GLY B 143 47.98 13.36 42.87
CA GLY B 143 47.62 14.18 44.02
C GLY B 143 48.80 14.79 44.76
N GLY B 144 50.02 14.35 44.47
CA GLY B 144 51.21 14.97 45.01
C GLY B 144 51.77 14.37 46.29
N ASP B 145 51.16 13.31 46.83
CA ASP B 145 51.63 12.78 48.11
C ASP B 145 53.01 12.13 47.99
N LEU B 146 53.21 11.34 46.94
CA LEU B 146 54.52 10.71 46.74
C LEU B 146 55.58 11.75 46.42
N THR B 147 55.22 12.72 45.57
CA THR B 147 56.11 13.85 45.28
C THR B 147 56.54 14.56 46.56
N GLU B 148 55.60 14.85 47.45
CA GLU B 148 55.92 15.56 48.69
C GLU B 148 56.85 14.75 49.58
N ILE B 149 56.59 13.44 49.74
CA ILE B 149 57.41 12.60 50.61
C ILE B 149 58.84 12.51 50.08
N LEU B 150 58.99 12.34 48.76
CA LEU B 150 60.34 12.38 48.18
C LEU B 150 61.04 13.71 48.45
N HIS B 151 60.38 14.83 48.13
CA HIS B 151 61.00 16.14 48.34
C HIS B 151 61.31 16.40 49.82
N LYS B 152 60.47 15.94 50.74
CA LYS B 152 60.71 16.30 52.15
C LYS B 152 61.53 15.26 52.90
N LYS B 153 61.35 13.97 52.60
CA LYS B 153 62.00 12.92 53.36
C LYS B 153 63.13 12.21 52.63
N TYR B 154 63.11 12.18 51.29
CA TYR B 154 64.16 11.51 50.53
C TYR B 154 64.77 12.42 49.45
N PRO B 155 65.17 13.65 49.80
CA PRO B 155 65.63 14.58 48.74
C PRO B 155 66.79 14.06 47.92
N GLN B 156 67.64 13.20 48.49
CA GLN B 156 68.76 12.66 47.73
C GLN B 156 68.30 11.77 46.58
N MET B 157 67.18 11.05 46.74
CA MET B 157 66.68 10.23 45.65
C MET B 157 66.39 11.07 44.41
N LEU B 158 65.86 12.28 44.61
CA LEU B 158 65.50 13.13 43.47
C LEU B 158 66.70 13.50 42.62
N GLU B 159 67.91 13.37 43.14
CA GLU B 159 69.07 13.65 42.29
C GLU B 159 69.23 12.64 41.16
N ARG B 160 68.55 11.49 41.23
CA ARG B 160 68.61 10.47 40.18
C ARG B 160 67.32 10.35 39.38
N ILE B 161 66.31 11.17 39.68
CA ILE B 161 64.99 11.05 39.09
C ILE B 161 64.85 12.05 37.95
N HIS B 162 64.48 11.56 36.77
CA HIS B 162 64.38 12.37 35.57
C HIS B 162 63.11 13.21 35.49
N GLY B 163 62.05 12.86 36.21
CA GLY B 163 60.86 13.69 36.15
C GLY B 163 59.70 13.08 36.89
N ILE B 164 58.65 13.89 37.02
CA ILE B 164 57.37 13.53 37.63
C ILE B 164 56.29 13.69 36.57
N THR B 165 55.36 12.74 36.50
CA THR B 165 54.17 12.91 35.68
C THR B 165 52.97 12.90 36.60
N GLU B 166 52.31 14.05 36.74
CA GLU B 166 51.28 14.26 37.77
C GLU B 166 49.88 14.22 37.16
N GLU B 167 48.99 13.44 37.79
CA GLU B 167 47.70 13.06 37.21
C GLU B 167 46.62 14.12 37.35
N THR B 168 46.51 14.78 38.52
CA THR B 168 45.27 15.47 38.85
C THR B 168 45.52 16.90 39.33
N THR B 169 44.44 17.70 39.24
CA THR B 169 44.50 19.15 39.41
C THR B 169 45.15 19.54 40.73
N THR B 170 44.78 18.84 41.81
CA THR B 170 45.41 19.07 43.12
C THR B 170 46.91 18.82 43.06
N GLY B 171 47.34 17.76 42.38
CA GLY B 171 48.78 17.49 42.28
C GLY B 171 49.51 18.59 41.53
N VAL B 172 48.92 19.07 40.44
CA VAL B 172 49.57 20.11 39.63
C VAL B 172 49.68 21.41 40.41
N HIS B 173 48.66 21.73 41.21
CA HIS B 173 48.73 22.96 41.99
C HIS B 173 49.89 22.91 42.96
N ARG B 174 50.12 21.74 43.58
CA ARG B 174 51.23 21.60 44.52
C ARG B 174 52.57 21.72 43.79
N LEU B 175 52.68 21.14 42.59
CA LEU B 175 53.89 21.32 41.80
C LEU B 175 54.15 22.79 41.48
N LEU B 176 53.10 23.53 41.11
CA LEU B 176 53.29 24.92 40.72
C LEU B 176 53.72 25.80 41.90
N ASP B 177 53.24 25.50 43.11
CA ASP B 177 53.76 26.19 44.30
C ASP B 177 55.23 25.90 44.50
N MET B 178 55.63 24.64 44.36
CA MET B 178 57.04 24.29 44.50
C MET B 178 57.87 24.96 43.42
N LEU B 179 57.36 25.02 42.19
CA LEU B 179 58.07 25.70 41.12
C LEU B 179 58.25 27.18 41.45
N LYS B 180 57.14 27.85 41.82
CA LYS B 180 57.22 29.25 42.21
C LYS B 180 58.16 29.45 43.38
N ASN B 181 58.23 28.50 44.30
CA ASN B 181 59.09 28.64 45.47
C ASN B 181 60.51 28.16 45.24
N GLY B 182 60.81 27.63 44.05
CA GLY B 182 62.14 27.15 43.78
C GLY B 182 62.51 25.87 44.50
N THR B 183 61.52 25.12 44.99
CA THR B 183 61.78 23.90 45.73
C THR B 183 61.49 22.63 44.93
N LEU B 184 60.99 22.77 43.71
CA LEU B 184 60.79 21.59 42.86
C LEU B 184 62.15 21.13 42.34
N LYS B 185 62.49 19.87 42.59
CA LYS B 185 63.83 19.38 42.26
C LYS B 185 63.94 18.85 40.84
N VAL B 186 62.85 18.37 40.26
CA VAL B 186 62.90 17.71 38.95
C VAL B 186 61.76 18.24 38.08
N PRO B 187 61.89 18.14 36.77
CA PRO B 187 60.82 18.60 35.88
C PRO B 187 59.59 17.72 36.02
N ALA B 188 58.45 18.27 35.61
CA ALA B 188 57.21 17.55 35.71
C ALA B 188 56.36 17.80 34.48
N ILE B 189 55.51 16.84 34.18
CA ILE B 189 54.51 17.02 33.15
C ILE B 189 53.15 17.06 33.84
N ASN B 190 52.44 18.16 33.60
CA ASN B 190 51.04 18.30 33.95
C ASN B 190 50.23 17.44 33.01
N VAL B 191 49.98 16.18 33.41
CA VAL B 191 49.11 15.30 32.64
C VAL B 191 47.65 15.74 32.75
N ASN B 192 47.27 16.38 33.85
CA ASN B 192 45.88 16.78 34.05
C ASN B 192 45.37 17.65 32.90
N ASP B 193 46.18 18.60 32.43
CA ASP B 193 45.65 19.61 31.54
C ASP B 193 45.69 19.24 30.05
N SER B 194 45.97 17.99 29.70
CA SER B 194 45.62 17.52 28.37
C SER B 194 44.10 17.59 28.21
N VAL B 195 43.63 17.92 27.00
CA VAL B 195 42.18 17.95 26.83
C VAL B 195 41.62 16.54 26.98
N THR B 196 42.32 15.53 26.46
CA THR B 196 41.94 14.13 26.61
C THR B 196 42.13 13.61 28.03
N LYS B 197 42.53 14.48 28.97
CA LYS B 197 42.47 14.17 30.39
C LYS B 197 41.41 15.04 31.06
N SER B 198 41.71 16.32 31.28
CA SER B 198 40.85 17.21 32.03
C SER B 198 39.43 17.21 31.49
N LYS B 199 39.26 17.36 30.18
CA LYS B 199 37.93 17.45 29.60
C LYS B 199 37.37 16.11 29.22
N ASN B 200 37.98 15.02 29.73
CA ASN B 200 37.49 13.66 29.53
C ASN B 200 37.33 13.00 30.90
N ASP B 201 38.46 12.78 31.56
CA ASP B 201 38.49 12.19 32.90
C ASP B 201 37.72 13.04 33.93
N ASN B 202 38.14 14.29 34.13
CA ASN B 202 37.60 15.09 35.23
C ASN B 202 36.12 15.34 35.07
N LYS B 203 35.64 15.50 33.84
CA LYS B 203 34.24 15.84 33.62
C LYS B 203 33.42 14.60 33.30
N TYR B 204 33.67 13.95 32.16
CA TYR B 204 32.85 12.81 31.77
C TYR B 204 33.02 11.64 32.72
N GLY B 205 34.21 11.49 33.31
CA GLY B 205 34.44 10.42 34.28
C GLY B 205 33.54 10.55 35.50
N CYS B 206 33.44 11.75 36.05
CA CYS B 206 32.55 11.97 37.19
C CYS B 206 31.09 11.90 36.76
N ARG B 207 30.78 12.24 35.52
CA ARG B 207 29.41 12.08 35.05
C ARG B 207 28.97 10.61 35.13
N HIS B 208 29.87 9.70 34.74
CA HIS B 208 29.63 8.26 34.81
C HIS B 208 29.62 7.74 36.24
N SER B 209 30.63 8.12 37.03
CA SER B 209 30.89 7.43 38.27
C SER B 209 30.28 8.09 39.52
N LEU B 210 29.77 9.32 39.44
CA LEU B 210 29.23 9.89 40.68
C LEU B 210 27.88 9.26 41.03
N ASN B 211 26.91 9.28 40.10
CA ASN B 211 25.63 8.65 40.44
CA ASN B 211 25.63 8.65 40.41
C ASN B 211 25.80 7.16 40.66
N ASP B 212 26.75 6.54 39.95
CA ASP B 212 27.12 5.14 40.20
C ASP B 212 27.47 4.91 41.66
N ALA B 213 28.38 5.72 42.23
CA ALA B 213 28.77 5.49 43.62
C ALA B 213 27.63 5.79 44.58
N ILE B 214 26.79 6.79 44.26
CA ILE B 214 25.70 7.11 45.18
C ILE B 214 24.68 5.97 45.20
N LYS B 215 24.42 5.39 44.03
CA LYS B 215 23.52 4.25 43.95
C LYS B 215 24.08 3.05 44.71
N ARG B 216 25.34 2.70 44.45
CA ARG B 216 25.87 1.53 45.14
C ARG B 216 25.87 1.74 46.66
N GLY B 217 26.15 2.96 47.11
CA GLY B 217 26.24 3.21 48.54
C GLY B 217 24.90 3.21 49.25
N THR B 218 23.89 3.81 48.62
CA THR B 218 22.62 4.06 49.29
C THR B 218 21.41 3.48 48.59
N ASP B 219 21.52 3.14 47.31
CA ASP B 219 20.39 2.73 46.47
C ASP B 219 19.25 3.75 46.53
N HIS B 220 19.56 5.01 46.81
CA HIS B 220 18.56 6.08 46.82
C HIS B 220 18.09 6.42 45.41
N LEU B 221 16.78 6.55 45.26
CA LEU B 221 16.25 7.29 44.11
C LEU B 221 16.82 8.70 44.11
N LEU B 222 17.32 9.13 42.95
CA LEU B 222 17.78 10.50 42.78
C LEU B 222 16.75 11.39 42.10
N SER B 223 16.01 10.85 41.12
CA SER B 223 14.98 11.62 40.42
C SER B 223 14.04 12.32 41.40
N GLY B 224 13.81 13.62 41.16
CA GLY B 224 12.87 14.39 41.93
C GLY B 224 13.43 15.07 43.16
N LYS B 225 14.63 14.69 43.60
CA LYS B 225 15.23 15.22 44.82
C LYS B 225 16.16 16.39 44.52
N GLN B 226 16.48 17.14 45.57
CA GLN B 226 17.28 18.37 45.46
CA GLN B 226 17.27 18.36 45.44
C GLN B 226 18.73 18.09 45.77
N ALA B 227 19.63 18.60 44.92
CA ALA B 227 21.05 18.43 45.11
C ALA B 227 21.71 19.81 45.11
N LEU B 228 22.80 19.91 45.86
CA LEU B 228 23.67 21.07 45.83
C LEU B 228 25.05 20.59 45.48
N VAL B 229 25.56 21.06 44.35
CA VAL B 229 26.92 20.76 43.92
C VAL B 229 27.78 21.98 44.21
N ILE B 230 28.77 21.81 45.07
CA ILE B 230 29.71 22.87 45.42
C ILE B 230 30.84 22.84 44.40
N GLY B 231 30.88 23.84 43.56
CA GLY B 231 31.93 23.88 42.55
C GLY B 231 31.40 23.51 41.18
N TYR B 232 31.96 24.15 40.15
CA TYR B 232 31.55 23.93 38.77
C TYR B 232 32.76 24.07 37.83
N GLY B 233 33.89 23.51 38.24
CA GLY B 233 35.00 23.28 37.32
C GLY B 233 34.72 22.02 36.54
N ASP B 234 35.77 21.36 36.07
CA ASP B 234 35.55 20.14 35.29
C ASP B 234 34.85 19.09 36.13
N VAL B 235 35.29 18.90 37.38
CA VAL B 235 34.63 17.91 38.23
C VAL B 235 33.20 18.33 38.55
N GLY B 236 32.97 19.59 38.93
CA GLY B 236 31.62 20.02 39.26
C GLY B 236 30.69 19.99 38.06
N LYS B 237 31.22 20.30 36.87
CA LYS B 237 30.46 20.18 35.63
C LYS B 237 29.98 18.74 35.42
N GLY B 238 30.88 17.76 35.54
CA GLY B 238 30.49 16.39 35.28
C GLY B 238 29.61 15.83 36.38
N SER B 239 29.89 16.21 37.63
CA SER B 239 29.07 15.82 38.78
C SER B 239 27.65 16.33 38.64
N SER B 240 27.51 17.64 38.37
CA SER B 240 26.19 18.22 38.16
C SER B 240 25.43 17.48 37.08
N GLN B 241 26.12 17.10 35.99
CA GLN B 241 25.46 16.38 34.90
C GLN B 241 25.09 14.97 35.34
N SER B 242 25.97 14.29 36.09
CA SER B 242 25.64 12.99 36.67
C SER B 242 24.31 13.00 37.41
N LEU B 243 24.03 14.07 38.13
CA LEU B 243 22.82 14.14 38.94
C LEU B 243 21.63 14.62 38.13
N ARG B 244 21.84 15.65 37.31
CA ARG B 244 20.75 16.20 36.51
C ARG B 244 20.18 15.15 35.56
N GLN B 245 21.05 14.33 34.95
CA GLN B 245 20.57 13.37 33.97
C GLN B 245 19.74 12.26 34.62
N GLU B 246 19.88 12.08 35.94
CA GLU B 246 19.05 11.19 36.75
C GLU B 246 17.73 11.82 37.16
N GLY B 247 17.52 13.10 36.87
CA GLY B 247 16.32 13.81 37.28
C GLY B 247 16.42 14.57 38.58
N MET B 248 17.62 14.76 39.14
CA MET B 248 17.74 15.62 40.29
C MET B 248 17.47 17.08 39.90
N ILE B 249 16.90 17.83 40.82
CA ILE B 249 16.85 19.29 40.71
C ILE B 249 18.16 19.80 41.30
N VAL B 250 19.08 20.26 40.44
CA VAL B 250 20.46 20.53 40.85
C VAL B 250 20.65 22.03 40.99
N LYS B 251 21.17 22.44 42.14
CA LYS B 251 21.69 23.79 42.36
C LYS B 251 23.21 23.73 42.44
N VAL B 252 23.86 24.82 42.02
CA VAL B 252 25.31 24.88 41.90
C VAL B 252 25.82 26.09 42.65
N ALA B 253 26.88 25.90 43.44
CA ALA B 253 27.57 26.98 44.11
C ALA B 253 28.94 27.19 43.47
N GLU B 254 29.39 28.44 43.38
CA GLU B 254 30.70 28.72 42.83
C GLU B 254 31.24 30.02 43.42
N VAL B 255 32.56 30.10 43.51
CA VAL B 255 33.24 31.37 43.78
C VAL B 255 33.72 32.05 42.49
N ASP B 256 33.79 31.33 41.38
CA ASP B 256 34.29 31.83 40.12
C ASP B 256 33.12 32.29 39.26
N PRO B 257 32.98 33.58 38.98
CA PRO B 257 31.77 34.03 38.25
C PRO B 257 31.69 33.46 36.84
N ILE B 258 32.82 33.19 36.21
CA ILE B 258 32.80 32.59 34.87
C ILE B 258 32.19 31.18 34.92
N CYS B 259 32.67 30.34 35.84
CA CYS B 259 32.07 29.01 35.99
C CYS B 259 30.61 29.09 36.41
N ALA B 260 30.28 30.05 37.29
CA ALA B 260 28.88 30.26 37.67
C ALA B 260 28.04 30.64 36.46
N MET B 261 28.61 31.45 35.56
N MET B 261 28.61 31.45 35.56
CA MET B 261 27.90 31.81 34.33
CA MET B 261 27.89 31.80 34.33
C MET B 261 27.58 30.56 33.51
C MET B 261 27.58 30.56 33.52
N GLN B 262 28.55 29.67 33.38
CA GLN B 262 28.34 28.44 32.64
C GLN B 262 27.24 27.60 33.28
N ALA B 263 27.20 27.57 34.62
CA ALA B 263 26.16 26.79 35.29
C ALA B 263 24.79 27.33 34.95
N CYS B 264 24.64 28.66 34.94
CA CYS B 264 23.36 29.28 34.59
C CYS B 264 22.94 28.88 33.18
N MET B 265 23.83 29.08 32.20
CA MET B 265 23.52 28.77 30.82
C MET B 265 23.26 27.28 30.60
N ASP B 266 23.88 26.42 31.40
CA ASP B 266 23.66 24.98 31.36
C ASP B 266 22.34 24.56 32.02
N GLY B 267 21.56 25.50 32.53
CA GLY B 267 20.27 25.21 33.10
C GLY B 267 20.22 24.99 34.59
N PHE B 268 21.25 25.39 35.33
CA PHE B 268 21.25 25.24 36.78
C PHE B 268 21.01 26.58 37.47
N GLU B 269 20.29 26.53 38.58
CA GLU B 269 20.17 27.68 39.47
C GLU B 269 21.43 27.81 40.33
N VAL B 270 22.06 28.99 40.32
CA VAL B 270 23.32 29.19 41.04
C VAL B 270 23.02 29.84 42.40
N VAL B 271 23.44 29.17 43.48
CA VAL B 271 23.10 29.57 44.85
C VAL B 271 24.34 29.52 45.72
N SER B 272 24.24 30.17 46.87
CA SER B 272 25.30 30.12 47.87
C SER B 272 24.78 29.50 49.16
N PRO B 273 25.59 28.70 49.85
CA PRO B 273 25.19 28.26 51.19
C PRO B 273 25.06 29.41 52.18
N TYR B 274 25.66 30.56 51.90
CA TYR B 274 25.69 31.70 52.81
C TYR B 274 24.85 32.84 52.24
N LYS B 275 24.12 33.53 53.11
CA LYS B 275 23.30 34.66 52.66
C LYS B 275 24.14 35.70 51.95
N ASN B 276 23.74 36.03 50.73
CA ASN B 276 24.46 36.96 49.86
C ASN B 276 25.89 36.48 49.55
N GLY B 277 26.17 35.19 49.77
CA GLY B 277 27.46 34.60 49.44
C GLY B 277 28.57 34.88 50.41
N ILE B 278 28.31 35.60 51.50
CA ILE B 278 29.35 36.03 52.43
C ILE B 278 29.46 34.97 53.54
N ASN B 279 30.57 34.24 53.54
CA ASN B 279 30.83 33.21 54.55
C ASN B 279 31.63 33.85 55.68
N ASP B 280 30.94 34.31 56.72
CA ASP B 280 31.61 34.94 57.87
C ASP B 280 31.84 33.98 59.02
N GLY B 281 31.58 32.68 58.81
CA GLY B 281 31.82 31.64 59.79
C GLY B 281 30.72 31.43 60.81
N THR B 282 29.61 32.17 60.75
CA THR B 282 28.57 32.09 61.77
C THR B 282 27.36 31.30 61.26
N GLU B 283 26.60 30.73 62.21
CA GLU B 283 25.37 30.05 61.83
C GLU B 283 24.39 31.00 61.16
N ALA B 284 24.38 32.27 61.58
CA ALA B 284 23.44 33.23 61.03
C ALA B 284 23.70 33.49 59.55
N SER B 285 24.94 33.30 59.10
CA SER B 285 25.25 33.49 57.68
C SER B 285 24.66 32.38 56.81
N ILE B 286 24.33 31.21 57.37
CA ILE B 286 23.86 30.09 56.57
C ILE B 286 22.44 30.37 56.07
N ASP B 287 22.20 30.06 54.79
CA ASP B 287 20.84 30.10 54.24
C ASP B 287 20.14 28.84 54.72
N ALA B 288 19.55 28.90 55.93
CA ALA B 288 18.96 27.70 56.52
C ALA B 288 17.81 27.17 55.68
N ALA B 289 17.06 28.05 55.03
CA ALA B 289 15.93 27.62 54.19
C ALA B 289 16.43 26.83 52.99
N LEU B 290 17.54 27.25 52.39
CA LEU B 290 18.10 26.53 51.26
C LEU B 290 18.66 25.17 51.68
N LEU B 291 19.53 25.15 52.69
CA LEU B 291 20.13 23.87 53.12
C LEU B 291 19.07 22.90 53.65
N GLY B 292 18.02 23.42 54.27
CA GLY B 292 16.93 22.56 54.76
C GLY B 292 16.14 21.86 53.67
N LYS B 293 16.37 22.19 52.40
CA LYS B 293 15.71 21.55 51.27
C LYS B 293 16.59 20.56 50.53
N ILE B 294 17.86 20.47 50.86
CA ILE B 294 18.85 19.76 50.06
C ILE B 294 18.92 18.30 50.50
N ASP B 295 18.67 17.37 49.57
CA ASP B 295 18.76 15.94 49.83
C ASP B 295 20.16 15.37 49.62
N LEU B 296 21.04 16.08 48.93
CA LEU B 296 22.34 15.55 48.53
C LEU B 296 23.28 16.71 48.32
N ILE B 297 24.47 16.64 48.91
CA ILE B 297 25.47 17.66 48.68
C ILE B 297 26.76 16.98 48.23
N VAL B 298 27.34 17.49 47.16
CA VAL B 298 28.55 16.93 46.55
C VAL B 298 29.57 18.06 46.43
N THR B 299 30.75 17.86 47.01
CA THR B 299 31.82 18.86 46.91
C THR B 299 32.80 18.48 45.80
N THR B 300 33.20 19.47 45.00
CA THR B 300 33.98 19.21 43.79
C THR B 300 35.15 20.17 43.60
N THR B 301 35.63 20.82 44.67
CA THR B 301 36.41 22.05 44.52
C THR B 301 37.92 21.87 44.54
N GLY B 302 38.44 20.86 45.23
CA GLY B 302 39.85 20.91 45.54
C GLY B 302 40.22 21.92 46.62
N ASN B 303 39.23 22.55 47.26
CA ASN B 303 39.47 23.56 48.27
C ASN B 303 39.22 22.98 49.66
N VAL B 304 39.31 23.82 50.68
CA VAL B 304 39.22 23.36 52.07
C VAL B 304 37.90 23.80 52.68
N ASN B 305 37.20 22.85 53.30
CA ASN B 305 36.03 23.12 54.13
C ASN B 305 34.96 23.89 53.36
N VAL B 306 34.56 23.33 52.21
CA VAL B 306 33.50 23.97 51.43
C VAL B 306 32.13 23.40 51.75
N CYS B 307 32.08 22.37 52.60
CA CYS B 307 30.86 21.90 53.24
C CYS B 307 31.20 21.94 54.72
N ASP B 308 30.95 23.08 55.38
CA ASP B 308 31.49 23.30 56.71
C ASP B 308 30.49 22.83 57.77
N ALA B 309 30.88 23.01 59.04
CA ALA B 309 30.06 22.53 60.15
C ALA B 309 28.68 23.18 60.16
N ASN B 310 28.63 24.49 59.93
CA ASN B 310 27.35 25.19 59.94
C ASN B 310 26.42 24.66 58.85
N MET B 311 26.97 24.38 57.66
CA MET B 311 26.14 23.79 56.61
C MET B 311 25.64 22.41 57.02
N LEU B 312 26.52 21.61 57.63
CA LEU B 312 26.14 20.26 58.05
C LEU B 312 25.03 20.32 59.10
N LYS B 313 25.10 21.29 60.03
CA LYS B 313 24.04 21.42 61.02
C LYS B 313 22.71 21.78 60.37
N ALA B 314 22.75 22.51 59.26
CA ALA B 314 21.54 23.05 58.67
C ALA B 314 20.92 22.15 57.60
N LEU B 315 21.65 21.12 57.14
CA LEU B 315 21.16 20.25 56.08
C LEU B 315 19.86 19.56 56.48
N LYS B 316 19.00 19.37 55.49
CA LYS B 316 17.78 18.59 55.66
C LYS B 316 18.09 17.24 56.30
N LYS B 317 17.23 16.81 57.23
CA LYS B 317 17.38 15.49 57.82
C LYS B 317 17.53 14.45 56.73
N ARG B 318 18.45 13.52 56.96
CA ARG B 318 18.65 12.35 56.12
C ARG B 318 19.27 12.68 54.76
N ALA B 319 19.78 13.90 54.59
CA ALA B 319 20.58 14.23 53.41
C ALA B 319 21.82 13.35 53.32
N VAL B 320 22.22 13.06 52.08
CA VAL B 320 23.49 12.41 51.76
C VAL B 320 24.57 13.48 51.56
N VAL B 321 25.77 13.21 52.07
CA VAL B 321 26.91 14.12 51.98
C VAL B 321 28.08 13.33 51.40
N CYS B 322 28.73 13.88 50.37
CA CYS B 322 29.89 13.20 49.81
C CYS B 322 30.80 14.20 49.09
N ASN B 323 32.01 13.73 48.83
CA ASN B 323 33.11 14.51 48.24
C ASN B 323 33.68 13.72 47.08
N ILE B 324 33.87 14.39 45.94
CA ILE B 324 34.53 13.80 44.78
C ILE B 324 35.78 14.56 44.37
N GLY B 325 36.16 15.58 45.15
CA GLY B 325 37.50 16.17 45.05
C GLY B 325 38.54 15.22 45.63
N HIS B 326 39.81 15.60 45.49
CA HIS B 326 40.86 14.62 45.74
C HIS B 326 41.06 14.34 47.23
N PHE B 327 40.86 15.35 48.09
CA PHE B 327 41.12 15.22 49.52
C PHE B 327 39.84 15.39 50.31
N ASP B 328 39.79 14.77 51.49
CA ASP B 328 38.57 14.76 52.28
C ASP B 328 38.35 16.02 53.13
N ASN B 329 39.29 16.96 53.13
CA ASN B 329 39.10 18.19 53.90
C ASN B 329 38.10 19.15 53.25
N GLU B 330 37.48 18.76 52.12
CA GLU B 330 36.41 19.58 51.57
C GLU B 330 35.22 19.62 52.50
N ILE B 331 34.98 18.51 53.21
CA ILE B 331 33.90 18.38 54.18
C ILE B 331 34.53 18.41 55.57
N ASP B 332 33.92 19.15 56.49
CA ASP B 332 34.43 19.17 57.87
C ASP B 332 33.96 17.90 58.57
N THR B 333 34.61 16.78 58.21
CA THR B 333 34.30 15.53 58.89
C THR B 333 34.88 15.49 60.30
N ALA B 334 35.95 16.25 60.57
CA ALA B 334 36.46 16.30 61.94
C ALA B 334 35.36 16.77 62.89
N PHE B 335 34.61 17.80 62.50
CA PHE B 335 33.52 18.29 63.36
C PHE B 335 32.51 17.18 63.60
N MET B 336 32.25 16.37 62.59
CA MET B 336 31.28 15.29 62.73
C MET B 336 31.80 14.16 63.60
N ARG B 337 33.10 13.85 63.52
CA ARG B 337 33.66 12.83 64.40
C ARG B 337 33.60 13.27 65.86
N LYS B 338 33.76 14.57 66.13
CA LYS B 338 33.82 15.01 67.52
C LYS B 338 32.42 15.08 68.15
N ASN B 339 31.41 15.51 67.40
CA ASN B 339 30.14 15.88 68.00
C ASN B 339 29.00 14.91 67.73
N TRP B 340 29.09 14.11 66.67
CA TRP B 340 27.97 13.29 66.25
C TRP B 340 28.35 11.81 66.23
N ALA B 341 27.37 10.96 66.51
CA ALA B 341 27.60 9.52 66.58
C ALA B 341 27.54 8.88 65.21
N TRP B 342 28.54 8.06 64.87
CA TRP B 342 28.59 7.42 63.58
C TRP B 342 28.08 5.98 63.67
N GLU B 343 27.11 5.66 62.82
CA GLU B 343 26.58 4.31 62.70
C GLU B 343 26.98 3.79 61.34
N GLU B 344 27.84 2.76 61.32
CA GLU B 344 28.21 2.16 60.04
C GLU B 344 27.04 1.34 59.47
N VAL B 345 26.57 1.69 58.29
CA VAL B 345 25.57 0.88 57.60
C VAL B 345 26.22 -0.34 56.98
N LYS B 346 27.29 -0.09 56.24
CA LYS B 346 28.13 -1.08 55.58
C LYS B 346 29.41 -0.34 55.20
N PRO B 347 30.45 -1.05 54.76
CA PRO B 347 31.73 -0.36 54.48
C PRO B 347 31.53 0.88 53.60
N GLN B 348 32.13 1.98 54.05
CA GLN B 348 32.10 3.26 53.36
C GLN B 348 30.72 3.90 53.34
N VAL B 349 29.84 3.54 54.27
CA VAL B 349 28.50 4.13 54.37
C VAL B 349 28.19 4.30 55.86
N HIS B 350 28.10 5.53 56.33
CA HIS B 350 27.88 5.84 57.73
C HIS B 350 26.71 6.80 57.87
N LYS B 351 25.80 6.48 58.79
CA LYS B 351 24.82 7.44 59.27
C LYS B 351 25.47 8.25 60.39
N ILE B 352 25.38 9.57 60.29
CA ILE B 352 25.92 10.48 61.29
C ILE B 352 24.73 11.05 62.03
N HIS B 353 24.58 10.67 63.30
CA HIS B 353 23.42 11.02 64.12
C HIS B 353 23.67 12.37 64.78
N ARG B 354 22.88 13.37 64.40
CA ARG B 354 23.08 14.73 64.85
C ARG B 354 22.46 15.01 66.22
N THR B 355 21.94 13.97 66.87
CA THR B 355 21.43 14.07 68.22
C THR B 355 22.54 14.06 69.27
N GLY B 356 23.77 13.72 68.89
CA GLY B 356 24.86 13.76 69.85
C GLY B 356 25.85 12.63 69.70
N LYS B 357 26.83 12.56 70.60
CA LYS B 357 27.82 11.49 70.59
C LYS B 357 27.49 10.38 71.57
N ASP B 358 26.63 10.65 72.56
CA ASP B 358 26.33 9.69 73.61
C ASP B 358 25.37 8.63 73.08
N GLY B 359 25.90 7.77 72.21
CA GLY B 359 25.07 6.73 71.63
C GLY B 359 24.11 7.29 70.60
N PHE B 360 23.20 6.43 70.16
CA PHE B 360 22.19 6.85 69.20
C PHE B 360 21.01 5.90 69.25
N ASP B 361 19.81 6.44 69.07
CA ASP B 361 18.63 5.63 68.86
C ASP B 361 18.67 5.07 67.45
N ALA B 362 18.62 3.74 67.34
CA ALA B 362 18.71 3.09 66.02
C ALA B 362 17.60 3.53 65.10
N HIS B 363 16.54 4.14 65.64
CA HIS B 363 15.44 4.66 64.84
C HIS B 363 15.41 6.19 64.82
N ASN B 364 16.50 6.84 65.27
CA ASN B 364 16.66 8.28 65.08
C ASN B 364 16.43 8.65 63.63
N ASP B 365 15.61 9.69 63.40
CA ASP B 365 15.41 10.20 62.04
C ASP B 365 16.33 11.35 61.70
N ASP B 366 17.11 11.87 62.65
CA ASP B 366 17.91 13.07 62.42
C ASP B 366 19.36 12.61 62.26
N TYR B 367 19.67 12.19 61.03
CA TYR B 367 21.00 11.74 60.70
C TYR B 367 21.30 12.20 59.28
N LEU B 368 22.58 12.22 58.94
CA LEU B 368 23.08 12.39 57.60
C LEU B 368 23.72 11.09 57.16
N ILE B 369 23.77 10.84 55.86
CA ILE B 369 24.53 9.70 55.35
C ILE B 369 25.78 10.22 54.67
N LEU B 370 26.93 9.82 55.19
CA LEU B 370 28.24 10.16 54.64
C LEU B 370 28.80 8.96 53.90
N LEU B 371 29.25 9.18 52.67
CA LEU B 371 29.85 8.15 51.84
C LEU B 371 31.36 8.24 51.92
N ALA B 372 32.01 7.07 52.09
CA ALA B 372 33.46 6.92 51.99
C ALA B 372 34.19 7.84 52.96
N GLU B 373 33.54 8.17 54.08
CA GLU B 373 34.11 9.01 55.12
C GLU B 373 34.64 10.32 54.55
N GLY B 374 33.98 10.83 53.51
CA GLY B 374 34.40 12.05 52.86
C GLY B 374 35.55 11.90 51.88
N ARG B 375 36.04 10.69 51.68
CA ARG B 375 37.09 10.46 50.65
C ARG B 375 36.45 10.42 49.26
N LEU B 376 37.25 10.44 48.19
CA LEU B 376 36.69 10.49 46.81
C LEU B 376 35.64 9.39 46.69
N VAL B 377 34.39 9.79 46.44
CA VAL B 377 33.26 8.82 46.50
C VAL B 377 33.20 7.91 45.28
N ASN B 378 33.55 8.42 44.10
CA ASN B 378 33.40 7.54 42.94
C ASN B 378 34.28 6.31 43.09
N LEU B 379 35.50 6.49 43.61
CA LEU B 379 36.43 5.40 43.85
C LEU B 379 36.16 4.70 45.17
N GLY B 380 35.64 5.40 46.17
CA GLY B 380 35.40 4.81 47.48
C GLY B 380 34.18 3.91 47.54
N ASN B 381 33.08 4.32 46.89
CA ASN B 381 31.84 3.57 46.91
C ASN B 381 31.55 2.88 45.59
N ALA B 382 32.42 3.00 44.59
CA ALA B 382 32.25 2.25 43.35
C ALA B 382 33.62 1.93 42.77
N THR B 383 33.83 2.11 41.45
CA THR B 383 35.09 1.73 40.84
C THR B 383 35.76 2.91 40.12
N GLY B 384 35.40 4.13 40.47
CA GLY B 384 35.98 5.26 39.74
C GLY B 384 35.53 5.30 38.28
N HIS B 385 36.36 5.96 37.48
CA HIS B 385 36.04 6.17 36.09
C HIS B 385 36.13 4.85 35.32
N PRO B 386 35.34 4.68 34.27
CA PRO B 386 35.42 3.47 33.46
C PRO B 386 36.66 3.45 32.59
N SER B 387 37.00 2.24 32.15
CA SER B 387 38.22 2.00 31.39
C SER B 387 38.33 2.89 30.15
N ARG B 388 37.24 3.01 29.39
CA ARG B 388 37.33 3.73 28.12
C ARG B 388 37.60 5.21 28.32
N ILE B 389 37.25 5.76 29.50
CA ILE B 389 37.63 7.13 29.82
C ILE B 389 39.07 7.20 30.33
N MET B 390 39.44 6.32 31.26
CA MET B 390 40.80 6.30 31.76
C MET B 390 41.82 5.98 30.67
N ASP B 391 41.37 5.34 29.58
CA ASP B 391 42.24 5.15 28.42
C ASP B 391 42.93 6.45 28.03
N GLY B 392 42.17 7.55 27.98
CA GLY B 392 42.75 8.83 27.61
C GLY B 392 43.76 9.33 28.63
N SER B 393 43.39 9.33 29.91
CA SER B 393 44.30 9.78 30.95
C SER B 393 45.59 8.99 30.90
N PHE B 394 45.47 7.66 30.83
CA PHE B 394 46.64 6.84 31.04
C PHE B 394 47.53 6.76 29.81
N ALA B 395 46.96 6.97 28.61
CA ALA B 395 47.81 7.15 27.42
C ALA B 395 48.65 8.41 27.55
N ASN B 396 48.07 9.48 28.09
CA ASN B 396 48.83 10.69 28.39
C ASN B 396 49.93 10.39 29.42
N GLN B 397 49.63 9.56 30.42
CA GLN B 397 50.66 9.19 31.40
C GLN B 397 51.83 8.45 30.74
N VAL B 398 51.54 7.46 29.90
CA VAL B 398 52.63 6.72 29.26
C VAL B 398 53.45 7.65 28.39
N LEU B 399 52.79 8.50 27.61
CA LEU B 399 53.52 9.43 26.75
C LEU B 399 54.35 10.41 27.57
N ALA B 400 53.82 10.85 28.73
CA ALA B 400 54.58 11.78 29.57
C ALA B 400 55.79 11.09 30.20
N GLN B 401 55.63 9.84 30.64
CA GLN B 401 56.77 9.07 31.13
C GLN B 401 57.83 8.92 30.05
N ILE B 402 57.43 8.59 28.82
CA ILE B 402 58.42 8.45 27.74
C ILE B 402 59.11 9.78 27.49
N HIS B 403 58.36 10.88 27.45
CA HIS B 403 58.96 12.19 27.16
C HIS B 403 59.98 12.59 28.21
N LEU B 404 59.63 12.48 29.50
CA LEU B 404 60.60 12.87 30.53
C LEU B 404 61.75 11.88 30.58
N PHE B 405 61.46 10.59 30.46
CA PHE B 405 62.53 9.60 30.51
C PHE B 405 63.54 9.81 29.39
N GLU B 406 63.08 10.05 28.16
CA GLU B 406 64.05 10.18 27.07
C GLU B 406 64.82 11.50 27.15
N GLN B 407 64.37 12.42 28.01
CA GLN B 407 65.09 13.67 28.22
C GLN B 407 66.26 13.50 29.18
N LYS B 408 66.14 12.59 30.15
CA LYS B 408 67.22 12.24 31.07
C LYS B 408 67.74 13.48 31.81
N TYR B 409 66.81 14.17 32.49
CA TYR B 409 67.15 15.38 33.24
C TYR B 409 68.28 15.12 34.24
N ALA B 410 68.19 14.03 35.02
CA ALA B 410 69.18 13.78 36.07
C ALA B 410 70.60 13.60 35.53
N ASP B 411 70.73 13.28 34.24
CA ASP B 411 72.03 13.11 33.60
C ASP B 411 72.53 14.38 32.92
N LEU B 412 71.74 15.45 32.91
CA LEU B 412 72.14 16.66 32.20
C LEU B 412 73.22 17.40 32.99
N PRO B 413 74.16 18.04 32.29
CA PRO B 413 75.03 19.00 32.98
C PRO B 413 74.19 20.03 33.72
N ALA B 414 74.73 20.50 34.85
CA ALA B 414 73.99 21.45 35.67
C ALA B 414 73.64 22.71 34.88
N ALA B 415 74.54 23.16 34.00
CA ALA B 415 74.31 24.34 33.17
C ALA B 415 73.23 24.14 32.10
N GLU B 416 72.67 22.93 31.97
CA GLU B 416 71.59 22.64 31.03
C GLU B 416 70.28 22.29 31.71
N LYS B 417 70.25 22.24 33.05
CA LYS B 417 69.04 21.78 33.74
C LYS B 417 68.00 22.88 33.86
N ALA B 418 68.45 24.13 34.07
CA ALA B 418 67.52 25.23 34.33
C ALA B 418 66.51 25.40 33.20
N LYS B 419 66.96 25.28 31.94
CA LYS B 419 66.05 25.41 30.81
C LYS B 419 64.95 24.36 30.86
N ARG B 420 65.24 23.20 31.46
CA ARG B 420 64.31 22.09 31.48
C ARG B 420 63.53 21.95 32.78
N LEU B 421 63.86 22.70 33.83
CA LEU B 421 63.17 22.57 35.11
C LEU B 421 61.86 23.34 35.02
N SER B 422 60.80 22.62 34.65
CA SER B 422 59.51 23.25 34.40
C SER B 422 58.39 22.27 34.71
N VAL B 423 57.17 22.79 34.71
CA VAL B 423 55.95 22.01 34.80
C VAL B 423 55.18 22.30 33.52
N GLU B 424 55.22 21.38 32.55
CA GLU B 424 54.62 21.63 31.25
C GLU B 424 53.56 20.57 30.93
N VAL B 425 52.69 20.92 29.98
CA VAL B 425 51.71 20.00 29.44
C VAL B 425 52.31 19.35 28.20
N LEU B 426 51.72 18.22 27.80
CA LEU B 426 52.11 17.59 26.55
C LEU B 426 51.70 18.46 25.36
N PRO B 427 52.47 18.43 24.27
CA PRO B 427 52.08 19.19 23.07
C PRO B 427 50.72 18.76 22.55
N LYS B 428 50.03 19.71 21.89
CA LYS B 428 48.69 19.45 21.37
C LYS B 428 48.67 18.27 20.40
N LYS B 429 49.77 18.05 19.69
CA LYS B 429 49.81 16.96 18.72
C LYS B 429 49.58 15.61 19.42
N LEU B 430 50.28 15.37 20.54
CA LEU B 430 50.04 14.15 21.30
C LEU B 430 48.61 14.08 21.82
N ASP B 431 48.08 15.21 22.31
CA ASP B 431 46.69 15.28 22.77
C ASP B 431 45.72 14.88 21.66
N GLU B 432 45.93 15.39 20.45
CA GLU B 432 45.11 15.01 19.30
C GLU B 432 45.26 13.53 18.96
N GLU B 433 46.48 13.00 19.01
CA GLU B 433 46.70 11.60 18.68
C GLU B 433 45.99 10.68 19.66
N VAL B 434 46.02 11.02 20.95
CA VAL B 434 45.25 10.24 21.92
C VAL B 434 43.76 10.31 21.61
N ALA B 435 43.27 11.53 21.33
CA ALA B 435 41.85 11.71 21.00
C ALA B 435 41.42 10.87 19.82
N LEU B 436 42.25 10.81 18.76
CA LEU B 436 41.90 10.04 17.57
C LEU B 436 41.69 8.56 17.91
N GLU B 437 42.58 7.98 18.71
CA GLU B 437 42.40 6.58 19.09
C GLU B 437 41.15 6.37 19.96
N MET B 438 40.81 7.35 20.80
CA MET B 438 39.55 7.23 21.53
C MET B 438 38.38 7.27 20.57
N VAL B 439 38.40 8.21 19.61
CA VAL B 439 37.31 8.33 18.64
C VAL B 439 37.14 7.05 17.85
N LYS B 440 38.25 6.45 17.40
CA LYS B 440 38.15 5.19 16.66
C LYS B 440 37.57 4.09 17.54
N GLY B 441 37.84 4.15 18.85
CA GLY B 441 37.28 3.18 19.77
C GLY B 441 35.75 3.19 19.78
N PHE B 442 35.15 4.34 19.53
CA PHE B 442 33.70 4.47 19.39
C PHE B 442 33.22 4.19 17.97
N GLY B 443 34.12 3.81 17.07
CA GLY B 443 33.77 3.69 15.66
C GLY B 443 33.54 4.99 14.95
N GLY B 444 33.94 6.12 15.54
CA GLY B 444 33.83 7.40 14.85
C GLY B 444 34.82 7.51 13.70
N VAL B 445 34.45 8.33 12.71
CA VAL B 445 35.26 8.57 11.53
C VAL B 445 35.56 10.08 11.46
N VAL B 446 36.85 10.42 11.59
CA VAL B 446 37.31 11.79 11.47
C VAL B 446 37.57 12.12 10.00
N THR B 447 37.13 13.30 9.59
CA THR B 447 37.29 13.75 8.21
C THR B 447 38.69 14.32 8.02
N GLN B 448 39.28 14.04 6.86
CA GLN B 448 40.59 14.59 6.55
C GLN B 448 40.40 15.86 5.75
N LEU B 449 41.07 16.94 6.18
CA LEU B 449 41.00 18.17 5.41
C LEU B 449 41.57 17.98 4.02
N THR B 450 40.99 18.68 3.04
CA THR B 450 41.68 18.80 1.76
C THR B 450 42.82 19.79 1.89
N PRO B 451 43.78 19.78 0.96
CA PRO B 451 44.85 20.81 1.00
C PRO B 451 44.31 22.23 0.98
N LYS B 452 43.33 22.53 0.12
CA LYS B 452 42.76 23.87 0.07
C LYS B 452 42.10 24.24 1.38
N GLN B 453 41.37 23.29 1.99
CA GLN B 453 40.71 23.57 3.27
C GLN B 453 41.74 23.83 4.37
N ALA B 454 42.82 23.05 4.41
CA ALA B 454 43.84 23.28 5.42
C ALA B 454 44.48 24.65 5.26
N GLU B 455 44.83 25.00 4.03
CA GLU B 455 45.34 26.33 3.73
C GLU B 455 44.35 27.41 4.17
N TYR B 456 43.05 27.18 3.91
CA TYR B 456 42.05 28.21 4.15
C TYR B 456 41.96 28.57 5.62
N ILE B 457 42.03 27.57 6.51
CA ILE B 457 41.99 27.83 7.95
C ILE B 457 43.38 27.87 8.58
N GLY B 458 44.44 27.79 7.78
CA GLY B 458 45.80 27.98 8.28
C GLY B 458 46.33 26.87 9.17
N VAL B 459 46.05 25.61 8.84
CA VAL B 459 46.59 24.48 9.58
C VAL B 459 47.21 23.50 8.59
N SER B 460 48.06 22.61 9.12
CA SER B 460 48.46 21.44 8.35
C SER B 460 47.32 20.44 8.29
N VAL B 461 47.32 19.62 7.24
CA VAL B 461 46.35 18.53 7.16
C VAL B 461 46.57 17.54 8.30
N GLU B 462 47.80 17.46 8.81
CA GLU B 462 48.14 16.56 9.90
C GLU B 462 47.90 17.16 11.28
N GLY B 463 47.51 18.43 11.38
CA GLY B 463 47.37 19.06 12.67
C GLY B 463 48.71 19.59 13.18
N PRO B 464 48.71 20.27 14.35
CA PRO B 464 47.55 20.49 15.23
C PRO B 464 46.51 21.41 14.59
N PHE B 465 45.25 21.23 14.98
CA PHE B 465 44.12 21.90 14.32
C PHE B 465 43.65 23.16 15.03
N LYS B 466 44.18 23.45 16.21
CA LYS B 466 43.76 24.58 17.02
C LYS B 466 44.99 25.29 17.57
N PRO B 467 44.93 26.60 17.78
CA PRO B 467 46.04 27.29 18.46
C PRO B 467 46.14 26.80 19.90
N ASP B 468 47.29 27.09 20.53
CA ASP B 468 47.46 26.69 21.93
C ASP B 468 46.52 27.46 22.86
N THR B 469 46.01 28.60 22.43
CA THR B 469 45.05 29.35 23.22
C THR B 469 43.67 28.68 23.28
N TYR B 470 43.38 27.70 22.42
CA TYR B 470 42.02 27.23 22.25
C TYR B 470 41.53 26.45 23.48
N ARG B 471 40.25 26.61 23.82
CA ARG B 471 39.73 26.07 25.08
C ARG B 471 38.80 24.87 24.92
N TYR B 472 38.34 24.58 23.70
CA TYR B 472 37.43 23.45 23.44
C TYR B 472 36.15 23.60 24.27
N ALA C 11 14.54 64.24 10.79
CA ALA C 11 14.34 65.66 10.99
C ALA C 11 15.63 66.43 10.74
N GLY C 12 15.85 66.85 9.49
CA GLY C 12 17.05 67.57 9.11
C GLY C 12 18.27 66.67 8.99
N PHE C 13 18.23 65.51 9.65
CA PHE C 13 19.32 64.54 9.65
C PHE C 13 19.06 63.50 8.56
N THR C 14 19.99 63.41 7.59
CA THR C 14 19.86 62.50 6.47
C THR C 14 21.07 61.59 6.30
N ASP C 15 21.93 61.49 7.32
CA ASP C 15 23.21 60.77 7.23
C ASP C 15 23.03 59.29 7.59
N TYR C 16 22.19 58.59 6.83
CA TYR C 16 21.85 57.20 7.11
C TYR C 16 21.17 56.62 5.88
N LYS C 17 20.96 55.30 5.91
CA LYS C 17 20.09 54.66 4.94
C LYS C 17 19.53 53.40 5.59
N VAL C 18 18.23 53.37 5.81
CA VAL C 18 17.58 52.23 6.44
C VAL C 18 16.37 51.84 5.61
N ALA C 19 15.80 50.67 5.91
CA ALA C 19 14.67 50.20 5.13
C ALA C 19 13.46 51.09 5.31
N ASP C 20 13.16 51.47 6.57
CA ASP C 20 11.91 52.16 6.88
C ASP C 20 12.10 52.89 8.21
N ILE C 21 12.38 54.19 8.14
CA ILE C 21 12.60 54.99 9.34
C ILE C 21 11.37 55.02 10.24
N THR C 22 10.17 54.76 9.70
CA THR C 22 8.96 54.79 10.51
C THR C 22 8.84 53.61 11.45
N LEU C 23 9.74 52.63 11.37
CA LEU C 23 9.81 51.54 12.33
C LEU C 23 10.56 51.94 13.59
N ALA C 24 10.89 53.22 13.73
CA ALA C 24 11.77 53.66 14.81
C ALA C 24 11.13 53.47 16.18
N ALA C 25 9.85 53.84 16.31
CA ALA C 25 9.19 53.72 17.61
C ALA C 25 9.13 52.27 18.04
N TRP C 26 8.84 51.36 17.10
CA TRP C 26 8.86 49.93 17.40
C TRP C 26 10.24 49.49 17.87
N GLY C 27 11.29 49.84 17.11
CA GLY C 27 12.64 49.49 17.54
C GLY C 27 12.99 50.05 18.91
N ARG C 28 12.58 51.30 19.18
CA ARG C 28 12.82 51.89 20.49
C ARG C 28 12.15 51.10 21.61
N ARG C 29 10.94 50.55 21.36
CA ARG C 29 10.31 49.72 22.39
C ARG C 29 11.12 48.45 22.66
N GLU C 30 11.59 47.78 21.61
CA GLU C 30 12.39 46.58 21.83
C GLU C 30 13.77 46.93 22.40
N LEU C 31 14.30 48.11 22.08
CA LEU C 31 15.54 48.53 22.71
C LEU C 31 15.38 48.64 24.23
N ILE C 32 14.27 49.22 24.67
CA ILE C 32 14.07 49.41 26.11
C ILE C 32 13.91 48.07 26.81
N ILE C 33 13.25 47.11 26.15
CA ILE C 33 13.19 45.76 26.69
C ILE C 33 14.58 45.13 26.73
N ALA C 34 15.36 45.29 25.65
CA ALA C 34 16.67 44.65 25.61
C ALA C 34 17.58 45.17 26.71
N GLU C 35 17.49 46.47 27.02
CA GLU C 35 18.31 47.04 28.09
C GLU C 35 18.08 46.34 29.42
N SER C 36 16.85 45.89 29.68
CA SER C 36 16.59 45.17 30.93
C SER C 36 17.12 43.75 30.89
N GLU C 37 17.43 43.23 29.69
CA GLU C 37 18.03 41.91 29.53
C GLU C 37 19.55 41.95 29.43
N MET C 38 20.17 43.13 29.52
CA MET C 38 21.61 43.28 29.30
C MET C 38 22.27 43.96 30.48
N PRO C 39 22.27 43.30 31.66
CA PRO C 39 22.76 43.96 32.88
C PRO C 39 24.23 44.35 32.84
N ALA C 40 25.08 43.54 32.20
CA ALA C 40 26.50 43.87 32.14
C ALA C 40 26.73 45.09 31.25
N LEU C 41 26.09 45.11 30.09
CA LEU C 41 26.20 46.26 29.20
C LEU C 41 25.66 47.52 29.86
N MET C 42 24.48 47.43 30.47
N MET C 42 24.48 47.44 30.48
CA MET C 42 23.93 48.56 31.20
CA MET C 42 23.96 48.62 31.16
C MET C 42 24.82 48.96 32.36
C MET C 42 24.74 48.95 32.42
N GLY C 43 25.40 47.98 33.05
CA GLY C 43 26.26 48.27 34.18
C GLY C 43 27.49 49.08 33.80
N LEU C 44 28.03 48.84 32.60
CA LEU C 44 29.13 49.67 32.11
C LEU C 44 28.63 51.06 31.73
N ARG C 45 27.45 51.13 31.12
CA ARG C 45 26.83 52.43 30.83
C ARG C 45 26.73 53.28 32.09
N ARG C 46 26.19 52.71 33.17
CA ARG C 46 26.07 53.47 34.43
C ARG C 46 27.42 53.78 35.04
N LYS C 47 28.34 52.82 35.03
CA LYS C 47 29.60 53.01 35.75
C LYS C 47 30.48 54.06 35.08
N TYR C 48 30.50 54.10 33.75
CA TYR C 48 31.42 54.97 33.03
C TYR C 48 30.77 56.22 32.45
N ALA C 49 29.46 56.42 32.68
CA ALA C 49 28.79 57.60 32.15
C ALA C 49 29.45 58.89 32.64
N GLY C 50 29.76 58.96 33.94
CA GLY C 50 30.37 60.17 34.47
C GLY C 50 31.74 60.45 33.89
N GLN C 51 32.55 59.40 33.71
CA GLN C 51 33.93 59.58 33.27
C GLN C 51 34.02 59.90 31.78
N GLN C 52 33.06 59.47 30.97
CA GLN C 52 33.10 59.66 29.53
C GLN C 52 34.42 59.14 28.94
N PRO C 53 34.73 57.86 29.12
CA PRO C 53 36.05 57.36 28.69
C PRO C 53 36.22 57.28 27.19
N LEU C 54 35.14 57.40 26.42
CA LEU C 54 35.21 57.37 24.97
C LEU C 54 35.00 58.75 24.37
N LYS C 55 35.16 59.80 25.17
CA LYS C 55 35.15 61.16 24.64
C LYS C 55 36.27 61.31 23.63
N GLY C 56 35.90 61.61 22.38
CA GLY C 56 36.84 61.78 21.29
C GLY C 56 37.01 60.56 20.41
N ALA C 57 36.47 59.41 20.82
CA ALA C 57 36.52 58.24 19.97
C ALA C 57 35.58 58.42 18.80
N LYS C 58 36.03 58.03 17.61
CA LYS C 58 35.20 58.06 16.41
C LYS C 58 35.30 56.66 15.83
N ILE C 59 34.26 55.85 16.07
CA ILE C 59 34.32 54.41 15.88
C ILE C 59 33.59 54.05 14.59
N LEU C 60 34.30 53.38 13.69
CA LEU C 60 33.66 52.69 12.58
C LEU C 60 33.23 51.31 13.08
N GLY C 61 31.94 51.02 12.98
CA GLY C 61 31.40 49.75 13.46
C GLY C 61 30.76 48.98 12.31
N CYS C 62 31.04 47.67 12.26
CA CYS C 62 30.51 46.78 11.24
C CYS C 62 30.11 45.48 11.93
N ILE C 63 28.84 45.38 12.30
CA ILE C 63 28.34 44.18 12.97
C ILE C 63 26.83 44.19 12.88
N HIS C 64 26.26 43.01 12.59
CA HIS C 64 24.82 42.79 12.43
C HIS C 64 23.99 43.83 13.16
N MET C 65 23.17 44.58 12.41
CA MET C 65 22.44 45.73 12.97
C MET C 65 21.12 45.24 13.61
N THR C 66 21.28 44.53 14.71
CA THR C 66 20.18 43.99 15.51
C THR C 66 19.82 44.93 16.65
N ILE C 67 18.79 44.54 17.40
CA ILE C 67 18.40 45.25 18.62
C ILE C 67 19.54 45.21 19.64
N GLN C 68 20.21 44.06 19.74
CA GLN C 68 21.33 43.91 20.65
C GLN C 68 22.46 44.86 20.27
N THR C 69 22.79 44.92 18.99
CA THR C 69 23.81 45.86 18.50
C THR C 69 23.39 47.29 18.79
N GLY C 70 22.09 47.59 18.67
CA GLY C 70 21.62 48.92 19.04
C GLY C 70 22.00 49.30 20.47
N VAL C 71 21.83 48.38 21.42
CA VAL C 71 22.16 48.67 22.81
C VAL C 71 23.67 48.89 22.95
N LEU C 72 24.46 48.08 22.24
CA LEU C 72 25.90 48.32 22.17
C LEU C 72 26.21 49.71 21.62
N ILE C 73 25.58 50.08 20.49
CA ILE C 73 25.84 51.37 19.86
C ILE C 73 25.53 52.51 20.82
N GLU C 74 24.41 52.41 21.53
CA GLU C 74 24.01 53.50 22.41
C GLU C 74 24.85 53.54 23.66
N THR C 75 25.39 52.39 24.10
CA THR C 75 26.33 52.40 25.20
C THR C 75 27.61 53.15 24.82
N LEU C 76 28.16 52.87 23.63
CA LEU C 76 29.35 53.59 23.20
C LEU C 76 29.09 55.09 23.14
N VAL C 77 27.99 55.49 22.50
CA VAL C 77 27.60 56.89 22.43
C VAL C 77 27.41 57.48 23.82
N ALA C 78 26.84 56.69 24.74
CA ALA C 78 26.64 57.17 26.10
C ALA C 78 27.95 57.40 26.83
N LEU C 79 29.00 56.69 26.44
CA LEU C 79 30.32 56.86 27.03
C LEU C 79 31.17 57.91 26.32
N GLY C 80 30.61 58.60 25.34
CA GLY C 80 31.26 59.74 24.71
C GLY C 80 31.60 59.57 23.26
N ALA C 81 31.45 58.36 22.71
CA ALA C 81 31.92 58.09 21.35
C ALA C 81 30.98 58.66 20.30
N GLU C 82 31.53 58.95 19.13
CA GLU C 82 30.75 59.07 17.90
C GLU C 82 30.98 57.81 17.09
N VAL C 83 29.94 57.35 16.39
CA VAL C 83 30.05 56.13 15.59
C VAL C 83 29.44 56.35 14.22
N ARG C 84 29.83 55.48 13.28
CA ARG C 84 29.19 55.35 11.98
C ARG C 84 29.10 53.86 11.69
N TRP C 85 27.89 53.35 11.43
CA TRP C 85 27.65 51.92 11.57
C TRP C 85 27.11 51.28 10.29
N SER C 86 27.49 50.02 10.09
CA SER C 86 26.92 49.19 9.03
C SER C 86 26.83 47.76 9.56
N SER C 87 26.09 46.92 8.84
CA SER C 87 25.97 45.52 9.24
C SER C 87 27.05 44.69 8.57
N CYS C 88 27.42 43.57 9.20
CA CYS C 88 28.41 42.70 8.60
C CYS C 88 27.78 41.55 7.82
N ASN C 89 26.48 41.61 7.57
CA ASN C 89 25.82 40.59 6.77
C ASN C 89 24.60 41.20 6.07
N ILE C 90 24.33 40.70 4.86
CA ILE C 90 23.24 41.28 4.07
C ILE C 90 21.86 40.95 4.63
N PHE C 91 21.72 39.88 5.42
CA PHE C 91 20.43 39.40 5.90
C PHE C 91 20.22 39.53 7.40
N SER C 92 21.19 40.08 8.15
CA SER C 92 21.16 40.01 9.60
C SER C 92 20.56 41.25 10.26
N THR C 93 20.37 42.34 9.53
CA THR C 93 19.81 43.56 10.11
C THR C 93 18.36 43.34 10.52
N GLN C 94 18.01 43.85 11.70
CA GLN C 94 16.62 44.05 12.07
C GLN C 94 16.26 45.49 11.72
N ASP C 95 15.35 45.65 10.75
CA ASP C 95 15.05 46.99 10.23
C ASP C 95 14.53 47.92 11.32
N GLN C 96 13.79 47.39 12.31
CA GLN C 96 13.31 48.30 13.35
C GLN C 96 14.47 48.79 14.23
N ALA C 97 15.50 47.97 14.40
CA ALA C 97 16.68 48.39 15.16
C ALA C 97 17.46 49.47 14.41
N ALA C 98 17.70 49.25 13.11
CA ALA C 98 18.34 50.28 12.30
C ALA C 98 17.55 51.58 12.34
N ALA C 99 16.22 51.48 12.19
CA ALA C 99 15.40 52.70 12.18
C ALA C 99 15.53 53.47 13.47
N ALA C 100 15.57 52.77 14.62
CA ALA C 100 15.66 53.44 15.90
C ALA C 100 17.01 54.11 16.09
N ILE C 101 18.08 53.49 15.58
CA ILE C 101 19.41 54.10 15.68
C ILE C 101 19.50 55.34 14.81
N ALA C 102 19.11 55.22 13.53
CA ALA C 102 19.07 56.39 12.66
C ALA C 102 18.20 57.50 13.25
N ALA C 103 17.05 57.13 13.83
CA ALA C 103 16.16 58.12 14.43
C ALA C 103 16.78 58.80 15.65
N ALA C 104 17.80 58.20 16.25
CA ALA C 104 18.54 58.81 17.34
C ALA C 104 19.63 59.74 16.84
N GLY C 105 19.66 60.03 15.55
CA GLY C 105 20.72 60.85 14.99
C GLY C 105 22.05 60.16 14.82
N ILE C 106 22.06 58.83 14.71
CA ILE C 106 23.31 58.08 14.60
C ILE C 106 23.44 57.54 13.17
N PRO C 107 24.53 57.84 12.46
CA PRO C 107 24.68 57.33 11.08
C PRO C 107 24.75 55.82 11.04
N VAL C 108 23.84 55.21 10.29
CA VAL C 108 23.74 53.77 10.13
C VAL C 108 23.28 53.46 8.71
N PHE C 109 23.95 52.51 8.08
CA PHE C 109 23.66 52.11 6.70
C PHE C 109 23.50 50.60 6.71
N ALA C 110 22.24 50.14 6.81
CA ALA C 110 22.00 48.71 6.96
C ALA C 110 20.51 48.43 6.80
N TRP C 111 20.18 47.37 6.06
CA TRP C 111 18.82 46.88 6.01
C TRP C 111 18.84 45.38 5.72
N LYS C 112 17.75 44.71 6.08
CA LYS C 112 17.64 43.28 5.82
C LYS C 112 17.43 43.03 4.33
N GLY C 113 18.28 42.21 3.72
CA GLY C 113 18.11 41.84 2.34
C GLY C 113 18.86 42.73 1.37
N GLU C 114 20.05 43.18 1.75
CA GLU C 114 20.93 43.92 0.85
C GLU C 114 21.46 42.99 -0.25
N THR C 115 21.84 43.60 -1.37
CA THR C 115 22.66 42.94 -2.37
C THR C 115 24.14 43.07 -1.99
N GLU C 116 24.98 42.32 -2.70
CA GLU C 116 26.42 42.34 -2.42
C GLU C 116 27.02 43.71 -2.70
N GLU C 117 26.54 44.37 -3.76
CA GLU C 117 26.99 45.74 -4.03
C GLU C 117 26.55 46.69 -2.92
N GLU C 118 25.28 46.62 -2.52
CA GLU C 118 24.79 47.48 -1.45
C GLU C 118 25.53 47.24 -0.15
N TYR C 119 25.88 45.98 0.14
CA TYR C 119 26.65 45.69 1.34
C TYR C 119 27.99 46.44 1.33
N GLU C 120 28.71 46.38 0.22
CA GLU C 120 29.97 47.12 0.12
C GLU C 120 29.74 48.62 0.22
N TRP C 121 28.68 49.11 -0.44
CA TRP C 121 28.35 50.53 -0.38
C TRP C 121 28.06 50.98 1.04
N CYS C 122 27.33 50.16 1.80
CA CYS C 122 27.02 50.52 3.19
C CYS C 122 28.30 50.71 4.00
N ILE C 123 29.24 49.77 3.90
CA ILE C 123 30.50 49.90 4.62
C ILE C 123 31.25 51.16 4.17
N GLU C 124 31.18 51.47 2.87
CA GLU C 124 31.85 52.65 2.35
CA GLU C 124 31.86 52.66 2.36
C GLU C 124 31.24 53.93 2.93
N GLN C 125 29.93 53.93 3.19
CA GLN C 125 29.28 55.12 3.74
C GLN C 125 29.68 55.37 5.19
N THR C 126 30.06 54.32 5.92
CA THR C 126 30.65 54.55 7.24
C THR C 126 32.04 55.16 7.09
N ILE C 127 32.83 54.64 6.15
CA ILE C 127 34.20 55.11 5.98
C ILE C 127 34.22 56.55 5.47
N LEU C 128 33.32 56.88 4.54
CA LEU C 128 33.30 58.19 3.90
C LEU C 128 32.21 59.06 4.50
N LYS C 129 32.56 60.31 4.83
CA LYS C 129 31.58 61.33 5.17
C LYS C 129 31.74 62.49 4.22
N ASP C 130 30.72 62.75 3.42
CA ASP C 130 30.74 63.81 2.40
C ASP C 130 31.88 63.58 1.40
N GLY C 131 31.95 62.35 0.89
CA GLY C 131 32.93 62.01 -0.13
C GLY C 131 34.36 61.92 0.34
N GLN C 132 34.64 62.22 1.61
CA GLN C 132 35.99 62.17 2.13
C GLN C 132 36.07 61.21 3.31
N PRO C 133 37.25 60.67 3.58
CA PRO C 133 37.38 59.77 4.73
C PRO C 133 37.06 60.47 6.05
N TRP C 134 36.12 59.88 6.79
CA TRP C 134 35.88 60.28 8.18
C TRP C 134 37.18 60.27 8.97
N ASP C 135 37.24 61.11 9.99
CA ASP C 135 38.38 61.08 10.93
C ASP C 135 38.13 60.04 12.03
N ALA C 136 38.06 58.79 11.59
CA ALA C 136 37.94 57.69 12.52
C ALA C 136 39.24 57.51 13.30
N ASN C 137 39.12 56.93 14.48
CA ASN C 137 40.28 56.56 15.27
C ASN C 137 40.06 55.25 16.03
N MET C 138 38.95 54.55 15.80
CA MET C 138 38.67 53.27 16.44
C MET C 138 37.83 52.43 15.48
N VAL C 139 37.99 51.11 15.57
CA VAL C 139 37.28 50.19 14.69
C VAL C 139 36.64 49.07 15.52
N LEU C 140 35.35 48.80 15.28
CA LEU C 140 34.69 47.62 15.81
C LEU C 140 34.20 46.79 14.64
N ASP C 141 34.60 45.51 14.60
CA ASP C 141 34.42 44.68 13.42
C ASP C 141 33.95 43.28 13.83
N ASP C 142 33.30 42.61 12.89
CA ASP C 142 32.73 41.27 13.12
C ASP C 142 32.91 40.54 11.79
N GLY C 143 34.00 39.79 11.69
CA GLY C 143 34.32 39.02 10.51
C GLY C 143 35.47 39.55 9.69
N GLY C 144 35.86 40.82 9.90
CA GLY C 144 37.04 41.36 9.24
C GLY C 144 36.81 42.11 7.95
N ASP C 145 35.57 42.21 7.48
CA ASP C 145 35.32 42.85 6.18
C ASP C 145 35.69 44.33 6.21
N LEU C 146 35.29 45.04 7.26
CA LEU C 146 35.69 46.45 7.39
C LEU C 146 37.20 46.58 7.52
N THR C 147 37.82 45.76 8.38
CA THR C 147 39.27 45.76 8.54
C THR C 147 39.99 45.56 7.21
N GLU C 148 39.49 44.61 6.40
CA GLU C 148 40.09 44.33 5.11
C GLU C 148 39.98 45.55 4.19
N ILE C 149 38.81 46.20 4.18
CA ILE C 149 38.63 47.36 3.30
C ILE C 149 39.54 48.51 3.73
N LEU C 150 39.68 48.72 5.04
CA LEU C 150 40.57 49.78 5.50
C LEU C 150 42.01 49.50 5.11
N HIS C 151 42.47 48.26 5.29
CA HIS C 151 43.86 47.93 4.99
C HIS C 151 44.13 47.96 3.48
N LYS C 152 43.18 47.49 2.67
CA LYS C 152 43.40 47.40 1.22
C LYS C 152 43.13 48.71 0.50
N LYS C 153 42.04 49.40 0.87
CA LYS C 153 41.55 50.53 0.09
C LYS C 153 41.73 51.89 0.75
N TYR C 154 41.87 51.95 2.08
CA TYR C 154 42.06 53.22 2.79
C TYR C 154 43.21 53.15 3.80
N PRO C 155 44.37 52.60 3.41
CA PRO C 155 45.44 52.41 4.39
C PRO C 155 45.85 53.68 5.12
N GLN C 156 45.63 54.86 4.54
CA GLN C 156 45.98 56.11 5.21
C GLN C 156 45.13 56.36 6.45
N MET C 157 43.89 55.88 6.47
CA MET C 157 43.04 56.09 7.64
C MET C 157 43.56 55.34 8.85
N LEU C 158 44.25 54.23 8.63
CA LEU C 158 44.77 53.43 9.74
C LEU C 158 45.92 54.13 10.48
N GLU C 159 46.56 55.13 9.88
CA GLU C 159 47.59 55.89 10.60
C GLU C 159 47.02 56.57 11.84
N ARG C 160 45.73 56.91 11.83
CA ARG C 160 45.09 57.62 12.93
C ARG C 160 44.15 56.73 13.74
N ILE C 161 44.18 55.43 13.54
CA ILE C 161 43.28 54.51 14.24
C ILE C 161 44.04 53.82 15.36
N HIS C 162 43.45 53.79 16.55
CA HIS C 162 44.14 53.29 17.73
C HIS C 162 43.97 51.81 17.96
N GLY C 163 42.96 51.19 17.35
CA GLY C 163 42.75 49.77 17.58
C GLY C 163 41.51 49.25 16.89
N ILE C 164 41.44 47.92 16.83
CA ILE C 164 40.34 47.15 16.29
C ILE C 164 39.86 46.21 17.38
N THR C 165 38.55 46.14 17.58
CA THR C 165 37.98 45.16 18.51
C THR C 165 37.14 44.20 17.67
N GLU C 166 37.63 42.98 17.49
CA GLU C 166 37.05 42.00 16.56
C GLU C 166 36.18 40.99 17.30
N GLU C 167 34.96 40.81 16.79
CA GLU C 167 33.93 40.04 17.48
C GLU C 167 34.11 38.53 17.34
N THR C 168 34.49 38.01 16.17
CA THR C 168 34.20 36.61 15.89
C THR C 168 35.44 35.84 15.44
N THR C 169 35.31 34.50 15.49
CA THR C 169 36.46 33.60 15.26
C THR C 169 37.11 33.85 13.90
N THR C 170 36.28 33.99 12.84
CA THR C 170 36.81 34.20 11.49
C THR C 170 37.59 35.51 11.38
N GLY C 171 37.07 36.59 11.97
CA GLY C 171 37.80 37.86 11.94
C GLY C 171 39.13 37.77 12.67
N VAL C 172 39.17 37.06 13.79
CA VAL C 172 40.41 36.92 14.55
C VAL C 172 41.46 36.18 13.71
N HIS C 173 41.04 35.14 13.00
CA HIS C 173 41.96 34.41 12.14
C HIS C 173 42.59 35.33 11.10
N ARG C 174 41.78 36.17 10.43
CA ARG C 174 42.32 37.09 9.43
C ARG C 174 43.29 38.08 10.05
N LEU C 175 43.01 38.54 11.28
CA LEU C 175 43.93 39.44 11.96
C LEU C 175 45.26 38.74 12.26
N LEU C 176 45.22 37.49 12.73
CA LEU C 176 46.43 36.78 13.07
C LEU C 176 47.29 36.49 11.84
N ASP C 177 46.66 36.22 10.69
CA ASP C 177 47.44 36.09 9.46
C ASP C 177 48.12 37.41 9.10
N MET C 178 47.41 38.52 9.29
CA MET C 178 47.99 39.82 8.99
C MET C 178 49.13 40.13 9.94
N LEU C 179 48.96 39.81 11.22
CA LEU C 179 50.02 40.04 12.19
C LEU C 179 51.26 39.22 11.84
N LYS C 180 51.07 37.94 11.50
CA LYS C 180 52.21 37.11 11.11
C LYS C 180 52.95 37.71 9.92
N ASN C 181 52.22 38.17 8.90
CA ASN C 181 52.83 38.72 7.70
C ASN C 181 53.37 40.12 7.90
N GLY C 182 53.07 40.77 9.02
CA GLY C 182 53.49 42.14 9.21
C GLY C 182 52.66 43.14 8.45
N THR C 183 51.43 42.79 8.06
CA THR C 183 50.55 43.69 7.32
C THR C 183 49.47 44.30 8.19
N LEU C 184 49.39 43.92 9.47
CA LEU C 184 48.42 44.53 10.39
C LEU C 184 48.94 45.88 10.86
N LYS C 185 48.12 46.91 10.69
CA LYS C 185 48.60 48.28 10.88
C LYS C 185 48.32 48.85 12.27
N VAL C 186 47.35 48.29 12.99
CA VAL C 186 46.98 48.76 14.32
C VAL C 186 46.71 47.56 15.21
N PRO C 187 46.82 47.71 16.53
CA PRO C 187 46.61 46.59 17.43
C PRO C 187 45.14 46.20 17.50
N ALA C 188 44.92 44.96 17.90
CA ALA C 188 43.58 44.43 17.99
C ALA C 188 43.35 43.79 19.34
N ILE C 189 42.10 43.82 19.79
CA ILE C 189 41.64 42.95 20.86
C ILE C 189 40.80 41.84 20.25
N ASN C 190 41.15 40.61 20.60
CA ASN C 190 40.38 39.42 20.28
C ASN C 190 39.23 39.36 21.30
N VAL C 191 38.09 39.93 20.94
CA VAL C 191 36.93 39.87 21.82
C VAL C 191 36.35 38.46 21.83
N ASN C 192 36.48 37.74 20.71
CA ASN C 192 35.93 36.39 20.61
C ASN C 192 36.38 35.50 21.75
N ASP C 193 37.64 35.59 22.15
CA ASP C 193 38.20 34.60 23.07
C ASP C 193 38.12 35.00 24.54
N SER C 194 37.36 36.05 24.89
CA SER C 194 36.88 36.14 26.25
C SER C 194 35.97 34.95 26.54
N VAL C 195 36.06 34.39 27.74
CA VAL C 195 35.19 33.26 28.04
C VAL C 195 33.72 33.68 28.04
N THR C 196 33.43 34.92 28.48
CA THR C 196 32.07 35.43 28.42
C THR C 196 31.64 35.79 27.01
N LYS C 197 32.47 35.52 26.02
CA LYS C 197 32.08 35.63 24.62
C LYS C 197 32.06 34.24 24.00
N SER C 198 33.23 33.64 23.78
CA SER C 198 33.34 32.37 23.05
C SER C 198 32.47 31.27 23.68
N LYS C 199 32.57 31.08 24.99
CA LYS C 199 31.85 30.01 25.67
C LYS C 199 30.43 30.41 26.08
N ASN C 200 29.99 31.58 25.65
CA ASN C 200 28.65 32.10 25.92
C ASN C 200 27.90 32.35 24.62
N ASP C 201 28.36 33.33 23.84
CA ASP C 201 27.83 33.65 22.52
C ASP C 201 27.93 32.47 21.55
N ASN C 202 29.16 31.99 21.30
CA ASN C 202 29.35 31.09 20.17
C ASN C 202 28.62 29.77 20.38
N LYS C 203 28.60 29.31 21.62
CA LYS C 203 27.96 28.04 21.98
C LYS C 203 26.50 28.26 22.35
N TYR C 204 26.25 28.91 23.50
CA TYR C 204 24.88 29.01 23.98
C TYR C 204 24.00 29.83 23.04
N GLY C 205 24.55 30.86 22.40
CA GLY C 205 23.73 31.64 21.49
C GLY C 205 23.20 30.81 20.32
N CYS C 206 24.05 29.96 19.76
CA CYS C 206 23.61 29.09 18.69
C CYS C 206 22.67 28.01 19.20
N ARG C 207 22.87 27.58 20.45
CA ARG C 207 21.91 26.67 21.06
C ARG C 207 20.50 27.26 21.03
N HIS C 208 20.38 28.54 21.44
CA HIS C 208 19.10 29.24 21.44
C HIS C 208 18.56 29.49 20.03
N SER C 209 19.41 29.97 19.12
CA SER C 209 18.89 30.58 17.89
C SER C 209 18.96 29.69 16.66
N LEU C 210 19.65 28.55 16.68
CA LEU C 210 19.65 27.68 15.52
C LEU C 210 18.28 27.04 15.30
N ASN C 211 17.71 26.36 16.31
CA ASN C 211 16.41 25.75 16.11
CA ASN C 211 16.40 25.75 16.13
C ASN C 211 15.33 26.82 15.96
N ASP C 212 15.55 28.00 16.53
CA ASP C 212 14.67 29.14 16.33
C ASP C 212 14.57 29.50 14.85
N ALA C 213 15.72 29.66 14.19
CA ALA C 213 15.71 30.02 12.77
C ALA C 213 15.08 28.94 11.89
N ILE C 214 15.40 27.66 12.15
CA ILE C 214 14.85 26.58 11.33
C ILE C 214 13.32 26.55 11.47
N LYS C 215 12.82 26.71 12.69
CA LYS C 215 11.38 26.74 12.90
C LYS C 215 10.74 27.92 12.17
N ARG C 216 11.34 29.12 12.26
CA ARG C 216 10.74 30.28 11.62
C ARG C 216 10.71 30.11 10.10
N GLY C 217 11.74 29.48 9.54
CA GLY C 217 11.87 29.32 8.10
C GLY C 217 10.99 28.24 7.50
N THR C 218 10.84 27.13 8.21
CA THR C 218 10.18 25.94 7.70
C THR C 218 9.00 25.47 8.54
N ASP C 219 9.01 25.75 9.85
CA ASP C 219 8.04 25.18 10.79
C ASP C 219 8.08 23.66 10.76
N HIS C 220 9.23 23.09 10.41
CA HIS C 220 9.41 21.64 10.40
C HIS C 220 9.51 21.13 11.83
N LEU C 221 8.76 20.06 12.12
CA LEU C 221 9.07 19.27 13.30
C LEU C 221 10.53 18.83 13.23
N LEU C 222 11.24 18.94 14.34
CA LEU C 222 12.60 18.44 14.39
C LEU C 222 12.72 17.10 15.10
N SER C 223 11.88 16.84 16.10
CA SER C 223 11.94 15.57 16.83
C SER C 223 11.86 14.37 15.89
N GLY C 224 12.68 13.36 16.17
CA GLY C 224 12.64 12.11 15.42
C GLY C 224 13.35 12.12 14.10
N LYS C 225 13.83 13.27 13.62
CA LYS C 225 14.48 13.37 12.32
C LYS C 225 16.00 13.35 12.47
N GLN C 226 16.67 13.12 11.34
CA GLN C 226 18.12 12.92 11.28
C GLN C 226 18.82 14.20 10.88
N ALA C 227 19.78 14.63 11.68
CA ALA C 227 20.57 15.81 11.37
C ALA C 227 22.05 15.45 11.33
N LEU C 228 22.77 16.16 10.49
CA LEU C 228 24.23 16.09 10.42
C LEU C 228 24.77 17.49 10.68
N VAL C 229 25.60 17.63 11.72
CA VAL C 229 26.27 18.90 12.00
C VAL C 229 27.73 18.77 11.58
N ILE C 230 28.17 19.65 10.68
CA ILE C 230 29.56 19.69 10.25
C ILE C 230 30.30 20.65 11.17
N GLY C 231 31.20 20.12 11.98
CA GLY C 231 31.96 20.94 12.90
C GLY C 231 31.45 20.76 14.31
N TYR C 232 32.39 20.69 15.27
CA TYR C 232 32.08 20.55 16.69
C TYR C 232 32.97 21.47 17.51
N GLY C 233 33.26 22.66 16.98
CA GLY C 233 33.80 23.75 17.76
C GLY C 233 32.74 24.36 18.66
N ASP C 234 32.92 25.61 19.08
CA ASP C 234 31.91 26.21 19.96
C ASP C 234 30.56 26.31 19.27
N VAL C 235 30.56 26.76 18.02
CA VAL C 235 29.32 26.89 17.26
C VAL C 235 28.71 25.51 16.99
N GLY C 236 29.55 24.55 16.59
CA GLY C 236 29.07 23.19 16.39
C GLY C 236 28.53 22.55 17.66
N LYS C 237 29.19 22.80 18.80
CA LYS C 237 28.69 22.29 20.07
C LYS C 237 27.30 22.83 20.37
N GLY C 238 27.11 24.15 20.25
CA GLY C 238 25.80 24.72 20.54
C GLY C 238 24.74 24.34 19.52
N SER C 239 25.11 24.32 18.25
CA SER C 239 24.20 23.87 17.19
C SER C 239 23.74 22.44 17.44
N SER C 240 24.67 21.54 17.74
CA SER C 240 24.30 20.15 18.00
C SER C 240 23.31 20.04 19.17
N GLN C 241 23.53 20.81 20.22
CA GLN C 241 22.63 20.78 21.38
C GLN C 241 21.27 21.38 21.02
N SER C 242 21.26 22.45 20.22
CA SER C 242 20.03 23.04 19.74
C SER C 242 19.14 22.00 19.05
N LEU C 243 19.75 21.15 18.22
CA LEU C 243 18.97 20.12 17.54
C LEU C 243 18.68 18.93 18.45
N ARG C 244 19.66 18.49 19.24
CA ARG C 244 19.44 17.31 20.06
C ARG C 244 18.38 17.54 21.12
N GLN C 245 18.35 18.74 21.73
CA GLN C 245 17.37 19.01 22.78
C GLN C 245 15.95 19.06 22.22
N GLU C 246 15.79 19.23 20.91
CA GLU C 246 14.51 19.16 20.23
C GLU C 246 14.11 17.72 19.86
N GLY C 247 14.98 16.76 20.10
CA GLY C 247 14.70 15.39 19.74
C GLY C 247 15.28 14.92 18.43
N MET C 248 16.11 15.72 17.77
CA MET C 248 16.75 15.20 16.57
C MET C 248 17.75 14.11 16.93
N ILE C 249 17.94 13.18 16.00
CA ILE C 249 19.04 12.22 16.08
C ILE C 249 20.20 12.87 15.33
N VAL C 250 21.23 13.24 16.07
CA VAL C 250 22.26 14.16 15.57
C VAL C 250 23.55 13.39 15.36
N LYS C 251 24.09 13.48 14.14
CA LYS C 251 25.43 12.99 13.85
C LYS C 251 26.34 14.20 13.67
N VAL C 252 27.62 14.05 14.00
CA VAL C 252 28.60 15.12 14.01
C VAL C 252 29.79 14.72 13.15
N ALA C 253 30.25 15.64 12.30
CA ALA C 253 31.47 15.45 11.53
C ALA C 253 32.52 16.43 12.05
N GLU C 254 33.77 15.98 12.08
CA GLU C 254 34.87 16.84 12.52
C GLU C 254 36.16 16.43 11.82
N VAL C 255 37.08 17.39 11.73
CA VAL C 255 38.46 17.10 11.37
C VAL C 255 39.39 17.12 12.57
N ASP C 256 38.94 17.67 13.69
CA ASP C 256 39.76 17.76 14.89
C ASP C 256 39.44 16.56 15.79
N PRO C 257 40.37 15.64 16.05
CA PRO C 257 40.03 14.45 16.85
C PRO C 257 39.64 14.79 18.27
N ILE C 258 40.17 15.89 18.83
CA ILE C 258 39.77 16.28 20.18
C ILE C 258 38.31 16.71 20.21
N CYS C 259 37.91 17.58 19.28
CA CYS C 259 36.51 17.95 19.20
C CYS C 259 35.66 16.71 18.89
N ALA C 260 36.16 15.81 18.03
CA ALA C 260 35.42 14.57 17.77
C ALA C 260 35.26 13.74 19.04
N MET C 261 36.30 13.64 19.87
N MET C 261 36.31 13.64 19.86
CA MET C 261 36.19 12.91 21.12
CA MET C 261 36.20 12.91 21.12
C MET C 261 35.10 13.50 22.01
C MET C 261 35.10 13.50 22.00
N GLN C 262 35.03 14.84 22.05
CA GLN C 262 33.99 15.50 22.82
C GLN C 262 32.60 15.18 22.29
N ALA C 263 32.45 15.11 20.98
CA ALA C 263 31.14 14.77 20.43
C ALA C 263 30.74 13.36 20.84
N CYS C 264 31.68 12.41 20.78
CA CYS C 264 31.40 11.04 21.21
C CYS C 264 30.92 11.01 22.65
N MET C 265 31.69 11.64 23.55
CA MET C 265 31.35 11.65 24.97
C MET C 265 30.06 12.41 25.25
N ASP C 266 29.72 13.38 24.40
CA ASP C 266 28.48 14.11 24.54
C ASP C 266 27.28 13.33 24.04
N GLY C 267 27.48 12.13 23.50
CA GLY C 267 26.39 11.28 23.08
C GLY C 267 26.04 11.38 21.63
N PHE C 268 26.97 11.78 20.77
CA PHE C 268 26.74 11.84 19.33
C PHE C 268 27.60 10.80 18.61
N GLU C 269 27.04 10.29 17.51
CA GLU C 269 27.79 9.45 16.58
C GLU C 269 28.62 10.34 15.65
N VAL C 270 29.92 10.06 15.53
CA VAL C 270 30.80 10.89 14.72
C VAL C 270 30.99 10.20 13.38
N VAL C 271 30.63 10.89 12.29
CA VAL C 271 30.63 10.31 10.96
C VAL C 271 31.29 11.29 9.99
N SER C 272 31.69 10.76 8.84
CA SER C 272 32.17 11.66 7.80
C SER C 272 31.27 11.59 6.59
N PRO C 273 31.06 12.69 5.87
CA PRO C 273 30.37 12.59 4.58
C PRO C 273 31.14 11.76 3.55
N TYR C 274 32.43 11.49 3.78
CA TYR C 274 33.25 10.78 2.82
C TYR C 274 33.65 9.41 3.36
N LYS C 275 33.73 8.41 2.48
CA LYS C 275 34.14 7.08 2.91
C LYS C 275 35.54 7.15 3.49
N ASN C 276 35.68 6.65 4.72
CA ASN C 276 36.94 6.69 5.48
C ASN C 276 37.43 8.11 5.72
N GLY C 277 36.53 9.09 5.58
CA GLY C 277 36.91 10.48 5.75
C GLY C 277 37.76 11.07 4.66
N ILE C 278 37.92 10.41 3.51
CA ILE C 278 38.80 10.86 2.44
C ILE C 278 37.99 11.64 1.40
N ASN C 279 38.21 12.95 1.36
CA ASN C 279 37.52 13.88 0.46
C ASN C 279 38.41 14.07 -0.77
N ASP C 280 38.28 13.15 -1.74
CA ASP C 280 39.12 13.17 -2.93
C ASP C 280 38.46 13.86 -4.12
N GLY C 281 37.26 14.40 -3.96
CA GLY C 281 36.61 15.18 -4.99
C GLY C 281 35.78 14.39 -5.99
N THR C 282 35.75 13.07 -5.88
CA THR C 282 34.92 12.23 -6.74
C THR C 282 33.59 11.94 -6.05
N GLU C 283 32.56 11.71 -6.88
CA GLU C 283 31.27 11.29 -6.34
C GLU C 283 31.38 9.97 -5.60
N ALA C 284 32.28 9.08 -6.05
CA ALA C 284 32.44 7.78 -5.41
C ALA C 284 32.91 7.90 -3.96
N SER C 285 33.55 9.00 -3.58
CA SER C 285 33.95 9.18 -2.18
C SER C 285 32.78 9.52 -1.25
N ILE C 286 31.61 9.87 -1.77
CA ILE C 286 30.51 10.26 -0.91
C ILE C 286 29.88 9.01 -0.29
N ASP C 287 29.64 9.06 1.02
CA ASP C 287 28.84 8.05 1.71
C ASP C 287 27.37 8.32 1.37
N ALA C 288 26.94 7.81 0.21
CA ALA C 288 25.58 8.06 -0.24
C ALA C 288 24.54 7.48 0.72
N ALA C 289 24.85 6.33 1.33
CA ALA C 289 23.91 5.74 2.29
C ALA C 289 23.69 6.66 3.47
N LEU C 290 24.78 7.24 4.01
CA LEU C 290 24.63 8.19 5.11
C LEU C 290 23.83 9.41 4.68
N LEU C 291 24.25 10.07 3.59
CA LEU C 291 23.65 11.34 3.20
C LEU C 291 22.20 11.17 2.77
N GLY C 292 21.84 10.00 2.25
CA GLY C 292 20.46 9.73 1.90
C GLY C 292 19.51 9.58 3.08
N LYS C 293 20.03 9.62 4.31
CA LYS C 293 19.22 9.53 5.52
C LYS C 293 19.09 10.84 6.27
N ILE C 294 19.77 11.90 5.83
CA ILE C 294 19.88 13.13 6.61
C ILE C 294 18.73 14.06 6.25
N ASP C 295 17.98 14.50 7.26
CA ASP C 295 16.91 15.46 7.00
C ASP C 295 17.39 16.92 7.10
N LEU C 296 18.56 17.15 7.69
CA LEU C 296 18.99 18.51 7.97
C LEU C 296 20.50 18.52 8.11
N ILE C 297 21.15 19.38 7.35
CA ILE C 297 22.58 19.58 7.46
C ILE C 297 22.83 21.04 7.85
N VAL C 298 23.78 21.24 8.76
CA VAL C 298 24.14 22.54 9.33
C VAL C 298 25.66 22.64 9.36
N THR C 299 26.22 23.65 8.70
CA THR C 299 27.66 23.85 8.69
C THR C 299 28.05 24.90 9.72
N THR C 300 29.11 24.62 10.49
CA THR C 300 29.51 25.44 11.63
C THR C 300 31.02 25.66 11.67
N THR C 301 31.69 25.56 10.52
CA THR C 301 33.13 25.35 10.53
C THR C 301 33.95 26.62 10.44
N GLY C 302 33.46 27.64 9.74
CA GLY C 302 34.35 28.72 9.36
C GLY C 302 35.35 28.33 8.29
N ASN C 303 35.19 27.13 7.70
CA ASN C 303 36.04 26.64 6.63
C ASN C 303 35.27 26.79 5.31
N VAL C 304 35.88 26.35 4.21
CA VAL C 304 35.29 26.52 2.89
C VAL C 304 34.83 25.17 2.34
N ASN C 305 33.63 25.18 1.74
CA ASN C 305 33.11 24.04 0.99
C ASN C 305 33.10 22.75 1.82
N VAL C 306 32.54 22.84 3.03
CA VAL C 306 32.38 21.65 3.87
C VAL C 306 31.04 20.96 3.62
N CYS C 307 30.17 21.56 2.82
CA CYS C 307 28.96 20.92 2.31
C CYS C 307 29.06 21.13 0.80
N ASP C 308 29.73 20.19 0.12
CA ASP C 308 30.12 20.40 -1.26
C ASP C 308 29.04 19.90 -2.23
N ALA C 309 29.33 20.06 -3.53
CA ALA C 309 28.35 19.74 -4.56
C ALA C 309 27.92 18.28 -4.45
N ASN C 310 28.88 17.38 -4.30
CA ASN C 310 28.56 15.96 -4.28
C ASN C 310 27.72 15.59 -3.07
N MET C 311 27.92 16.28 -1.95
CA MET C 311 27.07 16.07 -0.79
C MET C 311 25.64 16.54 -1.06
N LEU C 312 25.50 17.69 -1.72
CA LEU C 312 24.16 18.18 -2.04
C LEU C 312 23.44 17.24 -3.00
N LYS C 313 24.15 16.73 -4.02
CA LYS C 313 23.55 15.75 -4.92
C LYS C 313 23.11 14.49 -4.19
N ALA C 314 23.76 14.16 -3.07
CA ALA C 314 23.51 12.91 -2.35
C ALA C 314 22.49 13.03 -1.22
N LEU C 315 22.14 14.25 -0.79
CA LEU C 315 21.24 14.43 0.35
C LEU C 315 19.86 13.85 0.08
N LYS C 316 19.23 13.38 1.15
CA LYS C 316 17.85 12.95 1.11
C LYS C 316 16.96 14.01 0.46
N LYS C 317 16.01 13.57 -0.37
CA LYS C 317 15.03 14.50 -0.92
C LYS C 317 14.37 15.29 0.20
N ARG C 318 14.26 16.61 -0.01
CA ARG C 318 13.56 17.55 0.87
C ARG C 318 14.34 17.81 2.16
N ALA C 319 15.63 17.50 2.19
CA ALA C 319 16.46 17.88 3.31
C ALA C 319 16.61 19.40 3.38
N VAL C 320 16.76 19.91 4.61
CA VAL C 320 17.04 21.32 4.85
C VAL C 320 18.56 21.51 4.93
N VAL C 321 19.03 22.58 4.28
CA VAL C 321 20.46 22.91 4.20
C VAL C 321 20.62 24.32 4.74
N CYS C 322 21.53 24.48 5.70
CA CYS C 322 21.77 25.82 6.21
C CYS C 322 23.19 25.90 6.78
N ASN C 323 23.65 27.13 6.96
CA ASN C 323 24.99 27.41 7.46
C ASN C 323 24.88 28.40 8.61
N ILE C 324 25.58 28.13 9.70
CA ILE C 324 25.62 29.06 10.82
C ILE C 324 27.05 29.55 11.10
N GLY C 325 28.01 29.21 10.25
CA GLY C 325 29.30 29.91 10.23
C GLY C 325 29.17 31.33 9.70
N HIS C 326 30.30 32.05 9.66
CA HIS C 326 30.22 33.47 9.32
C HIS C 326 29.96 33.70 7.82
N PHE C 327 30.60 32.93 6.94
CA PHE C 327 30.50 33.19 5.51
C PHE C 327 29.74 32.08 4.82
N ASP C 328 29.13 32.41 3.68
CA ASP C 328 28.25 31.46 3.01
C ASP C 328 29.00 30.40 2.20
N ASN C 329 30.31 30.58 1.98
CA ASN C 329 31.05 29.60 1.18
C ASN C 329 31.28 28.28 1.90
N GLU C 330 30.75 28.09 3.12
CA GLU C 330 30.76 26.77 3.74
C GLU C 330 29.94 25.77 2.92
N ILE C 331 28.86 26.25 2.30
CA ILE C 331 28.02 25.44 1.42
C ILE C 331 28.31 25.88 -0.01
N ASP C 332 28.35 24.92 -0.93
CA ASP C 332 28.62 25.25 -2.34
C ASP C 332 27.30 25.68 -2.99
N THR C 333 26.85 26.89 -2.61
CA THR C 333 25.65 27.44 -3.21
C THR C 333 25.90 27.89 -4.65
N ALA C 334 27.15 28.21 -5.02
CA ALA C 334 27.46 28.56 -6.41
C ALA C 334 27.11 27.41 -7.34
N PHE C 335 27.42 26.17 -6.93
CA PHE C 335 27.03 24.99 -7.70
C PHE C 335 25.52 24.94 -7.88
N MET C 336 24.77 25.18 -6.80
CA MET C 336 23.32 25.12 -6.89
C MET C 336 22.75 26.23 -7.76
N ARG C 337 23.34 27.43 -7.72
CA ARG C 337 22.90 28.51 -8.61
C ARG C 337 23.13 28.16 -10.06
N LYS C 338 24.20 27.43 -10.37
CA LYS C 338 24.53 27.15 -11.76
C LYS C 338 23.69 26.00 -12.35
N ASN C 339 23.28 25.04 -11.52
CA ASN C 339 22.72 23.81 -12.03
C ASN C 339 21.25 23.58 -11.70
N TRP C 340 20.73 24.19 -10.65
CA TRP C 340 19.40 23.85 -10.17
C TRP C 340 18.51 25.09 -10.13
N ALA C 341 17.20 24.86 -10.14
CA ALA C 341 16.20 25.92 -10.20
C ALA C 341 15.77 26.31 -8.79
N TRP C 342 15.78 27.61 -8.51
CA TRP C 342 15.45 28.14 -7.19
C TRP C 342 14.00 28.64 -7.18
N GLU C 343 13.22 28.14 -6.23
CA GLU C 343 11.84 28.58 -6.02
C GLU C 343 11.75 29.24 -4.65
N GLU C 344 11.34 30.49 -4.62
CA GLU C 344 11.26 31.18 -3.33
C GLU C 344 9.96 30.80 -2.63
N VAL C 345 10.09 30.13 -1.48
CA VAL C 345 8.93 29.94 -0.61
C VAL C 345 8.49 31.26 -0.02
N LYS C 346 9.44 32.00 0.51
CA LYS C 346 9.25 33.28 1.20
C LYS C 346 10.65 33.83 1.42
N PRO C 347 10.82 35.10 1.81
CA PRO C 347 12.17 35.64 1.96
C PRO C 347 13.05 34.74 2.81
N GLN C 348 14.27 34.50 2.32
CA GLN C 348 15.30 33.68 2.98
C GLN C 348 14.90 32.21 3.09
N VAL C 349 13.97 31.74 2.26
CA VAL C 349 13.63 30.33 2.19
C VAL C 349 13.45 29.97 0.72
N HIS C 350 14.30 29.08 0.19
CA HIS C 350 14.27 28.67 -1.21
C HIS C 350 14.23 27.15 -1.31
N LYS C 351 13.33 26.65 -2.15
CA LYS C 351 13.38 25.27 -2.60
C LYS C 351 14.32 25.20 -3.80
N ILE C 352 15.28 24.30 -3.75
CA ILE C 352 16.27 24.17 -4.82
C ILE C 352 16.00 22.83 -5.50
N HIS C 353 15.47 22.90 -6.72
CA HIS C 353 14.96 21.73 -7.43
C HIS C 353 16.10 21.07 -8.19
N ARG C 354 16.46 19.86 -7.79
CA ARG C 354 17.58 19.16 -8.40
C ARG C 354 17.23 18.51 -9.73
N THR C 355 16.07 18.84 -10.30
CA THR C 355 15.64 18.27 -11.57
C THR C 355 16.12 19.06 -12.79
N GLY C 356 16.74 20.21 -12.59
CA GLY C 356 17.18 21.00 -13.73
C GLY C 356 17.38 22.44 -13.34
N LYS C 357 17.99 23.19 -14.28
CA LYS C 357 18.38 24.57 -14.04
C LYS C 357 17.29 25.57 -14.43
N ASP C 358 16.51 25.28 -15.46
CA ASP C 358 15.52 26.19 -16.00
C ASP C 358 14.13 25.59 -15.84
N GLY C 359 13.30 26.24 -15.03
CA GLY C 359 11.97 25.75 -14.77
C GLY C 359 11.93 24.64 -13.73
N PHE C 360 10.77 24.49 -13.12
CA PHE C 360 10.56 23.45 -12.12
C PHE C 360 9.07 23.16 -12.05
N ASP C 361 8.74 21.89 -11.82
CA ASP C 361 7.37 21.54 -11.52
C ASP C 361 7.04 22.03 -10.11
N ALA C 362 5.92 22.76 -9.99
CA ALA C 362 5.54 23.28 -8.68
C ALA C 362 5.33 22.16 -7.66
N HIS C 363 5.03 20.95 -8.12
CA HIS C 363 4.82 19.82 -7.24
C HIS C 363 5.95 18.80 -7.31
N ASN C 364 7.13 19.21 -7.78
CA ASN C 364 8.31 18.37 -7.73
C ASN C 364 8.66 18.02 -6.29
N ASP C 365 9.04 16.76 -6.06
CA ASP C 365 9.43 16.30 -4.74
C ASP C 365 10.94 16.23 -4.54
N ASP C 366 11.72 16.32 -5.62
CA ASP C 366 13.18 16.25 -5.51
C ASP C 366 13.74 17.67 -5.42
N TYR C 367 13.65 18.24 -4.23
CA TYR C 367 14.17 19.57 -3.95
C TYR C 367 14.80 19.60 -2.56
N LEU C 368 15.75 20.52 -2.37
CA LEU C 368 16.25 20.82 -1.04
C LEU C 368 15.70 22.18 -0.61
N ILE C 369 15.63 22.40 0.70
CA ILE C 369 15.25 23.70 1.23
C ILE C 369 16.51 24.36 1.78
N LEU C 370 16.92 25.45 1.13
CA LEU C 370 18.05 26.25 1.58
C LEU C 370 17.51 27.44 2.37
N LEU C 371 18.08 27.69 3.56
CA LEU C 371 17.74 28.84 4.37
C LEU C 371 18.76 29.95 4.18
N ALA C 372 18.29 31.20 4.16
CA ALA C 372 19.14 32.39 4.11
C ALA C 372 20.15 32.38 2.96
N GLU C 373 19.85 31.64 1.88
CA GLU C 373 20.77 31.54 0.74
C GLU C 373 22.18 31.17 1.19
N GLY C 374 22.30 30.39 2.29
CA GLY C 374 23.59 29.99 2.82
C GLY C 374 24.23 30.95 3.80
N ARG C 375 23.66 32.14 4.01
CA ARG C 375 24.20 33.08 4.98
C ARG C 375 23.82 32.64 6.39
N LEU C 376 24.48 33.26 7.40
CA LEU C 376 24.26 32.91 8.80
C LEU C 376 22.77 32.75 9.10
N VAL C 377 22.34 31.52 9.40
CA VAL C 377 20.91 31.21 9.40
C VAL C 377 20.22 31.79 10.63
N ASN C 378 20.92 31.84 11.76
CA ASN C 378 20.27 32.33 12.98
C ASN C 378 19.92 33.80 12.87
N LEU C 379 20.77 34.59 12.23
CA LEU C 379 20.43 35.98 11.97
C LEU C 379 19.59 36.15 10.71
N GLY C 380 19.79 35.30 9.71
CA GLY C 380 19.05 35.47 8.46
C GLY C 380 17.58 35.09 8.60
N ASN C 381 17.29 33.99 9.30
CA ASN C 381 15.91 33.51 9.39
C ASN C 381 15.25 33.73 10.75
N ALA C 382 15.99 34.23 11.74
CA ALA C 382 15.41 34.63 13.01
C ALA C 382 16.10 35.92 13.45
N THR C 383 16.44 36.07 14.74
CA THR C 383 17.00 37.33 15.22
C THR C 383 18.37 37.16 15.86
N GLY C 384 19.09 36.10 15.51
CA GLY C 384 20.38 35.89 16.13
C GLY C 384 20.26 35.53 17.61
N HIS C 385 21.35 35.79 18.33
CA HIS C 385 21.40 35.46 19.74
C HIS C 385 20.51 36.40 20.54
N PRO C 386 20.03 35.93 21.70
CA PRO C 386 19.16 36.78 22.53
C PRO C 386 19.96 37.80 23.32
N SER C 387 19.26 38.88 23.68
CA SER C 387 19.87 40.01 24.39
C SER C 387 20.75 39.57 25.55
N ARG C 388 20.23 38.67 26.41
CA ARG C 388 20.96 38.35 27.64
C ARG C 388 22.25 37.59 27.37
N ILE C 389 22.36 36.92 26.22
CA ILE C 389 23.63 36.32 25.80
C ILE C 389 24.56 37.36 25.17
N MET C 390 24.04 38.19 24.24
CA MET C 390 24.87 39.20 23.62
C MET C 390 25.38 40.25 24.62
N ASP C 391 24.68 40.42 25.74
CA ASP C 391 25.19 41.18 26.88
C ASP C 391 26.67 40.89 27.15
N GLY C 392 27.04 39.62 27.23
CA GLY C 392 28.41 39.28 27.55
C GLY C 392 29.38 39.70 26.46
N SER C 393 29.05 39.39 25.20
CA SER C 393 29.92 39.76 24.10
C SER C 393 30.10 41.27 24.03
N PHE C 394 29.01 42.00 24.21
CA PHE C 394 29.05 43.43 23.99
C PHE C 394 29.62 44.19 25.17
N ALA C 395 29.51 43.65 26.40
CA ALA C 395 30.28 44.24 27.49
C ALA C 395 31.79 44.10 27.24
N ASN C 396 32.21 42.93 26.73
CA ASN C 396 33.61 42.78 26.31
C ASN C 396 33.98 43.79 25.24
N GLN C 397 33.09 44.02 24.26
CA GLN C 397 33.35 45.03 23.24
C GLN C 397 33.58 46.41 23.85
N VAL C 398 32.70 46.82 24.79
CA VAL C 398 32.84 48.15 25.37
C VAL C 398 34.16 48.27 26.13
N LEU C 399 34.47 47.26 26.95
CA LEU C 399 35.75 47.25 27.65
C LEU C 399 36.93 47.27 26.69
N ALA C 400 36.80 46.55 25.57
CA ALA C 400 37.88 46.51 24.59
C ALA C 400 38.08 47.88 23.94
N GLN C 401 36.99 48.52 23.52
CA GLN C 401 37.09 49.87 22.95
C GLN C 401 37.72 50.85 23.93
N ILE C 402 37.28 50.80 25.19
CA ILE C 402 37.88 51.66 26.22
C ILE C 402 39.38 51.42 26.31
N HIS C 403 39.80 50.15 26.41
CA HIS C 403 41.22 49.86 26.60
C HIS C 403 42.07 50.37 25.43
N LEU C 404 41.67 50.05 24.20
CA LEU C 404 42.48 50.44 23.04
C LEU C 404 42.44 51.95 22.78
N PHE C 405 41.28 52.58 23.00
CA PHE C 405 41.20 54.02 22.79
C PHE C 405 42.09 54.78 23.78
N GLU C 406 42.11 54.33 25.04
CA GLU C 406 42.94 55.00 26.05
C GLU C 406 44.42 54.70 25.85
N GLN C 407 44.75 53.58 25.22
CA GLN C 407 46.15 53.28 24.95
C GLN C 407 46.73 54.23 23.91
N LYS C 408 45.90 54.70 22.98
CA LYS C 408 46.31 55.71 21.99
C LYS C 408 47.50 55.23 21.16
N TYR C 409 47.36 54.03 20.59
CA TYR C 409 48.46 53.45 19.82
C TYR C 409 49.01 54.40 18.76
N ALA C 410 48.11 55.03 17.98
CA ALA C 410 48.54 55.82 16.84
C ALA C 410 49.39 57.03 17.25
N ASP C 411 49.36 57.40 18.53
CA ASP C 411 50.13 58.52 19.04
C ASP C 411 51.43 58.12 19.72
N LEU C 412 51.73 56.84 19.79
CA LEU C 412 52.88 56.33 20.52
C LEU C 412 54.14 56.39 19.69
N PRO C 413 55.30 56.46 20.35
CA PRO C 413 56.57 56.40 19.61
C PRO C 413 56.75 55.04 18.93
N ALA C 414 57.62 55.03 17.92
CA ALA C 414 57.84 53.83 17.12
C ALA C 414 58.19 52.62 17.99
N ALA C 415 59.11 52.81 18.94
CA ALA C 415 59.51 51.70 19.81
C ALA C 415 58.34 51.19 20.63
N GLU C 416 57.44 52.08 21.05
CA GLU C 416 56.27 51.64 21.79
C GLU C 416 55.26 50.95 20.88
N LYS C 417 55.07 51.48 19.67
CA LYS C 417 54.19 50.85 18.69
C LYS C 417 54.57 49.39 18.47
N ALA C 418 55.86 49.13 18.28
CA ALA C 418 56.33 47.77 18.02
C ALA C 418 56.03 46.83 19.18
N LYS C 419 56.11 47.33 20.42
CA LYS C 419 55.81 46.48 21.57
C LYS C 419 54.31 46.22 21.73
N ARG C 420 53.46 47.11 21.22
CA ARG C 420 52.03 47.00 21.43
C ARG C 420 51.25 46.57 20.20
N LEU C 421 51.91 46.41 19.06
CA LEU C 421 51.25 45.91 17.86
C LEU C 421 51.01 44.41 18.00
N SER C 422 49.84 44.04 18.51
CA SER C 422 49.58 42.64 18.81
C SER C 422 48.08 42.37 18.74
N VAL C 423 47.72 41.10 18.83
CA VAL C 423 46.33 40.68 18.92
C VAL C 423 46.18 40.02 20.29
N GLU C 424 45.45 40.68 21.20
CA GLU C 424 45.39 40.27 22.59
C GLU C 424 43.95 40.09 23.04
N VAL C 425 43.77 39.36 24.14
CA VAL C 425 42.48 39.23 24.78
C VAL C 425 42.45 40.16 25.99
N LEU C 426 41.25 40.42 26.48
CA LEU C 426 41.10 41.20 27.69
C LEU C 426 41.61 40.41 28.90
N PRO C 427 42.11 41.11 29.93
CA PRO C 427 42.53 40.42 31.15
C PRO C 427 41.41 39.59 31.76
N LYS C 428 41.80 38.49 32.40
CA LYS C 428 40.82 37.58 33.01
C LYS C 428 39.97 38.29 34.06
N LYS C 429 40.56 39.26 34.78
CA LYS C 429 39.79 39.98 35.77
C LYS C 429 38.54 40.62 35.13
N LEU C 430 38.68 41.20 33.93
CA LEU C 430 37.52 41.85 33.31
C LEU C 430 36.51 40.82 32.82
N ASP C 431 37.00 39.71 32.25
CA ASP C 431 36.15 38.59 31.87
C ASP C 431 35.30 38.12 33.05
N GLU C 432 35.90 37.97 34.24
CA GLU C 432 35.14 37.56 35.41
C GLU C 432 34.11 38.61 35.80
N GLU C 433 34.50 39.89 35.73
CA GLU C 433 33.60 40.97 36.14
C GLU C 433 32.36 41.05 35.24
N VAL C 434 32.55 40.82 33.93
CA VAL C 434 31.41 40.67 33.03
C VAL C 434 30.56 39.48 33.45
N ALA C 435 31.21 38.35 33.71
CA ALA C 435 30.49 37.14 34.10
C ALA C 435 29.66 37.36 35.36
N LEU C 436 30.22 38.07 36.35
CA LEU C 436 29.50 38.31 37.60
C LEU C 436 28.20 39.08 37.34
N GLU C 437 28.25 40.06 36.42
CA GLU C 437 27.02 40.81 36.14
C GLU C 437 26.00 39.95 35.40
N MET C 438 26.46 39.05 34.51
CA MET C 438 25.53 38.14 33.86
C MET C 438 24.86 37.23 34.88
N VAL C 439 25.66 36.66 35.81
CA VAL C 439 25.11 35.76 36.83
C VAL C 439 24.05 36.47 37.66
N LYS C 440 24.38 37.68 38.13
CA LYS C 440 23.41 38.44 38.91
C LYS C 440 22.15 38.71 38.11
N GLY C 441 22.27 38.83 36.79
CA GLY C 441 21.11 38.99 35.94
C GLY C 441 20.17 37.81 36.03
N PHE C 442 20.71 36.61 36.27
CA PHE C 442 19.86 35.45 36.44
C PHE C 442 19.34 35.32 37.86
N GLY C 443 19.73 36.21 38.77
CA GLY C 443 19.47 35.96 40.17
C GLY C 443 20.47 35.03 40.84
N GLY C 444 21.55 34.65 40.15
CA GLY C 444 22.54 33.79 40.78
C GLY C 444 23.30 34.50 41.87
N VAL C 445 23.78 33.73 42.86
CA VAL C 445 24.54 34.28 43.98
C VAL C 445 25.90 33.60 44.00
N VAL C 446 26.95 34.38 43.75
CA VAL C 446 28.32 33.85 43.73
C VAL C 446 28.85 33.89 45.16
N THR C 447 29.49 32.80 45.57
CA THR C 447 30.03 32.71 46.92
C THR C 447 31.37 33.44 46.99
N GLN C 448 31.63 34.08 48.13
CA GLN C 448 32.92 34.72 48.38
C GLN C 448 33.81 33.76 49.17
N LEU C 449 35.03 33.54 48.66
CA LEU C 449 36.05 32.81 49.40
C LEU C 449 36.36 33.50 50.73
N THR C 450 36.66 32.69 51.76
CA THR C 450 37.29 33.23 52.95
C THR C 450 38.76 33.49 52.67
N PRO C 451 39.40 34.34 53.47
CA PRO C 451 40.86 34.52 53.30
C PRO C 451 41.62 33.20 53.31
N LYS C 452 41.27 32.28 54.22
CA LYS C 452 41.98 31.01 54.27
C LYS C 452 41.74 30.18 53.01
N GLN C 453 40.51 30.16 52.50
CA GLN C 453 40.22 29.38 51.30
C GLN C 453 40.97 29.95 50.09
N ALA C 454 40.96 31.28 49.92
CA ALA C 454 41.71 31.90 48.83
C ALA C 454 43.19 31.56 48.93
N GLU C 455 43.74 31.60 50.13
CA GLU C 455 45.14 31.26 50.33
C GLU C 455 45.40 29.80 50.00
N TYR C 456 44.43 28.93 50.31
CA TYR C 456 44.62 27.50 50.08
C TYR C 456 44.76 27.17 48.60
N ILE C 457 43.99 27.81 47.73
CA ILE C 457 44.09 27.56 46.29
C ILE C 457 44.95 28.59 45.58
N GLY C 458 45.53 29.55 46.31
CA GLY C 458 46.46 30.50 45.74
C GLY C 458 45.88 31.61 44.89
N VAL C 459 44.77 32.22 45.33
CA VAL C 459 44.13 33.30 44.58
C VAL C 459 43.79 34.43 45.54
N SER C 460 43.59 35.62 44.98
CA SER C 460 42.98 36.69 45.76
C SER C 460 41.49 36.41 45.93
N VAL C 461 40.93 36.92 47.03
CA VAL C 461 39.49 36.79 47.24
C VAL C 461 38.72 37.50 46.14
N GLU C 462 39.33 38.51 45.53
CA GLU C 462 38.73 39.27 44.45
C GLU C 462 38.92 38.63 43.09
N GLY C 463 39.71 37.56 42.99
CA GLY C 463 40.07 37.01 41.71
C GLY C 463 41.30 37.72 41.17
N PRO C 464 41.82 37.28 39.99
CA PRO C 464 41.29 36.19 39.16
C PRO C 464 41.38 34.83 39.87
N PHE C 465 40.48 33.93 39.51
CA PHE C 465 40.35 32.65 40.20
C PHE C 465 41.03 31.50 39.47
N LYS C 466 41.43 31.69 38.22
CA LYS C 466 42.01 30.63 37.41
C LYS C 466 43.29 31.12 36.76
N PRO C 467 44.25 30.24 36.55
CA PRO C 467 45.40 30.60 35.71
C PRO C 467 44.92 30.85 34.29
N ASP C 468 45.71 31.65 33.56
CA ASP C 468 45.39 31.97 32.17
C ASP C 468 45.34 30.75 31.27
N THR C 469 45.95 29.64 31.69
CA THR C 469 45.89 28.39 30.94
C THR C 469 44.52 27.71 31.00
N TYR C 470 43.63 28.15 31.89
CA TYR C 470 42.42 27.39 32.20
C TYR C 470 41.44 27.42 31.04
N ARG C 471 40.85 26.26 30.73
CA ARG C 471 39.98 26.11 29.57
C ARG C 471 38.49 26.16 29.92
N TYR C 472 38.11 26.10 31.19
CA TYR C 472 36.69 26.11 31.58
C TYR C 472 35.91 25.00 30.86
N PRO D 10 -11.72 30.81 -8.30
CA PRO D 10 -12.36 30.89 -9.62
C PRO D 10 -13.14 32.18 -9.87
N ALA D 11 -13.85 32.22 -11.00
CA ALA D 11 -14.57 33.43 -11.42
C ALA D 11 -15.89 33.54 -10.69
N GLY D 12 -16.15 34.73 -10.12
CA GLY D 12 -17.38 35.01 -9.42
C GLY D 12 -17.44 34.58 -7.97
N PHE D 13 -16.46 33.82 -7.48
CA PHE D 13 -16.50 33.32 -6.11
C PHE D 13 -16.13 34.43 -5.14
N THR D 14 -17.10 34.86 -4.32
CA THR D 14 -16.88 35.86 -3.28
C THR D 14 -17.32 35.37 -1.91
N ASP D 15 -17.56 34.07 -1.74
CA ASP D 15 -18.16 33.53 -0.51
C ASP D 15 -17.06 33.19 0.50
N TYR D 16 -16.39 34.23 0.98
CA TYR D 16 -15.30 34.11 1.94
C TYR D 16 -15.01 35.48 2.55
N LYS D 17 -14.17 35.47 3.58
CA LYS D 17 -13.65 36.71 4.16
C LYS D 17 -12.29 36.41 4.76
N VAL D 18 -11.21 36.91 4.13
CA VAL D 18 -9.84 36.67 4.57
C VAL D 18 -9.11 38.01 4.57
N ALA D 19 -7.93 38.05 5.19
CA ALA D 19 -7.25 39.34 5.36
C ALA D 19 -6.76 39.89 4.03
N ASP D 20 -6.31 39.01 3.14
CA ASP D 20 -5.58 39.46 1.96
C ASP D 20 -5.47 38.28 0.98
N ILE D 21 -6.31 38.29 -0.05
CA ILE D 21 -6.38 37.17 -0.99
C ILE D 21 -5.08 37.01 -1.77
N THR D 22 -4.29 38.08 -1.91
CA THR D 22 -3.05 37.99 -2.68
C THR D 22 -1.99 37.14 -2.01
N LEU D 23 -2.19 36.76 -0.75
CA LEU D 23 -1.30 35.82 -0.07
C LEU D 23 -1.49 34.37 -0.51
N ALA D 24 -2.39 34.10 -1.46
CA ALA D 24 -2.76 32.71 -1.74
C ALA D 24 -1.62 31.93 -2.37
N ALA D 25 -0.87 32.53 -3.29
CA ALA D 25 0.26 31.85 -3.90
C ALA D 25 1.24 31.35 -2.84
N TRP D 26 1.61 32.24 -1.91
CA TRP D 26 2.47 31.86 -0.81
C TRP D 26 1.85 30.73 0.00
N GLY D 27 0.57 30.84 0.34
CA GLY D 27 -0.09 29.78 1.09
C GLY D 27 -0.04 28.44 0.37
N ARG D 28 -0.22 28.46 -0.95
CA ARG D 28 -0.14 27.24 -1.74
C ARG D 28 1.25 26.61 -1.66
N ARG D 29 2.30 27.42 -1.77
CA ARG D 29 3.66 26.90 -1.64
C ARG D 29 3.85 26.20 -0.30
N GLU D 30 3.33 26.78 0.79
CA GLU D 30 3.49 26.12 2.08
C GLU D 30 2.57 24.91 2.23
N LEU D 31 1.39 24.93 1.60
CA LEU D 31 0.55 23.74 1.61
C LEU D 31 1.23 22.58 0.90
N ILE D 32 1.95 22.87 -0.19
CA ILE D 32 2.64 21.83 -0.94
C ILE D 32 3.78 21.24 -0.11
N ILE D 33 4.49 22.08 0.64
CA ILE D 33 5.46 21.56 1.58
C ILE D 33 4.77 20.75 2.69
N ALA D 34 3.67 21.29 3.24
CA ALA D 34 3.00 20.61 4.34
C ALA D 34 2.53 19.22 3.94
N GLU D 35 2.07 19.04 2.70
CA GLU D 35 1.66 17.72 2.24
C GLU D 35 2.81 16.72 2.35
N SER D 36 4.05 17.16 2.07
CA SER D 36 5.20 16.27 2.18
C SER D 36 5.51 15.90 3.63
N GLU D 37 4.96 16.64 4.59
CA GLU D 37 5.18 16.43 6.01
C GLU D 37 4.03 15.70 6.69
N MET D 38 2.97 15.37 5.98
CA MET D 38 1.77 14.79 6.58
C MET D 38 1.42 13.46 5.92
N PRO D 39 2.23 12.42 6.15
CA PRO D 39 2.03 11.15 5.42
C PRO D 39 0.76 10.42 5.78
N ALA D 40 0.37 10.40 7.07
CA ALA D 40 -0.86 9.72 7.44
C ALA D 40 -2.06 10.38 6.78
N LEU D 41 -2.13 11.72 6.83
CA LEU D 41 -3.26 12.42 6.25
C LEU D 41 -3.30 12.28 4.73
N MET D 42 -2.15 12.48 4.08
N MET D 42 -2.16 12.46 4.06
CA MET D 42 -2.07 12.31 2.63
CA MET D 42 -2.14 12.33 2.61
C MET D 42 -2.39 10.88 2.21
C MET D 42 -2.35 10.88 2.18
N GLY D 43 -1.89 9.91 2.98
CA GLY D 43 -2.21 8.52 2.68
C GLY D 43 -3.69 8.25 2.67
N LEU D 44 -4.43 8.89 3.60
CA LEU D 44 -5.89 8.78 3.60
C LEU D 44 -6.50 9.48 2.39
N ARG D 45 -5.97 10.66 2.04
CA ARG D 45 -6.45 11.33 0.84
C ARG D 45 -6.27 10.43 -0.38
N ARG D 46 -5.09 9.82 -0.52
CA ARG D 46 -4.85 8.91 -1.65
C ARG D 46 -5.64 7.62 -1.51
N LYS D 47 -5.78 7.09 -0.28
CA LYS D 47 -6.48 5.82 -0.10
C LYS D 47 -7.94 5.94 -0.51
N TYR D 48 -8.61 7.00 -0.06
CA TYR D 48 -10.05 7.15 -0.20
C TYR D 48 -10.48 7.99 -1.41
N ALA D 49 -9.53 8.48 -2.22
CA ALA D 49 -9.88 9.36 -3.31
C ALA D 49 -10.81 8.66 -4.31
N GLY D 50 -10.55 7.40 -4.61
CA GLY D 50 -11.39 6.68 -5.56
C GLY D 50 -12.80 6.44 -5.06
N GLN D 51 -12.95 6.11 -3.77
CA GLN D 51 -14.27 5.80 -3.24
C GLN D 51 -15.14 7.03 -3.02
N GLN D 52 -14.53 8.19 -2.71
CA GLN D 52 -15.25 9.40 -2.35
C GLN D 52 -16.18 9.15 -1.17
N PRO D 53 -15.64 8.74 0.00
CA PRO D 53 -16.51 8.37 1.11
C PRO D 53 -17.29 9.53 1.73
N LEU D 54 -16.93 10.78 1.41
CA LEU D 54 -17.63 11.94 1.94
C LEU D 54 -18.49 12.64 0.88
N LYS D 55 -18.74 11.98 -0.25
CA LYS D 55 -19.64 12.57 -1.24
C LYS D 55 -21.00 12.79 -0.62
N GLY D 56 -21.49 14.03 -0.70
CA GLY D 56 -22.73 14.40 -0.05
C GLY D 56 -22.56 14.97 1.35
N ALA D 57 -21.36 14.88 1.93
CA ALA D 57 -21.11 15.50 3.23
C ALA D 57 -21.04 17.02 3.08
N LYS D 58 -21.67 17.72 4.02
CA LYS D 58 -21.68 19.17 4.05
C LYS D 58 -21.26 19.56 5.46
N ILE D 59 -20.01 19.99 5.61
CA ILE D 59 -19.33 20.02 6.89
C ILE D 59 -19.14 21.46 7.36
N LEU D 60 -19.72 21.78 8.51
N LEU D 60 -19.71 21.78 8.52
CA LEU D 60 -19.37 23.00 9.24
CA LEU D 60 -19.39 23.03 9.22
C LEU D 60 -18.07 22.76 9.99
C LEU D 60 -18.12 22.80 10.04
N GLY D 61 -17.03 23.53 9.68
N GLY D 61 -17.06 23.52 9.70
CA GLY D 61 -15.74 23.35 10.31
CA GLY D 61 -15.77 23.34 10.34
C GLY D 61 -15.25 24.58 11.06
C GLY D 61 -15.35 24.61 11.10
N CYS D 62 -14.86 24.40 12.32
CA CYS D 62 -14.40 25.49 13.18
C CYS D 62 -13.11 25.06 13.85
N ILE D 63 -11.98 25.44 13.25
CA ILE D 63 -10.67 25.10 13.85
C ILE D 63 -9.62 26.04 13.26
N HIS D 64 -8.65 26.41 14.10
CA HIS D 64 -7.50 27.24 13.76
C HIS D 64 -7.11 27.12 12.29
N MET D 65 -7.27 28.21 11.54
CA MET D 65 -7.12 28.19 10.09
C MET D 65 -5.64 28.38 9.73
N THR D 66 -4.87 27.33 10.05
CA THR D 66 -3.44 27.21 9.77
C THR D 66 -3.22 26.50 8.45
N ILE D 67 -1.94 26.50 8.01
CA ILE D 67 -1.53 25.66 6.89
C ILE D 67 -1.93 24.20 7.11
N GLN D 68 -1.77 23.71 8.34
CA GLN D 68 -2.09 22.31 8.64
C GLN D 68 -3.58 22.05 8.46
N THR D 69 -4.42 22.99 8.91
CA THR D 69 -5.86 22.86 8.68
C THR D 69 -6.18 22.93 7.19
N GLY D 70 -5.39 23.69 6.42
CA GLY D 70 -5.57 23.70 4.98
C GLY D 70 -5.44 22.32 4.36
N VAL D 71 -4.45 21.54 4.80
CA VAL D 71 -4.26 20.19 4.27
C VAL D 71 -5.46 19.31 4.68
N LEU D 72 -5.97 19.50 5.89
CA LEU D 72 -7.14 18.74 6.34
C LEU D 72 -8.37 19.10 5.53
N ILE D 73 -8.60 20.41 5.34
CA ILE D 73 -9.76 20.88 4.57
C ILE D 73 -9.73 20.32 3.17
N GLU D 74 -8.58 20.41 2.50
CA GLU D 74 -8.49 19.95 1.12
C GLU D 74 -8.55 18.42 1.03
N THR D 75 -8.15 17.71 2.07
CA THR D 75 -8.35 16.26 2.09
C THR D 75 -9.84 15.92 2.14
N LEU D 76 -10.59 16.58 3.02
CA LEU D 76 -12.03 16.36 3.10
C LEU D 76 -12.72 16.64 1.76
N VAL D 77 -12.36 17.75 1.12
CA VAL D 77 -12.92 18.09 -0.18
C VAL D 77 -12.54 17.04 -1.21
N ALA D 78 -11.27 16.59 -1.19
CA ALA D 78 -10.82 15.56 -2.11
C ALA D 78 -11.57 14.26 -1.93
N LEU D 79 -12.12 14.02 -0.74
CA LEU D 79 -12.89 12.82 -0.48
C LEU D 79 -14.38 13.01 -0.73
N GLY D 80 -14.79 14.17 -1.25
CA GLY D 80 -16.17 14.39 -1.68
C GLY D 80 -16.93 15.47 -0.93
N ALA D 81 -16.43 15.94 0.22
CA ALA D 81 -17.19 16.87 1.04
C ALA D 81 -17.25 18.27 0.43
N GLU D 82 -18.31 19.00 0.78
CA GLU D 82 -18.31 20.46 0.79
C GLU D 82 -18.13 20.92 2.23
N VAL D 83 -17.44 22.05 2.41
CA VAL D 83 -17.16 22.59 3.73
C VAL D 83 -17.38 24.10 3.70
N ARG D 84 -17.71 24.65 4.87
CA ARG D 84 -17.71 26.08 5.14
C ARG D 84 -16.98 26.26 6.47
N TRP D 85 -15.95 27.11 6.49
CA TRP D 85 -14.91 27.04 7.51
C TRP D 85 -14.71 28.36 8.27
N SER D 86 -14.35 28.24 9.54
CA SER D 86 -13.93 29.39 10.33
C SER D 86 -12.85 28.93 11.30
N SER D 87 -12.14 29.90 11.87
CA SER D 87 -11.15 29.62 12.90
C SER D 87 -11.82 29.51 14.26
N CYS D 88 -11.23 28.71 15.14
CA CYS D 88 -11.74 28.63 16.50
C CYS D 88 -11.00 29.53 17.48
N ASN D 89 -10.18 30.46 16.98
CA ASN D 89 -9.52 31.43 17.86
C ASN D 89 -9.23 32.70 17.05
N ILE D 90 -9.35 33.85 17.72
CA ILE D 90 -9.18 35.13 17.04
C ILE D 90 -7.75 35.38 16.55
N PHE D 91 -6.74 34.70 17.11
CA PHE D 91 -5.34 35.00 16.75
C PHE D 91 -4.63 33.85 16.05
N SER D 92 -5.30 32.71 15.82
CA SER D 92 -4.62 31.50 15.37
C SER D 92 -4.53 31.36 13.86
N THR D 93 -5.34 32.11 13.11
CA THR D 93 -5.30 32.01 11.65
C THR D 93 -3.95 32.43 11.10
N GLN D 94 -3.47 31.68 10.11
CA GLN D 94 -2.38 32.08 9.24
C GLN D 94 -2.98 32.65 7.97
N ASP D 95 -2.78 33.95 7.73
CA ASP D 95 -3.52 34.60 6.66
C ASP D 95 -3.22 34.00 5.29
N GLN D 96 -2.01 33.49 5.08
CA GLN D 96 -1.73 32.86 3.79
C GLN D 96 -2.44 31.52 3.63
N ALA D 97 -2.65 30.78 4.72
CA ALA D 97 -3.44 29.54 4.63
C ALA D 97 -4.88 29.86 4.27
N ALA D 98 -5.48 30.84 4.97
CA ALA D 98 -6.86 31.24 4.69
C ALA D 98 -7.00 31.71 3.25
N ALA D 99 -6.02 32.48 2.77
CA ALA D 99 -6.05 32.98 1.40
C ALA D 99 -6.01 31.83 0.39
N ALA D 100 -5.13 30.86 0.60
CA ALA D 100 -5.05 29.74 -0.33
C ALA D 100 -6.36 28.96 -0.38
N ILE D 101 -7.01 28.78 0.78
CA ILE D 101 -8.25 28.02 0.82
C ILE D 101 -9.37 28.75 0.09
N ALA D 102 -9.48 30.08 0.30
CA ALA D 102 -10.49 30.86 -0.41
C ALA D 102 -10.21 30.90 -1.92
N ALA D 103 -8.94 31.09 -2.30
CA ALA D 103 -8.60 31.10 -3.72
C ALA D 103 -8.93 29.78 -4.39
N ALA D 104 -9.02 28.69 -3.63
CA ALA D 104 -9.42 27.40 -4.16
C ALA D 104 -10.93 27.29 -4.32
N GLY D 105 -11.69 28.36 -4.08
CA GLY D 105 -13.14 28.31 -4.13
C GLY D 105 -13.82 27.67 -2.94
N ILE D 106 -13.17 27.66 -1.78
CA ILE D 106 -13.70 27.07 -0.55
C ILE D 106 -14.12 28.20 0.37
N PRO D 107 -15.35 28.20 0.90
CA PRO D 107 -15.78 29.28 1.80
C PRO D 107 -15.04 29.20 3.13
N VAL D 108 -14.31 30.26 3.47
CA VAL D 108 -13.61 30.35 4.74
C VAL D 108 -13.71 31.80 5.22
N PHE D 109 -14.00 31.97 6.51
CA PHE D 109 -14.10 33.29 7.13
C PHE D 109 -13.13 33.29 8.31
N ALA D 110 -11.95 33.88 8.13
CA ALA D 110 -10.90 33.76 9.12
C ALA D 110 -9.77 34.72 8.81
N TRP D 111 -9.23 35.36 9.83
CA TRP D 111 -8.03 36.19 9.69
C TRP D 111 -7.39 36.35 11.06
N LYS D 112 -6.11 36.66 11.06
CA LYS D 112 -5.38 36.81 12.31
C LYS D 112 -5.73 38.16 12.94
N GLY D 113 -6.16 38.14 14.20
CA GLY D 113 -6.47 39.38 14.87
C GLY D 113 -7.92 39.81 14.77
N GLU D 114 -8.84 38.85 14.78
CA GLU D 114 -10.27 39.17 14.82
C GLU D 114 -10.64 39.84 16.15
N THR D 115 -11.65 40.69 16.12
CA THR D 115 -12.32 41.06 17.35
C THR D 115 -13.25 39.92 17.78
N GLU D 116 -13.77 40.01 19.01
CA GLU D 116 -14.74 39.00 19.44
C GLU D 116 -16.00 39.03 18.58
N GLU D 117 -16.39 40.22 18.13
CA GLU D 117 -17.55 40.34 17.25
C GLU D 117 -17.27 39.68 15.91
N GLU D 118 -16.11 39.97 15.32
CA GLU D 118 -15.76 39.39 14.04
C GLU D 118 -15.68 37.86 14.14
N TYR D 119 -15.16 37.35 15.24
CA TYR D 119 -15.10 35.91 15.46
C TYR D 119 -16.49 35.28 15.37
N GLU D 120 -17.46 35.82 16.11
CA GLU D 120 -18.82 35.27 16.08
C GLU D 120 -19.45 35.43 14.71
N TRP D 121 -19.18 36.56 14.04
CA TRP D 121 -19.63 36.75 12.67
C TRP D 121 -19.11 35.65 11.74
N CYS D 122 -17.85 35.23 11.93
CA CYS D 122 -17.24 34.26 11.03
C CYS D 122 -17.90 32.87 11.18
N ILE D 123 -18.18 32.45 12.40
CA ILE D 123 -18.88 31.19 12.61
C ILE D 123 -20.28 31.24 11.99
N GLU D 124 -20.96 32.38 12.14
CA GLU D 124 -22.31 32.51 11.58
C GLU D 124 -22.29 32.52 10.06
N GLN D 125 -21.20 33.02 9.46
CA GLN D 125 -21.08 32.98 8.00
C GLN D 125 -20.89 31.56 7.49
N THR D 126 -20.36 30.66 8.30
CA THR D 126 -20.33 29.26 7.88
C THR D 126 -21.70 28.61 8.06
N ILE D 127 -22.41 28.96 9.14
CA ILE D 127 -23.73 28.39 9.44
C ILE D 127 -24.76 28.81 8.39
N LEU D 128 -24.69 30.06 7.93
CA LEU D 128 -25.68 30.62 7.03
C LEU D 128 -25.09 30.73 5.63
N LYS D 129 -25.92 30.43 4.63
CA LYS D 129 -25.55 30.59 3.23
C LYS D 129 -26.68 31.31 2.53
N ASP D 130 -26.39 32.49 1.98
CA ASP D 130 -27.40 33.32 1.34
C ASP D 130 -28.53 33.64 2.31
N GLY D 131 -28.17 33.91 3.57
CA GLY D 131 -29.11 34.37 4.57
C GLY D 131 -29.98 33.31 5.20
N GLN D 132 -29.80 32.04 4.85
CA GLN D 132 -30.57 30.95 5.42
C GLN D 132 -29.62 29.89 5.94
N PRO D 133 -30.06 29.08 6.92
CA PRO D 133 -29.23 27.96 7.37
C PRO D 133 -28.79 27.12 6.19
N TRP D 134 -27.48 26.86 6.11
CA TRP D 134 -26.96 25.92 5.14
C TRP D 134 -27.49 24.53 5.46
N ASP D 135 -27.63 23.69 4.43
CA ASP D 135 -28.08 22.31 4.66
C ASP D 135 -26.92 21.44 5.13
N ALA D 136 -26.20 21.86 6.16
CA ALA D 136 -25.07 21.08 6.67
C ALA D 136 -25.52 19.76 7.26
N ASN D 137 -24.62 18.78 7.26
CA ASN D 137 -24.92 17.49 7.88
C ASN D 137 -23.74 16.92 8.66
N MET D 138 -22.65 17.66 8.80
CA MET D 138 -21.51 17.22 9.60
C MET D 138 -20.91 18.44 10.29
N VAL D 139 -20.28 18.22 11.43
CA VAL D 139 -19.63 19.28 12.20
C VAL D 139 -18.25 18.79 12.59
N LEU D 140 -17.22 19.57 12.27
CA LEU D 140 -15.87 19.37 12.79
C LEU D 140 -15.56 20.58 13.67
N ASP D 141 -15.24 20.34 14.94
CA ASP D 141 -15.12 21.43 15.90
C ASP D 141 -13.82 21.29 16.69
N ASP D 142 -13.31 22.43 17.18
CA ASP D 142 -12.12 22.47 18.03
C ASP D 142 -12.45 23.44 19.16
N GLY D 143 -12.91 22.91 20.30
CA GLY D 143 -13.20 23.72 21.47
C GLY D 143 -14.67 23.81 21.82
N GLY D 144 -15.57 23.42 20.91
CA GLY D 144 -17.00 23.38 21.20
C GLY D 144 -17.78 24.65 20.92
N ASP D 145 -17.16 25.69 20.35
CA ASP D 145 -17.88 26.95 20.16
C ASP D 145 -18.94 26.84 19.05
N LEU D 146 -18.59 26.18 17.94
CA LEU D 146 -19.57 25.95 16.89
C LEU D 146 -20.68 25.02 17.37
N THR D 147 -20.30 23.97 18.09
CA THR D 147 -21.26 23.06 18.70
C THR D 147 -22.23 23.79 19.64
N GLU D 148 -21.70 24.69 20.47
CA GLU D 148 -22.56 25.45 21.37
C GLU D 148 -23.51 26.35 20.61
N ILE D 149 -23.01 27.06 19.58
CA ILE D 149 -23.87 27.97 18.81
C ILE D 149 -25.00 27.19 18.13
N LEU D 150 -24.69 26.04 17.54
CA LEU D 150 -25.72 25.21 16.91
C LEU D 150 -26.80 24.79 17.91
N HIS D 151 -26.40 24.25 19.06
CA HIS D 151 -27.40 23.76 20.01
C HIS D 151 -28.23 24.91 20.58
N LYS D 152 -27.63 26.09 20.78
CA LYS D 152 -28.34 27.18 21.45
C LYS D 152 -29.06 28.08 20.47
N LYS D 153 -28.46 28.35 19.32
CA LYS D 153 -29.04 29.32 18.39
C LYS D 153 -29.71 28.67 17.17
N TYR D 154 -29.23 27.52 16.69
CA TYR D 154 -29.80 26.89 15.50
C TYR D 154 -30.18 25.44 15.76
N PRO D 155 -30.92 25.16 16.85
CA PRO D 155 -31.19 23.76 17.19
C PRO D 155 -31.86 22.99 16.07
N GLN D 156 -32.65 23.66 15.23
CA GLN D 156 -33.34 22.94 14.16
C GLN D 156 -32.34 22.38 13.14
N MET D 157 -31.16 23.00 13.00
CA MET D 157 -30.16 22.49 12.05
C MET D 157 -29.61 21.15 12.50
N LEU D 158 -29.57 20.89 13.80
CA LEU D 158 -29.06 19.61 14.29
C LEU D 158 -29.96 18.44 13.91
N GLU D 159 -31.20 18.69 13.47
CA GLU D 159 -32.03 17.58 13.02
C GLU D 159 -31.50 16.93 11.75
N ARG D 160 -30.59 17.58 11.03
CA ARG D 160 -30.06 17.06 9.78
C ARG D 160 -28.59 16.67 9.86
N ILE D 161 -27.95 16.85 11.02
CA ILE D 161 -26.50 16.66 11.17
C ILE D 161 -26.23 15.28 11.74
N HIS D 162 -25.34 14.54 11.07
CA HIS D 162 -25.06 13.16 11.42
C HIS D 162 -24.10 13.02 12.60
N GLY D 163 -23.27 14.03 12.87
CA GLY D 163 -22.36 13.91 14.00
C GLY D 163 -21.40 15.07 14.08
N ILE D 164 -20.66 15.09 15.20
CA ILE D 164 -19.62 16.07 15.47
C ILE D 164 -18.31 15.33 15.71
N THR D 165 -17.22 15.83 15.14
CA THR D 165 -15.90 15.28 15.46
C THR D 165 -15.12 16.38 16.19
N GLU D 166 -14.85 16.17 17.47
CA GLU D 166 -14.32 17.23 18.33
C GLU D 166 -12.83 17.03 18.58
N GLU D 167 -12.06 18.12 18.42
CA GLU D 167 -10.60 18.02 18.36
C GLU D 167 -9.94 18.01 19.73
N THR D 168 -10.44 18.74 20.71
CA THR D 168 -9.58 19.06 21.84
C THR D 168 -10.28 18.80 23.17
N THR D 169 -9.42 18.61 24.19
CA THR D 169 -9.84 18.27 25.55
C THR D 169 -11.01 19.12 26.02
N THR D 170 -10.89 20.44 25.89
CA THR D 170 -11.94 21.33 26.38
C THR D 170 -13.27 21.07 25.67
N GLY D 171 -13.24 20.91 24.35
CA GLY D 171 -14.46 20.62 23.61
C GLY D 171 -15.08 19.30 24.00
N VAL D 172 -14.25 18.30 24.35
CA VAL D 172 -14.79 16.99 24.71
C VAL D 172 -15.48 17.05 26.06
N HIS D 173 -14.90 17.82 26.99
CA HIS D 173 -15.54 18.02 28.28
C HIS D 173 -16.91 18.66 28.14
N ARG D 174 -17.04 19.64 27.22
CA ARG D 174 -18.35 20.27 27.02
C ARG D 174 -19.35 19.28 26.44
N LEU D 175 -18.92 18.43 25.50
CA LEU D 175 -19.79 17.38 24.95
C LEU D 175 -20.29 16.43 26.03
N LEU D 176 -19.39 15.95 26.90
CA LEU D 176 -19.79 15.01 27.94
C LEU D 176 -20.72 15.68 28.94
N ASP D 177 -20.53 16.97 29.19
CA ASP D 177 -21.49 17.67 30.04
C ASP D 177 -22.88 17.72 29.40
N MET D 178 -22.92 17.94 28.08
CA MET D 178 -24.20 17.91 27.37
C MET D 178 -24.81 16.51 27.39
N LEU D 179 -23.98 15.48 27.13
CA LEU D 179 -24.49 14.12 27.20
C LEU D 179 -25.06 13.81 28.57
N LYS D 180 -24.32 14.18 29.63
CA LYS D 180 -24.77 13.90 30.99
C LYS D 180 -26.11 14.59 31.30
N ASN D 181 -26.33 15.77 30.74
CA ASN D 181 -27.57 16.51 30.98
C ASN D 181 -28.64 16.23 29.94
N GLY D 182 -28.40 15.29 29.02
CA GLY D 182 -29.38 14.99 28.00
C GLY D 182 -29.61 16.07 26.96
N THR D 183 -28.71 17.05 26.87
CA THR D 183 -28.88 18.17 25.93
C THR D 183 -28.07 18.00 24.66
N LEU D 184 -27.26 16.96 24.55
CA LEU D 184 -26.54 16.67 23.31
C LEU D 184 -27.51 16.10 22.28
N LYS D 185 -27.56 16.72 21.11
CA LYS D 185 -28.55 16.34 20.11
C LYS D 185 -28.04 15.38 19.05
N VAL D 186 -26.73 15.31 18.83
CA VAL D 186 -26.16 14.43 17.82
C VAL D 186 -24.95 13.73 18.41
N PRO D 187 -24.58 12.56 17.85
CA PRO D 187 -23.42 11.83 18.37
C PRO D 187 -22.12 12.54 18.05
N ALA D 188 -21.08 12.18 18.78
CA ALA D 188 -19.77 12.78 18.58
C ALA D 188 -18.69 11.72 18.63
N ILE D 189 -17.60 11.98 17.92
CA ILE D 189 -16.37 11.24 18.12
C ILE D 189 -15.37 12.15 18.82
N ASN D 190 -14.82 11.66 19.94
CA ASN D 190 -13.74 12.29 20.70
C ASN D 190 -12.44 12.01 19.95
N VAL D 191 -12.07 12.93 19.06
CA VAL D 191 -10.80 12.79 18.33
C VAL D 191 -9.63 12.99 19.28
N ASN D 192 -9.79 13.83 20.31
CA ASN D 192 -8.70 14.16 21.22
C ASN D 192 -8.04 12.91 21.80
N ASP D 193 -8.83 11.89 22.16
CA ASP D 193 -8.29 10.80 22.97
C ASP D 193 -7.81 9.62 22.15
N SER D 194 -7.71 9.74 20.82
CA SER D 194 -6.80 8.86 20.09
C SER D 194 -5.40 9.08 20.63
N VAL D 195 -4.62 8.00 20.74
CA VAL D 195 -3.27 8.15 21.26
C VAL D 195 -2.42 8.96 20.29
N THR D 196 -2.63 8.77 18.98
CA THR D 196 -1.97 9.55 17.93
C THR D 196 -2.47 10.98 17.87
N LYS D 197 -3.44 11.36 18.70
CA LYS D 197 -3.77 12.76 18.92
C LYS D 197 -3.26 13.20 20.29
N SER D 198 -3.93 12.78 21.37
CA SER D 198 -3.60 13.25 22.72
C SER D 198 -2.10 13.17 23.03
N LYS D 199 -1.50 12.00 22.86
CA LYS D 199 -0.10 11.82 23.27
C LYS D 199 0.85 12.13 22.13
N ASN D 200 0.45 13.03 21.25
CA ASN D 200 1.26 13.47 20.12
C ASN D 200 1.08 14.97 19.96
N ASP D 201 -0.09 15.38 19.48
CA ASP D 201 -0.53 16.76 19.45
C ASP D 201 -0.37 17.46 20.81
N ASN D 202 -1.14 17.03 21.80
CA ASN D 202 -1.27 17.80 23.04
C ASN D 202 0.07 17.93 23.76
N LYS D 203 0.89 16.87 23.71
CA LYS D 203 2.18 16.84 24.40
C LYS D 203 3.34 17.30 23.51
N TYR D 204 3.69 16.50 22.49
CA TYR D 204 4.84 16.86 21.65
C TYR D 204 4.58 18.12 20.84
N GLY D 205 3.32 18.41 20.51
CA GLY D 205 3.03 19.64 19.79
C GLY D 205 3.42 20.86 20.60
N CYS D 206 3.05 20.87 21.89
CA CYS D 206 3.38 21.96 22.79
C CYS D 206 4.87 22.01 23.10
N ARG D 207 5.54 20.85 23.12
CA ARG D 207 6.99 20.84 23.27
C ARG D 207 7.68 21.60 22.14
N HIS D 208 7.23 21.40 20.91
CA HIS D 208 7.77 22.11 19.76
C HIS D 208 7.43 23.60 19.79
N SER D 209 6.16 23.93 20.05
CA SER D 209 5.67 25.26 19.70
C SER D 209 5.61 26.24 20.87
N LEU D 210 5.70 25.79 22.12
CA LEU D 210 5.68 26.75 23.22
C LEU D 210 6.94 27.61 23.22
N ASN D 211 8.13 27.01 23.31
CA ASN D 211 9.33 27.84 23.30
CA ASN D 211 9.34 27.83 23.28
C ASN D 211 9.45 28.60 21.97
N ASP D 212 8.92 28.02 20.89
CA ASP D 212 8.87 28.71 19.60
C ASP D 212 8.12 30.03 19.73
N ALA D 213 6.89 29.98 20.24
CA ALA D 213 6.10 31.20 20.40
C ALA D 213 6.75 32.20 21.36
N ILE D 214 7.37 31.73 22.46
CA ILE D 214 7.96 32.70 23.39
C ILE D 214 9.14 33.41 22.74
N LYS D 215 9.94 32.69 21.95
CA LYS D 215 11.06 33.32 21.26
C LYS D 215 10.59 34.32 20.21
N ARG D 216 9.56 33.97 19.44
CA ARG D 216 9.10 34.88 18.41
C ARG D 216 8.51 36.15 19.04
N GLY D 217 7.82 36.02 20.17
CA GLY D 217 7.18 37.16 20.79
C GLY D 217 8.13 38.08 21.55
N THR D 218 9.14 37.51 22.24
CA THR D 218 10.02 38.27 23.13
C THR D 218 11.49 38.19 22.75
N ASP D 219 11.91 37.12 22.05
CA ASP D 219 13.33 36.85 21.80
C ASP D 219 14.13 36.79 23.10
N HIS D 220 13.48 36.43 24.20
CA HIS D 220 14.15 36.27 25.49
C HIS D 220 14.99 35.01 25.51
N LEU D 221 16.20 35.12 26.05
CA LEU D 221 16.91 33.92 26.47
C LEU D 221 16.06 33.18 27.49
N LEU D 222 15.89 31.87 27.30
CA LEU D 222 15.20 31.07 28.30
C LEU D 222 16.14 30.34 29.25
N SER D 223 17.29 29.86 28.75
CA SER D 223 18.25 29.12 29.58
C SER D 223 18.57 29.89 30.85
N GLY D 224 18.58 29.19 31.99
CA GLY D 224 18.98 29.78 33.25
C GLY D 224 17.89 30.54 33.99
N LYS D 225 16.73 30.75 33.38
CA LYS D 225 15.67 31.52 33.99
C LYS D 225 14.63 30.58 34.60
N GLN D 226 13.78 31.14 35.45
CA GLN D 226 12.83 30.38 36.27
C GLN D 226 11.46 30.39 35.63
N ALA D 227 10.85 29.21 35.53
CA ALA D 227 9.53 29.08 34.91
C ALA D 227 8.58 28.39 35.88
N LEU D 228 7.32 28.78 35.82
CA LEU D 228 6.25 28.10 36.55
C LEU D 228 5.24 27.66 35.53
N VAL D 229 5.05 26.35 35.43
CA VAL D 229 4.06 25.76 34.53
C VAL D 229 2.89 25.32 35.39
N ILE D 230 1.71 25.87 35.13
CA ILE D 230 0.50 25.52 35.88
C ILE D 230 -0.17 24.36 35.12
N GLY D 231 -0.15 23.19 35.72
CA GLY D 231 -0.72 22.00 35.14
C GLY D 231 0.33 21.06 34.58
N TYR D 232 0.04 19.77 34.62
CA TYR D 232 0.95 18.75 34.13
C TYR D 232 0.16 17.61 33.52
N GLY D 233 -0.87 17.95 32.75
CA GLY D 233 -1.54 17.02 31.87
C GLY D 233 -0.71 16.88 30.61
N ASP D 234 -1.36 16.54 29.50
CA ASP D 234 -0.60 16.35 28.28
C ASP D 234 0.04 17.66 27.82
N VAL D 235 -0.71 18.76 27.86
CA VAL D 235 -0.16 20.06 27.47
C VAL D 235 0.89 20.53 28.47
N GLY D 236 0.61 20.38 29.77
CA GLY D 236 1.60 20.75 30.77
C GLY D 236 2.90 19.94 30.67
N LYS D 237 2.78 18.62 30.44
CA LYS D 237 3.96 17.79 30.23
C LYS D 237 4.78 18.29 29.04
N GLY D 238 4.13 18.55 27.91
CA GLY D 238 4.84 19.01 26.73
C GLY D 238 5.42 20.40 26.90
N SER D 239 4.67 21.29 27.58
CA SER D 239 5.13 22.64 27.85
C SER D 239 6.34 22.64 28.78
N SER D 240 6.30 21.81 29.84
CA SER D 240 7.42 21.74 30.77
C SER D 240 8.70 21.30 30.04
N GLN D 241 8.58 20.31 29.16
CA GLN D 241 9.73 19.85 28.36
C GLN D 241 10.20 20.93 27.40
N SER D 242 9.26 21.63 26.76
CA SER D 242 9.60 22.74 25.89
C SER D 242 10.54 23.71 26.58
N LEU D 243 10.30 23.99 27.85
CA LEU D 243 11.09 24.95 28.61
C LEU D 243 12.33 24.32 29.22
N ARG D 244 12.18 23.13 29.83
CA ARG D 244 13.33 22.46 30.43
C ARG D 244 14.42 22.17 29.39
N GLN D 245 14.03 21.73 28.19
CA GLN D 245 15.04 21.39 27.19
C GLN D 245 15.81 22.63 26.71
N GLU D 246 15.25 23.82 26.88
CA GLU D 246 15.95 25.07 26.60
C GLU D 246 16.85 25.49 27.75
N GLY D 247 16.86 24.74 28.84
CA GLY D 247 17.62 25.10 30.01
C GLY D 247 16.90 25.92 31.06
N MET D 248 15.59 26.11 30.96
CA MET D 248 14.92 26.79 32.06
C MET D 248 14.92 25.89 33.31
N ILE D 249 14.86 26.54 34.46
CA ILE D 249 14.58 25.86 35.73
C ILE D 249 13.07 25.89 35.91
N VAL D 250 12.45 24.72 35.81
CA VAL D 250 10.99 24.61 35.66
C VAL D 250 10.40 24.02 36.93
N LYS D 251 9.47 24.76 37.52
CA LYS D 251 8.63 24.30 38.61
C LYS D 251 7.23 24.07 38.07
N VAL D 252 6.52 23.11 38.65
CA VAL D 252 5.23 22.67 38.14
C VAL D 252 4.20 22.75 39.25
N ALA D 253 3.02 23.28 38.94
CA ALA D 253 1.89 23.26 39.86
C ALA D 253 0.84 22.28 39.34
N GLU D 254 0.16 21.60 40.27
CA GLU D 254 -0.85 20.63 39.88
C GLU D 254 -1.86 20.49 41.01
N VAL D 255 -3.11 20.23 40.63
CA VAL D 255 -4.11 19.77 41.59
C VAL D 255 -4.21 18.25 41.61
N ASP D 256 -3.71 17.57 40.57
CA ASP D 256 -3.85 16.13 40.47
C ASP D 256 -2.57 15.49 41.00
N PRO D 257 -2.61 14.76 42.13
CA PRO D 257 -1.36 14.21 42.68
C PRO D 257 -0.73 13.16 41.79
N ILE D 258 -1.49 12.45 40.98
CA ILE D 258 -0.84 11.52 40.05
C ILE D 258 0.01 12.28 39.02
N CYS D 259 -0.57 13.31 38.39
CA CYS D 259 0.23 14.13 37.49
C CYS D 259 1.39 14.80 38.23
N ALA D 260 1.17 15.23 39.47
CA ALA D 260 2.27 15.77 40.26
C ALA D 260 3.37 14.74 40.46
N MET D 261 2.99 13.50 40.76
N MET D 261 2.99 13.49 40.77
CA MET D 261 3.99 12.44 40.93
CA MET D 261 3.99 12.44 40.93
C MET D 261 4.83 12.29 39.66
C MET D 261 4.84 12.32 39.66
N GLN D 262 4.20 12.34 38.49
CA GLN D 262 4.94 12.30 37.25
C GLN D 262 5.91 13.47 37.12
N ALA D 263 5.44 14.69 37.47
CA ALA D 263 6.35 15.85 37.42
C ALA D 263 7.61 15.59 38.24
N CYS D 264 7.45 15.10 39.47
CA CYS D 264 8.60 14.84 40.33
C CYS D 264 9.54 13.86 39.69
N MET D 265 9.00 12.69 39.30
CA MET D 265 9.84 11.65 38.71
C MET D 265 10.50 12.13 37.43
N ASP D 266 9.85 13.05 36.69
CA ASP D 266 10.41 13.67 35.50
C ASP D 266 11.47 14.71 35.84
N GLY D 267 11.69 14.97 37.13
CA GLY D 267 12.74 15.85 37.58
C GLY D 267 12.34 17.29 37.81
N PHE D 268 11.06 17.58 38.03
CA PHE D 268 10.62 18.94 38.33
C PHE D 268 10.27 19.07 39.81
N GLU D 269 10.51 20.27 40.35
CA GLU D 269 10.04 20.62 41.68
C GLU D 269 8.57 21.01 41.60
N VAL D 270 7.71 20.38 42.41
CA VAL D 270 6.28 20.63 42.37
C VAL D 270 5.95 21.65 43.46
N VAL D 271 5.37 22.79 43.06
CA VAL D 271 5.11 23.89 43.98
C VAL D 271 3.69 24.40 43.74
N SER D 272 3.20 25.17 44.72
CA SER D 272 1.92 25.83 44.56
C SER D 272 2.08 27.36 44.62
N PRO D 273 1.32 28.11 43.82
CA PRO D 273 1.29 29.58 43.99
C PRO D 273 0.77 30.00 45.36
N TYR D 274 0.06 29.12 46.06
CA TYR D 274 -0.54 29.44 47.35
C TYR D 274 0.17 28.70 48.47
N LYS D 275 0.29 29.34 49.63
CA LYS D 275 0.86 28.69 50.80
C LYS D 275 0.08 27.43 51.14
N ASN D 276 0.79 26.30 51.25
CA ASN D 276 0.23 24.98 51.50
C ASN D 276 -0.84 24.59 50.46
N GLY D 277 -0.77 25.19 49.27
CA GLY D 277 -1.70 24.89 48.21
C GLY D 277 -3.11 25.38 48.41
N ILE D 278 -3.36 26.23 49.40
CA ILE D 278 -4.71 26.64 49.76
C ILE D 278 -4.99 28.03 49.21
N ASN D 279 -5.91 28.09 48.25
CA ASN D 279 -6.22 29.30 47.49
C ASN D 279 -7.51 29.86 48.08
N ASP D 280 -7.38 30.67 49.13
CA ASP D 280 -8.53 31.26 49.80
C ASP D 280 -8.90 32.63 49.23
N GLY D 281 -8.28 33.06 48.13
CA GLY D 281 -8.59 34.32 47.50
C GLY D 281 -7.96 35.55 48.12
N THR D 282 -7.24 35.41 49.24
CA THR D 282 -6.58 36.54 49.87
C THR D 282 -5.17 36.72 49.34
N GLU D 283 -4.64 37.94 49.50
CA GLU D 283 -3.26 38.21 49.13
C GLU D 283 -2.28 37.47 50.02
N ALA D 284 -2.63 37.30 51.31
CA ALA D 284 -1.73 36.67 52.24
C ALA D 284 -1.52 35.20 51.93
N SER D 285 -2.40 34.59 51.14
CA SER D 285 -2.24 33.19 50.78
C SER D 285 -1.28 32.99 49.62
N ILE D 286 -0.84 34.06 48.96
CA ILE D 286 0.10 33.94 47.85
C ILE D 286 1.49 33.71 48.40
N ASP D 287 2.20 32.74 47.83
CA ASP D 287 3.61 32.54 48.16
C ASP D 287 4.37 33.59 47.38
N ALA D 288 4.46 34.79 47.98
CA ALA D 288 5.08 35.94 47.34
C ALA D 288 6.55 35.72 47.07
N ALA D 289 7.24 35.02 47.98
CA ALA D 289 8.66 34.75 47.75
C ALA D 289 8.84 33.91 46.49
N LEU D 290 7.98 32.92 46.29
CA LEU D 290 8.04 32.07 45.11
C LEU D 290 7.76 32.86 43.85
N LEU D 291 6.60 33.51 43.78
CA LEU D 291 6.22 34.17 42.55
C LEU D 291 7.15 35.35 42.24
N GLY D 292 7.78 35.92 43.26
CA GLY D 292 8.78 36.95 43.05
C GLY D 292 10.06 36.48 42.38
N LYS D 293 10.24 35.17 42.19
CA LYS D 293 11.41 34.68 41.48
C LYS D 293 11.10 34.08 40.12
N ILE D 294 9.86 34.14 39.66
CA ILE D 294 9.46 33.47 38.43
C ILE D 294 9.59 34.45 37.27
N ASP D 295 10.31 34.04 36.21
CA ASP D 295 10.50 34.83 35.00
C ASP D 295 9.44 34.56 33.94
N LEU D 296 8.73 33.44 34.06
CA LEU D 296 7.80 33.00 33.03
C LEU D 296 6.76 32.11 33.67
N ILE D 297 5.49 32.40 33.43
CA ILE D 297 4.41 31.53 33.87
C ILE D 297 3.58 31.14 32.66
N VAL D 298 3.23 29.86 32.57
CA VAL D 298 2.49 29.29 31.46
C VAL D 298 1.33 28.48 32.01
N THR D 299 0.10 28.81 31.61
CA THR D 299 -1.07 28.04 32.04
C THR D 299 -1.39 26.96 31.01
N THR D 300 -1.77 25.75 31.50
CA THR D 300 -1.99 24.61 30.61
C THR D 300 -3.21 23.77 31.03
N THR D 301 -4.16 24.34 31.77
CA THR D 301 -5.07 23.51 32.56
C THR D 301 -6.42 23.24 31.89
N GLY D 302 -6.92 24.14 31.04
CA GLY D 302 -8.31 24.07 30.67
C GLY D 302 -9.24 24.46 31.80
N ASN D 303 -8.70 24.95 32.91
CA ASN D 303 -9.48 25.43 34.04
C ASN D 303 -9.55 26.95 34.00
N VAL D 304 -10.22 27.53 34.99
CA VAL D 304 -10.52 28.96 35.01
C VAL D 304 -9.71 29.62 36.13
N ASN D 305 -9.05 30.73 35.79
CA ASN D 305 -8.38 31.58 36.77
C ASN D 305 -7.29 30.84 37.56
N VAL D 306 -6.40 30.15 36.85
CA VAL D 306 -5.27 29.49 37.51
C VAL D 306 -4.06 30.39 37.61
N CYS D 307 -4.09 31.55 36.96
CA CYS D 307 -3.12 32.62 37.16
C CYS D 307 -3.96 33.84 37.53
N ASP D 308 -4.24 33.99 38.82
CA ASP D 308 -5.26 34.92 39.26
C ASP D 308 -4.66 36.30 39.48
N ALA D 309 -5.50 37.26 39.87
CA ALA D 309 -5.05 38.64 40.01
C ALA D 309 -3.97 38.76 41.08
N ASN D 310 -4.11 38.03 42.20
CA ASN D 310 -3.12 38.14 43.27
C ASN D 310 -1.77 37.53 42.86
N MET D 311 -1.81 36.47 42.04
CA MET D 311 -0.57 35.95 41.48
C MET D 311 0.09 36.97 40.58
N LEU D 312 -0.70 37.63 39.71
CA LEU D 312 -0.16 38.62 38.79
C LEU D 312 0.43 39.80 39.55
N LYS D 313 -0.19 40.20 40.66
CA LYS D 313 0.34 41.29 41.46
C LYS D 313 1.66 40.91 42.12
N ALA D 314 1.87 39.62 42.36
CA ALA D 314 3.04 39.18 43.09
C ALA D 314 4.19 38.77 42.17
N LEU D 315 3.94 38.62 40.87
CA LEU D 315 4.96 38.14 39.96
C LEU D 315 6.17 39.07 39.93
N LYS D 316 7.33 38.46 39.75
CA LYS D 316 8.58 39.18 39.52
C LYS D 316 8.41 40.23 38.41
N LYS D 317 9.03 41.40 38.60
CA LYS D 317 8.94 42.43 37.55
C LYS D 317 9.45 41.89 36.22
N ARG D 318 8.78 42.27 35.14
CA ARG D 318 9.13 41.93 33.76
C ARG D 318 8.96 40.45 33.42
N ALA D 319 8.32 39.67 34.30
CA ALA D 319 7.97 38.29 33.98
C ALA D 319 7.09 38.20 32.75
N VAL D 320 7.21 37.09 32.02
CA VAL D 320 6.37 36.84 30.85
C VAL D 320 5.19 35.98 31.29
N VAL D 321 3.99 36.32 30.80
CA VAL D 321 2.75 35.61 31.15
C VAL D 321 2.09 35.12 29.86
N CYS D 322 1.76 33.83 29.81
CA CYS D 322 1.08 33.32 28.63
C CYS D 322 0.23 32.11 29.00
N ASN D 323 -0.69 31.77 28.10
CA ASN D 323 -1.62 30.67 28.27
C ASN D 323 -1.54 29.79 27.03
N ILE D 324 -1.43 28.48 27.22
CA ILE D 324 -1.45 27.58 26.08
C ILE D 324 -2.62 26.59 26.17
N GLY D 325 -3.50 26.76 27.16
CA GLY D 325 -4.79 26.09 27.14
C GLY D 325 -5.73 26.76 26.17
N HIS D 326 -6.90 26.15 25.97
CA HIS D 326 -7.75 26.55 24.86
C HIS D 326 -8.37 27.94 25.02
N PHE D 327 -8.69 28.37 26.24
CA PHE D 327 -9.40 29.62 26.44
C PHE D 327 -8.56 30.58 27.29
N ASP D 328 -8.71 31.88 27.02
CA ASP D 328 -7.93 32.90 27.72
C ASP D 328 -8.32 33.10 29.19
N ASN D 329 -9.45 32.55 29.65
CA ASN D 329 -9.84 32.80 31.04
C ASN D 329 -8.98 32.03 32.04
N GLU D 330 -7.95 31.30 31.59
CA GLU D 330 -6.98 30.72 32.52
C GLU D 330 -6.22 31.80 33.27
N ILE D 331 -6.05 32.97 32.65
CA ILE D 331 -5.39 34.12 33.25
C ILE D 331 -6.44 35.19 33.48
N ASP D 332 -6.36 35.86 34.62
CA ASP D 332 -7.30 36.95 34.91
C ASP D 332 -6.84 38.21 34.15
N THR D 333 -6.96 38.13 32.82
CA THR D 333 -6.66 39.30 31.99
C THR D 333 -7.68 40.41 32.23
N ALA D 334 -8.91 40.05 32.63
CA ALA D 334 -9.91 41.08 32.90
C ALA D 334 -9.44 42.01 34.02
N PHE D 335 -8.82 41.46 35.06
CA PHE D 335 -8.25 42.31 36.10
C PHE D 335 -7.20 43.26 35.54
N MET D 336 -6.34 42.77 34.66
CA MET D 336 -5.27 43.60 34.14
C MET D 336 -5.80 44.72 33.23
N ARG D 337 -6.82 44.41 32.44
CA ARG D 337 -7.46 45.46 31.62
C ARG D 337 -8.08 46.55 32.48
N LYS D 338 -8.61 46.18 33.66
CA LYS D 338 -9.33 47.16 34.47
C LYS D 338 -8.39 48.04 35.27
N ASN D 339 -7.21 47.53 35.68
CA ASN D 339 -6.37 48.24 36.63
C ASN D 339 -5.04 48.72 36.09
N TRP D 340 -4.54 48.11 35.02
CA TRP D 340 -3.17 48.34 34.57
C TRP D 340 -3.15 48.83 33.13
N ALA D 341 -2.12 49.60 32.78
CA ALA D 341 -2.01 50.22 31.48
C ALA D 341 -1.31 49.28 30.50
N TRP D 342 -1.89 49.12 29.31
CA TRP D 342 -1.36 48.20 28.32
C TRP D 342 -0.55 48.96 27.29
N GLU D 343 0.70 48.57 27.11
CA GLU D 343 1.56 49.12 26.08
C GLU D 343 1.83 48.02 25.04
N GLU D 344 1.41 48.25 23.80
CA GLU D 344 1.66 47.27 22.76
C GLU D 344 3.12 47.35 22.33
N VAL D 345 3.86 46.25 22.48
CA VAL D 345 5.20 46.18 21.90
C VAL D 345 5.09 45.96 20.40
N LYS D 346 4.40 44.90 20.00
CA LYS D 346 4.09 44.57 18.62
C LYS D 346 2.85 43.69 18.66
N PRO D 347 2.28 43.31 17.51
CA PRO D 347 1.07 42.49 17.56
C PRO D 347 1.24 41.27 18.45
N GLN D 348 0.23 41.04 19.31
CA GLN D 348 0.17 39.92 20.25
C GLN D 348 1.30 39.96 21.29
N VAL D 349 1.86 41.14 21.56
CA VAL D 349 2.86 41.30 22.61
C VAL D 349 2.57 42.63 23.32
N HIS D 350 2.12 42.55 24.57
CA HIS D 350 1.81 43.76 25.33
C HIS D 350 2.61 43.79 26.62
N LYS D 351 3.10 44.97 26.97
CA LYS D 351 3.64 45.23 28.30
C LYS D 351 2.50 45.75 29.15
N ILE D 352 2.28 45.11 30.29
CA ILE D 352 1.20 45.48 31.21
C ILE D 352 1.86 46.19 32.38
N HIS D 353 1.60 47.49 32.51
CA HIS D 353 2.30 48.32 33.49
C HIS D 353 1.49 48.37 34.79
N ARG D 354 2.09 47.88 35.86
CA ARG D 354 1.40 47.73 37.13
C ARG D 354 1.38 49.01 37.94
N THR D 355 1.87 50.10 37.37
CA THR D 355 1.90 51.38 38.05
C THR D 355 0.56 52.11 38.05
N GLY D 356 -0.44 51.60 37.33
CA GLY D 356 -1.74 52.24 37.33
C GLY D 356 -2.42 52.12 35.97
N LYS D 357 -3.67 52.58 35.93
CA LYS D 357 -4.51 52.42 34.75
C LYS D 357 -4.25 53.51 33.71
N ASP D 358 -4.20 54.76 34.15
CA ASP D 358 -4.18 55.90 33.24
C ASP D 358 -2.74 56.21 32.86
N GLY D 359 -2.35 55.84 31.65
CA GLY D 359 -1.01 56.12 31.18
C GLY D 359 0.05 55.31 31.89
N PHE D 360 1.29 55.47 31.42
CA PHE D 360 2.44 54.74 31.93
C PHE D 360 3.69 55.50 31.54
N ASP D 361 4.74 55.31 32.31
CA ASP D 361 6.05 55.81 31.93
C ASP D 361 6.67 54.85 30.92
N ALA D 362 7.26 55.40 29.84
CA ALA D 362 7.80 54.55 28.78
C ALA D 362 9.00 53.75 29.27
N HIS D 363 9.70 54.24 30.31
CA HIS D 363 10.83 53.57 30.91
C HIS D 363 10.49 52.95 32.27
N ASN D 364 9.21 52.74 32.55
CA ASN D 364 8.81 52.02 33.75
C ASN D 364 9.37 50.60 33.73
N ASP D 365 9.90 50.17 34.88
CA ASP D 365 10.41 48.82 35.01
C ASP D 365 9.41 47.84 35.60
N ASP D 366 8.31 48.31 36.17
CA ASP D 366 7.33 47.45 36.82
C ASP D 366 6.23 47.12 35.82
N TYR D 367 6.53 46.19 34.92
CA TYR D 367 5.52 45.68 33.99
C TYR D 367 5.65 44.17 33.87
N LEU D 368 4.63 43.57 33.26
CA LEU D 368 4.67 42.19 32.82
C LEU D 368 4.50 42.16 31.31
N ILE D 369 4.99 41.11 30.67
CA ILE D 369 4.79 40.90 29.24
C ILE D 369 3.75 39.80 29.07
N LEU D 370 2.59 40.17 28.53
CA LEU D 370 1.52 39.25 28.18
C LEU D 370 1.60 38.94 26.69
N LEU D 371 1.50 37.66 26.36
CA LEU D 371 1.54 37.19 24.97
C LEU D 371 0.14 36.81 24.50
N ALA D 372 -0.17 37.18 23.25
CA ALA D 372 -1.43 36.87 22.58
C ALA D 372 -2.64 37.26 23.43
N GLU D 373 -2.48 38.30 24.25
CA GLU D 373 -3.54 38.78 25.16
C GLU D 373 -4.14 37.63 25.98
N GLY D 374 -3.35 36.60 26.26
CA GLY D 374 -3.80 35.46 27.01
C GLY D 374 -4.38 34.31 26.20
N ARG D 375 -4.52 34.48 24.89
CA ARG D 375 -5.04 33.41 24.03
C ARG D 375 -3.93 32.39 23.76
N LEU D 376 -4.32 31.21 23.26
CA LEU D 376 -3.37 30.14 22.93
C LEU D 376 -2.08 30.69 22.34
N VAL D 377 -0.99 30.59 23.09
CA VAL D 377 0.22 31.32 22.76
C VAL D 377 0.96 30.68 21.60
N ASN D 378 0.94 29.34 21.49
CA ASN D 378 1.69 28.72 20.40
C ASN D 378 1.14 29.14 19.05
N LEU D 379 -0.20 29.27 18.95
CA LEU D 379 -0.84 29.71 17.72
C LEU D 379 -0.92 31.23 17.59
N GLY D 380 -1.01 31.96 18.72
CA GLY D 380 -1.10 33.41 18.66
C GLY D 380 0.22 34.08 18.31
N ASN D 381 1.33 33.58 18.86
CA ASN D 381 2.63 34.20 18.66
C ASN D 381 3.53 33.39 17.72
N ALA D 382 3.09 32.20 17.29
CA ALA D 382 3.85 31.44 16.31
C ALA D 382 2.88 30.76 15.33
N THR D 383 3.09 29.48 15.00
CA THR D 383 2.20 28.81 14.05
C THR D 383 1.59 27.54 14.61
N GLY D 384 1.50 27.42 15.94
CA GLY D 384 1.01 26.19 16.51
C GLY D 384 1.91 24.99 16.21
N HIS D 385 1.31 23.81 16.25
CA HIS D 385 2.06 22.57 16.10
C HIS D 385 2.55 22.42 14.67
N PRO D 386 3.64 21.70 14.46
CA PRO D 386 4.15 21.51 13.10
C PRO D 386 3.30 20.50 12.33
N SER D 387 3.46 20.55 11.01
CA SER D 387 2.67 19.70 10.12
C SER D 387 2.83 18.22 10.47
N ARG D 388 4.04 17.79 10.81
CA ARG D 388 4.22 16.36 11.01
C ARG D 388 3.55 15.85 12.28
N ILE D 389 3.29 16.73 13.24
CA ILE D 389 2.52 16.36 14.42
C ILE D 389 1.02 16.42 14.12
N MET D 390 0.56 17.53 13.52
CA MET D 390 -0.85 17.66 13.19
C MET D 390 -1.31 16.58 12.21
N ASP D 391 -0.36 15.97 11.49
CA ASP D 391 -0.66 14.83 10.64
C ASP D 391 -1.47 13.77 11.40
N GLY D 392 -1.10 13.49 12.66
CA GLY D 392 -1.80 12.47 13.41
C GLY D 392 -3.20 12.90 13.80
N SER D 393 -3.32 14.07 14.42
CA SER D 393 -4.61 14.63 14.81
C SER D 393 -5.60 14.63 13.63
N PHE D 394 -5.14 15.04 12.46
CA PHE D 394 -6.04 15.31 11.34
C PHE D 394 -6.36 14.06 10.53
N ALA D 395 -5.45 13.09 10.51
CA ALA D 395 -5.81 11.77 10.01
C ALA D 395 -6.96 11.20 10.84
N ASN D 396 -6.90 11.35 12.17
CA ASN D 396 -8.01 10.95 13.01
C ASN D 396 -9.28 11.72 12.67
N GLN D 397 -9.17 13.04 12.47
CA GLN D 397 -10.35 13.83 12.06
C GLN D 397 -11.01 13.25 10.81
N VAL D 398 -10.23 12.90 9.79
CA VAL D 398 -10.80 12.39 8.55
C VAL D 398 -11.52 11.06 8.80
N LEU D 399 -10.84 10.14 9.49
CA LEU D 399 -11.46 8.86 9.84
C LEU D 399 -12.74 9.06 10.65
N ALA D 400 -12.72 10.00 11.60
CA ALA D 400 -13.90 10.26 12.42
C ALA D 400 -15.05 10.81 11.58
N GLN D 401 -14.73 11.69 10.62
CA GLN D 401 -15.76 12.21 9.72
C GLN D 401 -16.37 11.12 8.85
N ILE D 402 -15.55 10.24 8.29
CA ILE D 402 -16.09 9.17 7.46
C ILE D 402 -17.01 8.28 8.28
N HIS D 403 -16.57 7.90 9.48
CA HIS D 403 -17.36 6.97 10.29
C HIS D 403 -18.72 7.55 10.62
N LEU D 404 -18.75 8.80 11.13
CA LEU D 404 -20.03 9.40 11.53
C LEU D 404 -20.90 9.73 10.33
N PHE D 405 -20.29 10.18 9.23
CA PHE D 405 -21.10 10.45 8.05
C PHE D 405 -21.74 9.17 7.53
N GLU D 406 -20.97 8.07 7.49
CA GLU D 406 -21.51 6.82 6.95
C GLU D 406 -22.54 6.19 7.88
N GLN D 407 -22.42 6.42 9.19
CA GLN D 407 -23.42 5.92 10.13
C GLN D 407 -24.79 6.57 9.89
N LYS D 408 -24.81 7.84 9.43
CA LYS D 408 -26.04 8.52 9.00
C LYS D 408 -27.06 8.65 10.12
N TYR D 409 -26.58 9.05 11.31
CA TYR D 409 -27.45 9.21 12.47
C TYR D 409 -28.73 9.97 12.15
N ALA D 410 -28.62 11.09 11.44
CA ALA D 410 -29.80 11.91 11.19
C ALA D 410 -30.89 11.16 10.44
N ASP D 411 -30.54 10.09 9.74
CA ASP D 411 -31.50 9.35 8.94
C ASP D 411 -32.05 8.11 9.66
N LEU D 412 -31.64 7.86 10.93
CA LEU D 412 -32.05 6.66 11.64
C LEU D 412 -33.38 6.89 12.37
N PRO D 413 -34.20 5.85 12.55
CA PRO D 413 -35.38 5.98 13.40
C PRO D 413 -34.97 6.18 14.86
N ALA D 414 -35.95 6.64 15.66
CA ALA D 414 -35.66 7.12 17.01
C ALA D 414 -34.99 6.04 17.86
N ALA D 415 -35.48 4.81 17.76
CA ALA D 415 -34.91 3.73 18.56
C ALA D 415 -33.48 3.43 18.14
N GLU D 416 -33.14 3.60 16.86
CA GLU D 416 -31.76 3.37 16.45
C GLU D 416 -30.87 4.54 16.81
N LYS D 417 -31.43 5.77 16.84
CA LYS D 417 -30.68 6.92 17.36
C LYS D 417 -30.31 6.72 18.82
N ALA D 418 -31.25 6.23 19.64
CA ALA D 418 -31.00 6.07 21.07
C ALA D 418 -29.77 5.22 21.34
N LYS D 419 -29.55 4.18 20.53
CA LYS D 419 -28.36 3.34 20.70
C LYS D 419 -27.08 4.03 20.26
N ARG D 420 -27.16 5.08 19.43
CA ARG D 420 -25.97 5.71 18.86
C ARG D 420 -25.63 7.06 19.47
N LEU D 421 -26.50 7.62 20.34
CA LEU D 421 -26.27 8.97 20.87
C LEU D 421 -25.25 8.92 22.00
N SER D 422 -23.98 9.09 21.65
CA SER D 422 -22.89 8.93 22.59
C SER D 422 -21.68 9.73 22.10
N VAL D 423 -20.63 9.70 22.90
CA VAL D 423 -19.35 10.31 22.58
C VAL D 423 -18.32 9.19 22.64
N GLU D 424 -17.76 8.83 21.50
CA GLU D 424 -16.90 7.66 21.38
C GLU D 424 -15.56 8.05 20.79
N VAL D 425 -14.57 7.18 21.00
CA VAL D 425 -13.27 7.32 20.37
C VAL D 425 -13.21 6.35 19.20
N LEU D 426 -12.25 6.60 18.30
CA LEU D 426 -12.02 5.68 17.19
C LEU D 426 -11.45 4.37 17.72
N PRO D 427 -11.63 3.26 16.98
CA PRO D 427 -11.06 1.98 17.42
C PRO D 427 -9.54 2.04 17.48
N LYS D 428 -8.97 1.26 18.40
CA LYS D 428 -7.52 1.20 18.53
C LYS D 428 -6.85 0.79 17.21
N LYS D 429 -7.45 -0.14 16.48
CA LYS D 429 -6.85 -0.57 15.21
C LYS D 429 -6.60 0.61 14.27
N LEU D 430 -7.54 1.57 14.24
CA LEU D 430 -7.34 2.74 13.40
C LEU D 430 -6.29 3.67 14.00
N ASP D 431 -6.27 3.81 15.33
CA ASP D 431 -5.20 4.54 16.01
C ASP D 431 -3.83 4.00 15.60
N GLU D 432 -3.69 2.67 15.60
CA GLU D 432 -2.43 2.01 15.24
C GLU D 432 -2.07 2.25 13.77
N GLU D 433 -3.06 2.28 12.89
CA GLU D 433 -2.74 2.47 11.48
C GLU D 433 -2.29 3.90 11.20
N VAL D 434 -2.82 4.88 11.93
CA VAL D 434 -2.32 6.24 11.82
C VAL D 434 -0.88 6.31 12.33
N ALA D 435 -0.66 5.77 13.54
CA ALA D 435 0.69 5.74 14.10
C ALA D 435 1.68 5.11 13.13
N LEU D 436 1.27 4.04 12.45
CA LEU D 436 2.20 3.34 11.57
C LEU D 436 2.69 4.24 10.45
N GLU D 437 1.78 4.99 9.81
CA GLU D 437 2.18 5.91 8.75
C GLU D 437 3.07 7.02 9.30
N MET D 438 2.78 7.52 10.51
CA MET D 438 3.67 8.49 11.12
C MET D 438 5.08 7.92 11.28
N VAL D 439 5.18 6.68 11.75
CA VAL D 439 6.51 6.07 11.93
C VAL D 439 7.23 5.95 10.61
N LYS D 440 6.53 5.49 9.56
CA LYS D 440 7.17 5.37 8.25
C LYS D 440 7.63 6.71 7.73
N GLY D 441 6.91 7.78 8.05
CA GLY D 441 7.35 9.12 7.70
C GLY D 441 8.70 9.49 8.31
N PHE D 442 9.06 8.89 9.45
CA PHE D 442 10.36 9.11 10.06
C PHE D 442 11.43 8.16 9.52
N GLY D 443 11.08 7.26 8.60
CA GLY D 443 12.00 6.19 8.26
C GLY D 443 12.06 5.05 9.26
N GLY D 444 11.18 5.03 10.26
CA GLY D 444 11.17 3.93 11.21
C GLY D 444 10.67 2.64 10.58
N VAL D 445 11.21 1.53 11.06
CA VAL D 445 10.84 0.19 10.61
C VAL D 445 10.28 -0.58 11.80
N VAL D 446 8.99 -0.90 11.72
CA VAL D 446 8.29 -1.67 12.74
C VAL D 446 8.55 -3.15 12.48
N THR D 447 8.80 -3.89 13.55
CA THR D 447 8.99 -5.33 13.46
C THR D 447 7.64 -6.02 13.41
N GLN D 448 7.55 -7.09 12.62
CA GLN D 448 6.38 -7.95 12.57
C GLN D 448 6.56 -9.15 13.50
N LEU D 449 5.56 -9.40 14.34
CA LEU D 449 5.54 -10.60 15.18
C LEU D 449 5.61 -11.87 14.33
N THR D 450 6.34 -12.87 14.82
CA THR D 450 6.15 -14.22 14.29
C THR D 450 4.81 -14.75 14.80
N PRO D 451 4.19 -15.70 14.08
CA PRO D 451 2.97 -16.32 14.61
C PRO D 451 3.14 -16.86 16.02
N LYS D 452 4.27 -17.51 16.29
CA LYS D 452 4.53 -18.00 17.64
C LYS D 452 4.54 -16.86 18.66
N GLN D 453 5.15 -15.72 18.31
CA GLN D 453 5.19 -14.58 19.23
C GLN D 453 3.81 -13.98 19.42
N ALA D 454 3.06 -13.79 18.34
CA ALA D 454 1.71 -13.25 18.51
C ALA D 454 0.87 -14.16 19.39
N GLU D 455 1.02 -15.48 19.23
CA GLU D 455 0.31 -16.41 20.12
C GLU D 455 0.81 -16.28 21.56
N TYR D 456 2.13 -16.06 21.73
CA TYR D 456 2.69 -16.02 23.07
C TYR D 456 2.09 -14.89 23.90
N ILE D 457 1.91 -13.71 23.30
CA ILE D 457 1.34 -12.58 24.02
C ILE D 457 -0.16 -12.41 23.78
N GLY D 458 -0.75 -13.28 22.96
CA GLY D 458 -2.19 -13.28 22.76
C GLY D 458 -2.74 -12.13 21.94
N VAL D 459 -2.10 -11.82 20.80
CA VAL D 459 -2.58 -10.81 19.89
C VAL D 459 -2.49 -11.33 18.46
N SER D 460 -3.21 -10.68 17.57
CA SER D 460 -3.06 -10.93 16.14
C SER D 460 -1.79 -10.27 15.62
N VAL D 461 -1.18 -10.91 14.61
CA VAL D 461 -0.01 -10.34 13.94
C VAL D 461 -0.32 -8.95 13.41
N GLU D 462 -1.57 -8.71 13.01
CA GLU D 462 -2.01 -7.42 12.50
C GLU D 462 -2.38 -6.43 13.61
N GLY D 463 -2.40 -6.84 14.87
CA GLY D 463 -2.92 -6.00 15.92
C GLY D 463 -4.44 -6.06 16.00
N PRO D 464 -5.04 -5.33 16.97
CA PRO D 464 -4.44 -4.41 17.93
C PRO D 464 -3.47 -5.12 18.86
N PHE D 465 -2.43 -4.41 19.29
CA PHE D 465 -1.36 -4.98 20.09
C PHE D 465 -1.55 -4.78 21.58
N LYS D 466 -2.47 -3.90 21.99
CA LYS D 466 -2.68 -3.60 23.40
C LYS D 466 -4.16 -3.70 23.72
N PRO D 467 -4.50 -4.03 24.96
CA PRO D 467 -5.90 -3.93 25.38
C PRO D 467 -6.32 -2.48 25.44
N ASP D 468 -7.65 -2.27 25.38
CA ASP D 468 -8.19 -0.92 25.44
C ASP D 468 -7.84 -0.19 26.73
N THR D 469 -7.48 -0.91 27.80
CA THR D 469 -7.08 -0.28 29.05
C THR D 469 -5.67 0.32 29.00
N TYR D 470 -4.89 0.04 27.97
CA TYR D 470 -3.47 0.40 28.00
C TYR D 470 -3.30 1.91 27.91
N ARG D 471 -2.38 2.44 28.72
CA ARG D 471 -2.24 3.89 28.82
C ARG D 471 -1.07 4.46 28.04
N TYR D 472 -0.17 3.61 27.53
CA TYR D 472 1.01 4.04 26.80
C TYR D 472 1.83 5.05 27.60
N GLY E 12 -24.43 37.98 -33.57
CA GLY E 12 -23.83 38.22 -34.87
C GLY E 12 -22.55 37.43 -35.11
N PHE E 13 -22.60 36.14 -34.82
CA PHE E 13 -21.45 35.26 -35.01
C PHE E 13 -21.48 34.66 -36.41
N THR E 14 -20.41 34.88 -37.18
CA THR E 14 -20.33 34.38 -38.55
C THR E 14 -19.04 33.62 -38.86
N ASP E 15 -18.16 33.40 -37.89
CA ASP E 15 -16.83 32.84 -38.13
C ASP E 15 -16.90 31.31 -38.09
N TYR E 16 -17.52 30.74 -39.12
CA TYR E 16 -17.69 29.29 -39.20
C TYR E 16 -18.20 28.94 -40.59
N LYS E 17 -18.22 27.64 -40.86
CA LYS E 17 -18.79 27.13 -42.10
C LYS E 17 -19.21 25.69 -41.85
N VAL E 18 -20.52 25.44 -41.85
CA VAL E 18 -21.10 24.13 -41.63
C VAL E 18 -22.20 23.91 -42.66
N ALA E 19 -22.69 22.68 -42.72
CA ALA E 19 -23.70 22.31 -43.72
C ALA E 19 -25.03 23.03 -43.47
N ASP E 20 -25.52 22.99 -42.24
CA ASP E 20 -26.88 23.46 -41.96
C ASP E 20 -26.93 23.87 -40.49
N ILE E 21 -26.86 25.19 -40.25
CA ILE E 21 -26.85 25.71 -38.88
C ILE E 21 -28.11 25.33 -38.11
N THR E 22 -29.23 25.10 -38.81
CA THR E 22 -30.49 24.78 -38.13
C THR E 22 -30.49 23.39 -37.50
N LEU E 23 -29.46 22.57 -37.74
CA LEU E 23 -29.33 21.28 -37.06
C LEU E 23 -28.78 21.44 -35.65
N ALA E 24 -28.55 22.68 -35.20
CA ALA E 24 -27.85 22.91 -33.94
C ALA E 24 -28.62 22.37 -32.75
N ALA E 25 -29.94 22.57 -32.71
CA ALA E 25 -30.73 22.08 -31.58
C ALA E 25 -30.66 20.56 -31.50
N TRP E 26 -30.74 19.89 -32.64
CA TRP E 26 -30.58 18.45 -32.65
C TRP E 26 -29.21 18.06 -32.13
N GLY E 27 -28.17 18.76 -32.58
CA GLY E 27 -26.83 18.45 -32.10
C GLY E 27 -26.67 18.65 -30.61
N ARG E 28 -27.27 19.73 -30.08
CA ARG E 28 -27.20 19.98 -28.64
C ARG E 28 -27.89 18.88 -27.84
N ARG E 29 -29.03 18.37 -28.33
CA ARG E 29 -29.67 17.25 -27.63
C ARG E 29 -28.73 16.05 -27.56
N GLU E 30 -28.05 15.73 -28.66
CA GLU E 30 -27.15 14.59 -28.63
C GLU E 30 -25.90 14.88 -27.81
N LEU E 31 -25.44 16.14 -27.74
CA LEU E 31 -24.27 16.45 -26.90
C LEU E 31 -24.59 16.24 -25.43
N ILE E 32 -25.80 16.61 -25.02
CA ILE E 32 -26.24 16.42 -23.65
C ILE E 32 -26.27 14.93 -23.29
N ILE E 33 -26.76 14.10 -24.23
CA ILE E 33 -26.73 12.66 -24.00
C ILE E 33 -25.29 12.18 -23.92
N ALA E 34 -24.46 12.59 -24.89
CA ALA E 34 -23.08 12.13 -24.92
C ALA E 34 -22.33 12.50 -23.65
N GLU E 35 -22.64 13.65 -23.06
CA GLU E 35 -22.01 14.04 -21.80
C GLU E 35 -22.28 13.02 -20.71
N SER E 36 -23.49 12.44 -20.68
CA SER E 36 -23.76 11.38 -19.71
C SER E 36 -22.99 10.10 -20.03
N GLU E 37 -22.49 9.94 -21.24
CA GLU E 37 -21.74 8.74 -21.63
C GLU E 37 -20.23 8.92 -21.51
N MET E 38 -19.75 10.07 -21.04
CA MET E 38 -18.31 10.37 -21.01
C MET E 38 -17.89 10.88 -19.63
N PRO E 39 -17.85 9.99 -18.63
CA PRO E 39 -17.58 10.46 -17.26
C PRO E 39 -16.14 10.89 -17.02
N ALA E 40 -15.16 10.25 -17.67
CA ALA E 40 -13.77 10.71 -17.52
C ALA E 40 -13.62 12.14 -18.01
N LEU E 41 -14.16 12.42 -19.19
CA LEU E 41 -14.04 13.76 -19.76
C LEU E 41 -14.87 14.77 -18.97
N MET E 42 -16.09 14.39 -18.58
N MET E 42 -16.08 14.40 -18.53
CA MET E 42 -16.90 15.27 -17.73
CA MET E 42 -16.85 15.35 -17.75
C MET E 42 -16.21 15.54 -16.41
C MET E 42 -16.30 15.52 -16.35
N GLY E 43 -15.63 14.50 -15.81
CA GLY E 43 -14.94 14.67 -14.55
C GLY E 43 -13.78 15.65 -14.66
N LEU E 44 -13.07 15.62 -15.79
CA LEU E 44 -12.01 16.61 -15.99
C LEU E 44 -12.60 18.01 -16.08
N ARG E 45 -13.69 18.15 -16.82
CA ARG E 45 -14.37 19.43 -16.92
C ARG E 45 -14.74 19.98 -15.53
N ARG E 46 -15.35 19.14 -14.68
CA ARG E 46 -15.69 19.59 -13.32
C ARG E 46 -14.45 19.88 -12.49
N LYS E 47 -13.44 19.02 -12.59
CA LYS E 47 -12.29 19.16 -11.70
C LYS E 47 -11.50 20.45 -11.98
N TYR E 48 -11.40 20.84 -13.25
CA TYR E 48 -10.49 21.89 -13.65
C TYR E 48 -11.19 23.19 -14.05
N ALA E 49 -12.51 23.22 -14.01
CA ALA E 49 -13.24 24.38 -14.51
C ALA E 49 -12.87 25.64 -13.74
N GLY E 50 -12.83 25.55 -12.41
CA GLY E 50 -12.55 26.72 -11.60
C GLY E 50 -11.11 27.18 -11.68
N GLN E 51 -10.18 26.25 -11.93
CA GLN E 51 -8.76 26.59 -12.04
C GLN E 51 -8.41 27.15 -13.41
N GLN E 52 -9.22 26.88 -14.43
CA GLN E 52 -9.00 27.39 -15.78
C GLN E 52 -7.56 27.14 -16.26
N PRO E 53 -7.09 25.90 -16.24
CA PRO E 53 -5.69 25.64 -16.62
C PRO E 53 -5.38 25.95 -18.07
N LEU E 54 -6.40 26.08 -18.94
CA LEU E 54 -6.18 26.42 -20.33
C LEU E 54 -6.48 27.88 -20.65
N LYS E 55 -6.63 28.73 -19.64
CA LYS E 55 -6.84 30.14 -19.90
C LYS E 55 -5.62 30.72 -20.62
N GLY E 56 -5.83 31.32 -21.78
CA GLY E 56 -4.76 31.77 -22.62
C GLY E 56 -4.36 30.82 -23.73
N ALA E 57 -4.77 29.55 -23.66
CA ALA E 57 -4.51 28.63 -24.75
C ALA E 57 -5.34 28.99 -25.97
N LYS E 58 -4.73 28.89 -27.15
CA LYS E 58 -5.41 29.13 -28.42
C LYS E 58 -5.13 27.91 -29.29
N ILE E 59 -6.10 27.01 -29.38
CA ILE E 59 -5.88 25.65 -29.88
C ILE E 59 -6.40 25.55 -31.30
N LEU E 60 -5.51 25.16 -32.22
CA LEU E 60 -5.92 24.73 -33.55
C LEU E 60 -6.26 23.24 -33.45
N GLY E 61 -7.51 22.89 -33.74
CA GLY E 61 -7.94 21.50 -33.64
C GLY E 61 -8.32 20.91 -34.99
N CYS E 62 -7.82 19.71 -35.30
CA CYS E 62 -8.14 19.02 -36.56
C CYS E 62 -8.43 17.56 -36.23
N ILE E 63 -9.72 17.25 -36.05
CA ILE E 63 -10.14 15.88 -35.76
C ILE E 63 -11.63 15.78 -36.06
N HIS E 64 -12.03 14.62 -36.60
CA HIS E 64 -13.40 14.28 -36.98
C HIS E 64 -14.43 15.06 -36.18
N MET E 65 -15.29 15.84 -36.84
CA MET E 65 -16.18 16.76 -36.15
C MET E 65 -17.48 16.04 -35.81
N THR E 66 -17.36 15.07 -34.92
CA THR E 66 -18.44 14.24 -34.38
C THR E 66 -18.98 14.83 -33.10
N ILE E 67 -20.07 14.21 -32.62
CA ILE E 67 -20.63 14.57 -31.32
C ILE E 67 -19.59 14.37 -30.22
N GLN E 68 -18.82 13.31 -30.31
CA GLN E 68 -17.79 13.04 -29.30
C GLN E 68 -16.75 14.15 -29.28
N THR E 69 -16.29 14.57 -30.47
CA THR E 69 -15.37 15.70 -30.56
C THR E 69 -16.00 16.98 -30.02
N GLY E 70 -17.31 17.14 -30.19
CA GLY E 70 -17.97 18.31 -29.64
C GLY E 70 -17.83 18.39 -28.12
N VAL E 71 -18.00 17.26 -27.43
CA VAL E 71 -17.82 17.24 -25.97
C VAL E 71 -16.38 17.57 -25.60
N LEU E 72 -15.42 17.07 -26.39
CA LEU E 72 -14.02 17.44 -26.19
C LEU E 72 -13.81 18.95 -26.37
N ILE E 73 -14.33 19.52 -27.47
CA ILE E 73 -14.18 20.94 -27.73
C ILE E 73 -14.73 21.76 -26.57
N GLU E 74 -15.95 21.46 -26.16
CA GLU E 74 -16.53 22.27 -25.09
C GLU E 74 -15.85 22.02 -23.76
N THR E 75 -15.15 20.88 -23.60
CA THR E 75 -14.34 20.68 -22.40
C THR E 75 -13.11 21.58 -22.42
N LEU E 76 -12.40 21.65 -23.54
CA LEU E 76 -11.29 22.60 -23.66
C LEU E 76 -11.75 24.03 -23.41
N VAL E 77 -12.88 24.42 -24.02
CA VAL E 77 -13.37 25.78 -23.82
C VAL E 77 -13.74 26.02 -22.37
N ALA E 78 -14.42 25.04 -21.74
CA ALA E 78 -14.79 25.17 -20.34
C ALA E 78 -13.56 25.36 -19.45
N LEU E 79 -12.40 24.84 -19.86
CA LEU E 79 -11.19 25.01 -19.08
C LEU E 79 -10.43 26.29 -19.42
N GLY E 80 -11.00 27.15 -20.26
CA GLY E 80 -10.44 28.47 -20.54
C GLY E 80 -9.92 28.65 -21.96
N ALA E 81 -9.86 27.60 -22.76
CA ALA E 81 -9.24 27.70 -24.08
C ALA E 81 -10.15 28.43 -25.07
N GLU E 82 -9.52 29.04 -26.07
CA GLU E 82 -10.14 29.42 -27.34
C GLU E 82 -9.68 28.41 -28.39
N VAL E 83 -10.58 28.04 -29.31
CA VAL E 83 -10.24 27.06 -30.33
C VAL E 83 -10.72 27.50 -31.70
N ARG E 84 -10.11 26.93 -32.74
CA ARG E 84 -10.60 26.98 -34.11
C ARG E 84 -10.45 25.57 -34.64
N TRP E 85 -11.54 25.02 -35.18
CA TRP E 85 -11.66 23.58 -35.40
C TRP E 85 -11.95 23.24 -36.85
N SER E 86 -11.41 22.10 -37.27
CA SER E 86 -11.74 21.49 -38.54
C SER E 86 -11.77 19.98 -38.34
N SER E 87 -12.41 19.27 -39.26
CA SER E 87 -12.39 17.81 -39.23
C SER E 87 -11.14 17.32 -39.95
N CYS E 88 -10.67 16.15 -39.55
CA CYS E 88 -9.52 15.57 -40.22
C CYS E 88 -9.88 14.56 -41.31
N ASN E 89 -11.15 14.52 -41.75
CA ASN E 89 -11.54 13.64 -42.84
C ASN E 89 -12.77 14.23 -43.53
N ILE E 90 -12.85 14.02 -44.84
CA ILE E 90 -13.90 14.66 -45.63
C ILE E 90 -15.29 14.05 -45.38
N PHE E 91 -15.38 12.85 -44.81
CA PHE E 91 -16.66 12.18 -44.60
C PHE E 91 -17.03 11.98 -43.13
N SER E 92 -16.17 12.36 -42.20
CA SER E 92 -16.36 11.94 -40.82
C SER E 92 -17.18 12.91 -39.99
N THR E 93 -17.45 14.11 -40.49
CA THR E 93 -18.21 15.07 -39.70
C THR E 93 -19.65 14.60 -39.53
N GLN E 94 -20.22 14.83 -38.35
CA GLN E 94 -21.67 14.78 -38.14
C GLN E 94 -22.18 16.21 -38.18
N ASP E 95 -22.94 16.54 -39.23
CA ASP E 95 -23.35 17.92 -39.44
C ASP E 95 -24.09 18.50 -38.24
N GLN E 96 -24.87 17.69 -37.51
CA GLN E 96 -25.55 18.28 -36.35
C GLN E 96 -24.56 18.63 -35.23
N ALA E 97 -23.44 17.91 -35.13
CA ALA E 97 -22.42 18.27 -34.14
C ALA E 97 -21.72 19.57 -34.53
N ALA E 98 -21.33 19.68 -35.80
CA ALA E 98 -20.70 20.91 -36.27
C ALA E 98 -21.65 22.09 -36.07
N ALA E 99 -22.93 21.88 -36.35
CA ALA E 99 -23.93 22.94 -36.19
C ALA E 99 -24.02 23.40 -34.75
N ALA E 100 -24.07 22.44 -33.80
CA ALA E 100 -24.15 22.80 -32.40
C ALA E 100 -22.93 23.60 -31.95
N ILE E 101 -21.75 23.22 -32.45
CA ILE E 101 -20.54 23.93 -32.04
C ILE E 101 -20.52 25.35 -32.61
N ALA E 102 -20.90 25.50 -33.89
CA ALA E 102 -20.98 26.85 -34.44
C ALA E 102 -22.02 27.69 -33.69
N ALA E 103 -23.17 27.12 -33.38
CA ALA E 103 -24.21 27.90 -32.69
C ALA E 103 -23.77 28.33 -31.30
N ALA E 104 -22.80 27.65 -30.72
CA ALA E 104 -22.28 28.05 -29.41
C ALA E 104 -21.20 29.11 -29.53
N GLY E 105 -20.97 29.66 -30.72
CA GLY E 105 -19.99 30.70 -30.91
C GLY E 105 -18.57 30.22 -31.08
N ILE E 106 -18.36 28.98 -31.49
CA ILE E 106 -17.03 28.41 -31.63
C ILE E 106 -16.70 28.28 -33.11
N PRO E 107 -15.58 28.85 -33.58
CA PRO E 107 -15.22 28.69 -35.00
C PRO E 107 -14.98 27.24 -35.36
N VAL E 108 -15.73 26.75 -36.34
CA VAL E 108 -15.62 25.38 -36.82
C VAL E 108 -15.89 25.39 -38.32
N PHE E 109 -15.13 24.60 -39.07
CA PHE E 109 -15.21 24.55 -40.53
C PHE E 109 -15.22 23.08 -40.91
N ALA E 110 -16.42 22.54 -41.16
CA ALA E 110 -16.54 21.10 -41.23
C ALA E 110 -17.93 20.70 -41.70
N TRP E 111 -17.98 19.77 -42.65
CA TRP E 111 -19.26 19.20 -43.05
C TRP E 111 -18.99 17.83 -43.67
N LYS E 112 -20.01 16.97 -43.60
CA LYS E 112 -19.91 15.65 -44.19
C LYS E 112 -19.89 15.75 -45.71
N GLY E 113 -18.89 15.14 -46.34
CA GLY E 113 -18.84 15.14 -47.78
C GLY E 113 -18.12 16.34 -48.36
N GLU E 114 -17.03 16.76 -47.73
CA GLU E 114 -16.19 17.80 -48.30
C GLU E 114 -15.43 17.25 -49.52
N THR E 115 -15.08 18.14 -50.45
CA THR E 115 -14.09 17.78 -51.43
C THR E 115 -12.70 17.95 -50.85
N GLU E 116 -11.70 17.42 -51.55
CA GLU E 116 -10.31 17.61 -51.11
C GLU E 116 -9.98 19.09 -50.98
N GLU E 117 -10.35 19.87 -51.98
CA GLU E 117 -10.11 21.31 -51.94
C GLU E 117 -10.79 21.95 -50.74
N GLU E 118 -12.04 21.56 -50.47
CA GLU E 118 -12.76 22.09 -49.31
C GLU E 118 -12.11 21.63 -48.00
N TYR E 119 -11.60 20.40 -47.97
CA TYR E 119 -10.88 19.91 -46.80
C TYR E 119 -9.70 20.83 -46.44
N GLU E 120 -8.85 21.16 -47.43
CA GLU E 120 -7.71 22.02 -47.16
C GLU E 120 -8.15 23.43 -46.81
N TRP E 121 -9.20 23.93 -47.47
CA TRP E 121 -9.73 25.25 -47.14
C TRP E 121 -10.17 25.32 -45.67
N CYS E 122 -10.83 24.27 -45.19
CA CYS E 122 -11.30 24.26 -43.81
C CYS E 122 -10.14 24.35 -42.83
N ILE E 123 -9.07 23.58 -43.05
CA ILE E 123 -7.91 23.69 -42.18
C ILE E 123 -7.36 25.11 -42.21
N GLU E 124 -7.23 25.68 -43.39
CA GLU E 124 -6.68 27.05 -43.53
C GLU E 124 -7.59 28.06 -42.81
N GLN E 125 -8.90 27.83 -42.79
CA GLN E 125 -9.77 28.74 -42.04
C GLN E 125 -9.53 28.66 -40.54
N THR E 126 -9.04 27.52 -40.01
CA THR E 126 -8.67 27.50 -38.60
C THR E 126 -7.36 28.26 -38.40
N ILE E 127 -6.41 28.10 -39.31
CA ILE E 127 -5.10 28.73 -39.21
C ILE E 127 -5.20 30.24 -39.35
N LEU E 128 -6.04 30.71 -40.27
CA LEU E 128 -6.19 32.13 -40.57
C LEU E 128 -7.42 32.70 -39.87
N LYS E 129 -7.27 33.89 -39.29
CA LYS E 129 -8.41 34.64 -38.80
C LYS E 129 -8.39 35.99 -39.50
N ASP E 130 -9.48 36.31 -40.20
CA ASP E 130 -9.57 37.57 -40.95
C ASP E 130 -8.39 37.73 -41.88
N GLY E 131 -8.06 36.64 -42.60
CA GLY E 131 -7.00 36.66 -43.59
C GLY E 131 -5.58 36.70 -43.04
N GLN E 132 -5.41 36.69 -41.72
CA GLN E 132 -4.11 36.75 -41.07
C GLN E 132 -3.92 35.55 -40.17
N PRO E 133 -2.70 35.07 -39.97
CA PRO E 133 -2.46 33.95 -39.04
C PRO E 133 -3.03 34.24 -37.66
N TRP E 134 -3.86 33.33 -37.17
CA TRP E 134 -4.33 33.40 -35.81
C TRP E 134 -3.15 33.29 -34.86
N ASP E 135 -3.24 33.95 -33.71
CA ASP E 135 -2.20 33.83 -32.70
C ASP E 135 -2.34 32.52 -31.91
N ALA E 136 -2.31 31.41 -32.64
CA ALA E 136 -2.46 30.10 -32.01
C ALA E 136 -1.23 29.78 -31.17
N ASN E 137 -1.43 28.95 -30.13
CA ASN E 137 -0.29 28.51 -29.33
C ASN E 137 -0.37 27.05 -28.91
N MET E 138 -1.36 26.30 -29.40
CA MET E 138 -1.49 24.87 -29.12
C MET E 138 -2.06 24.18 -30.35
N VAL E 139 -1.71 22.90 -30.54
CA VAL E 139 -2.23 22.13 -31.66
C VAL E 139 -2.76 20.80 -31.15
N LEU E 140 -3.98 20.45 -31.59
CA LEU E 140 -4.55 19.13 -31.37
C LEU E 140 -4.85 18.52 -32.74
N ASP E 141 -4.21 17.39 -33.05
CA ASP E 141 -4.27 16.83 -34.40
C ASP E 141 -4.71 15.37 -34.34
N ASP E 142 -5.19 14.88 -35.48
CA ASP E 142 -5.55 13.46 -35.62
C ASP E 142 -5.11 13.07 -37.03
N GLY E 143 -3.91 12.50 -37.15
CA GLY E 143 -3.42 12.04 -38.44
C GLY E 143 -2.29 12.87 -39.01
N GLY E 144 -2.03 14.05 -38.46
CA GLY E 144 -0.88 14.84 -38.87
C GLY E 144 -1.06 15.79 -40.03
N ASP E 145 -2.28 15.97 -40.54
CA ASP E 145 -2.45 16.91 -41.67
C ASP E 145 -2.26 18.35 -41.23
N LEU E 146 -2.88 18.74 -40.12
CA LEU E 146 -2.68 20.10 -39.62
C LEU E 146 -1.22 20.32 -39.25
N THR E 147 -0.61 19.36 -38.56
CA THR E 147 0.80 19.44 -38.20
C THR E 147 1.66 19.65 -39.43
N GLU E 148 1.39 18.91 -40.51
CA GLU E 148 2.18 19.02 -41.72
C GLU E 148 2.03 20.40 -42.36
N ILE E 149 0.80 20.89 -42.46
CA ILE E 149 0.55 22.20 -43.07
C ILE E 149 1.28 23.31 -42.30
N LEU E 150 1.22 23.27 -40.97
CA LEU E 150 1.93 24.29 -40.19
C LEU E 150 3.43 24.25 -40.47
N HIS E 151 4.04 23.05 -40.47
CA HIS E 151 5.48 22.98 -40.67
C HIS E 151 5.85 23.40 -42.09
N LYS E 152 5.00 23.07 -43.05
CA LYS E 152 5.31 23.27 -44.46
C LYS E 152 4.98 24.69 -44.91
N LYS E 153 3.81 25.19 -44.53
CA LYS E 153 3.31 26.45 -45.07
C LYS E 153 3.31 27.60 -44.07
N TYR E 154 3.28 27.32 -42.76
CA TYR E 154 3.23 28.38 -41.75
C TYR E 154 4.27 28.19 -40.66
N PRO E 155 5.54 28.00 -41.01
CA PRO E 155 6.54 27.71 -39.96
C PRO E 155 6.64 28.81 -38.91
N GLN E 156 6.45 30.08 -39.27
CA GLN E 156 6.52 31.16 -38.28
C GLN E 156 5.50 30.99 -37.17
N MET E 157 4.34 30.40 -37.47
CA MET E 157 3.34 30.21 -36.42
C MET E 157 3.83 29.24 -35.36
N LEU E 158 4.67 28.28 -35.74
CA LEU E 158 5.16 27.30 -34.78
C LEU E 158 6.09 27.92 -33.74
N GLU E 159 6.69 29.08 -34.05
CA GLU E 159 7.53 29.78 -33.07
C GLU E 159 6.77 30.10 -31.80
N ARG E 160 5.44 30.19 -31.87
CA ARG E 160 4.61 30.58 -30.73
C ARG E 160 3.79 29.43 -30.17
N ILE E 161 3.98 28.24 -30.70
CA ILE E 161 3.14 27.10 -30.34
C ILE E 161 3.89 26.25 -29.33
N HIS E 162 3.21 25.94 -28.21
CA HIS E 162 3.84 25.22 -27.11
C HIS E 162 3.89 23.72 -27.32
N GLY E 163 3.06 23.15 -28.20
CA GLY E 163 3.11 21.72 -28.39
C GLY E 163 1.98 21.22 -29.26
N ILE E 164 2.07 19.93 -29.58
CA ILE E 164 1.07 19.22 -30.37
C ILE E 164 0.62 18.00 -29.57
N THR E 165 -0.69 17.73 -29.55
CA THR E 165 -1.18 16.49 -28.97
C THR E 165 -1.84 15.68 -30.08
N GLU E 166 -1.24 14.53 -30.39
CA GLU E 166 -1.59 13.77 -31.59
C GLU E 166 -2.41 12.54 -31.21
N GLU E 167 -3.50 12.33 -31.95
CA GLU E 167 -4.54 11.37 -31.58
C GLU E 167 -4.19 9.94 -32.01
N THR E 168 -3.64 9.75 -33.21
CA THR E 168 -3.71 8.44 -33.81
C THR E 168 -2.35 7.94 -34.28
N THR E 169 -2.32 6.62 -34.54
CA THR E 169 -1.08 5.90 -34.83
C THR E 169 -0.35 6.51 -36.03
N THR E 170 -1.08 6.76 -37.12
CA THR E 170 -0.46 7.33 -38.31
C THR E 170 0.14 8.71 -38.03
N GLY E 171 -0.57 9.53 -37.25
CA GLY E 171 -0.04 10.83 -36.89
C GLY E 171 1.22 10.74 -36.07
N VAL E 172 1.25 9.83 -35.10
CA VAL E 172 2.43 9.63 -34.27
C VAL E 172 3.61 9.16 -35.13
N HIS E 173 3.34 8.34 -36.15
CA HIS E 173 4.41 7.91 -37.04
C HIS E 173 5.01 9.10 -37.78
N ARG E 174 4.15 9.96 -38.33
CA ARG E 174 4.64 11.14 -39.02
C ARG E 174 5.45 12.03 -38.07
N LEU E 175 5.05 12.11 -36.80
CA LEU E 175 5.76 12.93 -35.83
C LEU E 175 7.16 12.37 -35.55
N LEU E 176 7.25 11.05 -35.36
CA LEU E 176 8.56 10.45 -35.11
C LEU E 176 9.47 10.55 -36.32
N ASP E 177 8.90 10.53 -37.54
CA ASP E 177 9.69 10.80 -38.73
C ASP E 177 10.29 12.20 -38.72
N MET E 178 9.49 13.20 -38.33
CA MET E 178 10.02 14.56 -38.31
C MET E 178 11.06 14.72 -37.22
N LEU E 179 10.85 14.07 -36.08
CA LEU E 179 11.84 14.14 -35.00
C LEU E 179 13.17 13.56 -35.43
N LYS E 180 13.14 12.41 -36.13
CA LYS E 180 14.40 11.80 -36.51
C LYS E 180 15.10 12.61 -37.60
N ASN E 181 14.34 13.22 -38.51
CA ASN E 181 14.91 14.09 -39.54
C ASN E 181 15.23 15.50 -39.03
N GLY E 182 15.01 15.78 -37.76
CA GLY E 182 15.28 17.11 -37.24
C GLY E 182 14.39 18.20 -37.81
N THR E 183 13.18 17.86 -38.27
CA THR E 183 12.27 18.84 -38.83
C THR E 183 11.11 19.18 -37.92
N LEU E 184 10.89 18.44 -36.82
CA LEU E 184 9.86 18.80 -35.85
C LEU E 184 10.25 20.06 -35.09
N LYS E 185 9.35 21.06 -35.07
CA LYS E 185 9.62 22.36 -34.46
C LYS E 185 9.11 22.52 -33.04
N VAL E 186 8.14 21.72 -32.61
CA VAL E 186 7.60 21.84 -31.26
C VAL E 186 7.43 20.44 -30.66
N PRO E 187 7.41 20.34 -29.33
CA PRO E 187 7.25 19.03 -28.70
C PRO E 187 5.83 18.49 -28.90
N ALA E 188 5.71 17.17 -28.78
CA ALA E 188 4.41 16.53 -28.95
C ALA E 188 4.16 15.56 -27.81
N ILE E 189 2.88 15.32 -27.53
CA ILE E 189 2.46 14.18 -26.73
C ILE E 189 1.72 13.20 -27.62
N ASN E 190 2.19 11.96 -27.61
CA ASN E 190 1.57 10.80 -28.23
C ASN E 190 0.37 10.37 -27.37
N VAL E 191 -0.82 10.87 -27.71
CA VAL E 191 -2.03 10.45 -27.01
C VAL E 191 -2.39 9.01 -27.34
N ASN E 192 -2.00 8.56 -28.54
CA ASN E 192 -2.42 7.24 -29.01
C ASN E 192 -1.95 6.14 -28.07
N ASP E 193 -0.74 6.25 -27.52
CA ASP E 193 -0.14 5.13 -26.81
C ASP E 193 -0.49 5.06 -25.31
N SER E 194 -1.38 5.91 -24.81
CA SER E 194 -2.05 5.57 -23.54
C SER E 194 -2.80 4.26 -23.70
N VAL E 195 -2.84 3.46 -22.63
CA VAL E 195 -3.64 2.24 -22.73
C VAL E 195 -5.11 2.57 -22.88
N THR E 196 -5.58 3.60 -22.17
CA THR E 196 -6.98 4.04 -22.26
C THR E 196 -7.29 4.73 -23.58
N LYS E 197 -6.32 4.88 -24.47
CA LYS E 197 -6.58 5.27 -25.85
C LYS E 197 -6.37 4.06 -26.75
N SER E 198 -5.13 3.59 -26.91
CA SER E 198 -4.79 2.56 -27.89
C SER E 198 -5.60 1.28 -27.70
N LYS E 199 -5.62 0.75 -26.47
CA LYS E 199 -6.27 -0.53 -26.19
C LYS E 199 -7.73 -0.36 -25.84
N ASN E 200 -8.32 0.78 -26.20
CA ASN E 200 -9.71 1.09 -25.94
C ASN E 200 -10.34 1.62 -27.21
N ASP E 201 -9.84 2.76 -27.67
CA ASP E 201 -10.26 3.36 -28.94
C ASP E 201 -9.91 2.46 -30.13
N ASN E 202 -8.62 2.19 -30.34
CA ASN E 202 -8.20 1.54 -31.58
C ASN E 202 -8.83 0.15 -31.72
N LYS E 203 -8.94 -0.58 -30.61
CA LYS E 203 -9.44 -1.95 -30.67
C LYS E 203 -10.94 -1.98 -30.46
N TYR E 204 -11.39 -1.63 -29.26
CA TYR E 204 -12.81 -1.79 -28.95
C TYR E 204 -13.69 -0.86 -29.78
N GLY E 205 -13.18 0.32 -30.10
CA GLY E 205 -13.97 1.23 -30.92
C GLY E 205 -14.30 0.66 -32.27
N CYS E 206 -13.31 0.05 -32.94
CA CYS E 206 -13.57 -0.58 -34.22
C CYS E 206 -14.44 -1.82 -34.08
N ARG E 207 -14.36 -2.50 -32.93
CA ARG E 207 -15.28 -3.60 -32.66
C ARG E 207 -16.73 -3.12 -32.71
N HIS E 208 -17.01 -1.99 -32.08
CA HIS E 208 -18.36 -1.43 -32.09
C HIS E 208 -18.74 -0.93 -33.47
N SER E 209 -17.85 -0.20 -34.14
CA SER E 209 -18.27 0.65 -35.23
C SER E 209 -18.03 0.07 -36.63
N LEU E 210 -17.26 -1.02 -36.78
CA LEU E 210 -17.02 -1.57 -38.11
C LEU E 210 -18.26 -2.26 -38.66
N ASN E 211 -18.80 -3.26 -37.94
CA ASN E 211 -20.04 -3.88 -38.42
CA ASN E 211 -20.04 -3.89 -38.40
C ASN E 211 -21.17 -2.87 -38.47
N ASP E 212 -21.12 -1.83 -37.62
CA ASP E 212 -22.12 -0.77 -37.64
C ASP E 212 -22.12 -0.08 -38.99
N ALA E 213 -20.93 0.37 -39.45
CA ALA E 213 -20.82 1.02 -40.75
C ALA E 213 -21.25 0.11 -41.89
N ILE E 214 -20.79 -1.14 -41.89
CA ILE E 214 -21.13 -2.06 -42.98
C ILE E 214 -22.63 -2.26 -43.06
N LYS E 215 -23.30 -2.45 -41.91
CA LYS E 215 -24.75 -2.60 -41.93
C LYS E 215 -25.45 -1.35 -42.45
N ARG E 216 -25.01 -0.15 -42.02
CA ARG E 216 -25.67 1.06 -42.49
C ARG E 216 -25.47 1.25 -43.99
N GLY E 217 -24.30 0.90 -44.51
CA GLY E 217 -24.05 1.14 -45.91
C GLY E 217 -24.72 0.14 -46.84
N THR E 218 -24.74 -1.15 -46.45
CA THR E 218 -25.20 -2.24 -47.32
C THR E 218 -26.41 -3.00 -46.80
N ASP E 219 -26.67 -2.98 -45.48
CA ASP E 219 -27.66 -3.83 -44.81
C ASP E 219 -27.49 -5.31 -45.17
N HIS E 220 -26.24 -5.71 -45.44
CA HIS E 220 -25.91 -7.10 -45.73
C HIS E 220 -25.88 -7.93 -44.45
N LEU E 221 -26.52 -9.10 -44.52
CA LEU E 221 -26.19 -10.16 -43.58
C LEU E 221 -24.70 -10.45 -43.61
N LEU E 222 -24.10 -10.59 -42.43
CA LEU E 222 -22.70 -10.94 -42.32
C LEU E 222 -22.50 -12.38 -41.88
N SER E 223 -23.38 -12.90 -41.03
CA SER E 223 -23.33 -14.29 -40.58
C SER E 223 -23.19 -15.24 -41.75
N GLY E 224 -22.27 -16.19 -41.63
CA GLY E 224 -22.10 -17.24 -42.63
C GLY E 224 -21.23 -16.87 -43.82
N LYS E 225 -20.86 -15.59 -43.96
CA LYS E 225 -20.09 -15.08 -45.07
C LYS E 225 -18.60 -14.99 -44.74
N GLN E 226 -17.78 -14.86 -45.79
CA GLN E 226 -16.32 -14.91 -45.67
C GLN E 226 -15.74 -13.51 -45.65
N ALA E 227 -14.88 -13.22 -44.68
CA ALA E 227 -14.22 -11.93 -44.58
C ALA E 227 -12.70 -12.11 -44.55
N LEU E 228 -12.01 -11.13 -45.13
CA LEU E 228 -10.56 -11.06 -45.06
C LEU E 228 -10.20 -9.71 -44.44
N VAL E 229 -9.53 -9.76 -43.30
CA VAL E 229 -9.10 -8.55 -42.61
C VAL E 229 -7.61 -8.43 -42.84
N ILE E 230 -7.17 -7.33 -43.45
CA ILE E 230 -5.75 -7.13 -43.70
C ILE E 230 -5.20 -6.37 -42.51
N GLY E 231 -4.35 -7.02 -41.73
CA GLY E 231 -3.78 -6.41 -40.54
C GLY E 231 -4.40 -6.96 -39.27
N TYR E 232 -3.58 -7.06 -38.23
CA TYR E 232 -4.05 -7.56 -36.92
C TYR E 232 -3.33 -6.84 -35.79
N GLY E 233 -3.09 -5.53 -35.98
CA GLY E 233 -2.75 -4.64 -34.87
C GLY E 233 -3.99 -4.34 -34.06
N ASP E 234 -4.03 -3.18 -33.43
CA ASP E 234 -5.18 -2.91 -32.56
C ASP E 234 -6.46 -2.78 -33.36
N VAL E 235 -6.40 -2.04 -34.48
CA VAL E 235 -7.57 -1.84 -35.33
C VAL E 235 -7.99 -3.15 -35.96
N GLY E 236 -7.03 -3.93 -36.47
CA GLY E 236 -7.37 -5.22 -37.06
C GLY E 236 -7.92 -6.21 -36.05
N LYS E 237 -7.38 -6.19 -34.82
CA LYS E 237 -7.94 -7.05 -33.76
C LYS E 237 -9.40 -6.71 -33.49
N GLY E 238 -9.70 -5.42 -33.33
CA GLY E 238 -11.07 -5.02 -33.08
C GLY E 238 -11.97 -5.24 -34.28
N SER E 239 -11.43 -5.04 -35.48
CA SER E 239 -12.22 -5.27 -36.70
C SER E 239 -12.59 -6.73 -36.86
N SER E 240 -11.59 -7.62 -36.71
CA SER E 240 -11.84 -9.05 -36.80
C SER E 240 -12.91 -9.48 -35.81
N GLN E 241 -12.84 -8.98 -34.58
CA GLN E 241 -13.86 -9.30 -33.58
C GLN E 241 -15.23 -8.74 -34.02
N SER E 242 -15.26 -7.52 -34.55
CA SER E 242 -16.51 -6.94 -35.04
C SER E 242 -17.23 -7.86 -36.02
N LEU E 243 -16.46 -8.51 -36.89
CA LEU E 243 -17.04 -9.40 -37.88
C LEU E 243 -17.30 -10.79 -37.32
N ARG E 244 -16.35 -11.34 -36.55
CA ARG E 244 -16.53 -12.69 -36.02
C ARG E 244 -17.75 -12.77 -35.09
N GLN E 245 -17.96 -11.74 -34.27
CA GLN E 245 -19.08 -11.79 -33.33
C GLN E 245 -20.41 -11.79 -34.07
N GLU E 246 -20.43 -11.30 -35.31
CA GLU E 246 -21.62 -11.37 -36.16
C GLU E 246 -21.76 -12.71 -36.86
N GLY E 247 -20.80 -13.63 -36.68
CA GLY E 247 -20.83 -14.94 -37.31
C GLY E 247 -20.17 -15.02 -38.67
N MET E 248 -19.36 -14.04 -39.06
CA MET E 248 -18.58 -14.17 -40.27
C MET E 248 -17.49 -15.21 -40.07
N ILE E 249 -17.08 -15.85 -41.16
CA ILE E 249 -15.88 -16.68 -41.19
C ILE E 249 -14.73 -15.76 -41.56
N VAL E 250 -13.87 -15.46 -40.59
CA VAL E 250 -12.87 -14.42 -40.74
C VAL E 250 -11.50 -15.04 -40.96
N LYS E 251 -10.81 -14.60 -42.01
CA LYS E 251 -9.41 -14.88 -42.24
C LYS E 251 -8.63 -13.58 -42.06
N VAL E 252 -7.40 -13.71 -41.59
CA VAL E 252 -6.58 -12.54 -41.27
C VAL E 252 -5.26 -12.63 -42.04
N ALA E 253 -4.83 -11.49 -42.60
CA ALA E 253 -3.50 -11.36 -43.18
C ALA E 253 -2.64 -10.45 -42.30
N GLU E 254 -1.35 -10.76 -42.24
CA GLU E 254 -0.41 -9.97 -41.47
C GLU E 254 0.99 -10.10 -42.07
N VAL E 255 1.81 -9.08 -41.82
CA VAL E 255 3.25 -9.17 -42.09
C VAL E 255 4.04 -9.35 -40.80
N ASP E 256 3.42 -9.15 -39.64
CA ASP E 256 4.07 -9.26 -38.35
C ASP E 256 3.79 -10.64 -37.78
N PRO E 257 4.80 -11.51 -37.65
CA PRO E 257 4.52 -12.88 -37.15
C PRO E 257 3.91 -12.91 -35.76
N ILE E 258 4.24 -11.97 -34.88
CA ILE E 258 3.67 -11.98 -33.54
C ILE E 258 2.18 -11.67 -33.60
N CYS E 259 1.78 -10.68 -34.42
CA CYS E 259 0.36 -10.41 -34.60
C CYS E 259 -0.33 -11.59 -35.28
N ALA E 260 0.33 -12.22 -36.26
CA ALA E 260 -0.22 -13.43 -36.86
C ALA E 260 -0.45 -14.52 -35.81
N MET E 261 0.49 -14.70 -34.89
N MET E 261 0.50 -14.71 -34.89
CA MET E 261 0.34 -15.73 -33.85
CA MET E 261 0.34 -15.73 -33.85
C MET E 261 -0.89 -15.46 -32.99
C MET E 261 -0.90 -15.46 -33.02
N GLN E 262 -1.10 -14.21 -32.61
CA GLN E 262 -2.29 -13.85 -31.86
C GLN E 262 -3.55 -14.17 -32.65
N ALA E 263 -3.56 -13.87 -33.95
CA ALA E 263 -4.75 -14.21 -34.74
C ALA E 263 -5.04 -15.70 -34.71
N CYS E 264 -4.00 -16.52 -34.86
CA CYS E 264 -4.18 -17.98 -34.81
C CYS E 264 -4.77 -18.40 -33.46
N MET E 265 -4.15 -17.94 -32.38
CA MET E 265 -4.59 -18.29 -31.04
C MET E 265 -5.97 -17.74 -30.74
N ASP E 266 -6.34 -16.64 -31.39
CA ASP E 266 -7.69 -16.09 -31.25
C ASP E 266 -8.73 -16.83 -32.09
N GLY E 267 -8.33 -17.82 -32.87
CA GLY E 267 -9.26 -18.63 -33.63
C GLY E 267 -9.47 -18.23 -35.07
N PHE E 268 -8.51 -17.53 -35.67
CA PHE E 268 -8.59 -17.13 -37.07
C PHE E 268 -7.59 -17.90 -37.90
N GLU E 269 -7.97 -18.18 -39.15
CA GLU E 269 -7.04 -18.71 -40.13
C GLU E 269 -6.21 -17.55 -40.68
N VAL E 270 -4.90 -17.73 -40.74
CA VAL E 270 -4.02 -16.67 -41.23
C VAL E 270 -3.63 -17.02 -42.67
N VAL E 271 -3.94 -16.10 -43.59
CA VAL E 271 -3.72 -16.30 -45.01
C VAL E 271 -3.06 -15.06 -45.58
N SER E 272 -2.47 -15.23 -46.76
CA SER E 272 -1.96 -14.11 -47.51
C SER E 272 -2.72 -13.98 -48.82
N PRO E 273 -2.99 -12.74 -49.28
CA PRO E 273 -3.54 -12.57 -50.62
C PRO E 273 -2.60 -13.04 -51.72
N TYR E 274 -1.32 -13.25 -51.41
CA TYR E 274 -0.29 -13.63 -52.36
C TYR E 274 0.17 -15.05 -52.11
N LYS E 275 0.53 -15.75 -53.20
CA LYS E 275 1.00 -17.11 -53.06
C LYS E 275 2.29 -17.11 -52.25
N ASN E 276 2.32 -17.89 -51.17
CA ASN E 276 3.45 -17.96 -50.26
C ASN E 276 3.81 -16.59 -49.66
N GLY E 277 2.84 -15.66 -49.61
CA GLY E 277 3.06 -14.35 -49.03
C GLY E 277 3.92 -13.39 -49.85
N ILE E 278 4.31 -13.77 -51.06
CA ILE E 278 5.28 -13.00 -51.84
C ILE E 278 4.55 -12.16 -52.88
N ASN E 279 4.62 -10.84 -52.68
CA ASN E 279 3.91 -9.83 -53.46
C ASN E 279 4.90 -9.24 -54.46
N ASP E 280 5.00 -9.86 -55.65
CA ASP E 280 5.91 -9.39 -56.68
C ASP E 280 5.28 -8.44 -57.69
N GLY E 281 4.01 -8.07 -57.51
CA GLY E 281 3.35 -7.12 -58.39
C GLY E 281 2.59 -7.73 -59.56
N THR E 282 2.65 -9.04 -59.75
CA THR E 282 2.05 -9.68 -60.91
C THR E 282 0.73 -10.34 -60.54
N GLU E 283 -0.16 -10.45 -61.54
CA GLU E 283 -1.41 -11.18 -61.35
C GLU E 283 -1.17 -12.60 -60.88
N ALA E 284 -0.08 -13.22 -61.34
CA ALA E 284 0.15 -14.62 -61.05
C ALA E 284 0.44 -14.86 -59.57
N SER E 285 0.92 -13.84 -58.87
CA SER E 285 1.17 -13.97 -57.44
C SER E 285 -0.11 -13.96 -56.60
N ILE E 286 -1.25 -13.58 -57.17
CA ILE E 286 -2.49 -13.50 -56.40
C ILE E 286 -3.03 -14.90 -56.16
N ASP E 287 -3.48 -15.16 -54.93
CA ASP E 287 -4.21 -16.40 -54.65
C ASP E 287 -5.63 -16.18 -55.11
N ALA E 288 -5.88 -16.48 -56.40
CA ALA E 288 -7.18 -16.22 -56.98
C ALA E 288 -8.27 -17.10 -56.37
N ALA E 289 -7.93 -18.33 -55.97
CA ALA E 289 -8.90 -19.21 -55.32
C ALA E 289 -9.37 -18.63 -53.99
N LEU E 290 -8.43 -18.12 -53.18
CA LEU E 290 -8.78 -17.50 -51.92
C LEU E 290 -9.61 -16.22 -52.12
N LEU E 291 -9.10 -15.27 -52.92
CA LEU E 291 -9.84 -14.03 -53.11
C LEU E 291 -11.18 -14.26 -53.78
N GLY E 292 -11.29 -15.31 -54.61
CA GLY E 292 -12.53 -15.65 -55.26
C GLY E 292 -13.64 -16.06 -54.33
N LYS E 293 -13.33 -16.31 -53.05
CA LYS E 293 -14.31 -16.72 -52.06
C LYS E 293 -14.63 -15.65 -51.03
N ILE E 294 -13.98 -14.48 -51.10
CA ILE E 294 -14.09 -13.45 -50.06
C ILE E 294 -15.29 -12.56 -50.35
N ASP E 295 -16.14 -12.38 -49.34
CA ASP E 295 -17.34 -11.56 -49.44
C ASP E 295 -17.10 -10.13 -48.96
N LEU E 296 -16.02 -9.92 -48.22
CA LEU E 296 -15.79 -8.65 -47.55
C LEU E 296 -14.31 -8.58 -47.24
N ILE E 297 -13.67 -7.49 -47.66
CA ILE E 297 -12.28 -7.23 -47.32
C ILE E 297 -12.21 -5.89 -46.61
N VAL E 298 -11.46 -5.85 -45.51
CA VAL E 298 -11.27 -4.67 -44.67
C VAL E 298 -9.77 -4.47 -44.47
N THR E 299 -9.27 -3.29 -44.83
CA THR E 299 -7.87 -2.94 -44.56
C THR E 299 -7.77 -2.18 -43.25
N THR E 300 -6.75 -2.53 -42.44
CA THR E 300 -6.58 -1.98 -41.10
C THR E 300 -5.12 -1.59 -40.80
N THR E 301 -4.28 -1.39 -41.81
CA THR E 301 -2.84 -1.42 -41.56
C THR E 301 -2.19 -0.07 -41.31
N GLY E 302 -2.72 1.02 -41.85
CA GLY E 302 -1.93 2.23 -41.88
C GLY E 302 -0.78 2.21 -42.88
N ASN E 303 -0.75 1.22 -43.77
CA ASN E 303 0.28 1.06 -44.78
C ASN E 303 -0.33 1.42 -46.14
N VAL E 304 0.46 1.30 -47.21
CA VAL E 304 0.04 1.72 -48.54
C VAL E 304 -0.26 0.50 -49.40
N ASN E 305 -1.38 0.54 -50.12
CA ASN E 305 -1.68 -0.43 -51.17
C ASN E 305 -1.70 -1.88 -50.65
N VAL E 306 -2.39 -2.09 -49.52
CA VAL E 306 -2.53 -3.44 -48.98
C VAL E 306 -3.75 -4.18 -49.51
N CYS E 307 -4.64 -3.50 -50.24
CA CYS E 307 -5.62 -4.15 -51.11
C CYS E 307 -5.39 -3.58 -52.51
N ASP E 308 -4.55 -4.25 -53.31
CA ASP E 308 -4.04 -3.64 -54.53
C ASP E 308 -4.91 -3.98 -55.75
N ALA E 309 -4.47 -3.52 -56.93
CA ALA E 309 -5.31 -3.64 -58.12
C ALA E 309 -5.52 -5.10 -58.50
N ASN E 310 -4.48 -5.93 -58.35
CA ASN E 310 -4.62 -7.34 -58.67
C ASN E 310 -5.54 -8.07 -57.68
N MET E 311 -5.54 -7.67 -56.41
CA MET E 311 -6.51 -8.23 -55.46
C MET E 311 -7.93 -7.82 -55.82
N LEU E 312 -8.12 -6.56 -56.23
CA LEU E 312 -9.46 -6.10 -56.58
C LEU E 312 -9.98 -6.82 -57.81
N LYS E 313 -9.10 -7.09 -58.78
CA LYS E 313 -9.53 -7.83 -59.96
C LYS E 313 -9.96 -9.25 -59.62
N ALA E 314 -9.30 -9.87 -58.65
CA ALA E 314 -9.53 -11.26 -58.30
C ALA E 314 -10.66 -11.46 -57.28
N LEU E 315 -11.16 -10.41 -56.64
CA LEU E 315 -12.17 -10.59 -55.59
C LEU E 315 -13.47 -11.17 -56.16
N LYS E 316 -14.17 -11.91 -55.31
CA LYS E 316 -15.48 -12.46 -55.64
C LYS E 316 -16.43 -11.37 -56.14
N LYS E 317 -17.26 -11.71 -57.13
CA LYS E 317 -18.25 -10.73 -57.58
C LYS E 317 -19.09 -10.28 -56.40
N ARG E 318 -19.39 -8.98 -56.36
CA ARG E 318 -20.28 -8.37 -55.39
C ARG E 318 -19.69 -8.35 -53.98
N ALA E 319 -18.39 -8.63 -53.83
CA ALA E 319 -17.73 -8.43 -52.54
C ALA E 319 -17.76 -6.95 -52.14
N VAL E 320 -17.85 -6.71 -50.82
CA VAL E 320 -17.71 -5.38 -50.23
C VAL E 320 -16.23 -5.12 -49.93
N VAL E 321 -15.79 -3.88 -50.18
CA VAL E 321 -14.41 -3.45 -49.98
C VAL E 321 -14.43 -2.17 -49.13
N CYS E 322 -13.71 -2.17 -48.01
CA CYS E 322 -13.67 -0.95 -47.20
C CYS E 322 -12.36 -0.88 -46.43
N ASN E 323 -12.11 0.32 -45.89
CA ASN E 323 -10.86 0.63 -45.20
C ASN E 323 -11.22 1.31 -43.89
N ILE E 324 -10.59 0.86 -42.81
CA ILE E 324 -10.76 1.52 -41.53
C ILE E 324 -9.45 2.05 -40.98
N GLY E 325 -8.35 1.94 -41.74
CA GLY E 325 -7.15 2.70 -41.45
C GLY E 325 -7.33 4.19 -41.72
N HIS E 326 -6.33 4.99 -41.35
CA HIS E 326 -6.55 6.44 -41.33
C HIS E 326 -6.66 7.06 -42.73
N PHE E 327 -5.94 6.53 -43.72
CA PHE E 327 -5.89 7.13 -45.06
C PHE E 327 -6.39 6.15 -46.12
N ASP E 328 -7.02 6.70 -47.17
CA ASP E 328 -7.64 5.88 -48.22
C ASP E 328 -6.64 5.16 -49.13
N ASN E 329 -5.35 5.45 -49.05
CA ASN E 329 -4.43 4.76 -49.95
C ASN E 329 -4.16 3.31 -49.53
N GLU E 330 -4.79 2.80 -48.46
CA GLU E 330 -4.68 1.38 -48.19
C GLU E 330 -5.24 0.55 -49.34
N ILE E 331 -6.25 1.08 -50.02
CA ILE E 331 -6.89 0.44 -51.16
C ILE E 331 -6.51 1.21 -52.42
N ASP E 332 -6.23 0.49 -53.51
CA ASP E 332 -5.91 1.16 -54.77
C ASP E 332 -7.19 1.66 -55.44
N THR E 333 -7.84 2.64 -54.79
CA THR E 333 -9.01 3.26 -55.39
C THR E 333 -8.66 4.06 -56.65
N ALA E 334 -7.42 4.54 -56.75
CA ALA E 334 -7.02 5.24 -57.98
C ALA E 334 -7.13 4.32 -59.19
N PHE E 335 -6.69 3.07 -59.05
CA PHE E 335 -6.82 2.10 -60.13
C PHE E 335 -8.28 1.95 -60.54
N MET E 336 -9.18 1.89 -59.55
CA MET E 336 -10.60 1.72 -59.84
C MET E 336 -11.23 2.96 -60.49
N ARG E 337 -10.80 4.16 -60.10
CA ARG E 337 -11.26 5.37 -60.81
C ARG E 337 -10.78 5.38 -62.25
N LYS E 338 -9.59 4.85 -62.52
CA LYS E 338 -9.05 4.92 -63.86
C LYS E 338 -9.71 3.90 -64.80
N ASN E 339 -10.10 2.73 -64.29
CA ASN E 339 -10.46 1.61 -65.15
C ASN E 339 -11.91 1.18 -65.08
N TRP E 340 -12.62 1.48 -64.00
CA TRP E 340 -13.94 0.91 -63.76
C TRP E 340 -14.98 2.01 -63.55
N ALA E 341 -16.23 1.69 -63.86
CA ALA E 341 -17.31 2.67 -63.83
C ALA E 341 -18.00 2.64 -62.47
N TRP E 342 -18.20 3.81 -61.88
CA TRP E 342 -18.73 3.91 -60.53
C TRP E 342 -20.21 4.24 -60.58
N GLU E 343 -21.02 3.50 -59.82
CA GLU E 343 -22.44 3.77 -59.71
C GLU E 343 -22.74 4.08 -58.26
N GLU E 344 -23.17 5.30 -57.98
CA GLU E 344 -23.50 5.63 -56.61
C GLU E 344 -24.81 4.97 -56.23
N VAL E 345 -24.78 4.13 -55.20
CA VAL E 345 -26.02 3.60 -54.64
C VAL E 345 -26.70 4.66 -53.79
N LYS E 346 -25.94 5.21 -52.85
CA LYS E 346 -26.32 6.33 -52.00
C LYS E 346 -25.02 6.96 -51.53
N PRO E 347 -25.06 8.08 -50.80
CA PRO E 347 -23.80 8.69 -50.37
C PRO E 347 -22.93 7.70 -49.60
N GLN E 348 -21.63 7.72 -49.92
CA GLN E 348 -20.61 6.83 -49.34
C GLN E 348 -20.83 5.36 -49.65
N VAL E 349 -21.60 5.03 -50.69
CA VAL E 349 -21.75 3.64 -51.12
C VAL E 349 -21.73 3.61 -52.65
N HIS E 350 -20.72 2.97 -53.23
CA HIS E 350 -20.58 2.90 -54.68
C HIS E 350 -20.44 1.46 -55.16
N LYS E 351 -21.19 1.12 -56.19
CA LYS E 351 -20.90 -0.08 -56.97
C LYS E 351 -19.84 0.25 -58.00
N ILE E 352 -18.82 -0.59 -58.08
CA ILE E 352 -17.74 -0.37 -59.03
C ILE E 352 -17.77 -1.52 -60.03
N HIS E 353 -18.16 -1.19 -61.26
CA HIS E 353 -18.44 -2.18 -62.30
C HIS E 353 -17.15 -2.54 -63.02
N ARG E 354 -16.72 -3.78 -62.87
CA ARG E 354 -15.45 -4.23 -63.41
C ARG E 354 -15.53 -4.57 -64.90
N THR E 355 -16.65 -4.23 -65.55
CA THR E 355 -16.85 -4.51 -66.95
C THR E 355 -16.24 -3.46 -67.87
N GLY E 356 -15.91 -2.28 -67.37
CA GLY E 356 -15.32 -1.24 -68.21
C GLY E 356 -15.40 0.11 -67.53
N LYS E 357 -14.78 1.10 -68.18
CA LYS E 357 -14.77 2.43 -67.61
C LYS E 357 -15.93 3.30 -68.10
N ASP E 358 -16.32 3.14 -69.36
CA ASP E 358 -17.30 4.03 -69.98
C ASP E 358 -18.67 3.36 -69.91
N GLY E 359 -19.45 3.73 -68.90
CA GLY E 359 -20.79 3.22 -68.75
C GLY E 359 -20.85 1.86 -68.07
N PHE E 360 -22.06 1.49 -67.64
CA PHE E 360 -22.30 0.20 -67.02
C PHE E 360 -23.72 -0.24 -67.34
N ASP E 361 -23.90 -1.55 -67.38
CA ASP E 361 -25.24 -2.13 -67.41
C ASP E 361 -25.80 -2.11 -66.00
N ALA E 362 -27.00 -1.53 -65.85
CA ALA E 362 -27.59 -1.39 -64.51
C ALA E 362 -27.82 -2.73 -63.83
N HIS E 363 -27.90 -3.82 -64.60
CA HIS E 363 -28.08 -5.15 -64.02
C HIS E 363 -26.81 -6.01 -64.08
N ASN E 364 -25.66 -5.40 -64.39
CA ASN E 364 -24.38 -6.10 -64.35
C ASN E 364 -24.20 -6.79 -62.99
N ASP E 365 -23.70 -8.03 -63.01
CA ASP E 365 -23.45 -8.77 -61.78
C ASP E 365 -22.00 -8.72 -61.34
N ASP E 366 -21.11 -8.15 -62.15
CA ASP E 366 -19.68 -8.14 -61.85
C ASP E 366 -19.28 -6.76 -61.36
N TYR E 367 -19.50 -6.53 -60.06
CA TYR E 367 -19.21 -5.26 -59.42
C TYR E 367 -18.72 -5.52 -58.00
N LEU E 368 -17.99 -4.55 -57.47
CA LEU E 368 -17.64 -4.52 -56.06
C LEU E 368 -18.40 -3.38 -55.41
N ILE E 369 -18.67 -3.48 -54.10
CA ILE E 369 -19.28 -2.37 -53.37
C ILE E 369 -18.20 -1.75 -52.51
N LEU E 370 -17.91 -0.49 -52.78
CA LEU E 370 -16.92 0.28 -52.03
C LEU E 370 -17.63 1.22 -51.06
N LEU E 371 -17.21 1.19 -49.80
CA LEU E 371 -17.80 2.08 -48.80
C LEU E 371 -16.90 3.29 -48.57
N ALA E 372 -17.52 4.45 -48.43
CA ALA E 372 -16.84 5.71 -48.08
C ALA E 372 -15.71 6.05 -49.04
N GLU E 373 -15.83 5.63 -50.30
CA GLU E 373 -14.78 5.81 -51.30
C GLU E 373 -13.40 5.43 -50.76
N GLY E 374 -13.37 4.41 -49.88
CA GLY E 374 -12.15 3.91 -49.28
C GLY E 374 -11.60 4.74 -48.14
N ARG E 375 -12.30 5.78 -47.70
CA ARG E 375 -11.95 6.52 -46.49
C ARG E 375 -12.46 5.78 -45.25
N LEU E 376 -11.99 6.22 -44.08
CA LEU E 376 -12.32 5.55 -42.81
C LEU E 376 -13.79 5.15 -42.75
N VAL E 377 -14.06 3.85 -42.78
CA VAL E 377 -15.43 3.42 -43.04
C VAL E 377 -16.32 3.59 -41.81
N ASN E 378 -15.78 3.43 -40.59
CA ASN E 378 -16.63 3.55 -39.41
C ASN E 378 -17.18 4.97 -39.28
N LEU E 379 -16.36 5.98 -39.58
CA LEU E 379 -16.79 7.37 -39.54
C LEU E 379 -17.51 7.83 -40.80
N GLY E 380 -17.15 7.25 -41.95
CA GLY E 380 -17.77 7.62 -43.20
C GLY E 380 -19.19 7.12 -43.38
N ASN E 381 -19.43 5.87 -43.00
CA ASN E 381 -20.74 5.23 -43.18
C ASN E 381 -21.53 5.04 -41.89
N ALA E 382 -20.96 5.36 -40.74
CA ALA E 382 -21.76 5.40 -39.51
C ALA E 382 -21.31 6.62 -38.70
N THR E 383 -21.08 6.49 -37.39
CA THR E 383 -20.74 7.66 -36.58
C THR E 383 -19.44 7.49 -35.83
N GLY E 384 -18.55 6.60 -36.29
CA GLY E 384 -17.35 6.29 -35.56
C GLY E 384 -17.61 5.58 -34.23
N HIS E 385 -16.60 5.70 -33.37
CA HIS E 385 -16.62 5.11 -32.03
C HIS E 385 -17.72 5.75 -31.16
N PRO E 386 -18.28 5.00 -30.23
CA PRO E 386 -19.30 5.54 -29.34
C PRO E 386 -18.70 6.42 -28.24
N SER E 387 -19.56 7.28 -27.70
CA SER E 387 -19.12 8.28 -26.72
C SER E 387 -18.34 7.64 -25.57
N ARG E 388 -18.85 6.54 -25.03
CA ARG E 388 -18.21 5.98 -23.84
C ARG E 388 -16.81 5.45 -24.12
N ILE E 389 -16.50 5.11 -25.37
CA ILE E 389 -15.13 4.74 -25.72
C ILE E 389 -14.27 5.97 -25.95
N MET E 390 -14.78 6.94 -26.71
CA MET E 390 -14.02 8.18 -26.98
C MET E 390 -13.74 8.96 -25.70
N ASP E 391 -14.53 8.71 -24.65
CA ASP E 391 -14.30 9.30 -23.34
C ASP E 391 -12.86 9.08 -22.87
N GLY E 392 -12.33 7.86 -23.06
CA GLY E 392 -10.95 7.59 -22.67
C GLY E 392 -9.95 8.36 -23.51
N SER E 393 -10.11 8.32 -24.84
CA SER E 393 -9.19 9.04 -25.73
C SER E 393 -9.21 10.53 -25.46
N PHE E 394 -10.39 11.11 -25.23
CA PHE E 394 -10.49 12.55 -25.16
C PHE E 394 -10.14 13.10 -23.77
N ALA E 395 -10.30 12.29 -22.71
CA ALA E 395 -9.70 12.66 -21.43
C ALA E 395 -8.18 12.72 -21.54
N ASN E 396 -7.58 11.77 -22.27
CA ASN E 396 -6.14 11.84 -22.51
C ASN E 396 -5.78 13.11 -23.28
N GLN E 397 -6.57 13.47 -24.29
CA GLN E 397 -6.29 14.69 -25.05
C GLN E 397 -6.33 15.92 -24.14
N VAL E 398 -7.34 16.00 -23.27
CA VAL E 398 -7.44 17.16 -22.37
C VAL E 398 -6.25 17.20 -21.43
N LEU E 399 -5.89 16.06 -20.84
CA LEU E 399 -4.72 16.03 -19.96
C LEU E 399 -3.45 16.43 -20.71
N ALA E 400 -3.28 15.94 -21.94
CA ALA E 400 -2.08 16.26 -22.72
C ALA E 400 -2.03 17.74 -23.09
N GLN E 401 -3.17 18.32 -23.51
CA GLN E 401 -3.20 19.76 -23.78
C GLN E 401 -2.76 20.57 -22.56
N ILE E 402 -3.29 20.22 -21.37
CA ILE E 402 -2.92 20.96 -20.17
C ILE E 402 -1.42 20.84 -19.90
N HIS E 403 -0.87 19.63 -20.05
CA HIS E 403 0.55 19.45 -19.74
C HIS E 403 1.42 20.32 -20.64
N LEU E 404 1.22 20.23 -21.96
CA LEU E 404 2.05 20.98 -22.90
C LEU E 404 1.83 22.48 -22.78
N PHE E 405 0.58 22.91 -22.62
CA PHE E 405 0.32 24.34 -22.48
C PHE E 405 0.99 24.89 -21.21
N GLU E 406 0.90 24.16 -20.09
CA GLU E 406 1.52 24.66 -18.87
C GLU E 406 3.04 24.64 -18.93
N GLN E 407 3.64 23.81 -19.78
CA GLN E 407 5.10 23.78 -19.88
C GLN E 407 5.67 24.95 -20.68
N LYS E 408 4.85 25.62 -21.50
CA LYS E 408 5.24 26.87 -22.16
C LYS E 408 6.56 26.74 -22.93
N TYR E 409 6.67 25.68 -23.73
CA TYR E 409 7.87 25.46 -24.51
C TYR E 409 8.24 26.65 -25.39
N ALA E 410 7.23 27.32 -25.97
CA ALA E 410 7.57 28.36 -26.93
C ALA E 410 8.26 29.55 -26.29
N ASP E 411 8.13 29.73 -24.98
CA ASP E 411 8.74 30.87 -24.30
C ASP E 411 10.16 30.58 -23.82
N LEU E 412 10.71 29.42 -24.11
CA LEU E 412 12.08 29.11 -23.70
C LEU E 412 13.08 29.80 -24.63
N PRO E 413 14.32 30.02 -24.16
CA PRO E 413 15.37 30.46 -25.08
C PRO E 413 15.74 29.35 -26.03
N ALA E 414 16.35 29.75 -27.16
CA ALA E 414 16.71 28.80 -28.21
C ALA E 414 17.43 27.57 -27.64
N ALA E 415 18.36 27.80 -26.70
CA ALA E 415 19.10 26.69 -26.09
C ALA E 415 18.16 25.74 -25.34
N GLU E 416 17.14 26.28 -24.66
CA GLU E 416 16.28 25.42 -23.83
C GLU E 416 15.25 24.66 -24.66
N LYS E 417 14.81 25.23 -25.78
CA LYS E 417 13.90 24.51 -26.67
C LYS E 417 14.56 23.22 -27.17
N ALA E 418 15.86 23.28 -27.50
CA ALA E 418 16.55 22.11 -28.03
C ALA E 418 16.56 20.96 -27.02
N LYS E 419 16.52 21.27 -25.73
CA LYS E 419 16.57 20.25 -24.71
C LYS E 419 15.21 19.66 -24.36
N ARG E 420 14.12 20.32 -24.73
CA ARG E 420 12.78 19.81 -24.45
C ARG E 420 12.03 19.35 -25.69
N LEU E 421 12.69 19.32 -26.84
CA LEU E 421 12.05 18.89 -28.07
C LEU E 421 11.98 17.36 -28.09
N SER E 422 10.77 16.81 -27.94
CA SER E 422 10.60 15.37 -27.82
C SER E 422 9.16 15.00 -28.12
N VAL E 423 8.93 13.70 -28.30
CA VAL E 423 7.61 13.10 -28.36
C VAL E 423 7.47 12.21 -27.13
N GLU E 424 6.49 12.52 -26.26
CA GLU E 424 6.32 11.82 -24.98
C GLU E 424 4.92 11.23 -24.90
N VAL E 425 4.75 10.30 -23.95
CA VAL E 425 3.43 9.78 -23.57
C VAL E 425 3.10 10.27 -22.16
N LEU E 426 1.82 10.22 -21.82
CA LEU E 426 1.39 10.55 -20.47
C LEU E 426 1.84 9.47 -19.48
N PRO E 427 2.14 9.84 -18.24
CA PRO E 427 2.54 8.85 -17.23
C PRO E 427 1.42 7.86 -16.93
N LYS E 428 1.83 6.67 -16.47
CA LYS E 428 0.85 5.61 -16.18
C LYS E 428 -0.14 6.02 -15.10
N LYS E 429 0.27 6.83 -14.13
CA LYS E 429 -0.67 7.24 -13.09
C LYS E 429 -1.89 7.92 -13.68
N LEU E 430 -1.69 8.77 -14.70
CA LEU E 430 -2.81 9.44 -15.33
C LEU E 430 -3.65 8.48 -16.16
N ASP E 431 -2.97 7.60 -16.92
CA ASP E 431 -3.65 6.51 -17.62
C ASP E 431 -4.59 5.74 -16.68
N GLU E 432 -4.07 5.34 -15.51
CA GLU E 432 -4.90 4.61 -14.53
C GLU E 432 -6.08 5.44 -14.06
N GLU E 433 -5.85 6.74 -13.82
CA GLU E 433 -6.93 7.58 -13.31
C GLU E 433 -8.03 7.76 -14.35
N VAL E 434 -7.67 7.81 -15.63
CA VAL E 434 -8.69 7.80 -16.67
C VAL E 434 -9.45 6.49 -16.65
N ALA E 435 -8.72 5.38 -16.52
CA ALA E 435 -9.36 4.06 -16.53
C ALA E 435 -10.32 3.91 -15.37
N LEU E 436 -9.96 4.40 -14.19
CA LEU E 436 -10.86 4.30 -13.05
C LEU E 436 -12.20 4.98 -13.33
N GLU E 437 -12.16 6.16 -13.95
CA GLU E 437 -13.42 6.86 -14.23
C GLU E 437 -14.26 6.11 -15.24
N MET E 438 -13.61 5.50 -16.25
CA MET E 438 -14.33 4.66 -17.21
C MET E 438 -14.98 3.47 -16.52
N VAL E 439 -14.25 2.81 -15.60
CA VAL E 439 -14.81 1.65 -14.90
C VAL E 439 -16.02 2.05 -14.08
N LYS E 440 -15.94 3.19 -13.37
CA LYS E 440 -17.08 3.66 -12.60
C LYS E 440 -18.28 3.95 -13.49
N GLY E 441 -18.04 4.41 -14.72
CA GLY E 441 -19.13 4.63 -15.66
C GLY E 441 -19.88 3.36 -16.00
N PHE E 442 -19.23 2.22 -15.91
CA PHE E 442 -19.91 0.93 -16.06
C PHE E 442 -20.53 0.42 -14.77
N GLY E 443 -20.32 1.11 -13.65
CA GLY E 443 -20.73 0.54 -12.39
C GLY E 443 -19.74 -0.44 -11.79
N GLY E 444 -18.59 -0.63 -12.42
CA GLY E 444 -17.60 -1.54 -11.86
C GLY E 444 -16.99 -1.01 -10.57
N VAL E 445 -16.58 -1.94 -9.70
CA VAL E 445 -16.00 -1.64 -8.40
C VAL E 445 -14.59 -2.21 -8.36
N VAL E 446 -13.58 -1.34 -8.37
CA VAL E 446 -12.19 -1.75 -8.30
C VAL E 446 -11.85 -2.08 -6.84
N THR E 447 -11.15 -3.19 -6.63
CA THR E 447 -10.70 -3.57 -5.30
C THR E 447 -9.47 -2.74 -4.92
N GLN E 448 -9.35 -2.42 -3.63
CA GLN E 448 -8.19 -1.71 -3.10
C GLN E 448 -7.24 -2.70 -2.41
N LEU E 449 -5.95 -2.58 -2.69
CA LEU E 449 -4.96 -3.43 -2.03
C LEU E 449 -4.89 -3.12 -0.55
N THR E 450 -4.66 -4.15 0.26
CA THR E 450 -4.23 -3.91 1.63
C THR E 450 -2.77 -3.51 1.63
N PRO E 451 -2.32 -2.76 2.65
CA PRO E 451 -0.89 -2.41 2.72
C PRO E 451 0.04 -3.60 2.54
N LYS E 452 -0.26 -4.75 3.14
CA LYS E 452 0.64 -5.91 2.99
C LYS E 452 0.56 -6.49 1.58
N GLN E 453 -0.60 -6.41 0.93
CA GLN E 453 -0.70 -6.88 -0.45
C GLN E 453 0.07 -5.96 -1.38
N ALA E 454 0.06 -4.66 -1.10
CA ALA E 454 0.81 -3.71 -1.92
C ALA E 454 2.31 -3.95 -1.77
N GLU E 455 2.77 -4.16 -0.53
CA GLU E 455 4.18 -4.49 -0.31
C GLU E 455 4.55 -5.83 -0.95
N TYR E 456 3.63 -6.80 -0.96
CA TYR E 456 3.94 -8.13 -1.47
C TYR E 456 4.27 -8.09 -2.96
N ILE E 457 3.56 -7.27 -3.74
CA ILE E 457 3.86 -7.14 -5.16
C ILE E 457 4.68 -5.90 -5.47
N GLY E 458 5.05 -5.11 -4.46
CA GLY E 458 5.94 -3.97 -4.64
C GLY E 458 5.35 -2.78 -5.36
N VAL E 459 4.09 -2.43 -5.06
CA VAL E 459 3.45 -1.25 -5.62
C VAL E 459 2.90 -0.42 -4.47
N SER E 460 2.57 0.84 -4.76
CA SER E 460 1.78 1.67 -3.85
C SER E 460 0.31 1.29 -3.92
N VAL E 461 -0.39 1.52 -2.81
CA VAL E 461 -1.82 1.18 -2.74
C VAL E 461 -2.60 1.94 -3.79
N GLU E 462 -2.16 3.15 -4.13
CA GLU E 462 -2.85 3.97 -5.12
C GLU E 462 -2.26 3.85 -6.52
N GLY E 463 -1.31 2.93 -6.73
CA GLY E 463 -0.70 2.78 -8.02
C GLY E 463 0.45 3.75 -8.25
N PRO E 464 1.11 3.67 -9.41
CA PRO E 464 0.84 2.80 -10.55
C PRO E 464 1.01 1.31 -10.22
N PHE E 465 0.18 0.46 -10.82
CA PHE E 465 0.17 -0.95 -10.46
C PHE E 465 1.05 -1.82 -11.35
N LYS E 466 1.58 -1.29 -12.46
CA LYS E 466 2.39 -2.06 -13.39
C LYS E 466 3.63 -1.28 -13.78
N PRO E 467 4.75 -1.96 -14.07
CA PRO E 467 5.91 -1.26 -14.64
C PRO E 467 5.59 -0.71 -16.02
N ASP E 468 6.41 0.23 -16.47
CA ASP E 468 6.18 0.87 -17.76
C ASP E 468 6.31 -0.10 -18.91
N THR E 469 6.99 -1.24 -18.71
CA THR E 469 7.12 -2.25 -19.73
C THR E 469 5.87 -3.13 -19.90
N TYR E 470 4.90 -3.04 -18.99
CA TYR E 470 3.75 -3.95 -19.03
C TYR E 470 2.90 -3.72 -20.30
N ARG E 471 2.44 -4.80 -20.93
CA ARG E 471 1.74 -4.68 -22.20
C ARG E 471 0.23 -4.82 -22.11
N TYR E 472 -0.30 -5.33 -21.00
CA TYR E 472 -1.75 -5.51 -20.82
C TYR E 472 -2.30 -6.44 -21.89
N GLY F 12 -49.69 7.45 -66.81
CA GLY F 12 -50.42 8.26 -65.84
C GLY F 12 -50.92 7.49 -64.63
N PHE F 13 -50.01 6.79 -63.96
CA PHE F 13 -50.37 5.98 -62.79
C PHE F 13 -50.47 6.88 -61.56
N THR F 14 -51.65 6.84 -60.89
CA THR F 14 -51.89 7.67 -59.70
C THR F 14 -52.38 6.88 -58.49
N ASP F 15 -52.47 5.55 -58.58
CA ASP F 15 -53.11 4.73 -57.54
C ASP F 15 -52.06 4.29 -56.52
N TYR F 16 -51.68 5.23 -55.65
CA TYR F 16 -50.67 4.98 -54.63
C TYR F 16 -50.55 6.22 -53.74
N LYS F 17 -49.83 6.07 -52.64
CA LYS F 17 -49.44 7.22 -51.83
C LYS F 17 -48.18 6.86 -51.05
N VAL F 18 -47.10 7.62 -51.28
CA VAL F 18 -45.81 7.39 -50.64
C VAL F 18 -45.23 8.73 -50.24
N ALA F 19 -44.15 8.70 -49.46
CA ALA F 19 -43.59 9.96 -48.96
C ALA F 19 -43.02 10.81 -50.08
N ASP F 20 -42.25 10.21 -50.99
CA ASP F 20 -41.54 10.98 -52.01
C ASP F 20 -41.29 10.06 -53.20
N ILE F 21 -42.00 10.28 -54.29
CA ILE F 21 -41.86 9.41 -55.46
C ILE F 21 -40.48 9.53 -56.09
N THR F 22 -39.76 10.64 -55.87
CA THR F 22 -38.43 10.80 -56.45
C THR F 22 -37.38 9.92 -55.79
N LEU F 23 -37.73 9.17 -54.74
CA LEU F 23 -36.82 8.19 -54.15
C LEU F 23 -36.79 6.88 -54.93
N ALA F 24 -37.52 6.79 -56.04
CA ALA F 24 -37.71 5.50 -56.71
C ALA F 24 -36.40 4.98 -57.28
N ALA F 25 -35.64 5.82 -57.99
CA ALA F 25 -34.37 5.39 -58.55
C ALA F 25 -33.46 4.82 -57.47
N TRP F 26 -33.38 5.49 -56.31
CA TRP F 26 -32.57 4.96 -55.22
C TRP F 26 -33.14 3.62 -54.74
N GLY F 27 -34.46 3.56 -54.53
CA GLY F 27 -35.07 2.28 -54.18
C GLY F 27 -34.77 1.20 -55.19
N ARG F 28 -34.84 1.53 -56.49
CA ARG F 28 -34.58 0.53 -57.51
C ARG F 28 -33.14 0.02 -57.46
N ARG F 29 -32.18 0.91 -57.17
CA ARG F 29 -30.80 0.44 -57.03
C ARG F 29 -30.68 -0.57 -55.89
N GLU F 30 -31.36 -0.30 -54.77
CA GLU F 30 -31.26 -1.20 -53.64
C GLU F 30 -32.01 -2.51 -53.89
N LEU F 31 -33.10 -2.46 -54.66
CA LEU F 31 -33.79 -3.69 -55.03
C LEU F 31 -32.90 -4.61 -55.85
N ILE F 32 -32.13 -4.04 -56.79
CA ILE F 32 -31.24 -4.83 -57.64
C ILE F 32 -30.15 -5.48 -56.79
N ILE F 33 -29.62 -4.75 -55.81
CA ILE F 33 -28.67 -5.37 -54.88
C ILE F 33 -29.36 -6.49 -54.10
N ALA F 34 -30.55 -6.23 -53.58
CA ALA F 34 -31.26 -7.22 -52.77
C ALA F 34 -31.55 -8.50 -53.53
N GLU F 35 -31.83 -8.40 -54.83
CA GLU F 35 -32.08 -9.61 -55.61
C GLU F 35 -30.88 -10.54 -55.58
N SER F 36 -29.66 -9.99 -55.60
CA SER F 36 -28.47 -10.82 -55.54
C SER F 36 -28.27 -11.42 -54.16
N GLU F 37 -28.99 -10.93 -53.15
CA GLU F 37 -28.93 -11.43 -51.79
C GLU F 37 -30.06 -12.39 -51.45
N MET F 38 -30.98 -12.64 -52.39
CA MET F 38 -32.17 -13.43 -52.11
C MET F 38 -32.32 -14.55 -53.14
N PRO F 39 -31.44 -15.56 -53.10
CA PRO F 39 -31.42 -16.56 -54.18
C PRO F 39 -32.62 -17.49 -54.16
N ALA F 40 -33.20 -17.78 -52.99
CA ALA F 40 -34.37 -18.66 -52.96
C ALA F 40 -35.57 -17.98 -53.62
N LEU F 41 -35.82 -16.71 -53.25
CA LEU F 41 -36.90 -15.96 -53.88
C LEU F 41 -36.64 -15.78 -55.38
N MET F 42 -35.43 -15.34 -55.74
CA MET F 42 -35.09 -15.17 -57.15
C MET F 42 -35.14 -16.50 -57.89
N GLY F 43 -34.77 -17.60 -57.21
CA GLY F 43 -34.90 -18.92 -57.82
C GLY F 43 -36.34 -19.32 -58.10
N LEU F 44 -37.28 -18.84 -57.27
CA LEU F 44 -38.70 -19.08 -57.53
C LEU F 44 -39.16 -18.33 -58.78
N ARG F 45 -38.68 -17.09 -58.99
CA ARG F 45 -38.98 -16.39 -60.23
C ARG F 45 -38.64 -17.24 -61.45
N ARG F 46 -37.45 -17.83 -61.49
CA ARG F 46 -37.03 -18.57 -62.68
C ARG F 46 -37.85 -19.85 -62.85
N LYS F 47 -38.04 -20.59 -61.77
CA LYS F 47 -38.70 -21.89 -61.90
C LYS F 47 -40.18 -21.74 -62.26
N TYR F 48 -40.82 -20.66 -61.84
CA TYR F 48 -42.26 -20.52 -62.02
C TYR F 48 -42.67 -19.46 -63.02
N ALA F 49 -41.73 -18.66 -63.55
CA ALA F 49 -42.12 -17.56 -64.43
C ALA F 49 -42.88 -18.07 -65.64
N GLY F 50 -42.39 -19.15 -66.26
CA GLY F 50 -43.04 -19.64 -67.46
C GLY F 50 -44.44 -20.14 -67.19
N GLN F 51 -44.66 -20.77 -66.03
CA GLN F 51 -45.94 -21.36 -65.71
C GLN F 51 -46.97 -20.33 -65.26
N GLN F 52 -46.53 -19.16 -64.82
CA GLN F 52 -47.41 -18.11 -64.32
C GLN F 52 -48.43 -18.64 -63.32
N PRO F 53 -47.98 -19.25 -62.21
CA PRO F 53 -48.93 -19.91 -61.30
C PRO F 53 -49.85 -18.95 -60.57
N LEU F 54 -49.55 -17.66 -60.54
CA LEU F 54 -50.41 -16.69 -59.89
C LEU F 54 -51.18 -15.82 -60.87
N LYS F 55 -51.25 -16.21 -62.14
CA LYS F 55 -52.03 -15.44 -63.09
C LYS F 55 -53.50 -15.46 -62.66
N GLY F 56 -54.08 -14.26 -62.53
CA GLY F 56 -55.44 -14.11 -62.06
C GLY F 56 -55.56 -13.91 -60.57
N ALA F 57 -54.46 -13.98 -59.83
CA ALA F 57 -54.47 -13.70 -58.41
C ALA F 57 -54.44 -12.20 -58.17
N LYS F 58 -55.27 -11.76 -57.22
CA LYS F 58 -55.37 -10.35 -56.84
C LYS F 58 -55.13 -10.31 -55.33
N ILE F 59 -53.93 -9.91 -54.94
CA ILE F 59 -53.46 -10.11 -53.58
C ILE F 59 -53.50 -8.78 -52.83
N LEU F 60 -54.21 -8.78 -51.70
CA LEU F 60 -54.10 -7.72 -50.71
C LEU F 60 -52.92 -8.06 -49.79
N GLY F 61 -51.92 -7.18 -49.75
CA GLY F 61 -50.76 -7.44 -48.93
C GLY F 61 -50.57 -6.35 -47.90
N CYS F 62 -50.32 -6.75 -46.65
CA CYS F 62 -50.06 -5.83 -45.55
C CYS F 62 -48.84 -6.34 -44.80
N ILE F 63 -47.67 -5.78 -45.11
CA ILE F 63 -46.44 -6.13 -44.40
C ILE F 63 -45.41 -5.04 -44.66
N HIS F 64 -44.62 -4.74 -43.63
CA HIS F 64 -43.48 -3.81 -43.67
C HIS F 64 -42.98 -3.52 -45.07
N MET F 65 -43.21 -2.31 -45.56
CA MET F 65 -42.86 -1.94 -46.93
C MET F 65 -41.37 -1.57 -47.00
N THR F 66 -40.54 -2.61 -46.88
CA THR F 66 -39.09 -2.53 -46.99
C THR F 66 -38.61 -2.94 -48.39
N ILE F 67 -37.32 -2.73 -48.63
CA ILE F 67 -36.69 -3.23 -49.85
C ILE F 67 -36.96 -4.73 -50.01
N GLN F 68 -36.86 -5.49 -48.91
CA GLN F 68 -37.06 -6.93 -48.98
C GLN F 68 -38.50 -7.26 -49.40
N THR F 69 -39.47 -6.54 -48.85
CA THR F 69 -40.84 -6.73 -49.30
C THR F 69 -41.01 -6.32 -50.76
N GLY F 70 -40.22 -5.35 -51.22
CA GLY F 70 -40.21 -5.03 -52.64
C GLY F 70 -39.91 -6.24 -53.51
N VAL F 71 -38.86 -6.99 -53.17
CA VAL F 71 -38.49 -8.19 -53.93
C VAL F 71 -39.59 -9.24 -53.86
N LEU F 72 -40.21 -9.40 -52.68
CA LEU F 72 -41.40 -10.24 -52.57
C LEU F 72 -42.50 -9.77 -53.52
N ILE F 73 -42.88 -8.50 -53.43
CA ILE F 73 -43.94 -7.95 -54.28
C ILE F 73 -43.64 -8.23 -55.75
N GLU F 74 -42.43 -7.88 -56.21
CA GLU F 74 -42.15 -8.07 -57.62
C GLU F 74 -42.01 -9.54 -58.00
N THR F 75 -41.74 -10.43 -57.03
CA THR F 75 -41.80 -11.86 -57.32
C THR F 75 -43.24 -12.33 -57.55
N LEU F 76 -44.17 -11.88 -56.69
CA LEU F 76 -45.57 -12.23 -56.89
C LEU F 76 -46.09 -11.70 -58.23
N VAL F 77 -45.68 -10.50 -58.62
CA VAL F 77 -46.12 -9.93 -59.90
C VAL F 77 -45.49 -10.67 -61.06
N ALA F 78 -44.20 -11.05 -60.96
CA ALA F 78 -43.56 -11.81 -62.03
C ALA F 78 -44.21 -13.17 -62.25
N LEU F 79 -44.87 -13.71 -61.22
CA LEU F 79 -45.58 -14.98 -61.34
C LEU F 79 -47.03 -14.80 -61.76
N GLY F 80 -47.45 -13.56 -62.04
CA GLY F 80 -48.74 -13.28 -62.64
C GLY F 80 -49.73 -12.53 -61.77
N ALA F 81 -49.39 -12.21 -60.52
CA ALA F 81 -50.35 -11.62 -59.60
C ALA F 81 -50.48 -10.11 -59.82
N GLU F 82 -51.68 -9.60 -59.54
CA GLU F 82 -51.89 -8.21 -59.22
C GLU F 82 -51.90 -8.06 -57.70
N VAL F 83 -51.39 -6.93 -57.20
CA VAL F 83 -51.34 -6.69 -55.76
C VAL F 83 -51.74 -5.25 -55.45
N ARG F 84 -52.17 -5.05 -54.20
CA ARG F 84 -52.32 -3.72 -53.62
C ARG F 84 -51.73 -3.79 -52.23
N TRP F 85 -50.74 -2.95 -51.94
CA TRP F 85 -49.89 -3.15 -50.78
C TRP F 85 -50.00 -2.01 -49.77
N SER F 86 -49.84 -2.39 -48.49
CA SER F 86 -49.69 -1.46 -47.38
C SER F 86 -48.67 -2.03 -46.40
N SER F 87 -48.14 -1.16 -45.55
CA SER F 87 -47.29 -1.62 -44.46
C SER F 87 -48.13 -2.13 -43.30
N CYS F 88 -47.54 -3.04 -42.52
CA CYS F 88 -48.19 -3.47 -41.28
C CYS F 88 -47.65 -2.76 -40.04
N ASN F 89 -46.84 -1.71 -40.20
CA ASN F 89 -46.42 -0.91 -39.06
C ASN F 89 -46.18 0.53 -39.50
N ILE F 90 -46.47 1.48 -38.62
CA ILE F 90 -46.38 2.89 -38.98
C ILE F 90 -44.92 3.35 -39.21
N PHE F 91 -43.95 2.64 -38.65
CA PHE F 91 -42.55 3.09 -38.70
C PHE F 91 -41.64 2.20 -39.54
N SER F 92 -42.14 1.09 -40.07
CA SER F 92 -41.28 0.11 -40.70
C SER F 92 -41.03 0.34 -42.17
N THR F 93 -41.80 1.21 -42.84
CA THR F 93 -41.61 1.39 -44.28
C THR F 93 -40.25 2.03 -44.55
N GLN F 94 -39.60 1.57 -45.61
CA GLN F 94 -38.45 2.26 -46.19
C GLN F 94 -38.96 3.08 -47.37
N ASP F 95 -38.87 4.41 -47.25
CA ASP F 95 -39.57 5.26 -48.21
C ASP F 95 -39.09 5.05 -49.64
N GLN F 96 -37.81 4.71 -49.83
CA GLN F 96 -37.32 4.48 -51.19
C GLN F 96 -37.82 3.15 -51.75
N ALA F 97 -38.10 2.17 -50.90
CA ALA F 97 -38.73 0.94 -51.39
C ALA F 97 -40.16 1.22 -51.85
N ALA F 98 -40.92 1.96 -51.05
CA ALA F 98 -42.28 2.31 -51.44
C ALA F 98 -42.29 3.11 -52.74
N ALA F 99 -41.35 4.06 -52.87
CA ALA F 99 -41.24 4.81 -54.11
C ALA F 99 -40.92 3.91 -55.31
N ALA F 100 -39.99 2.96 -55.14
CA ALA F 100 -39.65 2.07 -56.25
C ALA F 100 -40.85 1.25 -56.71
N ILE F 101 -41.64 0.75 -55.77
CA ILE F 101 -42.80 -0.08 -56.09
C ILE F 101 -43.86 0.75 -56.81
N ALA F 102 -44.19 1.93 -56.26
CA ALA F 102 -45.18 2.79 -56.90
C ALA F 102 -44.74 3.19 -58.31
N ALA F 103 -43.46 3.57 -58.45
CA ALA F 103 -42.94 3.95 -59.76
C ALA F 103 -43.03 2.80 -60.76
N ALA F 104 -43.10 1.55 -60.29
CA ALA F 104 -43.28 0.40 -61.15
C ALA F 104 -44.73 0.18 -61.56
N GLY F 105 -45.63 1.11 -61.22
CA GLY F 105 -47.03 0.93 -61.55
C GLY F 105 -47.78 0.02 -60.61
N ILE F 106 -47.30 -0.19 -59.40
CA ILE F 106 -47.90 -1.11 -58.44
C ILE F 106 -48.54 -0.29 -57.33
N PRO F 107 -49.80 -0.54 -56.99
CA PRO F 107 -50.46 0.27 -55.95
C PRO F 107 -49.90 -0.02 -54.56
N VAL F 108 -49.37 1.00 -53.91
CA VAL F 108 -48.83 0.87 -52.57
C VAL F 108 -49.18 2.13 -51.79
N PHE F 109 -49.56 1.95 -50.53
CA PHE F 109 -49.93 3.06 -49.65
C PHE F 109 -49.13 2.86 -48.37
N ALA F 110 -47.97 3.51 -48.29
CA ALA F 110 -47.05 3.27 -47.18
C ALA F 110 -45.97 4.35 -47.15
N TRP F 111 -45.72 4.87 -45.96
CA TRP F 111 -44.59 5.77 -45.71
C TRP F 111 -44.12 5.59 -44.28
N LYS F 112 -42.85 5.91 -44.05
CA LYS F 112 -42.30 5.84 -42.70
C LYS F 112 -42.86 6.98 -41.85
N GLY F 113 -43.38 6.63 -40.68
CA GLY F 113 -43.87 7.62 -39.76
C GLY F 113 -45.32 8.00 -39.96
N GLU F 114 -46.16 7.02 -40.27
CA GLU F 114 -47.58 7.25 -40.38
C GLU F 114 -48.19 7.52 -39.00
N THR F 115 -49.31 8.24 -38.99
CA THR F 115 -50.17 8.23 -37.82
C THR F 115 -51.00 6.95 -37.79
N GLU F 116 -51.67 6.72 -36.65
CA GLU F 116 -52.57 5.58 -36.54
C GLU F 116 -53.73 5.69 -37.52
N GLU F 117 -54.27 6.90 -37.70
CA GLU F 117 -55.36 7.09 -38.65
C GLU F 117 -54.89 6.85 -40.08
N GLU F 118 -53.68 7.33 -40.43
CA GLU F 118 -53.15 7.08 -41.76
C GLU F 118 -52.84 5.60 -41.99
N TYR F 119 -52.38 4.90 -40.95
CA TYR F 119 -52.18 3.45 -41.03
C TYR F 119 -53.47 2.75 -41.47
N GLU F 120 -54.56 2.98 -40.74
CA GLU F 120 -55.83 2.35 -41.13
C GLU F 120 -56.28 2.83 -42.51
N TRP F 121 -56.04 4.11 -42.83
CA TRP F 121 -56.41 4.64 -44.14
C TRP F 121 -55.66 3.91 -45.25
N CYS F 122 -54.37 3.64 -45.04
CA CYS F 122 -53.57 2.98 -46.07
C CYS F 122 -54.08 1.56 -46.35
N ILE F 123 -54.42 0.80 -45.29
CA ILE F 123 -54.95 -0.56 -45.51
C ILE F 123 -56.25 -0.49 -46.29
N GLU F 124 -57.08 0.51 -46.01
CA GLU F 124 -58.33 0.64 -46.72
C GLU F 124 -58.13 1.04 -48.18
N GLN F 125 -57.02 1.71 -48.49
CA GLN F 125 -56.75 2.04 -49.89
C GLN F 125 -56.34 0.81 -50.69
N THR F 126 -55.84 -0.23 -50.03
CA THR F 126 -55.62 -1.50 -50.73
C THR F 126 -56.93 -2.22 -50.94
N ILE F 127 -57.83 -2.13 -49.96
CA ILE F 127 -59.10 -2.86 -50.01
C ILE F 127 -60.05 -2.24 -51.03
N LEU F 128 -60.07 -0.92 -51.12
CA LEU F 128 -60.97 -0.21 -52.02
C LEU F 128 -60.22 0.26 -53.26
N LYS F 129 -60.78 0.01 -54.43
CA LYS F 129 -60.28 0.55 -55.68
C LYS F 129 -61.40 1.35 -56.33
N ASP F 130 -61.14 2.65 -56.55
CA ASP F 130 -62.13 3.56 -57.11
C ASP F 130 -63.39 3.61 -56.26
N GLY F 131 -63.21 3.53 -54.94
CA GLY F 131 -64.30 3.68 -54.00
C GLY F 131 -65.11 2.41 -53.73
N GLN F 132 -64.95 1.38 -54.54
CA GLN F 132 -65.63 0.10 -54.33
C GLN F 132 -64.62 -0.94 -53.84
N PRO F 133 -65.08 -2.01 -53.20
CA PRO F 133 -64.17 -3.09 -52.85
C PRO F 133 -63.45 -3.61 -54.10
N TRP F 134 -62.15 -3.83 -53.98
CA TRP F 134 -61.41 -4.50 -55.04
C TRP F 134 -61.84 -5.95 -55.12
N ASP F 135 -61.80 -6.52 -56.33
CA ASP F 135 -62.12 -7.94 -56.52
C ASP F 135 -60.93 -8.82 -56.12
N ALA F 136 -60.49 -8.61 -54.89
CA ALA F 136 -59.38 -9.40 -54.35
C ALA F 136 -59.80 -10.86 -54.17
N ASN F 137 -58.81 -11.75 -54.27
CA ASN F 137 -59.02 -13.17 -54.05
C ASN F 137 -57.91 -13.83 -53.23
N MET F 138 -56.91 -13.07 -52.78
CA MET F 138 -55.81 -13.59 -51.96
C MET F 138 -55.40 -12.53 -50.94
N VAL F 139 -54.89 -12.99 -49.80
CA VAL F 139 -54.45 -12.11 -48.73
C VAL F 139 -53.06 -12.54 -48.26
N LEU F 140 -52.17 -11.57 -48.09
CA LEU F 140 -50.87 -11.78 -47.45
C LEU F 140 -50.78 -10.81 -46.28
N ASP F 141 -50.59 -11.34 -45.08
CA ASP F 141 -50.66 -10.53 -43.88
C ASP F 141 -49.48 -10.80 -42.95
N ASP F 142 -49.13 -9.78 -42.16
CA ASP F 142 -48.07 -9.86 -41.15
C ASP F 142 -48.60 -9.17 -39.90
N GLY F 143 -49.16 -9.95 -38.98
CA GLY F 143 -49.72 -9.43 -37.74
C GLY F 143 -51.23 -9.55 -37.62
N GLY F 144 -51.96 -9.76 -38.72
CA GLY F 144 -53.38 -9.99 -38.66
C GLY F 144 -54.26 -8.76 -38.77
N ASP F 145 -53.69 -7.58 -38.98
CA ASP F 145 -54.50 -6.36 -39.03
C ASP F 145 -55.38 -6.33 -40.27
N LEU F 146 -54.82 -6.66 -41.44
CA LEU F 146 -55.63 -6.74 -42.65
C LEU F 146 -56.69 -7.83 -42.54
N THR F 147 -56.30 -9.01 -42.03
CA THR F 147 -57.25 -10.11 -41.85
C THR F 147 -58.42 -9.69 -40.95
N GLU F 148 -58.10 -9.05 -39.83
CA GLU F 148 -59.14 -8.58 -38.91
C GLU F 148 -60.09 -7.60 -39.60
N ILE F 149 -59.55 -6.63 -40.34
CA ILE F 149 -60.39 -5.60 -40.96
C ILE F 149 -61.32 -6.24 -41.99
N LEU F 150 -60.82 -7.22 -42.74
CA LEU F 150 -61.66 -7.92 -43.70
C LEU F 150 -62.79 -8.67 -42.99
N HIS F 151 -62.46 -9.49 -41.99
CA HIS F 151 -63.51 -10.25 -41.32
C HIS F 151 -64.49 -9.33 -40.63
N LYS F 152 -63.98 -8.27 -40.01
CA LYS F 152 -64.83 -7.42 -39.17
C LYS F 152 -65.60 -6.39 -39.99
N LYS F 153 -65.03 -5.91 -41.11
CA LYS F 153 -65.61 -4.78 -41.83
C LYS F 153 -65.94 -5.06 -43.30
N TYR F 154 -65.31 -6.03 -43.95
CA TYR F 154 -65.64 -6.39 -45.32
C TYR F 154 -65.85 -7.89 -45.46
N PRO F 155 -66.74 -8.48 -44.67
CA PRO F 155 -66.91 -9.94 -44.76
C PRO F 155 -67.34 -10.43 -46.14
N GLN F 156 -68.09 -9.60 -46.89
CA GLN F 156 -68.52 -9.98 -48.24
C GLN F 156 -67.34 -10.22 -49.18
N MET F 157 -66.24 -9.47 -49.00
CA MET F 157 -65.06 -9.70 -49.83
C MET F 157 -64.45 -11.07 -49.58
N LEU F 158 -64.55 -11.58 -48.34
CA LEU F 158 -64.01 -12.90 -48.06
C LEU F 158 -64.72 -14.00 -48.83
N GLU F 159 -65.94 -13.74 -49.32
CA GLU F 159 -66.61 -14.71 -50.18
C GLU F 159 -65.80 -15.02 -51.45
N ARG F 160 -64.93 -14.10 -51.88
CA ARG F 160 -64.17 -14.27 -53.12
C ARG F 160 -62.69 -14.55 -52.89
N ILE F 161 -62.28 -14.74 -51.64
CA ILE F 161 -60.86 -14.87 -51.29
C ILE F 161 -60.54 -16.34 -51.02
N HIS F 162 -59.48 -16.84 -51.65
CA HIS F 162 -59.14 -18.24 -51.56
C HIS F 162 -58.30 -18.60 -50.34
N GLY F 163 -57.65 -17.64 -49.70
CA GLY F 163 -56.85 -17.96 -48.54
C GLY F 163 -56.03 -16.78 -48.07
N ILE F 164 -55.40 -16.99 -46.92
CA ILE F 164 -54.55 -16.03 -46.22
C ILE F 164 -53.22 -16.71 -45.96
N THR F 165 -52.12 -16.00 -46.22
CA THR F 165 -50.79 -16.48 -45.81
C THR F 165 -50.23 -15.48 -44.81
N GLU F 166 -50.11 -15.92 -43.55
CA GLU F 166 -49.74 -15.07 -42.43
C GLU F 166 -48.27 -15.28 -42.06
N GLU F 167 -47.56 -14.17 -41.86
CA GLU F 167 -46.11 -14.11 -41.70
C GLU F 167 -45.63 -14.42 -40.28
N THR F 168 -46.32 -13.95 -39.24
CA THR F 168 -45.67 -13.84 -37.94
C THR F 168 -46.48 -14.50 -36.83
N THR F 169 -45.77 -14.78 -35.73
CA THR F 169 -46.34 -15.54 -34.62
C THR F 169 -47.61 -14.91 -34.07
N THR F 170 -47.59 -13.59 -33.85
CA THR F 170 -48.80 -12.92 -33.35
C THR F 170 -49.96 -13.10 -34.32
N GLY F 171 -49.70 -13.03 -35.62
CA GLY F 171 -50.76 -13.21 -36.60
C GLY F 171 -51.30 -14.62 -36.64
N VAL F 172 -50.45 -15.61 -36.39
CA VAL F 172 -50.90 -16.99 -36.38
C VAL F 172 -51.78 -17.24 -35.16
N HIS F 173 -51.39 -16.69 -34.01
CA HIS F 173 -52.21 -16.81 -32.82
C HIS F 173 -53.61 -16.26 -33.07
N ARG F 174 -53.71 -15.09 -33.73
CA ARG F 174 -55.01 -14.50 -34.01
C ARG F 174 -55.82 -15.38 -34.97
N LEU F 175 -55.15 -15.98 -35.96
CA LEU F 175 -55.82 -16.92 -36.84
C LEU F 175 -56.35 -18.12 -36.06
N LEU F 176 -55.53 -18.65 -35.16
CA LEU F 176 -55.96 -19.83 -34.40
C LEU F 176 -57.12 -19.52 -33.46
N ASP F 177 -57.16 -18.30 -32.89
CA ASP F 177 -58.33 -17.93 -32.08
C ASP F 177 -59.58 -17.83 -32.94
N MET F 178 -59.48 -17.20 -34.11
CA MET F 178 -60.62 -17.15 -35.02
C MET F 178 -61.09 -18.56 -35.37
N LEU F 179 -60.14 -19.45 -35.71
CA LEU F 179 -60.51 -20.82 -36.06
C LEU F 179 -61.22 -21.49 -34.88
N LYS F 180 -60.69 -21.32 -33.67
CA LYS F 180 -61.30 -21.94 -32.49
C LYS F 180 -62.71 -21.42 -32.27
N ASN F 181 -62.96 -20.14 -32.59
CA ASN F 181 -64.26 -19.53 -32.41
C ASN F 181 -65.19 -19.73 -33.60
N GLY F 182 -64.77 -20.45 -34.63
CA GLY F 182 -65.62 -20.59 -35.80
C GLY F 182 -65.80 -19.31 -36.58
N THR F 183 -64.93 -18.33 -36.33
CA THR F 183 -65.01 -17.04 -37.00
C THR F 183 -63.81 -16.85 -37.90
N LEU F 184 -63.53 -17.79 -38.78
CA LEU F 184 -62.50 -17.64 -39.80
C LEU F 184 -63.12 -18.10 -41.11
N LYS F 185 -63.14 -17.24 -42.12
CA LYS F 185 -63.95 -17.53 -43.29
C LYS F 185 -63.16 -18.14 -44.45
N VAL F 186 -61.84 -18.07 -44.42
CA VAL F 186 -61.03 -18.66 -45.50
C VAL F 186 -59.86 -19.41 -44.89
N PRO F 187 -59.32 -20.40 -45.60
CA PRO F 187 -58.19 -21.16 -45.05
C PRO F 187 -56.93 -20.31 -45.06
N ALA F 188 -55.97 -20.72 -44.24
CA ALA F 188 -54.78 -19.92 -44.03
C ALA F 188 -53.55 -20.83 -43.98
N ILE F 189 -52.42 -20.28 -44.42
CA ILE F 189 -51.16 -20.98 -44.25
C ILE F 189 -50.34 -20.21 -43.24
N ASN F 190 -49.91 -20.93 -42.21
CA ASN F 190 -48.99 -20.42 -41.19
C ASN F 190 -47.59 -20.44 -41.79
N VAL F 191 -47.18 -19.31 -42.34
CA VAL F 191 -45.84 -19.22 -42.92
C VAL F 191 -44.79 -19.15 -41.81
N ASN F 192 -45.17 -18.62 -40.63
CA ASN F 192 -44.21 -18.43 -39.54
C ASN F 192 -43.51 -19.73 -39.16
N ASP F 193 -44.24 -20.84 -39.09
CA ASP F 193 -43.67 -22.04 -38.48
C ASP F 193 -42.85 -22.92 -39.43
N SER F 194 -42.65 -22.53 -40.69
CA SER F 194 -41.58 -23.14 -41.47
C SER F 194 -40.26 -22.93 -40.73
N VAL F 195 -39.38 -23.94 -40.76
CA VAL F 195 -38.09 -23.76 -40.10
C VAL F 195 -37.30 -22.64 -40.77
N THR F 196 -37.32 -22.59 -42.11
CA THR F 196 -36.65 -21.51 -42.83
C THR F 196 -37.31 -20.14 -42.63
N LYS F 197 -38.34 -20.05 -41.79
CA LYS F 197 -38.88 -18.77 -41.36
C LYS F 197 -38.59 -18.58 -39.88
N SER F 198 -39.23 -19.36 -39.01
CA SER F 198 -39.15 -19.16 -37.57
C SER F 198 -37.72 -19.25 -37.05
N LYS F 199 -36.97 -20.27 -37.48
CA LYS F 199 -35.61 -20.45 -36.96
C LYS F 199 -34.57 -19.78 -37.81
N ASN F 200 -34.97 -18.76 -38.55
CA ASN F 200 -34.08 -17.98 -39.38
C ASN F 200 -34.45 -16.52 -39.24
N ASP F 201 -35.62 -16.14 -39.76
CA ASP F 201 -36.17 -14.79 -39.60
C ASP F 201 -36.25 -14.40 -38.12
N ASN F 202 -37.05 -15.14 -37.34
CA ASN F 202 -37.36 -14.71 -35.97
C ASN F 202 -36.12 -14.66 -35.09
N LYS F 203 -35.20 -15.61 -35.27
CA LYS F 203 -34.01 -15.69 -34.40
C LYS F 203 -32.85 -14.93 -35.02
N TYR F 204 -32.31 -15.44 -36.14
CA TYR F 204 -31.13 -14.82 -36.72
C TYR F 204 -31.39 -13.42 -37.22
N GLY F 205 -32.62 -13.13 -37.65
CA GLY F 205 -32.92 -11.79 -38.12
C GLY F 205 -32.81 -10.76 -37.02
N CYS F 206 -33.32 -11.10 -35.84
CA CYS F 206 -33.23 -10.21 -34.69
C CYS F 206 -31.80 -10.12 -34.16
N ARG F 207 -31.05 -11.21 -34.22
CA ARG F 207 -29.62 -11.14 -33.88
C ARG F 207 -28.91 -10.07 -34.71
N HIS F 208 -29.19 -10.03 -36.01
CA HIS F 208 -28.59 -9.03 -36.89
C HIS F 208 -29.08 -7.63 -36.59
N SER F 209 -30.40 -7.47 -36.36
CA SER F 209 -31.01 -6.16 -36.52
C SER F 209 -31.32 -5.46 -35.20
N LEU F 210 -31.28 -6.15 -34.06
CA LEU F 210 -31.58 -5.48 -32.80
C LEU F 210 -30.45 -4.51 -32.42
N ASN F 211 -29.22 -5.01 -32.33
CA ASN F 211 -28.12 -4.13 -31.97
C ASN F 211 -27.91 -3.05 -33.05
N ASP F 212 -28.13 -3.42 -34.32
CA ASP F 212 -28.16 -2.47 -35.43
C ASP F 212 -29.07 -1.28 -35.13
N ALA F 213 -30.32 -1.56 -34.75
CA ALA F 213 -31.29 -0.51 -34.44
C ALA F 213 -30.90 0.30 -33.21
N ILE F 214 -30.38 -0.35 -32.18
CA ILE F 214 -30.00 0.38 -30.99
C ILE F 214 -28.84 1.33 -31.30
N LYS F 215 -27.86 0.84 -32.06
CA LYS F 215 -26.74 1.69 -32.48
C LYS F 215 -27.22 2.90 -33.27
N ARG F 216 -28.08 2.68 -34.26
CA ARG F 216 -28.55 3.80 -35.06
C ARG F 216 -29.32 4.80 -34.21
N GLY F 217 -30.10 4.31 -33.25
CA GLY F 217 -30.94 5.20 -32.47
C GLY F 217 -30.15 6.04 -31.47
N THR F 218 -29.18 5.43 -30.79
CA THR F 218 -28.51 6.03 -29.65
C THR F 218 -26.99 6.14 -29.82
N ASP F 219 -26.39 5.34 -30.69
CA ASP F 219 -24.94 5.22 -30.82
C ASP F 219 -24.27 4.90 -29.49
N HIS F 220 -25.01 4.19 -28.63
CA HIS F 220 -24.50 3.81 -27.32
C HIS F 220 -23.53 2.65 -27.43
N LEU F 221 -22.40 2.77 -26.76
CA LEU F 221 -21.61 1.58 -26.49
C LEU F 221 -22.50 0.56 -25.77
N LEU F 222 -22.47 -0.69 -26.24
CA LEU F 222 -23.19 -1.76 -25.55
C LEU F 222 -22.28 -2.62 -24.68
N SER F 223 -21.02 -2.80 -25.10
CA SER F 223 -20.06 -3.63 -24.37
C SER F 223 -19.99 -3.23 -22.90
N GLY F 224 -20.07 -4.22 -22.01
CA GLY F 224 -19.89 -3.97 -20.60
C GLY F 224 -21.11 -3.44 -19.89
N LYS F 225 -22.20 -3.17 -20.60
CA LYS F 225 -23.41 -2.67 -19.96
C LYS F 225 -24.37 -3.82 -19.68
N GLN F 226 -25.39 -3.55 -18.87
CA GLN F 226 -26.35 -4.54 -18.43
C GLN F 226 -27.63 -4.47 -19.24
N ALA F 227 -28.07 -5.61 -19.77
CA ALA F 227 -29.31 -5.70 -20.51
C ALA F 227 -30.25 -6.70 -19.86
N LEU F 228 -31.54 -6.43 -19.99
CA LEU F 228 -32.58 -7.38 -19.59
C LEU F 228 -33.43 -7.67 -20.82
N VAL F 229 -33.46 -8.91 -21.25
CA VAL F 229 -34.30 -9.33 -22.37
C VAL F 229 -35.50 -10.06 -21.79
N ILE F 230 -36.69 -9.50 -22.00
CA ILE F 230 -37.93 -10.16 -21.56
C ILE F 230 -38.34 -11.12 -22.66
N GLY F 231 -38.21 -12.41 -22.38
CA GLY F 231 -38.63 -13.45 -23.33
C GLY F 231 -37.44 -14.17 -23.93
N TYR F 232 -37.63 -15.46 -24.20
CA TYR F 232 -36.56 -16.29 -24.75
C TYR F 232 -37.13 -17.36 -25.68
N GLY F 233 -38.18 -16.99 -26.43
CA GLY F 233 -38.57 -17.72 -27.63
C GLY F 233 -37.62 -17.39 -28.77
N ASP F 234 -38.11 -17.50 -30.00
CA ASP F 234 -37.21 -17.33 -31.14
C ASP F 234 -36.63 -15.92 -31.17
N VAL F 235 -37.49 -14.90 -31.08
CA VAL F 235 -37.05 -13.50 -31.06
C VAL F 235 -36.21 -13.22 -29.84
N GLY F 236 -36.57 -13.77 -28.68
CA GLY F 236 -35.78 -13.52 -27.48
C GLY F 236 -34.42 -14.21 -27.53
N LYS F 237 -34.34 -15.36 -28.17
CA LYS F 237 -33.04 -16.01 -28.35
C LYS F 237 -32.13 -15.20 -29.26
N GLY F 238 -32.68 -14.70 -30.38
CA GLY F 238 -31.85 -13.92 -31.29
C GLY F 238 -31.50 -12.55 -30.72
N SER F 239 -32.44 -11.94 -29.99
CA SER F 239 -32.18 -10.66 -29.35
C SER F 239 -31.08 -10.76 -28.30
N SER F 240 -31.15 -11.78 -27.43
CA SER F 240 -30.11 -11.97 -26.41
C SER F 240 -28.74 -12.15 -27.04
N GLN F 241 -28.67 -12.91 -28.13
CA GLN F 241 -27.40 -13.09 -28.84
C GLN F 241 -26.93 -11.79 -29.48
N SER F 242 -27.85 -11.01 -30.07
CA SER F 242 -27.50 -9.70 -30.62
C SER F 242 -26.74 -8.87 -29.59
N LEU F 243 -27.17 -8.92 -28.33
CA LEU F 243 -26.59 -8.08 -27.29
C LEU F 243 -25.36 -8.71 -26.65
N ARG F 244 -25.41 -10.02 -26.37
CA ARG F 244 -24.26 -10.73 -25.80
C ARG F 244 -23.04 -10.69 -26.73
N GLN F 245 -23.25 -10.80 -28.04
CA GLN F 245 -22.11 -10.81 -28.94
C GLN F 245 -21.43 -9.43 -29.00
N GLU F 246 -22.15 -8.38 -28.63
CA GLU F 246 -21.60 -7.04 -28.50
C GLU F 246 -20.90 -6.85 -27.14
N GLY F 247 -20.94 -7.85 -26.27
CA GLY F 247 -20.30 -7.74 -24.97
C GLY F 247 -21.18 -7.25 -23.84
N MET F 248 -22.49 -7.15 -24.04
CA MET F 248 -23.37 -6.84 -22.93
C MET F 248 -23.45 -8.02 -21.95
N ILE F 249 -23.67 -7.69 -20.69
CA ILE F 249 -24.02 -8.66 -19.66
C ILE F 249 -25.55 -8.78 -19.72
N VAL F 250 -26.04 -9.89 -20.24
CA VAL F 250 -27.44 -10.07 -20.58
C VAL F 250 -28.11 -10.94 -19.52
N LYS F 251 -29.20 -10.44 -18.96
CA LYS F 251 -30.10 -11.23 -18.14
C LYS F 251 -31.39 -11.48 -18.91
N VAL F 252 -32.01 -12.62 -18.63
CA VAL F 252 -33.16 -13.11 -19.39
C VAL F 252 -34.30 -13.42 -18.42
N ALA F 253 -35.48 -12.89 -18.72
CA ALA F 253 -36.72 -13.26 -18.04
C ALA F 253 -37.60 -14.13 -18.93
N GLU F 254 -38.33 -15.05 -18.31
CA GLU F 254 -39.19 -15.97 -19.04
C GLU F 254 -40.28 -16.50 -18.12
N VAL F 255 -41.44 -16.80 -18.70
CA VAL F 255 -42.49 -17.55 -18.01
C VAL F 255 -42.46 -19.04 -18.36
N ASP F 256 -41.79 -19.40 -19.45
CA ASP F 256 -41.72 -20.79 -19.87
C ASP F 256 -40.44 -21.40 -19.31
N PRO F 257 -40.54 -22.39 -18.42
CA PRO F 257 -39.30 -22.94 -17.83
C PRO F 257 -38.42 -23.67 -18.82
N ILE F 258 -38.99 -24.23 -19.90
CA ILE F 258 -38.15 -24.83 -20.93
C ILE F 258 -37.28 -23.76 -21.59
N CYS F 259 -37.91 -22.66 -22.05
CA CYS F 259 -37.12 -21.59 -22.63
C CYS F 259 -36.12 -21.03 -21.61
N ALA F 260 -36.50 -20.99 -20.34
CA ALA F 260 -35.57 -20.49 -19.31
C ALA F 260 -34.39 -21.44 -19.15
N MET F 261 -34.64 -22.75 -19.25
N MET F 261 -34.63 -22.74 -19.24
CA MET F 261 -33.57 -23.73 -19.21
CA MET F 261 -33.55 -23.71 -19.21
C MET F 261 -32.58 -23.52 -20.35
C MET F 261 -32.57 -23.48 -20.35
N GLN F 262 -33.10 -23.23 -21.54
CA GLN F 262 -32.24 -22.94 -22.69
C GLN F 262 -31.38 -21.72 -22.42
N ALA F 263 -31.96 -20.66 -21.82
CA ALA F 263 -31.17 -19.45 -21.55
C ALA F 263 -30.03 -19.75 -20.56
N CYS F 264 -30.31 -20.53 -19.51
CA CYS F 264 -29.26 -20.93 -18.58
C CYS F 264 -28.13 -21.64 -19.29
N MET F 265 -28.47 -22.68 -20.07
CA MET F 265 -27.46 -23.46 -20.77
C MET F 265 -26.73 -22.64 -21.81
N ASP F 266 -27.39 -21.62 -22.38
CA ASP F 266 -26.73 -20.70 -23.29
C ASP F 266 -25.84 -19.69 -22.58
N GLY F 267 -25.76 -19.72 -21.24
CA GLY F 267 -24.83 -18.88 -20.53
C GLY F 267 -25.38 -17.56 -20.05
N PHE F 268 -26.70 -17.45 -19.88
CA PHE F 268 -27.32 -16.25 -19.35
C PHE F 268 -27.86 -16.54 -17.95
N GLU F 269 -27.89 -15.50 -17.14
CA GLU F 269 -28.55 -15.53 -15.84
C GLU F 269 -30.04 -15.24 -16.02
N VAL F 270 -30.88 -16.10 -15.49
CA VAL F 270 -32.33 -15.96 -15.61
C VAL F 270 -32.87 -15.31 -14.35
N VAL F 271 -33.57 -14.19 -14.53
CA VAL F 271 -34.08 -13.37 -13.43
C VAL F 271 -35.52 -13.01 -13.74
N SER F 272 -36.23 -12.59 -12.70
CA SER F 272 -37.55 -12.01 -12.89
C SER F 272 -37.52 -10.55 -12.48
N PRO F 273 -38.30 -9.68 -13.14
CA PRO F 273 -38.45 -8.32 -12.61
C PRO F 273 -39.17 -8.28 -11.28
N TYR F 274 -39.79 -9.38 -10.85
CA TYR F 274 -40.61 -9.41 -9.64
C TYR F 274 -40.01 -10.35 -8.60
N LYS F 275 -40.10 -9.95 -7.34
CA LYS F 275 -39.70 -10.81 -6.23
C LYS F 275 -40.47 -12.13 -6.30
N ASN F 276 -39.73 -13.25 -6.22
CA ASN F 276 -40.29 -14.60 -6.33
C ASN F 276 -40.90 -14.86 -7.70
N GLY F 277 -40.67 -14.01 -8.69
CA GLY F 277 -41.36 -14.15 -9.96
C GLY F 277 -42.84 -13.86 -9.93
N ILE F 278 -43.36 -13.32 -8.82
CA ILE F 278 -44.79 -13.11 -8.64
C ILE F 278 -45.10 -11.66 -9.00
N ASN F 279 -45.85 -11.47 -10.09
CA ASN F 279 -46.21 -10.15 -10.59
C ASN F 279 -47.60 -9.82 -10.04
N ASP F 280 -47.64 -9.35 -8.80
CA ASP F 280 -48.94 -9.04 -8.19
C ASP F 280 -49.40 -7.62 -8.49
N GLY F 281 -48.67 -6.90 -9.35
CA GLY F 281 -49.08 -5.59 -9.77
C GLY F 281 -48.68 -4.45 -8.86
N THR F 282 -47.83 -4.69 -7.86
CA THR F 282 -47.48 -3.65 -6.90
C THR F 282 -46.02 -3.23 -7.05
N GLU F 283 -45.74 -1.99 -6.64
CA GLU F 283 -44.35 -1.54 -6.61
C GLU F 283 -43.51 -2.42 -5.69
N ALA F 284 -44.08 -2.88 -4.58
CA ALA F 284 -43.33 -3.72 -3.66
C ALA F 284 -42.83 -5.01 -4.31
N SER F 285 -43.49 -5.47 -5.38
CA SER F 285 -43.06 -6.71 -6.03
C SER F 285 -41.84 -6.52 -6.92
N ILE F 286 -41.52 -5.29 -7.30
CA ILE F 286 -40.40 -5.06 -8.20
C ILE F 286 -39.10 -5.30 -7.46
N ASP F 287 -38.19 -6.04 -8.08
CA ASP F 287 -36.82 -6.16 -7.61
C ASP F 287 -36.11 -4.86 -7.99
N ALA F 288 -36.19 -3.86 -7.10
CA ALA F 288 -35.66 -2.54 -7.38
C ALA F 288 -34.16 -2.57 -7.61
N ALA F 289 -33.45 -3.45 -6.90
CA ALA F 289 -32.00 -3.56 -7.10
C ALA F 289 -31.68 -4.01 -8.51
N LEU F 290 -32.39 -5.02 -9.00
CA LEU F 290 -32.15 -5.52 -10.35
C LEU F 290 -32.44 -4.44 -11.38
N LEU F 291 -33.66 -3.86 -11.34
CA LEU F 291 -34.06 -2.86 -12.33
C LEU F 291 -33.18 -1.62 -12.29
N GLY F 292 -32.70 -1.23 -11.11
CA GLY F 292 -31.82 -0.07 -10.97
C GLY F 292 -30.42 -0.28 -11.52
N LYS F 293 -30.09 -1.49 -11.97
CA LYS F 293 -28.82 -1.80 -12.61
C LYS F 293 -28.92 -2.01 -14.11
N ILE F 294 -30.09 -2.01 -14.70
CA ILE F 294 -30.27 -2.40 -16.09
C ILE F 294 -30.09 -1.17 -16.99
N ASP F 295 -29.23 -1.30 -18.01
CA ASP F 295 -28.99 -0.19 -18.92
C ASP F 295 -29.89 -0.24 -20.14
N LEU F 296 -30.50 -1.40 -20.40
CA LEU F 296 -31.22 -1.64 -21.63
C LEU F 296 -32.23 -2.75 -21.37
N ILE F 297 -33.50 -2.48 -21.67
CA ILE F 297 -34.52 -3.52 -21.58
C ILE F 297 -35.13 -3.70 -22.96
N VAL F 298 -35.30 -4.96 -23.36
CA VAL F 298 -35.83 -5.32 -24.66
C VAL F 298 -36.95 -6.35 -24.45
N THR F 299 -38.14 -6.05 -24.95
CA THR F 299 -39.27 -6.98 -24.84
C THR F 299 -39.42 -7.77 -26.13
N THR F 300 -39.69 -9.08 -26.00
CA THR F 300 -39.66 -9.97 -27.14
C THR F 300 -40.81 -10.99 -27.12
N THR F 301 -41.89 -10.73 -26.40
CA THR F 301 -42.76 -11.81 -25.99
C THR F 301 -43.98 -12.03 -26.88
N GLY F 302 -44.44 -11.01 -27.61
CA GLY F 302 -45.78 -11.10 -28.17
C GLY F 302 -46.90 -11.04 -27.15
N ASN F 303 -46.60 -10.73 -25.88
CA ASN F 303 -47.57 -10.65 -24.80
C ASN F 303 -47.82 -9.18 -24.45
N VAL F 304 -48.62 -8.94 -23.41
CA VAL F 304 -49.09 -7.61 -23.08
C VAL F 304 -48.47 -7.17 -21.75
N ASN F 305 -47.91 -5.96 -21.73
CA ASN F 305 -47.46 -5.31 -20.49
C ASN F 305 -46.38 -6.14 -19.77
N VAL F 306 -45.37 -6.57 -20.52
CA VAL F 306 -44.26 -7.27 -19.88
C VAL F 306 -43.14 -6.33 -19.47
N CYS F 307 -43.16 -5.08 -19.91
CA CYS F 307 -42.33 -4.02 -19.33
C CYS F 307 -43.33 -3.01 -18.78
N ASP F 308 -43.76 -3.22 -17.54
CA ASP F 308 -44.94 -2.52 -17.03
C ASP F 308 -44.54 -1.21 -16.35
N ALA F 309 -45.54 -0.53 -15.80
CA ALA F 309 -45.31 0.83 -15.31
C ALA F 309 -44.39 0.81 -14.10
N ASN F 310 -44.58 -0.16 -13.21
CA ASN F 310 -43.73 -0.29 -12.03
C ASN F 310 -42.27 -0.56 -12.41
N MET F 311 -42.05 -1.41 -13.42
CA MET F 311 -40.69 -1.63 -13.93
C MET F 311 -40.11 -0.35 -14.50
N LEU F 312 -40.92 0.42 -15.26
CA LEU F 312 -40.43 1.67 -15.85
C LEU F 312 -40.02 2.66 -14.76
N LYS F 313 -40.77 2.70 -13.66
CA LYS F 313 -40.43 3.60 -12.56
C LYS F 313 -39.13 3.20 -11.88
N ALA F 314 -38.80 1.92 -11.87
CA ALA F 314 -37.63 1.43 -11.16
C ALA F 314 -36.37 1.32 -12.03
N LEU F 315 -36.49 1.49 -13.35
CA LEU F 315 -35.32 1.36 -14.21
C LEU F 315 -34.26 2.40 -13.86
N LYS F 316 -33.01 1.98 -14.01
CA LYS F 316 -31.87 2.88 -13.87
C LYS F 316 -32.06 4.13 -14.73
N LYS F 317 -31.73 5.29 -14.16
CA LYS F 317 -31.75 6.52 -14.94
C LYS F 317 -31.02 6.32 -16.27
N ARG F 318 -31.64 6.81 -17.34
CA ARG F 318 -31.08 6.89 -18.68
C ARG F 318 -30.96 5.53 -19.36
N ALA F 319 -31.63 4.50 -18.84
CA ALA F 319 -31.76 3.22 -19.54
C ALA F 319 -32.51 3.38 -20.85
N VAL F 320 -32.17 2.55 -21.81
CA VAL F 320 -32.87 2.48 -23.08
C VAL F 320 -33.95 1.42 -22.98
N VAL F 321 -35.12 1.71 -23.52
CA VAL F 321 -36.29 0.82 -23.49
C VAL F 321 -36.73 0.61 -24.93
N CYS F 322 -36.85 -0.64 -25.36
CA CYS F 322 -37.39 -0.88 -26.69
C CYS F 322 -38.11 -2.22 -26.74
N ASN F 323 -38.90 -2.38 -27.80
CA ASN F 323 -39.72 -3.58 -28.04
C ASN F 323 -39.45 -4.08 -29.45
N ILE F 324 -39.16 -5.37 -29.58
CA ILE F 324 -38.99 -6.01 -30.87
C ILE F 324 -40.08 -7.06 -31.13
N GLY F 325 -41.08 -7.17 -30.24
CA GLY F 325 -42.28 -7.92 -30.54
C GLY F 325 -43.16 -7.15 -31.52
N HIS F 326 -44.26 -7.79 -31.94
CA HIS F 326 -45.01 -7.24 -33.08
C HIS F 326 -45.77 -5.96 -32.72
N PHE F 327 -46.34 -5.88 -31.50
CA PHE F 327 -47.19 -4.76 -31.11
C PHE F 327 -46.55 -3.96 -29.97
N ASP F 328 -46.86 -2.66 -29.93
CA ASP F 328 -46.27 -1.75 -28.95
C ASP F 328 -46.81 -1.90 -27.54
N ASN F 329 -47.86 -2.69 -27.31
CA ASN F 329 -48.38 -2.82 -25.95
C ASN F 329 -47.54 -3.75 -25.07
N GLU F 330 -46.36 -4.20 -25.51
CA GLU F 330 -45.48 -4.96 -24.62
C GLU F 330 -44.90 -4.08 -23.53
N ILE F 331 -44.70 -2.79 -23.84
CA ILE F 331 -44.28 -1.76 -22.91
C ILE F 331 -45.51 -0.91 -22.59
N ASP F 332 -45.67 -0.53 -21.32
CA ASP F 332 -46.78 0.35 -20.96
C ASP F 332 -46.43 1.78 -21.33
N THR F 333 -46.42 2.03 -22.65
CA THR F 333 -46.15 3.39 -23.12
C THR F 333 -47.32 4.32 -22.81
N ALA F 334 -48.54 3.78 -22.73
CA ALA F 334 -49.67 4.64 -22.38
C ALA F 334 -49.45 5.31 -21.03
N PHE F 335 -48.98 4.54 -20.05
CA PHE F 335 -48.63 5.12 -18.76
C PHE F 335 -47.62 6.25 -18.91
N MET F 336 -46.67 6.09 -19.82
CA MET F 336 -45.63 7.10 -19.98
C MET F 336 -46.17 8.34 -20.67
N ARG F 337 -47.08 8.15 -21.64
CA ARG F 337 -47.74 9.30 -22.27
C ARG F 337 -48.55 10.09 -21.25
N LYS F 338 -49.22 9.40 -20.33
CA LYS F 338 -50.09 10.08 -19.38
C LYS F 338 -49.28 10.86 -18.34
N ASN F 339 -48.15 10.32 -17.90
CA ASN F 339 -47.51 10.82 -16.69
C ASN F 339 -46.21 11.57 -16.91
N TRP F 340 -45.50 11.31 -18.00
CA TRP F 340 -44.13 11.80 -18.19
C TRP F 340 -44.01 12.62 -19.45
N ALA F 341 -43.05 13.55 -19.45
CA ALA F 341 -42.82 14.46 -20.56
C ALA F 341 -41.89 13.84 -21.59
N TRP F 342 -42.29 13.92 -22.85
CA TRP F 342 -41.54 13.30 -23.94
C TRP F 342 -40.76 14.38 -24.68
N GLU F 343 -39.45 14.18 -24.83
CA GLU F 343 -38.58 15.06 -25.58
C GLU F 343 -38.05 14.29 -26.78
N GLU F 344 -38.37 14.76 -27.99
CA GLU F 344 -37.86 14.08 -29.19
C GLU F 344 -36.39 14.44 -29.37
N VAL F 345 -35.54 13.41 -29.36
CA VAL F 345 -34.14 13.59 -29.74
C VAL F 345 -34.02 13.71 -31.25
N LYS F 346 -34.61 12.75 -31.94
CA LYS F 346 -34.71 12.69 -33.39
C LYS F 346 -35.84 11.70 -33.69
N PRO F 347 -36.24 11.56 -34.94
CA PRO F 347 -37.37 10.66 -35.24
C PRO F 347 -37.12 9.26 -34.67
N GLN F 348 -38.13 8.74 -33.98
CA GLN F 348 -38.12 7.42 -33.35
C GLN F 348 -37.12 7.30 -32.21
N VAL F 349 -36.75 8.42 -31.59
CA VAL F 349 -35.93 8.44 -30.38
C VAL F 349 -36.49 9.52 -29.46
N HIS F 350 -36.99 9.12 -28.29
CA HIS F 350 -37.56 10.06 -27.33
C HIS F 350 -36.91 9.84 -25.97
N LYS F 351 -36.60 10.94 -25.30
CA LYS F 351 -36.30 10.92 -23.88
C LYS F 351 -37.62 11.11 -23.14
N ILE F 352 -37.89 10.25 -22.17
CA ILE F 352 -39.10 10.28 -21.36
C ILE F 352 -38.69 10.75 -19.97
N HIS F 353 -39.13 11.94 -19.58
CA HIS F 353 -38.65 12.57 -18.36
C HIS F 353 -39.57 12.19 -17.21
N ARG F 354 -39.03 11.44 -16.25
CA ARG F 354 -39.83 10.92 -15.14
C ARG F 354 -40.04 11.94 -14.02
N THR F 355 -39.60 13.18 -14.23
CA THR F 355 -39.82 14.26 -13.28
C THR F 355 -41.26 14.78 -13.28
N GLY F 356 -42.07 14.36 -14.24
CA GLY F 356 -43.43 14.87 -14.33
C GLY F 356 -43.90 15.09 -15.75
N LYS F 357 -45.16 15.48 -15.90
CA LYS F 357 -45.73 15.62 -17.24
C LYS F 357 -45.69 17.04 -17.77
N ASP F 358 -45.69 18.05 -16.90
CA ASP F 358 -45.79 19.46 -17.31
C ASP F 358 -44.40 20.01 -17.64
N GLY F 359 -43.91 19.67 -18.83
CA GLY F 359 -42.61 20.14 -19.27
C GLY F 359 -41.47 19.34 -18.66
N PHE F 360 -40.26 19.71 -19.06
CA PHE F 360 -39.06 19.04 -18.59
C PHE F 360 -37.89 20.01 -18.62
N ASP F 361 -36.90 19.73 -17.78
CA ASP F 361 -35.62 20.42 -17.83
C ASP F 361 -34.74 19.79 -18.90
N ALA F 362 -34.19 20.62 -19.79
CA ALA F 362 -33.36 20.09 -20.87
C ALA F 362 -32.12 19.36 -20.32
N HIS F 363 -31.69 19.68 -19.10
CA HIS F 363 -30.56 18.99 -18.49
C HIS F 363 -30.97 18.05 -17.36
N ASN F 364 -32.25 17.68 -17.30
CA ASN F 364 -32.66 16.66 -16.35
C ASN F 364 -31.92 15.35 -16.63
N ASP F 365 -31.48 14.69 -15.56
CA ASP F 365 -30.78 13.41 -15.67
C ASP F 365 -31.68 12.20 -15.46
N ASP F 366 -32.92 12.42 -15.02
CA ASP F 366 -33.84 11.33 -14.71
C ASP F 366 -34.77 11.13 -15.90
N TYR F 367 -34.28 10.40 -16.90
CA TYR F 367 -35.09 10.08 -18.05
C TYR F 367 -34.77 8.68 -18.52
N LEU F 368 -35.67 8.13 -19.33
CA LEU F 368 -35.44 6.92 -20.09
C LEU F 368 -35.41 7.28 -21.56
N ILE F 369 -34.75 6.45 -22.37
CA ILE F 369 -34.74 6.62 -23.81
C ILE F 369 -35.60 5.53 -24.42
N LEU F 370 -36.69 5.92 -25.08
CA LEU F 370 -37.59 4.98 -25.74
C LEU F 370 -37.33 5.02 -27.25
N LEU F 371 -37.19 3.85 -27.85
CA LEU F 371 -36.97 3.74 -29.29
C LEU F 371 -38.26 3.40 -30.01
N ALA F 372 -38.48 4.05 -31.16
CA ALA F 372 -39.60 3.77 -32.08
C ALA F 372 -40.96 3.86 -31.38
N GLU F 373 -41.05 4.66 -30.32
CA GLU F 373 -42.26 4.81 -29.51
C GLU F 373 -42.81 3.45 -29.06
N GLY F 374 -41.91 2.49 -28.82
CA GLY F 374 -42.28 1.16 -28.42
C GLY F 374 -42.75 0.25 -29.53
N ARG F 375 -42.71 0.71 -30.78
CA ARG F 375 -43.05 -0.14 -31.93
C ARG F 375 -41.83 -0.99 -32.31
N LEU F 376 -41.98 -2.02 -33.15
CA LEU F 376 -40.85 -2.94 -33.45
C LEU F 376 -39.58 -2.12 -33.73
N VAL F 377 -38.56 -2.30 -32.90
CA VAL F 377 -37.34 -1.44 -32.97
C VAL F 377 -36.47 -1.73 -34.18
N ASN F 378 -36.39 -2.99 -34.60
CA ASN F 378 -35.47 -3.27 -35.68
C ASN F 378 -35.94 -2.61 -36.97
N LEU F 379 -37.25 -2.59 -37.20
CA LEU F 379 -37.78 -1.92 -38.38
C LEU F 379 -37.96 -0.43 -38.17
N GLY F 380 -38.19 -0.01 -36.93
CA GLY F 380 -38.43 1.40 -36.64
C GLY F 380 -37.19 2.26 -36.63
N ASN F 381 -36.12 1.77 -36.03
CA ASN F 381 -34.87 2.51 -35.93
C ASN F 381 -33.78 2.01 -36.87
N ALA F 382 -34.00 0.90 -37.57
CA ALA F 382 -33.09 0.50 -38.63
C ALA F 382 -33.88 0.02 -39.85
N THR F 383 -33.49 -1.11 -40.45
CA THR F 383 -34.14 -1.57 -41.67
C THR F 383 -34.68 -2.98 -41.52
N GLY F 384 -34.90 -3.44 -40.29
CA GLY F 384 -35.34 -4.81 -40.09
C GLY F 384 -34.27 -5.82 -40.49
N HIS F 385 -34.74 -7.02 -40.80
CA HIS F 385 -33.85 -8.12 -41.13
C HIS F 385 -33.19 -7.89 -42.49
N PRO F 386 -31.99 -8.45 -42.68
CA PRO F 386 -31.32 -8.30 -43.98
C PRO F 386 -31.95 -9.18 -45.05
N SER F 387 -31.66 -8.81 -46.30
CA SER F 387 -32.24 -9.49 -47.45
C SER F 387 -32.00 -11.00 -47.42
N ARG F 388 -30.77 -11.43 -47.08
CA ARG F 388 -30.47 -12.86 -47.19
C ARG F 388 -31.28 -13.67 -46.18
N ILE F 389 -31.67 -13.07 -45.07
CA ILE F 389 -32.55 -13.75 -44.13
C ILE F 389 -33.99 -13.71 -44.59
N MET F 390 -34.45 -12.54 -45.06
CA MET F 390 -35.85 -12.42 -45.50
C MET F 390 -36.10 -13.27 -46.74
N ASP F 391 -35.05 -13.59 -47.51
CA ASP F 391 -35.15 -14.59 -48.56
C ASP F 391 -35.92 -15.82 -48.10
N GLY F 392 -35.62 -16.32 -46.91
CA GLY F 392 -36.26 -17.54 -46.43
C GLY F 392 -37.73 -17.34 -46.17
N SER F 393 -38.07 -16.31 -45.40
CA SER F 393 -39.47 -16.01 -45.13
C SER F 393 -40.26 -15.82 -46.42
N PHE F 394 -39.71 -15.03 -47.34
CA PHE F 394 -40.54 -14.63 -48.48
C PHE F 394 -40.61 -15.71 -49.55
N ALA F 395 -39.64 -16.62 -49.60
CA ALA F 395 -39.81 -17.80 -50.44
C ALA F 395 -40.95 -18.68 -49.91
N ASN F 396 -41.07 -18.79 -48.59
CA ASN F 396 -42.23 -19.48 -48.02
C ASN F 396 -43.53 -18.77 -48.37
N GLN F 397 -43.51 -17.43 -48.34
CA GLN F 397 -44.73 -16.66 -48.64
C GLN F 397 -45.20 -16.94 -50.07
N VAL F 398 -44.28 -16.89 -51.03
CA VAL F 398 -44.62 -17.13 -52.43
C VAL F 398 -45.14 -18.55 -52.61
N LEU F 399 -44.46 -19.53 -52.00
CA LEU F 399 -44.94 -20.90 -52.11
C LEU F 399 -46.31 -21.06 -51.45
N ALA F 400 -46.54 -20.35 -50.35
CA ALA F 400 -47.83 -20.41 -49.69
C ALA F 400 -48.93 -19.78 -50.55
N GLN F 401 -48.64 -18.62 -51.16
CA GLN F 401 -49.61 -17.99 -52.05
C GLN F 401 -49.95 -18.87 -53.23
N ILE F 402 -48.96 -19.53 -53.83
CA ILE F 402 -49.23 -20.40 -54.96
C ILE F 402 -50.17 -21.52 -54.54
N HIS F 403 -49.88 -22.16 -53.40
CA HIS F 403 -50.66 -23.34 -53.01
C HIS F 403 -52.12 -22.98 -52.72
N LEU F 404 -52.35 -21.91 -51.96
CA LEU F 404 -53.73 -21.52 -51.63
C LEU F 404 -54.47 -20.98 -52.85
N PHE F 405 -53.79 -20.22 -53.73
CA PHE F 405 -54.48 -19.69 -54.89
C PHE F 405 -54.91 -20.80 -55.83
N GLU F 406 -54.04 -21.79 -56.06
CA GLU F 406 -54.42 -22.88 -56.96
C GLU F 406 -55.44 -23.81 -56.35
N GLN F 407 -55.63 -23.76 -55.02
CA GLN F 407 -56.66 -24.60 -54.40
C GLN F 407 -58.06 -24.08 -54.69
N LYS F 408 -58.21 -22.77 -54.90
CA LYS F 408 -59.49 -22.16 -55.30
C LYS F 408 -60.60 -22.48 -54.29
N TYR F 409 -60.34 -22.15 -53.03
CA TYR F 409 -61.30 -22.40 -51.97
C TYR F 409 -62.62 -21.67 -52.22
N ALA F 410 -62.55 -20.39 -52.64
CA ALA F 410 -63.76 -19.61 -52.84
C ALA F 410 -64.69 -20.20 -53.89
N ASP F 411 -64.17 -21.04 -54.79
CA ASP F 411 -64.97 -21.69 -55.82
C ASP F 411 -65.38 -23.10 -55.45
N LEU F 412 -65.04 -23.57 -54.24
CA LEU F 412 -65.40 -24.93 -53.86
C LEU F 412 -66.84 -25.00 -53.37
N PRO F 413 -67.47 -26.17 -53.49
CA PRO F 413 -68.77 -26.37 -52.84
C PRO F 413 -68.65 -26.21 -51.34
N ALA F 414 -69.79 -25.94 -50.70
CA ALA F 414 -69.78 -25.66 -49.26
C ALA F 414 -69.27 -26.85 -48.44
N ALA F 415 -69.55 -28.07 -48.90
CA ALA F 415 -69.07 -29.26 -48.19
C ALA F 415 -67.57 -29.40 -48.31
N GLU F 416 -67.02 -29.16 -49.50
CA GLU F 416 -65.57 -29.15 -49.65
C GLU F 416 -64.94 -27.96 -48.93
N LYS F 417 -65.66 -26.83 -48.88
CA LYS F 417 -65.18 -25.67 -48.14
C LYS F 417 -65.01 -25.98 -46.65
N ALA F 418 -66.00 -26.66 -46.05
CA ALA F 418 -65.93 -26.94 -44.62
C ALA F 418 -64.77 -27.88 -44.30
N LYS F 419 -64.50 -28.85 -45.18
CA LYS F 419 -63.39 -29.76 -44.97
C LYS F 419 -62.05 -29.08 -45.17
N ARG F 420 -62.01 -27.98 -45.91
CA ARG F 420 -60.76 -27.33 -46.25
C ARG F 420 -60.45 -26.12 -45.38
N LEU F 421 -61.37 -25.69 -44.54
CA LEU F 421 -61.16 -24.50 -43.71
C LEU F 421 -60.22 -24.85 -42.57
N SER F 422 -58.94 -24.51 -42.70
CA SER F 422 -57.97 -24.86 -41.67
C SER F 422 -56.79 -23.89 -41.72
N VAL F 423 -55.95 -24.01 -40.70
CA VAL F 423 -54.67 -23.29 -40.63
C VAL F 423 -53.56 -24.33 -40.69
N GLU F 424 -52.73 -24.26 -41.73
CA GLU F 424 -51.73 -25.28 -41.97
C GLU F 424 -50.37 -24.65 -42.24
N VAL F 425 -49.33 -25.48 -42.13
CA VAL F 425 -47.97 -25.09 -42.49
C VAL F 425 -47.60 -25.77 -43.80
N LEU F 426 -46.53 -25.26 -44.41
CA LEU F 426 -46.01 -25.89 -45.62
C LEU F 426 -45.34 -27.23 -45.28
N PRO F 427 -45.37 -28.19 -46.21
CA PRO F 427 -44.72 -29.49 -45.95
C PRO F 427 -43.21 -29.36 -45.81
N LYS F 428 -42.61 -30.32 -45.12
CA LYS F 428 -41.18 -30.23 -44.83
C LYS F 428 -40.34 -30.21 -46.10
N LYS F 429 -40.79 -30.91 -47.14
CA LYS F 429 -40.05 -30.91 -48.39
C LYS F 429 -39.85 -29.49 -48.92
N LEU F 430 -40.89 -28.65 -48.89
CA LEU F 430 -40.74 -27.28 -49.37
C LEU F 430 -39.80 -26.48 -48.47
N ASP F 431 -39.90 -26.70 -47.17
CA ASP F 431 -38.99 -26.07 -46.20
C ASP F 431 -37.54 -26.42 -46.52
N GLU F 432 -37.27 -27.71 -46.75
CA GLU F 432 -35.93 -28.16 -47.13
C GLU F 432 -35.47 -27.56 -48.44
N GLU F 433 -36.38 -27.39 -49.39
CA GLU F 433 -35.98 -26.85 -50.69
C GLU F 433 -35.63 -25.38 -50.60
N VAL F 434 -36.37 -24.63 -49.79
CA VAL F 434 -35.96 -23.25 -49.51
C VAL F 434 -34.59 -23.23 -48.85
N ALA F 435 -34.38 -24.11 -47.88
CA ALA F 435 -33.11 -24.13 -47.14
C ALA F 435 -31.94 -24.42 -48.06
N LEU F 436 -32.12 -25.31 -49.03
CA LEU F 436 -31.03 -25.66 -49.93
C LEU F 436 -30.58 -24.45 -50.75
N GLU F 437 -31.54 -23.65 -51.24
CA GLU F 437 -31.14 -22.45 -51.98
C GLU F 437 -30.49 -21.41 -51.06
N MET F 438 -30.90 -21.36 -49.79
CA MET F 438 -30.20 -20.48 -48.86
C MET F 438 -28.76 -20.95 -48.66
N VAL F 439 -28.57 -22.26 -48.45
CA VAL F 439 -27.22 -22.81 -48.25
C VAL F 439 -26.34 -22.55 -49.47
N LYS F 440 -26.89 -22.70 -50.68
CA LYS F 440 -26.08 -22.46 -51.87
C LYS F 440 -25.70 -20.99 -51.98
N GLY F 441 -26.58 -20.09 -51.50
CA GLY F 441 -26.24 -18.68 -51.49
C GLY F 441 -25.03 -18.35 -50.64
N PHE F 442 -24.77 -19.17 -49.63
CA PHE F 442 -23.56 -19.05 -48.83
C PHE F 442 -22.37 -19.81 -49.43
N GLY F 443 -22.53 -20.42 -50.60
CA GLY F 443 -21.50 -21.33 -51.10
C GLY F 443 -21.40 -22.66 -50.37
N GLY F 444 -22.34 -22.98 -49.49
CA GLY F 444 -22.30 -24.26 -48.80
C GLY F 444 -22.57 -25.43 -49.75
N VAL F 445 -22.00 -26.58 -49.44
CA VAL F 445 -22.15 -27.78 -50.24
C VAL F 445 -22.79 -28.86 -49.37
N VAL F 446 -24.02 -29.23 -49.68
CA VAL F 446 -24.71 -30.30 -48.96
C VAL F 446 -24.30 -31.66 -49.53
N THR F 447 -24.07 -32.62 -48.65
CA THR F 447 -23.67 -33.96 -49.06
C THR F 447 -24.90 -34.79 -49.44
N GLN F 448 -24.76 -35.60 -50.49
CA GLN F 448 -25.83 -36.53 -50.88
C GLN F 448 -25.62 -37.87 -50.19
N LEU F 449 -26.69 -38.36 -49.55
CA LEU F 449 -26.69 -39.72 -49.01
C LEU F 449 -26.46 -40.76 -50.10
N THR F 450 -25.69 -41.80 -49.76
CA THR F 450 -25.67 -43.00 -50.60
C THR F 450 -26.97 -43.78 -50.38
N PRO F 451 -27.35 -44.65 -51.33
CA PRO F 451 -28.56 -45.44 -51.09
C PRO F 451 -28.49 -46.28 -49.82
N LYS F 452 -27.35 -46.90 -49.54
CA LYS F 452 -27.21 -47.66 -48.30
C LYS F 452 -27.35 -46.78 -47.07
N GLN F 453 -26.82 -45.55 -47.12
CA GLN F 453 -26.96 -44.66 -45.97
C GLN F 453 -28.40 -44.21 -45.78
N ALA F 454 -29.07 -43.85 -46.88
CA ALA F 454 -30.48 -43.49 -46.81
C ALA F 454 -31.31 -44.62 -46.22
N GLU F 455 -31.06 -45.85 -46.66
CA GLU F 455 -31.76 -47.01 -46.10
C GLU F 455 -31.43 -47.20 -44.61
N TYR F 456 -30.18 -46.98 -44.22
CA TYR F 456 -29.75 -47.15 -42.83
C TYR F 456 -30.53 -46.25 -41.89
N ILE F 457 -30.75 -44.99 -42.26
CA ILE F 457 -31.47 -44.08 -41.37
C ILE F 457 -32.95 -43.96 -41.73
N GLY F 458 -33.40 -44.66 -42.76
CA GLY F 458 -34.82 -44.70 -43.11
C GLY F 458 -35.36 -43.43 -43.72
N VAL F 459 -34.64 -42.83 -44.66
CA VAL F 459 -35.11 -41.64 -45.37
C VAL F 459 -34.81 -41.83 -46.85
N SER F 460 -35.55 -41.10 -47.67
CA SER F 460 -35.24 -41.06 -49.09
C SER F 460 -33.98 -40.23 -49.32
N VAL F 461 -33.21 -40.60 -50.35
CA VAL F 461 -32.05 -39.78 -50.68
C VAL F 461 -32.46 -38.34 -50.98
N GLU F 462 -33.68 -38.15 -51.50
CA GLU F 462 -34.21 -36.82 -51.82
C GLU F 462 -34.91 -36.17 -50.63
N GLY F 463 -34.86 -36.80 -49.45
CA GLY F 463 -35.57 -36.30 -48.31
C GLY F 463 -37.07 -36.52 -48.44
N PRO F 464 -37.85 -36.02 -47.47
CA PRO F 464 -37.38 -35.25 -46.31
C PRO F 464 -36.53 -36.09 -45.34
N PHE F 465 -35.63 -35.41 -44.63
CA PHE F 465 -34.61 -36.09 -43.85
C PHE F 465 -34.97 -36.20 -42.37
N LYS F 466 -36.06 -35.58 -41.92
CA LYS F 466 -36.48 -35.60 -40.53
C LYS F 466 -37.97 -35.88 -40.44
N PRO F 467 -38.41 -36.51 -39.35
CA PRO F 467 -39.86 -36.64 -39.13
C PRO F 467 -40.46 -35.29 -38.80
N ASP F 468 -41.79 -35.18 -39.01
CA ASP F 468 -42.48 -33.92 -38.75
C ASP F 468 -42.38 -33.48 -37.29
N THR F 469 -42.04 -34.39 -36.38
CA THR F 469 -41.86 -34.03 -34.98
C THR F 469 -40.52 -33.36 -34.70
N TYR F 470 -39.60 -33.36 -35.65
CA TYR F 470 -38.23 -32.93 -35.36
C TYR F 470 -38.16 -31.42 -35.11
N ARG F 471 -37.38 -31.04 -34.11
CA ARG F 471 -37.38 -29.65 -33.64
C ARG F 471 -36.18 -28.83 -34.13
N TYR F 472 -35.16 -29.47 -34.68
CA TYR F 472 -33.96 -28.74 -35.16
C TYR F 472 -33.34 -27.94 -34.01
N GLY G 12 -24.34 -61.02 2.32
CA GLY G 12 -23.62 -61.87 1.37
C GLY G 12 -24.05 -61.69 -0.08
N PHE G 13 -23.99 -60.44 -0.56
CA PHE G 13 -24.43 -60.11 -1.91
C PHE G 13 -23.30 -60.34 -2.92
N THR G 14 -23.57 -61.18 -3.93
CA THR G 14 -22.58 -61.51 -4.95
C THR G 14 -23.13 -61.38 -6.37
N ASP G 15 -24.34 -60.85 -6.53
CA ASP G 15 -25.02 -60.87 -7.82
C ASP G 15 -24.62 -59.66 -8.69
N TYR G 16 -23.33 -59.60 -9.04
CA TYR G 16 -22.81 -58.47 -9.79
C TYR G 16 -21.49 -58.86 -10.44
N LYS G 17 -20.98 -58.00 -11.32
CA LYS G 17 -19.60 -58.15 -11.75
C LYS G 17 -19.07 -56.79 -12.18
N VAL G 18 -18.01 -56.34 -11.50
CA VAL G 18 -17.44 -55.04 -11.72
C VAL G 18 -15.92 -55.17 -11.78
N ALA G 19 -15.24 -54.07 -12.09
CA ALA G 19 -13.80 -54.10 -12.22
C ALA G 19 -13.13 -54.30 -10.87
N ASP G 20 -13.61 -53.61 -9.84
CA ASP G 20 -12.90 -53.51 -8.56
C ASP G 20 -13.88 -52.98 -7.53
N ILE G 21 -14.36 -53.85 -6.66
CA ILE G 21 -15.35 -53.47 -5.67
C ILE G 21 -14.79 -52.47 -4.67
N THR G 22 -13.47 -52.42 -4.47
CA THR G 22 -12.90 -51.54 -3.47
C THR G 22 -12.96 -50.07 -3.88
N LEU G 23 -13.31 -49.77 -5.14
CA LEU G 23 -13.59 -48.40 -5.58
C LEU G 23 -14.94 -47.89 -5.12
N ALA G 24 -15.68 -48.67 -4.31
CA ALA G 24 -17.06 -48.30 -3.96
C ALA G 24 -17.10 -47.01 -3.15
N ALA G 25 -16.20 -46.85 -2.17
CA ALA G 25 -16.24 -45.67 -1.30
C ALA G 25 -16.02 -44.39 -2.12
N TRP G 26 -15.04 -44.41 -3.02
CA TRP G 26 -14.85 -43.32 -3.96
C TRP G 26 -16.13 -43.07 -4.76
N GLY G 27 -16.72 -44.13 -5.31
CA GLY G 27 -17.95 -43.95 -6.07
C GLY G 27 -19.06 -43.33 -5.24
N ARG G 28 -19.18 -43.74 -3.98
CA ARG G 28 -20.21 -43.16 -3.10
C ARG G 28 -19.95 -41.68 -2.87
N ARG G 29 -18.69 -41.28 -2.66
CA ARG G 29 -18.39 -39.86 -2.50
C ARG G 29 -18.88 -39.05 -3.70
N GLU G 30 -18.59 -39.55 -4.91
CA GLU G 30 -18.99 -38.81 -6.11
C GLU G 30 -20.51 -38.84 -6.31
N LEU G 31 -21.17 -39.95 -5.96
CA LEU G 31 -22.63 -39.96 -6.02
C LEU G 31 -23.23 -38.89 -5.13
N ILE G 32 -22.64 -38.67 -3.96
CA ILE G 32 -23.19 -37.71 -3.02
C ILE G 32 -23.06 -36.29 -3.57
N ILE G 33 -21.92 -36.00 -4.20
CA ILE G 33 -21.76 -34.73 -4.91
C ILE G 33 -22.76 -34.64 -6.06
N ALA G 34 -22.84 -35.69 -6.88
CA ALA G 34 -23.74 -35.64 -8.04
C ALA G 34 -25.18 -35.44 -7.62
N GLU G 35 -25.58 -35.98 -6.46
CA GLU G 35 -26.93 -35.73 -5.99
C GLU G 35 -27.19 -34.23 -5.85
N SER G 36 -26.22 -33.49 -5.31
CA SER G 36 -26.40 -32.04 -5.19
C SER G 36 -26.45 -31.34 -6.54
N GLU G 37 -25.99 -31.98 -7.62
CA GLU G 37 -26.02 -31.40 -8.95
C GLU G 37 -27.24 -31.82 -9.76
N MET G 38 -28.12 -32.65 -9.18
CA MET G 38 -29.24 -33.24 -9.92
C MET G 38 -30.56 -32.97 -9.19
N PRO G 39 -30.97 -31.70 -9.13
CA PRO G 39 -32.16 -31.35 -8.33
C PRO G 39 -33.47 -31.86 -8.91
N ALA G 40 -33.62 -31.94 -10.24
CA ALA G 40 -34.85 -32.52 -10.78
C ALA G 40 -34.98 -33.97 -10.37
N LEU G 41 -33.89 -34.72 -10.52
CA LEU G 41 -33.90 -36.13 -10.17
C LEU G 41 -34.14 -36.31 -8.67
N MET G 42 -33.41 -35.55 -7.84
N MET G 42 -33.43 -35.55 -7.84
CA MET G 42 -33.60 -35.62 -6.40
CA MET G 42 -33.63 -35.70 -6.40
C MET G 42 -35.02 -35.20 -6.01
C MET G 42 -34.99 -35.17 -5.97
N GLY G 43 -35.54 -34.17 -6.67
CA GLY G 43 -36.89 -33.72 -6.36
C GLY G 43 -37.93 -34.81 -6.55
N LEU G 44 -37.79 -35.58 -7.64
CA LEU G 44 -38.66 -36.75 -7.83
C LEU G 44 -38.49 -37.75 -6.70
N ARG G 45 -37.23 -37.99 -6.30
CA ARG G 45 -36.94 -38.90 -5.20
C ARG G 45 -37.69 -38.49 -3.93
N ARG G 46 -37.55 -37.22 -3.51
CA ARG G 46 -38.28 -36.76 -2.33
C ARG G 46 -39.79 -36.76 -2.54
N LYS G 47 -40.25 -36.46 -3.75
CA LYS G 47 -41.70 -36.32 -3.96
C LYS G 47 -42.39 -37.67 -3.92
N TYR G 48 -41.78 -38.71 -4.49
CA TYR G 48 -42.45 -39.98 -4.71
C TYR G 48 -42.05 -41.08 -3.73
N ALA G 49 -41.00 -40.88 -2.92
CA ALA G 49 -40.52 -41.95 -2.05
C ALA G 49 -41.61 -42.44 -1.10
N GLY G 50 -42.46 -41.54 -0.62
CA GLY G 50 -43.55 -41.96 0.25
C GLY G 50 -44.58 -42.81 -0.49
N GLN G 51 -44.86 -42.47 -1.75
CA GLN G 51 -45.86 -43.19 -2.53
C GLN G 51 -45.36 -44.56 -3.01
N GLN G 52 -44.05 -44.71 -3.20
CA GLN G 52 -43.46 -45.94 -3.72
C GLN G 52 -44.13 -46.36 -5.04
N PRO G 53 -44.16 -45.47 -6.04
CA PRO G 53 -44.90 -45.80 -7.27
C PRO G 53 -44.25 -46.91 -8.09
N LEU G 54 -42.99 -47.26 -7.82
CA LEU G 54 -42.35 -48.36 -8.52
C LEU G 54 -42.29 -49.63 -7.69
N LYS G 55 -43.03 -49.69 -6.58
CA LYS G 55 -43.13 -50.92 -5.81
C LYS G 55 -43.64 -52.04 -6.71
N GLY G 56 -42.86 -53.11 -6.83
CA GLY G 56 -43.22 -54.21 -7.70
C GLY G 56 -42.65 -54.14 -9.09
N ALA G 57 -42.08 -53.00 -9.47
CA ALA G 57 -41.41 -52.90 -10.77
C ALA G 57 -40.09 -53.67 -10.74
N LYS G 58 -39.78 -54.32 -11.86
CA LYS G 58 -38.56 -55.09 -12.01
C LYS G 58 -37.95 -54.69 -13.35
N ILE G 59 -36.94 -53.82 -13.28
CA ILE G 59 -36.46 -53.06 -14.43
C ILE G 59 -35.14 -53.64 -14.90
N LEU G 60 -35.10 -54.10 -16.15
CA LEU G 60 -33.84 -54.38 -16.83
C LEU G 60 -33.30 -53.06 -17.39
N GLY G 61 -32.13 -52.66 -16.94
CA GLY G 61 -31.59 -51.38 -17.38
C GLY G 61 -30.27 -51.53 -18.10
N CYS G 62 -30.11 -50.83 -19.23
CA CYS G 62 -28.90 -50.91 -20.05
C CYS G 62 -28.58 -49.49 -20.49
N ILE G 63 -27.65 -48.85 -19.78
CA ILE G 63 -27.22 -47.50 -20.11
C ILE G 63 -25.88 -47.28 -19.41
N HIS G 64 -24.97 -46.59 -20.11
CA HIS G 64 -23.65 -46.24 -19.61
C HIS G 64 -23.59 -46.16 -18.09
N MET G 65 -22.81 -47.05 -17.47
CA MET G 65 -22.74 -47.15 -16.00
C MET G 65 -21.81 -46.06 -15.45
N THR G 66 -22.31 -44.83 -15.53
CA THR G 66 -21.65 -43.64 -15.02
C THR G 66 -22.15 -43.30 -13.62
N ILE G 67 -21.47 -42.35 -12.98
CA ILE G 67 -21.95 -41.75 -11.75
C ILE G 67 -23.38 -41.24 -11.91
N GLN G 68 -23.66 -40.60 -13.05
CA GLN G 68 -24.99 -40.05 -13.29
C GLN G 68 -26.04 -41.16 -13.35
N THR G 69 -25.71 -42.27 -14.03
CA THR G 69 -26.64 -43.40 -14.03
C THR G 69 -26.79 -44.00 -12.65
N GLY G 70 -25.75 -43.90 -11.82
CA GLY G 70 -25.87 -44.35 -10.44
C GLY G 70 -26.99 -43.64 -9.70
N VAL G 71 -27.07 -42.31 -9.86
CA VAL G 71 -28.13 -41.53 -9.21
C VAL G 71 -29.50 -41.91 -9.81
N LEU G 72 -29.53 -42.17 -11.12
CA LEU G 72 -30.74 -42.68 -11.75
C LEU G 72 -31.18 -44.00 -11.10
N ILE G 73 -30.25 -44.96 -11.00
CA ILE G 73 -30.58 -46.28 -10.48
C ILE G 73 -31.13 -46.17 -9.05
N GLU G 74 -30.45 -45.40 -8.20
CA GLU G 74 -30.87 -45.35 -6.80
C GLU G 74 -32.17 -44.57 -6.62
N THR G 75 -32.53 -43.70 -7.56
CA THR G 75 -33.83 -43.06 -7.53
C THR G 75 -34.92 -44.09 -7.82
N LEU G 76 -34.73 -44.90 -8.88
CA LEU G 76 -35.66 -45.99 -9.18
C LEU G 76 -35.81 -46.93 -7.99
N VAL G 77 -34.70 -47.31 -7.34
CA VAL G 77 -34.79 -48.16 -6.16
C VAL G 77 -35.50 -47.44 -5.01
N ALA G 78 -35.16 -46.15 -4.80
CA ALA G 78 -35.82 -45.36 -3.76
C ALA G 78 -37.33 -45.30 -3.96
N LEU G 79 -37.80 -45.35 -5.20
CA LEU G 79 -39.24 -45.32 -5.49
C LEU G 79 -39.88 -46.70 -5.50
N GLY G 80 -39.11 -47.74 -5.17
CA GLY G 80 -39.68 -49.05 -4.90
C GLY G 80 -39.28 -50.14 -5.87
N ALA G 81 -38.46 -49.84 -6.87
CA ALA G 81 -38.15 -50.81 -7.91
C ALA G 81 -37.00 -51.73 -7.51
N GLU G 82 -36.96 -52.90 -8.15
CA GLU G 82 -35.78 -53.74 -8.24
C GLU G 82 -35.22 -53.61 -9.65
N VAL G 83 -33.89 -53.60 -9.78
CA VAL G 83 -33.27 -53.45 -11.09
C VAL G 83 -32.13 -54.45 -11.23
N ARG G 84 -31.79 -54.76 -12.48
CA ARG G 84 -30.54 -55.42 -12.83
C ARG G 84 -29.95 -54.65 -13.98
N TRP G 85 -28.67 -54.31 -13.89
CA TRP G 85 -28.09 -53.23 -14.69
C TRP G 85 -26.87 -53.65 -15.49
N SER G 86 -26.75 -53.07 -16.68
CA SER G 86 -25.54 -53.20 -17.48
C SER G 86 -25.29 -51.89 -18.23
N SER G 87 -24.07 -51.72 -18.72
CA SER G 87 -23.76 -50.58 -19.57
C SER G 87 -24.14 -50.87 -21.02
N CYS G 88 -24.44 -49.80 -21.77
CA CYS G 88 -24.74 -49.93 -23.19
C CYS G 88 -23.54 -49.63 -24.09
N ASN G 89 -22.33 -49.54 -23.53
CA ASN G 89 -21.14 -49.34 -24.34
C ASN G 89 -19.94 -49.95 -23.63
N ILE G 90 -19.02 -50.53 -24.40
CA ILE G 90 -17.88 -51.22 -23.80
C ILE G 90 -16.93 -50.28 -23.05
N PHE G 91 -16.97 -48.97 -23.34
CA PHE G 91 -15.97 -48.06 -22.80
C PHE G 91 -16.57 -46.99 -21.86
N SER G 92 -17.88 -46.99 -21.65
CA SER G 92 -18.51 -45.82 -21.04
C SER G 92 -18.68 -45.93 -19.53
N THR G 93 -18.49 -47.12 -18.96
CA THR G 93 -18.63 -47.32 -17.53
C THR G 93 -17.55 -46.57 -16.77
N GLN G 94 -17.95 -45.93 -15.66
CA GLN G 94 -17.01 -45.47 -14.64
C GLN G 94 -16.92 -46.54 -13.57
N ASP G 95 -15.72 -47.11 -13.40
CA ASP G 95 -15.63 -48.28 -12.55
C ASP G 95 -16.01 -47.98 -11.11
N GLN G 96 -15.75 -46.75 -10.62
CA GLN G 96 -16.15 -46.41 -9.26
C GLN G 96 -17.66 -46.32 -9.12
N ALA G 97 -18.36 -45.89 -10.18
CA ALA G 97 -19.82 -45.85 -10.13
C ALA G 97 -20.39 -47.26 -10.07
N ALA G 98 -19.87 -48.18 -10.91
CA ALA G 98 -20.33 -49.56 -10.86
C ALA G 98 -20.08 -50.18 -9.49
N ALA G 99 -18.89 -49.94 -8.93
CA ALA G 99 -18.57 -50.51 -7.61
C ALA G 99 -19.52 -49.99 -6.55
N ALA G 100 -19.82 -48.69 -6.55
CA ALA G 100 -20.73 -48.15 -5.55
C ALA G 100 -22.12 -48.76 -5.68
N ILE G 101 -22.56 -49.02 -6.90
CA ILE G 101 -23.88 -49.62 -7.09
C ILE G 101 -23.89 -51.07 -6.60
N ALA G 102 -22.90 -51.86 -7.00
CA ALA G 102 -22.79 -53.23 -6.49
C ALA G 102 -22.69 -53.26 -4.96
N ALA G 103 -21.94 -52.33 -4.37
CA ALA G 103 -21.80 -52.35 -2.91
C ALA G 103 -23.12 -52.08 -2.22
N ALA G 104 -24.03 -51.38 -2.88
CA ALA G 104 -25.36 -51.11 -2.35
C ALA G 104 -26.31 -52.29 -2.50
N GLY G 105 -25.82 -53.45 -2.92
CA GLY G 105 -26.67 -54.61 -3.08
C GLY G 105 -27.55 -54.57 -4.32
N ILE G 106 -27.09 -53.94 -5.39
CA ILE G 106 -27.85 -53.75 -6.61
C ILE G 106 -27.15 -54.50 -7.74
N PRO G 107 -27.83 -55.42 -8.43
CA PRO G 107 -27.16 -56.20 -9.49
C PRO G 107 -26.73 -55.30 -10.65
N VAL G 108 -25.43 -55.28 -10.89
CA VAL G 108 -24.84 -54.52 -12.01
C VAL G 108 -23.72 -55.34 -12.60
N PHE G 109 -23.62 -55.35 -13.93
CA PHE G 109 -22.57 -56.06 -14.65
C PHE G 109 -21.98 -55.07 -15.66
N ALA G 110 -20.86 -54.46 -15.30
CA ALA G 110 -20.32 -53.36 -16.09
C ALA G 110 -18.92 -53.02 -15.61
N TRP G 111 -18.01 -52.82 -16.56
CA TRP G 111 -16.69 -52.25 -16.28
C TRP G 111 -16.18 -51.57 -17.55
N LYS G 112 -15.25 -50.64 -17.36
CA LYS G 112 -14.67 -49.94 -18.51
C LYS G 112 -13.70 -50.87 -19.23
N GLY G 113 -13.82 -50.94 -20.56
CA GLY G 113 -12.93 -51.80 -21.35
C GLY G 113 -13.40 -53.22 -21.56
N GLU G 114 -14.71 -53.46 -21.65
CA GLU G 114 -15.22 -54.79 -21.97
C GLU G 114 -14.86 -55.18 -23.40
N THR G 115 -14.70 -56.48 -23.63
CA THR G 115 -14.72 -56.97 -25.00
C THR G 115 -16.16 -57.01 -25.52
N GLU G 116 -16.31 -57.24 -26.82
CA GLU G 116 -17.65 -57.42 -27.39
C GLU G 116 -18.35 -58.61 -26.74
N GLU G 117 -17.63 -59.72 -26.54
CA GLU G 117 -18.23 -60.87 -25.87
C GLU G 117 -18.68 -60.53 -24.45
N GLU G 118 -17.82 -59.86 -23.68
CA GLU G 118 -18.15 -59.47 -22.32
C GLU G 118 -19.33 -58.51 -22.27
N TYR G 119 -19.42 -57.62 -23.26
CA TYR G 119 -20.57 -56.72 -23.36
C TYR G 119 -21.88 -57.50 -23.48
N GLU G 120 -21.91 -58.47 -24.40
CA GLU G 120 -23.08 -59.31 -24.55
C GLU G 120 -23.36 -60.12 -23.29
N TRP G 121 -22.31 -60.67 -22.68
CA TRP G 121 -22.46 -61.44 -21.46
C TRP G 121 -23.06 -60.60 -20.33
N CYS G 122 -22.69 -59.32 -20.26
CA CYS G 122 -23.21 -58.46 -19.21
C CYS G 122 -24.71 -58.21 -19.37
N ILE G 123 -25.17 -57.95 -20.60
CA ILE G 123 -26.60 -57.77 -20.80
C ILE G 123 -27.34 -59.05 -20.40
N GLU G 124 -26.82 -60.21 -20.80
CA GLU G 124 -27.45 -61.48 -20.45
CA GLU G 124 -27.46 -61.47 -20.45
C GLU G 124 -27.53 -61.66 -18.94
N GLN G 125 -26.50 -61.21 -18.20
CA GLN G 125 -26.53 -61.37 -16.75
C GLN G 125 -27.63 -60.53 -16.11
N THR G 126 -28.05 -59.43 -16.74
CA THR G 126 -29.23 -58.74 -16.24
C THR G 126 -30.50 -59.54 -16.59
N ILE G 127 -30.54 -60.16 -17.78
CA ILE G 127 -31.73 -60.87 -18.23
C ILE G 127 -31.92 -62.15 -17.41
N LEU G 128 -30.82 -62.81 -17.06
CA LEU G 128 -30.84 -64.11 -16.39
C LEU G 128 -30.58 -63.95 -14.90
N LYS G 129 -31.39 -64.61 -14.08
CA LYS G 129 -31.08 -64.73 -12.65
C LYS G 129 -31.05 -66.21 -12.31
N ASP G 130 -29.91 -66.65 -11.76
CA ASP G 130 -29.71 -68.06 -11.48
C ASP G 130 -29.83 -68.90 -12.75
N GLY G 131 -29.33 -68.35 -13.86
CA GLY G 131 -29.26 -69.08 -15.10
C GLY G 131 -30.53 -69.12 -15.92
N GLN G 132 -31.61 -68.48 -15.46
CA GLN G 132 -32.93 -68.51 -16.09
C GLN G 132 -33.51 -67.10 -16.09
N PRO G 133 -34.40 -66.80 -17.03
CA PRO G 133 -34.93 -65.43 -17.15
C PRO G 133 -35.49 -64.89 -15.84
N TRP G 134 -35.02 -63.70 -15.46
CA TRP G 134 -35.59 -62.94 -14.36
C TRP G 134 -37.04 -62.61 -14.65
N ASP G 135 -37.83 -62.37 -13.60
CA ASP G 135 -39.23 -61.98 -13.80
C ASP G 135 -39.34 -60.47 -14.04
N ALA G 136 -38.67 -60.00 -15.08
CA ALA G 136 -38.67 -58.57 -15.39
C ALA G 136 -40.05 -58.12 -15.83
N ASN G 137 -40.36 -56.83 -15.56
CA ASN G 137 -41.60 -56.27 -16.07
C ASN G 137 -41.46 -54.86 -16.62
N MET G 138 -40.24 -54.30 -16.65
CA MET G 138 -39.95 -53.01 -17.26
C MET G 138 -38.55 -53.06 -17.87
N VAL G 139 -38.34 -52.18 -18.85
CA VAL G 139 -37.07 -52.07 -19.57
C VAL G 139 -36.70 -50.58 -19.64
N LEU G 140 -35.45 -50.26 -19.30
CA LEU G 140 -34.86 -48.96 -19.55
C LEU G 140 -33.64 -49.21 -20.42
N ASP G 141 -33.59 -48.55 -21.58
CA ASP G 141 -32.58 -48.85 -22.60
C ASP G 141 -32.00 -47.57 -23.16
N ASP G 142 -30.78 -47.67 -23.67
CA ASP G 142 -30.06 -46.56 -24.31
C ASP G 142 -29.37 -47.12 -25.55
N GLY G 143 -29.99 -46.91 -26.71
CA GLY G 143 -29.45 -47.41 -27.96
C GLY G 143 -30.16 -48.62 -28.53
N GLY G 144 -30.94 -49.35 -27.72
CA GLY G 144 -31.77 -50.42 -28.21
C GLY G 144 -31.17 -51.84 -28.20
N ASP G 145 -29.94 -52.01 -27.70
CA ASP G 145 -29.32 -53.35 -27.71
C ASP G 145 -30.06 -54.32 -26.81
N LEU G 146 -30.37 -53.91 -25.58
CA LEU G 146 -31.16 -54.75 -24.69
C LEU G 146 -32.53 -55.06 -25.30
N THR G 147 -33.19 -54.02 -25.84
CA THR G 147 -34.48 -54.20 -26.48
C THR G 147 -34.41 -55.23 -27.59
N GLU G 148 -33.34 -55.21 -28.39
CA GLU G 148 -33.18 -56.15 -29.49
C GLU G 148 -32.99 -57.57 -28.99
N ILE G 149 -32.18 -57.75 -27.93
CA ILE G 149 -31.91 -59.10 -27.43
C ILE G 149 -33.19 -59.72 -26.87
N LEU G 150 -33.98 -58.91 -26.17
CA LEU G 150 -35.25 -59.40 -25.64
C LEU G 150 -36.17 -59.88 -26.77
N HIS G 151 -36.33 -59.05 -27.81
CA HIS G 151 -37.24 -59.41 -28.90
C HIS G 151 -36.74 -60.61 -29.71
N LYS G 152 -35.41 -60.75 -29.88
CA LYS G 152 -34.90 -61.83 -30.71
C LYS G 152 -34.69 -63.13 -29.94
N LYS G 153 -34.21 -63.03 -28.70
CA LYS G 153 -33.74 -64.20 -27.96
C LYS G 153 -34.61 -64.57 -26.76
N TYR G 154 -35.36 -63.61 -26.20
CA TYR G 154 -36.23 -63.87 -25.05
C TYR G 154 -37.64 -63.32 -25.26
N PRO G 155 -38.25 -63.58 -26.42
CA PRO G 155 -39.56 -62.94 -26.70
C PRO G 155 -40.63 -63.26 -25.66
N GLN G 156 -40.54 -64.43 -25.02
CA GLN G 156 -41.51 -64.81 -23.99
C GLN G 156 -41.51 -63.80 -22.84
N MET G 157 -40.34 -63.23 -22.51
CA MET G 157 -40.26 -62.29 -21.40
C MET G 157 -41.08 -61.04 -21.66
N LEU G 158 -41.19 -60.64 -22.93
CA LEU G 158 -41.89 -59.40 -23.28
C LEU G 158 -43.39 -59.48 -23.05
N GLU G 159 -43.95 -60.69 -22.89
CA GLU G 159 -45.36 -60.85 -22.60
C GLU G 159 -45.72 -60.40 -21.18
N ARG G 160 -44.74 -60.12 -20.33
CA ARG G 160 -44.97 -59.63 -18.98
C ARG G 160 -44.36 -58.25 -18.75
N ILE G 161 -43.83 -57.63 -19.79
CA ILE G 161 -43.17 -56.32 -19.65
C ILE G 161 -44.14 -55.23 -20.07
N HIS G 162 -44.28 -54.22 -19.20
CA HIS G 162 -45.25 -53.16 -19.40
C HIS G 162 -44.75 -52.02 -20.27
N GLY G 163 -43.44 -51.93 -20.54
CA GLY G 163 -42.98 -50.86 -21.41
C GLY G 163 -41.48 -50.76 -21.46
N ILE G 164 -41.02 -49.94 -22.40
CA ILE G 164 -39.61 -49.61 -22.62
C ILE G 164 -39.48 -48.09 -22.52
N THR G 165 -38.48 -47.61 -21.77
CA THR G 165 -38.16 -46.18 -21.74
C THR G 165 -36.78 -46.00 -22.38
N GLU G 166 -36.75 -45.39 -23.57
CA GLU G 166 -35.56 -45.40 -24.42
C GLU G 166 -34.91 -44.03 -24.44
N GLU G 167 -33.59 -44.02 -24.20
CA GLU G 167 -32.85 -42.80 -23.91
C GLU G 167 -32.52 -42.00 -25.16
N THR G 168 -32.11 -42.65 -26.26
CA THR G 168 -31.34 -41.91 -27.26
C THR G 168 -31.93 -42.06 -28.67
N THR G 169 -31.47 -41.17 -29.55
CA THR G 169 -32.04 -41.01 -30.89
C THR G 169 -31.98 -42.30 -31.68
N THR G 170 -30.81 -42.95 -31.70
CA THR G 170 -30.64 -44.21 -32.40
C THR G 170 -31.58 -45.28 -31.86
N GLY G 171 -31.75 -45.34 -30.53
CA GLY G 171 -32.64 -46.32 -29.96
C GLY G 171 -34.09 -46.09 -30.38
N VAL G 172 -34.52 -44.84 -30.39
CA VAL G 172 -35.88 -44.50 -30.82
C VAL G 172 -36.07 -44.91 -32.28
N HIS G 173 -35.07 -44.64 -33.12
CA HIS G 173 -35.15 -45.07 -34.52
C HIS G 173 -35.44 -46.57 -34.63
N ARG G 174 -34.73 -47.39 -33.85
CA ARG G 174 -34.95 -48.83 -33.93
C ARG G 174 -36.35 -49.21 -33.42
N LEU G 175 -36.81 -48.57 -32.35
CA LEU G 175 -38.17 -48.79 -31.87
C LEU G 175 -39.21 -48.47 -32.94
N LEU G 176 -39.02 -47.35 -33.64
CA LEU G 176 -39.97 -46.95 -34.67
C LEU G 176 -39.98 -47.93 -35.83
N ASP G 177 -38.81 -48.44 -36.21
CA ASP G 177 -38.76 -49.45 -37.27
C ASP G 177 -39.53 -50.70 -36.85
N MET G 178 -39.44 -51.08 -35.57
CA MET G 178 -40.13 -52.28 -35.10
C MET G 178 -41.64 -52.07 -35.07
N LEU G 179 -42.07 -50.92 -34.55
CA LEU G 179 -43.48 -50.58 -34.56
C LEU G 179 -44.03 -50.63 -35.99
N LYS G 180 -43.32 -50.01 -36.93
CA LYS G 180 -43.76 -50.02 -38.32
C LYS G 180 -43.85 -51.43 -38.88
N ASN G 181 -42.91 -52.30 -38.51
CA ASN G 181 -42.91 -53.67 -38.99
C ASN G 181 -43.85 -54.58 -38.19
N GLY G 182 -44.45 -54.07 -37.12
CA GLY G 182 -45.28 -54.91 -36.28
C GLY G 182 -44.54 -55.87 -35.39
N THR G 183 -43.25 -55.67 -35.16
CA THR G 183 -42.44 -56.55 -34.31
C THR G 183 -42.24 -56.00 -32.90
N LEU G 184 -42.58 -54.75 -32.64
CA LEU G 184 -42.50 -54.22 -31.28
C LEU G 184 -43.57 -54.86 -30.40
N LYS G 185 -43.17 -55.44 -29.27
CA LYS G 185 -44.07 -56.23 -28.44
C LYS G 185 -44.68 -55.46 -27.28
N VAL G 186 -44.12 -54.31 -26.94
CA VAL G 186 -44.55 -53.54 -25.77
C VAL G 186 -44.44 -52.06 -26.09
N PRO G 187 -45.28 -51.25 -25.45
CA PRO G 187 -45.22 -49.80 -25.72
C PRO G 187 -43.90 -49.22 -25.24
N ALA G 188 -43.61 -48.02 -25.72
CA ALA G 188 -42.36 -47.37 -25.38
C ALA G 188 -42.61 -45.90 -25.12
N ILE G 189 -41.77 -45.32 -24.29
CA ILE G 189 -41.71 -43.87 -24.20
C ILE G 189 -40.40 -43.40 -24.82
N ASN G 190 -40.51 -42.46 -25.74
CA ASN G 190 -39.38 -41.80 -26.39
C ASN G 190 -38.89 -40.73 -25.40
N VAL G 191 -37.92 -41.10 -24.57
CA VAL G 191 -37.38 -40.13 -23.62
C VAL G 191 -36.53 -39.09 -24.35
N ASN G 192 -35.92 -39.48 -25.47
CA ASN G 192 -34.98 -38.61 -26.16
C ASN G 192 -35.62 -37.27 -26.54
N ASP G 193 -36.86 -37.31 -27.01
CA ASP G 193 -37.50 -36.15 -27.61
C ASP G 193 -38.24 -35.29 -26.60
N SER G 194 -38.04 -35.48 -25.30
CA SER G 194 -38.35 -34.40 -24.36
C SER G 194 -37.38 -33.25 -24.63
N VAL G 195 -37.88 -32.01 -24.57
CA VAL G 195 -36.97 -30.88 -24.82
C VAL G 195 -35.89 -30.85 -23.74
N THR G 196 -36.26 -31.18 -22.50
CA THR G 196 -35.28 -31.26 -21.43
C THR G 196 -34.36 -32.46 -21.58
N LYS G 197 -34.49 -33.24 -22.66
CA LYS G 197 -33.50 -34.27 -22.98
C LYS G 197 -32.80 -33.92 -24.30
N SER G 198 -33.50 -33.90 -25.43
CA SER G 198 -32.84 -33.71 -26.72
C SER G 198 -32.09 -32.37 -26.79
N LYS G 199 -32.75 -31.28 -26.38
CA LYS G 199 -32.19 -29.94 -26.52
C LYS G 199 -31.39 -29.53 -25.31
N ASN G 200 -31.00 -30.50 -24.49
CA ASN G 200 -30.23 -30.33 -23.26
C ASN G 200 -29.05 -31.29 -23.32
N ASP G 201 -29.36 -32.57 -23.11
CA ASP G 201 -28.39 -33.67 -23.19
C ASP G 201 -27.69 -33.71 -24.55
N ASN G 202 -28.45 -33.88 -25.64
CA ASN G 202 -27.83 -34.16 -26.93
C ASN G 202 -26.96 -32.98 -27.38
N LYS G 203 -27.45 -31.76 -27.18
CA LYS G 203 -26.71 -30.54 -27.58
C LYS G 203 -25.72 -30.11 -26.50
N TYR G 204 -26.22 -29.59 -25.38
CA TYR G 204 -25.32 -29.01 -24.38
C TYR G 204 -24.41 -30.04 -23.75
N GLY G 205 -24.87 -31.28 -23.60
CA GLY G 205 -24.01 -32.30 -23.02
C GLY G 205 -22.74 -32.49 -23.83
N CYS G 206 -22.89 -32.59 -25.16
CA CYS G 206 -21.74 -32.77 -26.05
C CYS G 206 -20.89 -31.50 -26.10
N ARG G 207 -21.50 -30.32 -26.01
CA ARG G 207 -20.71 -29.09 -25.91
C ARG G 207 -19.74 -29.18 -24.73
N HIS G 208 -20.23 -29.68 -23.58
CA HIS G 208 -19.38 -29.82 -22.41
C HIS G 208 -18.34 -30.92 -22.59
N SER G 209 -18.77 -32.12 -23.04
CA SER G 209 -17.92 -33.30 -22.94
C SER G 209 -17.08 -33.59 -24.19
N LEU G 210 -17.38 -33.02 -25.36
CA LEU G 210 -16.57 -33.37 -26.54
C LEU G 210 -15.15 -32.81 -26.41
N ASN G 211 -15.00 -31.51 -26.17
CA ASN G 211 -13.64 -30.98 -26.05
CA ASN G 211 -13.65 -30.96 -26.04
C ASN G 211 -12.96 -31.51 -24.80
N ASP G 212 -13.74 -31.81 -23.75
CA ASP G 212 -13.24 -32.51 -22.56
C ASP G 212 -12.54 -33.82 -22.95
N ALA G 213 -13.25 -34.68 -23.69
CA ALA G 213 -12.67 -35.98 -24.06
C ALA G 213 -11.44 -35.82 -24.95
N ILE G 214 -11.47 -34.86 -25.88
CA ILE G 214 -10.32 -34.66 -26.77
C ILE G 214 -9.10 -34.21 -25.97
N LYS G 215 -9.29 -33.29 -25.03
CA LYS G 215 -8.18 -32.86 -24.17
C LYS G 215 -7.63 -34.02 -23.35
N ARG G 216 -8.52 -34.81 -22.73
CA ARG G 216 -8.03 -35.91 -21.89
C ARG G 216 -7.26 -36.92 -22.73
N GLY G 217 -7.71 -37.17 -23.95
CA GLY G 217 -7.09 -38.19 -24.77
C GLY G 217 -5.76 -37.77 -25.39
N THR G 218 -5.71 -36.53 -25.88
CA THR G 218 -4.57 -36.02 -26.62
C THR G 218 -3.87 -34.85 -25.96
N ASP G 219 -4.56 -34.07 -25.11
CA ASP G 219 -4.00 -32.83 -24.60
C ASP G 219 -3.57 -31.89 -25.74
N HIS G 220 -4.23 -31.98 -26.90
CA HIS G 220 -3.92 -31.12 -28.03
C HIS G 220 -4.53 -29.74 -27.84
N LEU G 221 -3.73 -28.70 -28.13
CA LEU G 221 -4.32 -27.38 -28.35
C LEU G 221 -5.36 -27.48 -29.45
N LEU G 222 -6.52 -26.84 -29.24
CA LEU G 222 -7.54 -26.81 -30.28
C LEU G 222 -7.63 -25.46 -30.99
N SER G 223 -7.42 -24.36 -30.27
CA SER G 223 -7.37 -23.02 -30.84
C SER G 223 -6.50 -22.95 -32.10
N GLY G 224 -7.04 -22.31 -33.14
CA GLY G 224 -6.30 -22.08 -34.37
C GLY G 224 -6.26 -23.25 -35.33
N LYS G 225 -6.74 -24.43 -34.95
CA LYS G 225 -6.69 -25.58 -35.83
C LYS G 225 -8.03 -25.80 -36.55
N GLN G 226 -8.01 -26.70 -37.53
CA GLN G 226 -9.13 -26.92 -38.42
C GLN G 226 -9.88 -28.19 -38.03
N ALA G 227 -11.19 -28.06 -37.87
CA ALA G 227 -12.04 -29.19 -37.52
C ALA G 227 -13.12 -29.37 -38.58
N LEU G 228 -13.51 -30.63 -38.79
CA LEU G 228 -14.64 -30.94 -39.66
C LEU G 228 -15.63 -31.77 -38.83
N VAL G 229 -16.84 -31.25 -38.66
CA VAL G 229 -17.87 -31.96 -37.92
C VAL G 229 -18.85 -32.55 -38.93
N ILE G 230 -18.99 -33.86 -38.95
CA ILE G 230 -19.94 -34.52 -39.83
C ILE G 230 -21.28 -34.57 -39.10
N GLY G 231 -22.24 -33.79 -39.57
CA GLY G 231 -23.58 -33.76 -38.99
C GLY G 231 -23.83 -32.47 -38.22
N TYR G 232 -25.07 -31.98 -38.29
CA TYR G 232 -25.45 -30.78 -37.54
C TYR G 232 -26.87 -30.92 -36.96
N GLY G 233 -27.20 -32.11 -36.45
CA GLY G 233 -28.34 -32.29 -35.58
C GLY G 233 -28.04 -31.79 -34.19
N ASP G 234 -28.71 -32.37 -33.18
CA ASP G 234 -28.49 -31.87 -31.82
C ASP G 234 -27.06 -32.14 -31.36
N VAL G 235 -26.58 -33.36 -31.59
CA VAL G 235 -25.21 -33.69 -31.21
C VAL G 235 -24.21 -32.85 -32.01
N GLY G 236 -24.44 -32.73 -33.33
CA GLY G 236 -23.52 -31.94 -34.16
C GLY G 236 -23.51 -30.47 -33.79
N LYS G 237 -24.67 -29.90 -33.48
CA LYS G 237 -24.71 -28.51 -33.01
C LYS G 237 -23.86 -28.35 -31.77
N GLY G 238 -24.03 -29.23 -30.78
CA GLY G 238 -23.27 -29.10 -29.55
C GLY G 238 -21.78 -29.39 -29.74
N SER G 239 -21.47 -30.37 -30.57
CA SER G 239 -20.07 -30.69 -30.86
C SER G 239 -19.39 -29.53 -31.57
N SER G 240 -20.04 -28.96 -32.58
CA SER G 240 -19.47 -27.80 -33.27
C SER G 240 -19.20 -26.65 -32.31
N GLN G 241 -20.16 -26.40 -31.41
CA GLN G 241 -19.94 -25.35 -30.41
C GLN G 241 -18.80 -25.72 -29.47
N SER G 242 -18.76 -26.98 -29.04
CA SER G 242 -17.66 -27.45 -28.20
C SER G 242 -16.29 -27.08 -28.78
N LEU G 243 -16.13 -27.21 -30.10
CA LEU G 243 -14.84 -26.91 -30.72
C LEU G 243 -14.66 -25.43 -31.03
N ARG G 244 -15.71 -24.79 -31.57
CA ARG G 244 -15.65 -23.37 -31.92
C ARG G 244 -15.36 -22.50 -30.72
N GLN G 245 -15.96 -22.82 -29.56
CA GLN G 245 -15.71 -22.00 -28.37
C GLN G 245 -14.26 -22.12 -27.89
N GLU G 246 -13.56 -23.20 -28.27
CA GLU G 246 -12.14 -23.32 -27.99
C GLU G 246 -11.27 -22.57 -28.99
N GLY G 247 -11.86 -22.03 -30.06
CA GLY G 247 -11.11 -21.33 -31.08
C GLY G 247 -10.74 -22.15 -32.30
N MET G 248 -11.29 -23.36 -32.44
CA MET G 248 -11.09 -24.08 -33.69
C MET G 248 -11.77 -23.37 -34.84
N ILE G 249 -11.25 -23.57 -36.05
CA ILE G 249 -11.91 -23.15 -37.28
C ILE G 249 -12.73 -24.35 -37.76
N VAL G 250 -14.04 -24.27 -37.61
CA VAL G 250 -14.91 -25.44 -37.73
C VAL G 250 -15.67 -25.37 -39.04
N LYS G 251 -15.57 -26.45 -39.84
CA LYS G 251 -16.43 -26.65 -40.99
C LYS G 251 -17.44 -27.77 -40.68
N VAL G 252 -18.64 -27.66 -41.25
CA VAL G 252 -19.74 -28.60 -40.99
C VAL G 252 -20.17 -29.26 -42.29
N ALA G 253 -20.42 -30.58 -42.24
CA ALA G 253 -21.01 -31.32 -43.34
C ALA G 253 -22.42 -31.77 -42.95
N GLU G 254 -23.31 -31.82 -43.94
CA GLU G 254 -24.68 -32.25 -43.67
C GLU G 254 -25.31 -32.78 -44.94
N VAL G 255 -26.30 -33.65 -44.75
CA VAL G 255 -27.20 -34.01 -45.84
C VAL G 255 -28.55 -33.32 -45.73
N ASP G 256 -28.84 -32.66 -44.59
CA ASP G 256 -30.14 -32.02 -44.37
C ASP G 256 -29.99 -30.54 -44.65
N PRO G 257 -30.58 -30.00 -45.73
CA PRO G 257 -30.33 -28.58 -46.04
C PRO G 257 -30.81 -27.64 -44.96
N ILE G 258 -31.81 -28.05 -44.17
CA ILE G 258 -32.27 -27.19 -43.07
C ILE G 258 -31.20 -27.11 -41.99
N CYS G 259 -30.62 -28.25 -41.61
CA CYS G 259 -29.55 -28.23 -40.61
C CYS G 259 -28.34 -27.48 -41.13
N ALA G 260 -28.02 -27.67 -42.41
CA ALA G 260 -26.95 -26.92 -43.05
C ALA G 260 -27.23 -25.41 -42.98
N MET G 261 -28.47 -25.00 -43.24
N MET G 261 -28.47 -24.99 -43.25
CA MET G 261 -28.80 -23.58 -43.14
CA MET G 261 -28.80 -23.58 -43.14
C MET G 261 -28.49 -23.04 -41.77
C MET G 261 -28.46 -23.04 -41.76
N GLN G 262 -28.87 -23.78 -40.72
CA GLN G 262 -28.55 -23.38 -39.37
C GLN G 262 -27.05 -23.24 -39.15
N ALA G 263 -26.25 -24.17 -39.70
CA ALA G 263 -24.80 -24.09 -39.53
C ALA G 263 -24.25 -22.85 -40.21
N CYS G 264 -24.77 -22.53 -41.40
CA CYS G 264 -24.38 -21.28 -42.04
C CYS G 264 -24.71 -20.07 -41.17
N MET G 265 -25.97 -19.99 -40.71
CA MET G 265 -26.38 -18.84 -39.90
C MET G 265 -25.65 -18.80 -38.57
N ASP G 266 -25.22 -19.95 -38.06
CA ASP G 266 -24.44 -20.00 -36.83
C ASP G 266 -22.99 -19.62 -37.03
N GLY G 267 -22.57 -19.32 -38.25
CA GLY G 267 -21.22 -18.86 -38.49
C GLY G 267 -20.24 -19.92 -38.92
N PHE G 268 -20.72 -21.05 -39.44
CA PHE G 268 -19.85 -22.11 -39.91
C PHE G 268 -19.87 -22.19 -41.43
N GLU G 269 -18.74 -22.60 -41.99
CA GLU G 269 -18.68 -22.89 -43.41
C GLU G 269 -19.14 -24.35 -43.64
N VAL G 270 -20.09 -24.53 -44.55
CA VAL G 270 -20.67 -25.85 -44.78
C VAL G 270 -19.99 -26.47 -46.00
N VAL G 271 -19.33 -27.60 -45.79
CA VAL G 271 -18.53 -28.26 -46.82
C VAL G 271 -18.92 -29.74 -46.87
N SER G 272 -18.52 -30.39 -47.96
CA SER G 272 -18.70 -31.83 -48.08
C SER G 272 -17.36 -32.53 -48.28
N PRO G 273 -17.17 -33.72 -47.72
CA PRO G 273 -15.94 -34.47 -48.02
C PRO G 273 -15.83 -34.86 -49.47
N TYR G 274 -16.92 -34.79 -50.22
CA TYR G 274 -16.98 -35.22 -51.62
C TYR G 274 -17.19 -34.02 -52.53
N LYS G 275 -16.53 -34.04 -53.68
CA LYS G 275 -16.66 -32.96 -54.63
C LYS G 275 -18.12 -32.85 -55.06
N ASN G 276 -18.67 -31.64 -54.97
CA ASN G 276 -20.09 -31.39 -55.22
C ASN G 276 -21.01 -32.27 -54.37
N GLY G 277 -20.50 -32.82 -53.28
CA GLY G 277 -21.31 -33.61 -52.36
C GLY G 277 -21.66 -35.00 -52.85
N ILE G 278 -21.06 -35.47 -53.94
CA ILE G 278 -21.41 -36.75 -54.55
C ILE G 278 -20.35 -37.76 -54.17
N ASN G 279 -20.76 -38.76 -53.39
CA ASN G 279 -19.93 -39.86 -52.95
C ASN G 279 -20.18 -41.02 -53.93
N ASP G 280 -19.25 -41.20 -54.86
CA ASP G 280 -19.39 -42.25 -55.87
C ASP G 280 -18.50 -43.46 -55.59
N GLY G 281 -17.95 -43.56 -54.38
CA GLY G 281 -17.15 -44.70 -54.00
C GLY G 281 -15.71 -44.69 -54.49
N THR G 282 -15.29 -43.66 -55.20
CA THR G 282 -13.93 -43.57 -55.72
C THR G 282 -13.15 -42.49 -54.98
N GLU G 283 -11.83 -42.67 -54.94
CA GLU G 283 -10.98 -41.62 -54.38
C GLU G 283 -11.10 -40.32 -55.16
N ALA G 284 -11.40 -40.42 -56.46
CA ALA G 284 -11.52 -39.23 -57.29
C ALA G 284 -12.59 -38.29 -56.78
N SER G 285 -13.59 -38.81 -56.07
CA SER G 285 -14.66 -37.97 -55.55
C SER G 285 -14.29 -37.30 -54.22
N ILE G 286 -13.19 -37.67 -53.60
CA ILE G 286 -12.80 -37.08 -52.32
C ILE G 286 -12.20 -35.70 -52.58
N ASP G 287 -12.68 -34.70 -51.84
CA ASP G 287 -12.05 -33.38 -51.85
C ASP G 287 -10.76 -33.50 -51.04
N ALA G 288 -9.70 -33.96 -51.74
CA ALA G 288 -8.43 -34.21 -51.07
C ALA G 288 -7.82 -32.92 -50.54
N ALA G 289 -8.09 -31.79 -51.20
CA ALA G 289 -7.54 -30.52 -50.74
C ALA G 289 -8.19 -30.09 -49.43
N LEU G 290 -9.51 -30.28 -49.30
CA LEU G 290 -10.19 -29.98 -48.05
C LEU G 290 -9.71 -30.89 -46.92
N LEU G 291 -9.72 -32.20 -47.15
CA LEU G 291 -9.41 -33.14 -46.07
C LEU G 291 -7.94 -33.07 -45.65
N GLY G 292 -7.04 -32.71 -46.57
CA GLY G 292 -5.65 -32.54 -46.20
C GLY G 292 -5.34 -31.34 -45.33
N LYS G 293 -6.35 -30.50 -45.06
CA LYS G 293 -6.25 -29.37 -44.14
C LYS G 293 -6.91 -29.63 -42.77
N ILE G 294 -7.53 -30.78 -42.56
CA ILE G 294 -8.36 -31.02 -41.38
C ILE G 294 -7.51 -31.66 -40.28
N ASP G 295 -7.48 -31.02 -39.10
CA ASP G 295 -6.76 -31.55 -37.94
C ASP G 295 -7.60 -32.47 -37.07
N LEU G 296 -8.93 -32.41 -37.19
CA LEU G 296 -9.81 -33.16 -36.32
C LEU G 296 -11.12 -33.38 -37.05
N ILE G 297 -11.60 -34.62 -37.06
CA ILE G 297 -12.90 -34.92 -37.63
C ILE G 297 -13.73 -35.60 -36.56
N VAL G 298 -15.01 -35.23 -36.48
CA VAL G 298 -15.94 -35.73 -35.47
C VAL G 298 -17.23 -36.13 -36.18
N THR G 299 -17.68 -37.37 -35.97
CA THR G 299 -18.93 -37.85 -36.56
C THR G 299 -20.04 -37.81 -35.51
N THR G 300 -21.23 -37.31 -35.91
CA THR G 300 -22.31 -37.01 -34.97
C THR G 300 -23.67 -37.47 -35.52
N THR G 301 -23.69 -38.40 -36.47
CA THR G 301 -24.84 -38.60 -37.35
C THR G 301 -25.80 -39.70 -36.92
N GLY G 302 -25.33 -40.72 -36.22
CA GLY G 302 -26.14 -41.93 -36.11
C GLY G 302 -26.29 -42.70 -37.40
N ASN G 303 -25.54 -42.32 -38.45
CA ASN G 303 -25.59 -42.95 -39.76
C ASN G 303 -24.39 -43.89 -39.89
N VAL G 304 -24.25 -44.52 -41.06
CA VAL G 304 -23.22 -45.53 -41.25
C VAL G 304 -22.17 -44.98 -42.23
N ASN G 305 -20.89 -45.15 -41.87
CA ASN G 305 -19.77 -44.87 -42.76
C ASN G 305 -19.80 -43.45 -43.31
N VAL G 306 -20.00 -42.48 -42.40
CA VAL G 306 -19.91 -41.06 -42.76
C VAL G 306 -18.48 -40.53 -42.70
N CYS G 307 -17.54 -41.30 -42.15
CA CYS G 307 -16.10 -41.05 -42.28
C CYS G 307 -15.48 -42.31 -42.87
N ASP G 308 -15.41 -42.38 -44.21
CA ASP G 308 -15.15 -43.64 -44.88
C ASP G 308 -13.65 -43.86 -45.12
N ALA G 309 -13.33 -44.99 -45.75
CA ALA G 309 -11.92 -45.35 -45.94
C ALA G 309 -11.19 -44.32 -46.78
N ASN G 310 -11.82 -43.86 -47.87
CA ASN G 310 -11.19 -42.88 -48.76
C ASN G 310 -10.98 -41.55 -48.06
N MET G 311 -11.92 -41.16 -47.19
CA MET G 311 -11.70 -39.97 -46.37
C MET G 311 -10.48 -40.18 -45.46
N LEU G 312 -10.41 -41.34 -44.78
CA LEU G 312 -9.33 -41.56 -43.82
C LEU G 312 -7.97 -41.51 -44.52
N LYS G 313 -7.91 -42.02 -45.75
CA LYS G 313 -6.68 -41.96 -46.54
C LYS G 313 -6.29 -40.54 -46.89
N ALA G 314 -7.27 -39.65 -47.07
CA ALA G 314 -6.95 -38.29 -47.51
C ALA G 314 -6.75 -37.31 -46.36
N LEU G 315 -7.07 -37.69 -45.12
CA LEU G 315 -6.88 -36.78 -43.99
C LEU G 315 -5.43 -36.31 -43.88
N LYS G 316 -5.28 -35.07 -43.43
CA LYS G 316 -3.99 -34.53 -43.00
C LYS G 316 -3.29 -35.50 -42.03
N LYS G 317 -2.00 -35.70 -42.23
CA LYS G 317 -1.19 -36.45 -41.29
C LYS G 317 -1.39 -35.92 -39.87
N ARG G 318 -1.52 -36.85 -38.92
CA ARG G 318 -1.63 -36.62 -37.48
C ARG G 318 -3.00 -36.06 -37.08
N ALA G 319 -3.95 -36.02 -38.00
CA ALA G 319 -5.31 -35.64 -37.63
C ALA G 319 -5.88 -36.55 -36.56
N VAL G 320 -6.71 -35.98 -35.70
CA VAL G 320 -7.48 -36.77 -34.75
C VAL G 320 -8.83 -37.14 -35.37
N VAL G 321 -9.23 -38.40 -35.17
CA VAL G 321 -10.49 -38.97 -35.67
C VAL G 321 -11.29 -39.47 -34.46
N CYS G 322 -12.57 -39.07 -34.37
CA CYS G 322 -13.38 -39.61 -33.28
C CYS G 322 -14.87 -39.52 -33.61
N ASN G 323 -15.66 -40.30 -32.87
CA ASN G 323 -17.09 -40.42 -33.09
C ASN G 323 -17.84 -40.14 -31.79
N ILE G 324 -18.87 -39.30 -31.85
CA ILE G 324 -19.70 -39.06 -30.69
C ILE G 324 -21.14 -39.50 -30.96
N GLY G 325 -21.39 -40.18 -32.08
CA GLY G 325 -22.65 -40.89 -32.30
C GLY G 325 -22.70 -42.16 -31.47
N HIS G 326 -23.84 -42.84 -31.52
CA HIS G 326 -24.03 -43.94 -30.58
C HIS G 326 -23.18 -45.16 -30.92
N PHE G 327 -23.00 -45.46 -32.20
CA PHE G 327 -22.32 -46.69 -32.61
C PHE G 327 -21.06 -46.36 -33.38
N ASP G 328 -20.08 -47.29 -33.35
CA ASP G 328 -18.78 -47.03 -33.93
C ASP G 328 -18.72 -47.18 -35.45
N ASN G 329 -19.77 -47.69 -36.10
CA ASN G 329 -19.74 -47.80 -37.55
C ASN G 329 -19.85 -46.45 -38.27
N GLU G 330 -19.93 -45.32 -37.56
CA GLU G 330 -19.92 -44.03 -38.26
C GLU G 330 -18.59 -43.83 -38.99
N ILE G 331 -17.50 -44.38 -38.42
CA ILE G 331 -16.17 -44.36 -39.00
C ILE G 331 -15.86 -45.77 -39.51
N ASP G 332 -15.17 -45.85 -40.65
CA ASP G 332 -14.78 -47.16 -41.18
C ASP G 332 -13.53 -47.66 -40.45
N THR G 333 -13.70 -48.03 -39.18
CA THR G 333 -12.58 -48.57 -38.43
C THR G 333 -12.22 -49.98 -38.88
N ALA G 334 -13.19 -50.75 -39.39
CA ALA G 334 -12.85 -52.07 -39.92
C ALA G 334 -11.80 -51.97 -41.01
N PHE G 335 -11.92 -50.96 -41.88
CA PHE G 335 -10.89 -50.71 -42.89
C PHE G 335 -9.53 -50.48 -42.26
N MET G 336 -9.50 -49.72 -41.16
CA MET G 336 -8.22 -49.37 -40.54
C MET G 336 -7.62 -50.57 -39.81
N ARG G 337 -8.46 -51.46 -39.29
CA ARG G 337 -7.96 -52.68 -38.66
C ARG G 337 -7.32 -53.61 -39.69
N LYS G 338 -7.91 -53.67 -40.89
CA LYS G 338 -7.44 -54.62 -41.90
C LYS G 338 -6.16 -54.17 -42.59
N ASN G 339 -5.93 -52.86 -42.72
CA ASN G 339 -4.87 -52.36 -43.59
C ASN G 339 -3.73 -51.64 -42.88
N TRP G 340 -3.95 -51.12 -41.68
CA TRP G 340 -3.02 -50.19 -41.06
C TRP G 340 -2.61 -50.68 -39.67
N ALA G 341 -1.39 -50.34 -39.27
CA ALA G 341 -0.85 -50.80 -37.99
C ALA G 341 -1.34 -49.90 -36.87
N TRP G 342 -1.84 -50.51 -35.80
CA TRP G 342 -2.38 -49.76 -34.66
C TRP G 342 -1.35 -49.76 -33.55
N GLU G 343 -1.09 -48.58 -32.98
CA GLU G 343 -0.16 -48.41 -31.86
C GLU G 343 -0.95 -47.78 -30.71
N GLU G 344 -1.12 -48.52 -29.62
CA GLU G 344 -1.77 -47.96 -28.45
C GLU G 344 -0.87 -46.90 -27.81
N VAL G 345 -1.37 -45.68 -27.70
CA VAL G 345 -0.67 -44.66 -26.89
C VAL G 345 -0.96 -44.89 -25.41
N LYS G 346 -2.24 -44.98 -25.08
CA LYS G 346 -2.76 -45.33 -23.76
C LYS G 346 -4.18 -45.83 -23.98
N PRO G 347 -4.83 -46.36 -22.94
CA PRO G 347 -6.20 -46.86 -23.14
C PRO G 347 -7.07 -45.84 -23.87
N GLN G 348 -7.81 -46.32 -24.87
CA GLN G 348 -8.73 -45.55 -25.71
C GLN G 348 -8.04 -44.45 -26.52
N VAL G 349 -6.73 -44.55 -26.72
CA VAL G 349 -6.02 -43.63 -27.61
C VAL G 349 -5.07 -44.48 -28.45
N HIS G 350 -5.31 -44.54 -29.76
CA HIS G 350 -4.47 -45.30 -30.68
C HIS G 350 -3.96 -44.43 -31.82
N LYS G 351 -2.69 -44.59 -32.16
CA LYS G 351 -2.12 -44.07 -33.39
C LYS G 351 -2.30 -45.13 -34.46
N ILE G 352 -2.81 -44.73 -35.62
CA ILE G 352 -3.05 -45.65 -36.71
C ILE G 352 -2.12 -45.26 -37.84
N HIS G 353 -1.14 -46.12 -38.12
CA HIS G 353 -0.06 -45.81 -39.05
C HIS G 353 -0.46 -46.25 -40.45
N ARG G 354 -0.57 -45.28 -41.35
CA ARG G 354 -1.02 -45.54 -42.71
C ARG G 354 0.10 -46.03 -43.61
N THR G 355 1.28 -46.31 -43.08
CA THR G 355 2.40 -46.85 -43.84
C THR G 355 2.27 -48.34 -44.14
N GLY G 356 1.30 -49.03 -43.56
CA GLY G 356 1.13 -50.44 -43.85
C GLY G 356 0.63 -51.19 -42.63
N LYS G 357 0.38 -52.47 -42.83
CA LYS G 357 -0.24 -53.30 -41.80
C LYS G 357 0.77 -53.92 -40.85
N ASP G 358 1.94 -54.31 -41.35
CA ASP G 358 2.89 -55.13 -40.59
C ASP G 358 3.86 -54.23 -39.84
N GLY G 359 3.53 -53.89 -38.61
CA GLY G 359 4.39 -53.07 -37.78
C GLY G 359 4.46 -51.63 -38.26
N PHE G 360 5.27 -50.86 -37.54
CA PHE G 360 5.37 -49.43 -37.79
C PHE G 360 6.70 -48.94 -37.25
N ASP G 361 7.18 -47.84 -37.83
CA ASP G 361 8.27 -47.09 -37.24
C ASP G 361 7.73 -46.25 -36.09
N ALA G 362 8.37 -46.36 -34.93
CA ALA G 362 7.97 -45.57 -33.78
C ALA G 362 7.97 -44.06 -34.09
N HIS G 363 8.80 -43.62 -35.03
CA HIS G 363 8.92 -42.20 -35.38
C HIS G 363 8.27 -41.86 -36.72
N ASN G 364 7.37 -42.73 -37.21
CA ASN G 364 6.62 -42.44 -38.43
C ASN G 364 5.76 -41.19 -38.23
N ASP G 365 5.74 -40.33 -39.23
CA ASP G 365 4.95 -39.11 -39.15
C ASP G 365 3.57 -39.26 -39.76
N ASP G 366 3.32 -40.33 -40.53
CA ASP G 366 2.08 -40.49 -41.26
C ASP G 366 1.16 -41.42 -40.47
N TYR G 367 0.42 -40.84 -39.53
CA TYR G 367 -0.55 -41.60 -38.74
C TYR G 367 -1.73 -40.72 -38.41
N LEU G 368 -2.82 -41.38 -38.06
CA LEU G 368 -3.97 -40.70 -37.47
C LEU G 368 -4.08 -41.15 -36.02
N ILE G 369 -4.73 -40.32 -35.22
CA ILE G 369 -5.03 -40.66 -33.83
C ILE G 369 -6.52 -40.94 -33.71
N LEU G 370 -6.84 -42.16 -33.31
CA LEU G 370 -8.22 -42.61 -33.12
C LEU G 370 -8.52 -42.65 -31.64
N LEU G 371 -9.63 -42.04 -31.24
CA LEU G 371 -10.02 -42.03 -29.84
C LEU G 371 -11.12 -43.05 -29.61
N ALA G 372 -11.02 -43.76 -28.48
CA ALA G 372 -12.03 -44.74 -28.04
C ALA G 372 -12.34 -45.77 -29.12
N GLU G 373 -11.37 -46.06 -29.98
CA GLU G 373 -11.54 -47.00 -31.09
C GLU G 373 -12.81 -46.71 -31.90
N GLY G 374 -13.20 -45.43 -31.96
CA GLY G 374 -14.37 -45.04 -32.71
C GLY G 374 -15.69 -45.14 -31.98
N ARG G 375 -15.69 -45.62 -30.72
CA ARG G 375 -16.84 -45.62 -29.83
C ARG G 375 -17.10 -44.22 -29.30
N LEU G 376 -18.30 -44.02 -28.71
CA LEU G 376 -18.68 -42.71 -28.18
C LEU G 376 -17.54 -42.06 -27.42
N VAL G 377 -17.00 -40.95 -27.97
CA VAL G 377 -15.74 -40.39 -27.48
C VAL G 377 -15.93 -39.67 -26.15
N ASN G 378 -17.07 -39.01 -25.93
CA ASN G 378 -17.23 -38.29 -24.68
C ASN G 378 -17.24 -39.24 -23.49
N LEU G 379 -17.93 -40.38 -23.62
CA LEU G 379 -17.94 -41.36 -22.54
C LEU G 379 -16.70 -42.24 -22.55
N GLY G 380 -16.11 -42.46 -23.74
CA GLY G 380 -14.94 -43.32 -23.87
C GLY G 380 -13.67 -42.71 -23.30
N ASN G 381 -13.42 -41.44 -23.61
CA ASN G 381 -12.18 -40.79 -23.20
C ASN G 381 -12.36 -39.81 -22.06
N ALA G 382 -13.59 -39.57 -21.63
CA ALA G 382 -13.86 -38.70 -20.49
C ALA G 382 -14.98 -39.32 -19.65
N THR G 383 -15.95 -38.51 -19.18
CA THR G 383 -17.02 -39.05 -18.33
C THR G 383 -18.39 -38.75 -18.90
N GLY G 384 -18.48 -38.47 -20.19
CA GLY G 384 -19.75 -38.06 -20.76
C GLY G 384 -20.26 -36.75 -20.18
N HIS G 385 -21.59 -36.62 -20.23
CA HIS G 385 -22.26 -35.40 -19.84
C HIS G 385 -22.16 -35.18 -18.34
N PRO G 386 -22.17 -33.93 -17.90
CA PRO G 386 -22.10 -33.64 -16.47
C PRO G 386 -23.43 -33.94 -15.78
N SER G 387 -23.34 -34.11 -14.46
CA SER G 387 -24.52 -34.45 -13.66
C SER G 387 -25.66 -33.46 -13.86
N ARG G 388 -25.36 -32.14 -13.89
CA ARG G 388 -26.46 -31.18 -13.96
C ARG G 388 -27.21 -31.24 -15.29
N ILE G 389 -26.58 -31.72 -16.35
CA ILE G 389 -27.30 -31.93 -17.61
C ILE G 389 -28.06 -33.24 -17.57
N MET G 390 -27.42 -34.33 -17.12
CA MET G 390 -28.09 -35.63 -17.08
C MET G 390 -29.30 -35.63 -16.14
N ASP G 391 -29.30 -34.71 -15.16
CA ASP G 391 -30.48 -34.45 -14.34
C ASP G 391 -31.74 -34.41 -15.19
N GLY G 392 -31.73 -33.62 -16.27
CA GLY G 392 -32.92 -33.51 -17.10
C GLY G 392 -33.31 -34.83 -17.73
N SER G 393 -32.35 -35.49 -18.38
CA SER G 393 -32.62 -36.76 -19.06
C SER G 393 -33.18 -37.78 -18.09
N PHE G 394 -32.54 -37.91 -16.93
CA PHE G 394 -32.89 -38.98 -16.01
C PHE G 394 -34.15 -38.68 -15.20
N ALA G 395 -34.50 -37.40 -15.01
CA ALA G 395 -35.82 -37.10 -14.46
C ALA G 395 -36.91 -37.55 -15.42
N ASN G 396 -36.70 -37.32 -16.72
CA ASN G 396 -37.58 -37.87 -17.75
C ASN G 396 -37.67 -39.40 -17.68
N GLN G 397 -36.52 -40.08 -17.58
CA GLN G 397 -36.55 -41.54 -17.47
C GLN G 397 -37.45 -42.00 -16.32
N VAL G 398 -37.29 -41.38 -15.14
CA VAL G 398 -38.07 -41.79 -13.97
C VAL G 398 -39.55 -41.60 -14.22
N LEU G 399 -39.94 -40.43 -14.73
CA LEU G 399 -41.36 -40.20 -15.03
C LEU G 399 -41.87 -41.17 -16.08
N ALA G 400 -41.05 -41.48 -17.10
CA ALA G 400 -41.45 -42.44 -18.11
C ALA G 400 -41.63 -43.85 -17.52
N GLN G 401 -40.76 -44.24 -16.59
CA GLN G 401 -40.91 -45.55 -15.94
C GLN G 401 -42.17 -45.60 -15.09
N ILE G 402 -42.45 -44.53 -14.33
CA ILE G 402 -43.66 -44.52 -13.52
C ILE G 402 -44.90 -44.63 -14.40
N HIS G 403 -44.95 -43.86 -15.50
CA HIS G 403 -46.14 -43.86 -16.34
C HIS G 403 -46.42 -45.24 -16.92
N LEU G 404 -45.41 -45.87 -17.54
CA LEU G 404 -45.63 -47.15 -18.21
C LEU G 404 -45.89 -48.26 -17.21
N PHE G 405 -45.18 -48.24 -16.07
CA PHE G 405 -45.43 -49.24 -15.04
C PHE G 405 -46.86 -49.16 -14.51
N GLU G 406 -47.36 -47.94 -14.24
CA GLU G 406 -48.72 -47.79 -13.72
C GLU G 406 -49.77 -48.15 -14.76
N GLN G 407 -49.44 -48.00 -16.04
CA GLN G 407 -50.38 -48.39 -17.10
C GLN G 407 -50.60 -49.90 -17.13
N LYS G 408 -49.59 -50.68 -16.76
CA LYS G 408 -49.71 -52.14 -16.68
C LYS G 408 -50.13 -52.75 -18.03
N TYR G 409 -49.48 -52.29 -19.10
CA TYR G 409 -49.84 -52.74 -20.45
C TYR G 409 -49.99 -54.26 -20.54
N ALA G 410 -49.00 -55.00 -20.03
CA ALA G 410 -48.97 -56.45 -20.23
C ALA G 410 -50.24 -57.14 -19.72
N ASP G 411 -50.92 -56.58 -18.71
CA ASP G 411 -52.10 -57.22 -18.13
C ASP G 411 -53.41 -56.74 -18.73
N LEU G 412 -53.39 -55.84 -19.71
CA LEU G 412 -54.61 -55.36 -20.30
C LEU G 412 -55.19 -56.38 -21.28
N PRO G 413 -56.50 -56.33 -21.54
CA PRO G 413 -57.03 -57.11 -22.66
C PRO G 413 -56.34 -56.69 -23.95
N ALA G 414 -56.16 -57.64 -24.86
CA ALA G 414 -55.44 -57.34 -26.10
C ALA G 414 -56.15 -56.25 -26.90
N ALA G 415 -57.49 -56.17 -26.82
CA ALA G 415 -58.19 -55.07 -27.48
C ALA G 415 -57.75 -53.71 -26.95
N GLU G 416 -57.43 -53.62 -25.66
CA GLU G 416 -56.88 -52.38 -25.11
C GLU G 416 -55.39 -52.24 -25.46
N LYS G 417 -54.63 -53.35 -25.39
CA LYS G 417 -53.23 -53.32 -25.80
C LYS G 417 -53.07 -52.67 -27.16
N ALA G 418 -53.92 -53.06 -28.12
CA ALA G 418 -53.79 -52.56 -29.48
C ALA G 418 -53.89 -51.05 -29.54
N LYS G 419 -54.67 -50.44 -28.63
CA LYS G 419 -54.79 -49.00 -28.58
C LYS G 419 -53.60 -48.33 -27.90
N ARG G 420 -52.84 -49.07 -27.10
CA ARG G 420 -51.72 -48.47 -26.38
C ARG G 420 -50.36 -48.92 -26.88
N LEU G 421 -50.30 -49.74 -27.94
CA LEU G 421 -49.02 -50.19 -28.49
C LEU G 421 -48.46 -49.10 -29.41
N SER G 422 -47.67 -48.20 -28.82
CA SER G 422 -47.15 -47.03 -29.52
C SER G 422 -45.78 -46.64 -28.98
N VAL G 423 -45.18 -45.66 -29.64
CA VAL G 423 -43.98 -44.98 -29.17
C VAL G 423 -44.35 -43.51 -29.00
N GLU G 424 -44.38 -43.04 -27.75
CA GLU G 424 -44.87 -41.70 -27.42
C GLU G 424 -43.86 -40.97 -26.55
N VAL G 425 -43.99 -39.64 -26.49
CA VAL G 425 -43.16 -38.83 -25.62
C VAL G 425 -43.98 -38.46 -24.39
N LEU G 426 -43.30 -37.97 -23.35
CA LEU G 426 -44.02 -37.48 -22.18
C LEU G 426 -44.81 -36.22 -22.52
N PRO G 427 -45.86 -35.93 -21.75
CA PRO G 427 -46.63 -34.69 -21.98
C PRO G 427 -45.76 -33.44 -21.74
N LYS G 428 -46.08 -32.37 -22.48
CA LYS G 428 -45.30 -31.13 -22.33
C LYS G 428 -45.33 -30.61 -20.89
N LYS G 429 -46.44 -30.78 -20.18
CA LYS G 429 -46.52 -30.32 -18.79
C LYS G 429 -45.40 -30.92 -17.94
N LEU G 430 -45.09 -32.20 -18.12
CA LEU G 430 -44.01 -32.82 -17.34
C LEU G 430 -42.63 -32.38 -17.85
N ASP G 431 -42.49 -32.19 -19.16
CA ASP G 431 -41.28 -31.59 -19.70
C ASP G 431 -41.02 -30.24 -19.04
N GLU G 432 -42.07 -29.41 -18.88
CA GLU G 432 -41.91 -28.11 -18.25
C GLU G 432 -41.53 -28.24 -16.78
N GLU G 433 -42.11 -29.23 -16.07
CA GLU G 433 -41.81 -29.38 -14.64
C GLU G 433 -40.37 -29.80 -14.41
N VAL G 434 -39.84 -30.69 -15.24
CA VAL G 434 -38.42 -31.01 -15.19
C VAL G 434 -37.59 -29.75 -15.44
N ALA G 435 -37.96 -28.96 -16.46
CA ALA G 435 -37.18 -27.77 -16.78
C ALA G 435 -37.18 -26.79 -15.61
N LEU G 436 -38.32 -26.64 -14.93
CA LEU G 436 -38.42 -25.68 -13.83
C LEU G 436 -37.40 -26.01 -12.74
N GLU G 437 -37.26 -27.31 -12.42
CA GLU G 437 -36.32 -27.70 -11.38
C GLU G 437 -34.88 -27.51 -11.81
N MET G 438 -34.58 -27.69 -13.10
CA MET G 438 -33.23 -27.43 -13.59
C MET G 438 -32.91 -25.94 -13.46
N VAL G 439 -33.82 -25.08 -13.93
CA VAL G 439 -33.63 -23.63 -13.83
C VAL G 439 -33.37 -23.22 -12.39
N LYS G 440 -34.15 -23.78 -11.46
CA LYS G 440 -33.98 -23.48 -10.05
C LYS G 440 -32.64 -23.96 -9.53
N GLY G 441 -32.14 -25.09 -10.04
CA GLY G 441 -30.79 -25.51 -9.73
C GLY G 441 -29.76 -24.44 -10.03
N PHE G 442 -29.99 -23.64 -11.07
CA PHE G 442 -29.05 -22.59 -11.43
C PHE G 442 -29.24 -21.32 -10.62
N GLY G 443 -30.27 -21.27 -9.77
CA GLY G 443 -30.67 -20.04 -9.15
C GLY G 443 -31.55 -19.15 -10.01
N GLY G 444 -31.98 -19.63 -11.17
CA GLY G 444 -32.87 -18.86 -12.01
C GLY G 444 -34.25 -18.70 -11.38
N VAL G 445 -34.94 -17.64 -11.79
CA VAL G 445 -36.29 -17.37 -11.33
C VAL G 445 -37.20 -17.26 -12.56
N VAL G 446 -38.12 -18.18 -12.67
CA VAL G 446 -39.13 -18.13 -13.72
C VAL G 446 -40.23 -17.18 -13.28
N THR G 447 -40.68 -16.32 -14.20
CA THR G 447 -41.73 -15.36 -13.88
C THR G 447 -43.10 -16.04 -14.05
N GLN G 448 -44.06 -15.65 -13.22
CA GLN G 448 -45.42 -16.16 -13.32
C GLN G 448 -46.29 -15.19 -14.14
N LEU G 449 -46.94 -15.73 -15.18
CA LEU G 449 -47.93 -14.96 -15.92
C LEU G 449 -49.04 -14.45 -15.01
N THR G 450 -49.50 -13.23 -15.24
CA THR G 450 -50.74 -12.79 -14.60
C THR G 450 -51.91 -13.50 -15.29
N PRO G 451 -53.09 -13.55 -14.66
CA PRO G 451 -54.23 -14.18 -15.35
C PRO G 451 -54.54 -13.52 -16.68
N LYS G 452 -54.42 -12.19 -16.75
CA LYS G 452 -54.69 -11.49 -18.00
C LYS G 452 -53.64 -11.80 -19.05
N GLN G 453 -52.35 -11.84 -18.65
CA GLN G 453 -51.31 -12.21 -19.62
C GLN G 453 -51.51 -13.63 -20.14
N ALA G 454 -51.86 -14.56 -19.24
CA ALA G 454 -52.13 -15.93 -19.68
C ALA G 454 -53.32 -15.96 -20.63
N GLU G 455 -54.38 -15.23 -20.30
CA GLU G 455 -55.49 -15.10 -21.22
C GLU G 455 -55.02 -14.56 -22.58
N TYR G 456 -54.16 -13.54 -22.55
CA TYR G 456 -53.76 -12.86 -23.77
C TYR G 456 -53.09 -13.81 -24.74
N ILE G 457 -52.22 -14.71 -24.26
CA ILE G 457 -51.53 -15.62 -25.16
C ILE G 457 -52.20 -17.00 -25.23
N GLY G 458 -53.30 -17.21 -24.52
CA GLY G 458 -54.06 -18.44 -24.67
C GLY G 458 -53.52 -19.66 -23.94
N VAL G 459 -52.86 -19.48 -22.80
CA VAL G 459 -52.37 -20.59 -22.01
C VAL G 459 -52.94 -20.49 -20.61
N SER G 460 -52.82 -21.59 -19.87
CA SER G 460 -53.02 -21.57 -18.42
C SER G 460 -51.80 -20.96 -17.73
N VAL G 461 -52.05 -20.30 -16.59
CA VAL G 461 -50.95 -19.75 -15.82
C VAL G 461 -49.95 -20.84 -15.44
N GLU G 462 -50.44 -22.06 -15.19
CA GLU G 462 -49.61 -23.22 -14.87
C GLU G 462 -48.97 -23.86 -16.10
N GLY G 463 -49.29 -23.41 -17.30
CA GLY G 463 -48.82 -24.08 -18.49
C GLY G 463 -49.72 -25.26 -18.83
N PRO G 464 -49.43 -25.97 -19.94
CA PRO G 464 -48.28 -25.78 -20.84
C PRO G 464 -48.27 -24.43 -21.55
N PHE G 465 -47.08 -23.91 -21.81
CA PHE G 465 -46.96 -22.57 -22.38
C PHE G 465 -46.83 -22.55 -23.89
N LYS G 466 -46.61 -23.70 -24.52
CA LYS G 466 -46.45 -23.75 -25.96
C LYS G 466 -47.32 -24.85 -26.54
N PRO G 467 -47.78 -24.69 -27.79
CA PRO G 467 -48.43 -25.81 -28.48
C PRO G 467 -47.44 -26.94 -28.68
N ASP G 468 -47.98 -28.15 -28.89
CA ASP G 468 -47.13 -29.32 -29.06
C ASP G 468 -46.25 -29.23 -30.29
N THR G 469 -46.60 -28.38 -31.26
CA THR G 469 -45.78 -28.20 -32.45
C THR G 469 -44.58 -27.28 -32.23
N TYR G 470 -44.48 -26.61 -31.08
CA TYR G 470 -43.39 -25.65 -30.85
C TYR G 470 -42.03 -26.33 -30.83
N ARG G 471 -41.04 -25.72 -31.48
CA ARG G 471 -39.74 -26.33 -31.69
C ARG G 471 -38.65 -25.83 -30.75
N TYR G 472 -38.92 -24.74 -30.01
CA TYR G 472 -37.93 -24.12 -29.13
C TYR G 472 -36.64 -23.82 -29.92
N GLY H 12 23.09 -49.17 -15.88
CA GLY H 12 23.66 -48.84 -14.58
C GLY H 12 23.22 -47.50 -14.03
N PHE H 13 22.34 -46.81 -14.76
CA PHE H 13 21.91 -45.47 -14.36
C PHE H 13 20.93 -45.57 -13.19
N THR H 14 21.28 -44.95 -12.08
CA THR H 14 20.41 -44.88 -10.91
C THR H 14 20.24 -43.46 -10.40
N ASP H 15 20.73 -42.46 -11.13
CA ASP H 15 20.81 -41.08 -10.62
C ASP H 15 19.48 -40.36 -10.91
N TYR H 16 18.43 -40.84 -10.25
CA TYR H 16 17.09 -40.29 -10.46
C TYR H 16 16.17 -40.80 -9.37
N LYS H 17 15.01 -40.16 -9.28
CA LYS H 17 13.97 -40.60 -8.35
C LYS H 17 12.64 -40.21 -8.97
N VAL H 18 11.85 -41.20 -9.38
CA VAL H 18 10.54 -40.97 -9.96
C VAL H 18 9.56 -41.97 -9.35
N ALA H 19 8.28 -41.80 -9.66
CA ALA H 19 7.25 -42.64 -9.03
C ALA H 19 7.30 -44.08 -9.56
N ASP H 20 7.46 -44.25 -10.88
CA ASP H 20 7.36 -45.58 -11.47
C ASP H 20 8.09 -45.56 -12.81
N ILE H 21 9.29 -46.14 -12.85
CA ILE H 21 10.09 -46.15 -14.07
C ILE H 21 9.43 -46.95 -15.19
N THR H 22 8.50 -47.87 -14.88
CA THR H 22 7.88 -48.67 -15.95
C THR H 22 6.92 -47.84 -16.80
N LEU H 23 6.66 -46.59 -16.45
CA LEU H 23 5.82 -45.72 -17.27
C LEU H 23 6.60 -45.04 -18.40
N ALA H 24 7.88 -45.38 -18.57
CA ALA H 24 8.72 -44.64 -19.51
C ALA H 24 8.28 -44.85 -20.95
N ALA H 25 7.93 -46.10 -21.32
CA ALA H 25 7.51 -46.36 -22.69
C ALA H 25 6.28 -45.52 -23.04
N TRP H 26 5.31 -45.46 -22.12
CA TRP H 26 4.17 -44.57 -22.32
C TRP H 26 4.61 -43.11 -22.42
N GLY H 27 5.44 -42.65 -21.49
CA GLY H 27 5.94 -41.28 -21.57
C GLY H 27 6.64 -41.00 -22.89
N ARG H 28 7.40 -41.98 -23.38
CA ARG H 28 8.10 -41.81 -24.66
C ARG H 28 7.10 -41.64 -25.81
N ARG H 29 6.06 -42.47 -25.86
CA ARG H 29 5.05 -42.30 -26.89
C ARG H 29 4.46 -40.88 -26.88
N GLU H 30 4.27 -40.30 -25.70
CA GLU H 30 3.66 -38.96 -25.64
C GLU H 30 4.67 -37.86 -25.99
N LEU H 31 5.94 -38.07 -25.66
CA LEU H 31 7.00 -37.15 -26.11
C LEU H 31 7.06 -37.08 -27.63
N ILE H 32 6.92 -38.23 -28.28
CA ILE H 32 6.99 -38.28 -29.74
C ILE H 32 5.81 -37.55 -30.37
N ILE H 33 4.62 -37.65 -29.75
CA ILE H 33 3.49 -36.85 -30.23
C ILE H 33 3.76 -35.36 -29.96
N ALA H 34 4.23 -35.03 -28.76
CA ALA H 34 4.48 -33.63 -28.41
C ALA H 34 5.48 -32.98 -29.35
N GLU H 35 6.52 -33.71 -29.76
CA GLU H 35 7.46 -33.15 -30.73
C GLU H 35 6.75 -32.66 -31.98
N SER H 36 5.74 -33.40 -32.44
CA SER H 36 5.01 -32.98 -33.63
C SER H 36 4.13 -31.75 -33.38
N GLU H 37 3.89 -31.41 -32.12
CA GLU H 37 3.11 -30.24 -31.73
C GLU H 37 3.98 -29.04 -31.34
N MET H 38 5.30 -29.14 -31.41
CA MET H 38 6.18 -28.06 -30.95
C MET H 38 7.16 -27.67 -32.04
N PRO H 39 6.66 -27.08 -33.13
CA PRO H 39 7.56 -26.75 -34.27
C PRO H 39 8.63 -25.73 -33.93
N ALA H 40 8.34 -24.73 -33.10
CA ALA H 40 9.37 -23.73 -32.81
C ALA H 40 10.52 -24.33 -32.03
N LEU H 41 10.19 -25.14 -31.01
CA LEU H 41 11.20 -25.83 -30.22
C LEU H 41 11.98 -26.84 -31.06
N MET H 42 11.27 -27.75 -31.74
CA MET H 42 11.95 -28.74 -32.56
C MET H 42 12.75 -28.07 -33.68
N GLY H 43 12.26 -26.92 -34.18
CA GLY H 43 13.03 -26.19 -35.17
C GLY H 43 14.39 -25.75 -34.65
N LEU H 44 14.42 -25.23 -33.43
CA LEU H 44 15.70 -24.90 -32.79
C LEU H 44 16.54 -26.15 -32.56
N ARG H 45 15.92 -27.24 -32.10
CA ARG H 45 16.65 -28.48 -31.94
C ARG H 45 17.33 -28.90 -33.25
N ARG H 46 16.62 -28.77 -34.38
CA ARG H 46 17.21 -29.20 -35.65
C ARG H 46 18.21 -28.19 -36.19
N LYS H 47 17.93 -26.90 -36.00
CA LYS H 47 18.79 -25.85 -36.55
C LYS H 47 20.15 -25.84 -35.86
N TYR H 48 20.15 -25.86 -34.53
CA TYR H 48 21.38 -25.72 -33.76
C TYR H 48 22.13 -27.04 -33.52
N ALA H 49 21.55 -28.17 -33.93
CA ALA H 49 22.19 -29.46 -33.66
C ALA H 49 23.62 -29.52 -34.18
N GLY H 50 23.85 -28.98 -35.38
CA GLY H 50 25.18 -28.99 -35.95
C GLY H 50 26.19 -28.22 -35.12
N GLN H 51 25.80 -27.02 -34.64
CA GLN H 51 26.73 -26.17 -33.92
C GLN H 51 26.97 -26.65 -32.49
N GLN H 52 26.04 -27.41 -31.91
CA GLN H 52 26.10 -27.81 -30.51
C GLN H 52 26.39 -26.60 -29.61
N PRO H 53 25.49 -25.60 -29.59
CA PRO H 53 25.79 -24.36 -28.87
C PRO H 53 25.82 -24.50 -27.35
N LEU H 54 25.23 -25.57 -26.81
CA LEU H 54 25.20 -25.81 -25.38
C LEU H 54 26.23 -26.85 -24.94
N LYS H 55 27.18 -27.20 -25.80
CA LYS H 55 28.28 -28.07 -25.38
C LYS H 55 29.04 -27.44 -24.22
N GLY H 56 29.19 -28.20 -23.14
CA GLY H 56 29.81 -27.71 -21.93
C GLY H 56 28.86 -27.11 -20.92
N ALA H 57 27.60 -26.86 -21.31
CA ALA H 57 26.63 -26.29 -20.40
C ALA H 57 26.16 -27.36 -19.42
N LYS H 58 26.09 -27.01 -18.15
CA LYS H 58 25.56 -27.89 -17.12
C LYS H 58 24.42 -27.14 -16.43
N ILE H 59 23.19 -27.57 -16.74
CA ILE H 59 21.99 -26.80 -16.47
C ILE H 59 21.24 -27.41 -15.29
N LEU H 60 21.09 -26.61 -14.24
CA LEU H 60 20.18 -26.89 -13.13
C LEU H 60 18.77 -26.45 -13.54
N GLY H 61 17.86 -27.41 -13.71
CA GLY H 61 16.50 -27.11 -14.16
C GLY H 61 15.46 -27.38 -13.09
N CYS H 62 14.58 -26.39 -12.87
CA CYS H 62 13.44 -26.53 -11.95
C CYS H 62 12.18 -26.00 -12.64
N ILE H 63 11.36 -26.90 -13.16
CA ILE H 63 10.11 -26.53 -13.82
C ILE H 63 9.26 -27.78 -13.99
N HIS H 64 7.97 -27.66 -13.72
CA HIS H 64 6.96 -28.71 -13.86
C HIS H 64 7.37 -29.84 -14.80
N MET H 65 7.58 -31.04 -14.27
CA MET H 65 8.06 -32.18 -15.05
C MET H 65 6.91 -32.82 -15.84
N THR H 66 6.44 -32.06 -16.83
CA THR H 66 5.43 -32.47 -17.79
C THR H 66 6.05 -33.03 -19.06
N ILE H 67 5.17 -33.55 -19.94
CA ILE H 67 5.63 -34.01 -21.25
C ILE H 67 6.27 -32.86 -22.01
N GLN H 68 5.71 -31.65 -21.86
CA GLN H 68 6.25 -30.50 -22.59
C GLN H 68 7.63 -30.12 -22.07
N THR H 69 7.80 -30.13 -20.75
CA THR H 69 9.13 -29.96 -20.19
C THR H 69 10.09 -31.03 -20.69
N GLY H 70 9.61 -32.26 -20.89
CA GLY H 70 10.48 -33.30 -21.42
C GLY H 70 11.05 -32.97 -22.79
N VAL H 71 10.23 -32.38 -23.68
CA VAL H 71 10.74 -31.96 -24.99
C VAL H 71 11.76 -30.84 -24.81
N LEU H 72 11.53 -29.94 -23.86
CA LEU H 72 12.49 -28.89 -23.57
C LEU H 72 13.81 -29.48 -23.09
N ILE H 73 13.74 -30.43 -22.15
CA ILE H 73 14.95 -31.05 -21.62
C ILE H 73 15.74 -31.70 -22.75
N GLU H 74 15.07 -32.52 -23.58
CA GLU H 74 15.80 -33.27 -24.59
C GLU H 74 16.30 -32.38 -25.73
N THR H 75 15.74 -31.18 -25.88
CA THR H 75 16.31 -30.22 -26.82
C THR H 75 17.61 -29.63 -26.27
N LEU H 76 17.62 -29.21 -25.00
CA LEU H 76 18.87 -28.76 -24.39
C LEU H 76 19.95 -29.83 -24.48
N VAL H 77 19.59 -31.09 -24.21
CA VAL H 77 20.56 -32.17 -24.29
C VAL H 77 21.02 -32.36 -25.73
N ALA H 78 20.08 -32.33 -26.68
CA ALA H 78 20.47 -32.52 -28.08
C ALA H 78 21.39 -31.42 -28.56
N LEU H 79 21.33 -30.24 -27.94
CA LEU H 79 22.22 -29.14 -28.28
C LEU H 79 23.53 -29.17 -27.50
N GLY H 80 23.80 -30.25 -26.75
CA GLY H 80 25.07 -30.43 -26.09
C GLY H 80 25.04 -30.33 -24.58
N ALA H 81 23.93 -29.93 -23.97
CA ALA H 81 23.91 -29.67 -22.54
C ALA H 81 23.84 -30.96 -21.72
N GLU H 82 24.38 -30.88 -20.50
CA GLU H 82 24.00 -31.78 -19.41
C GLU H 82 23.01 -31.06 -18.50
N VAL H 83 22.02 -31.81 -18.00
CA VAL H 83 21.01 -31.23 -17.12
C VAL H 83 20.78 -32.14 -15.91
N ARG H 84 20.31 -31.53 -14.82
CA ARG H 84 19.77 -32.23 -13.65
C ARG H 84 18.47 -31.53 -13.28
N TRP H 85 17.37 -32.30 -13.20
CA TRP H 85 16.05 -31.69 -13.25
C TRP H 85 15.20 -32.01 -12.02
N SER H 86 14.37 -31.03 -11.65
CA SER H 86 13.34 -31.17 -10.64
C SER H 86 12.11 -30.38 -11.09
N SER H 87 10.96 -30.70 -10.52
CA SER H 87 9.75 -29.95 -10.80
C SER H 87 9.68 -28.74 -9.88
N CYS H 88 8.94 -27.72 -10.29
CA CYS H 88 8.77 -26.55 -9.43
C CYS H 88 7.43 -26.54 -8.71
N ASN H 89 6.72 -27.68 -8.67
CA ASN H 89 5.49 -27.80 -7.90
C ASN H 89 5.27 -29.27 -7.52
N ILE H 90 4.67 -29.48 -6.35
CA ILE H 90 4.53 -30.84 -5.81
C ILE H 90 3.53 -31.67 -6.60
N PHE H 91 2.55 -31.04 -7.26
CA PHE H 91 1.48 -31.77 -7.96
C PHE H 91 1.60 -31.73 -9.47
N SER H 92 2.60 -31.04 -10.02
CA SER H 92 2.54 -30.73 -11.44
C SER H 92 3.23 -31.76 -12.32
N THR H 93 4.05 -32.64 -11.75
CA THR H 93 4.75 -33.63 -12.57
C THR H 93 3.76 -34.57 -13.27
N GLN H 94 4.10 -34.97 -14.50
CA GLN H 94 3.45 -36.11 -15.15
C GLN H 94 4.38 -37.30 -15.01
N ASP H 95 3.93 -38.33 -14.28
CA ASP H 95 4.86 -39.40 -13.91
C ASP H 95 5.42 -40.13 -15.13
N GLN H 96 4.65 -40.19 -16.23
CA GLN H 96 5.20 -40.87 -17.41
C GLN H 96 6.26 -40.00 -18.10
N ALA H 97 6.18 -38.67 -17.97
CA ALA H 97 7.23 -37.81 -18.50
C ALA H 97 8.52 -37.97 -17.70
N ALA H 98 8.43 -37.91 -16.36
CA ALA H 98 9.60 -38.11 -15.52
C ALA H 98 10.27 -39.46 -15.79
N ALA H 99 9.45 -40.50 -15.94
CA ALA H 99 9.98 -41.84 -16.22
C ALA H 99 10.67 -41.89 -17.57
N ALA H 100 10.10 -41.26 -18.61
CA ALA H 100 10.75 -41.27 -19.92
C ALA H 100 12.09 -40.54 -19.87
N ILE H 101 12.14 -39.42 -19.14
CA ILE H 101 13.38 -38.65 -19.02
C ILE H 101 14.42 -39.44 -18.24
N ALA H 102 14.02 -40.10 -17.16
CA ALA H 102 14.98 -40.90 -16.41
C ALA H 102 15.48 -42.07 -17.25
N ALA H 103 14.56 -42.75 -17.95
CA ALA H 103 14.94 -43.89 -18.77
C ALA H 103 15.93 -43.53 -19.86
N ALA H 104 15.96 -42.26 -20.26
CA ALA H 104 16.93 -41.70 -21.18
C ALA H 104 18.27 -41.38 -20.51
N GLY H 105 18.49 -41.86 -19.30
CA GLY H 105 19.73 -41.57 -18.60
C GLY H 105 19.92 -40.12 -18.22
N ILE H 106 18.84 -39.40 -17.92
CA ILE H 106 18.89 -37.98 -17.55
C ILE H 106 18.49 -37.85 -16.09
N PRO H 107 19.27 -37.18 -15.26
CA PRO H 107 18.90 -37.06 -13.84
C PRO H 107 17.67 -36.20 -13.63
N VAL H 108 16.59 -36.82 -13.14
CA VAL H 108 15.34 -36.13 -12.84
C VAL H 108 14.85 -36.63 -11.48
N PHE H 109 14.36 -35.70 -10.67
CA PHE H 109 13.89 -36.00 -9.32
C PHE H 109 12.53 -35.35 -9.23
N ALA H 110 11.48 -36.13 -9.50
CA ALA H 110 10.16 -35.56 -9.67
C ALA H 110 9.09 -36.63 -9.68
N TRP H 111 8.03 -36.43 -8.90
CA TRP H 111 6.83 -37.21 -9.06
C TRP H 111 5.63 -36.35 -8.69
N LYS H 112 4.46 -36.80 -9.12
CA LYS H 112 3.22 -36.15 -8.76
C LYS H 112 2.85 -36.48 -7.32
N GLY H 113 2.49 -35.46 -6.55
CA GLY H 113 2.07 -35.69 -5.18
C GLY H 113 3.20 -35.74 -4.17
N GLU H 114 4.18 -34.84 -4.32
CA GLU H 114 5.28 -34.71 -3.38
C GLU H 114 4.81 -34.06 -2.09
N THR H 115 5.46 -34.42 -0.98
CA THR H 115 5.36 -33.60 0.22
C THR H 115 6.28 -32.39 0.08
N GLU H 116 6.13 -31.41 0.98
CA GLU H 116 7.02 -30.25 0.97
C GLU H 116 8.47 -30.66 1.17
N GLU H 117 8.72 -31.59 2.10
CA GLU H 117 10.08 -32.07 2.31
C GLU H 117 10.63 -32.74 1.07
N GLU H 118 9.82 -33.58 0.43
CA GLU H 118 10.27 -34.27 -0.77
C GLU H 118 10.56 -33.27 -1.89
N TYR H 119 9.71 -32.24 -2.01
CA TYR H 119 9.94 -31.18 -3.01
C TYR H 119 11.32 -30.56 -2.85
N GLU H 120 11.62 -30.06 -1.65
CA GLU H 120 12.92 -29.45 -1.44
C GLU H 120 14.05 -30.47 -1.57
N TRP H 121 13.78 -31.71 -1.17
CA TRP H 121 14.75 -32.78 -1.36
C TRP H 121 15.08 -33.00 -2.84
N CYS H 122 14.06 -32.93 -3.71
CA CYS H 122 14.28 -33.11 -5.14
C CYS H 122 15.18 -32.03 -5.71
N ILE H 123 14.93 -30.76 -5.35
CA ILE H 123 15.77 -29.67 -5.84
C ILE H 123 17.21 -29.87 -5.42
N GLU H 124 17.43 -30.25 -4.16
CA GLU H 124 18.80 -30.46 -3.65
C GLU H 124 19.49 -31.60 -4.42
N GLN H 125 18.73 -32.60 -4.85
CA GLN H 125 19.32 -33.71 -5.60
C GLN H 125 19.80 -33.25 -6.98
N THR H 126 19.21 -32.19 -7.54
CA THR H 126 19.78 -31.61 -8.76
C THR H 126 21.06 -30.84 -8.42
N ILE H 127 21.05 -30.11 -7.31
CA ILE H 127 22.18 -29.29 -6.92
C ILE H 127 23.38 -30.15 -6.57
N LEU H 128 23.15 -31.31 -5.94
CA LEU H 128 24.20 -32.14 -5.38
C LEU H 128 24.30 -33.44 -6.20
N LYS H 129 25.42 -33.63 -6.89
CA LYS H 129 25.69 -34.90 -7.54
C LYS H 129 26.54 -35.74 -6.61
N ASP H 130 26.04 -36.93 -6.26
CA ASP H 130 26.72 -37.84 -5.33
C ASP H 130 26.98 -37.16 -3.99
N GLY H 131 26.01 -36.36 -3.54
CA GLY H 131 26.10 -35.63 -2.30
C GLY H 131 27.06 -34.46 -2.28
N GLN H 132 27.69 -34.13 -3.42
CA GLN H 132 28.60 -33.01 -3.56
C GLN H 132 28.06 -32.01 -4.58
N PRO H 133 28.35 -30.71 -4.42
CA PRO H 133 27.82 -29.73 -5.36
C PRO H 133 28.24 -30.05 -6.79
N TRP H 134 27.27 -30.06 -7.69
CA TRP H 134 27.52 -30.28 -9.10
C TRP H 134 28.27 -29.09 -9.67
N ASP H 135 29.06 -29.34 -10.72
CA ASP H 135 29.76 -28.24 -11.38
C ASP H 135 28.83 -27.55 -12.37
N ALA H 136 27.66 -27.15 -11.89
CA ALA H 136 26.69 -26.47 -12.73
C ALA H 136 27.22 -25.12 -13.20
N ASN H 137 26.76 -24.67 -14.36
CA ASN H 137 27.10 -23.35 -14.85
C ASN H 137 25.92 -22.62 -15.49
N MET H 138 24.72 -23.20 -15.48
CA MET H 138 23.51 -22.56 -15.99
C MET H 138 22.32 -22.95 -15.13
N VAL H 139 21.34 -22.05 -15.03
CA VAL H 139 20.14 -22.25 -14.24
C VAL H 139 18.93 -21.95 -15.11
N LEU H 140 17.96 -22.87 -15.13
CA LEU H 140 16.63 -22.65 -15.70
C LEU H 140 15.62 -22.82 -14.58
N ASP H 141 14.78 -21.80 -14.36
CA ASP H 141 13.93 -21.73 -13.19
C ASP H 141 12.52 -21.28 -13.60
N ASP H 142 11.56 -21.65 -12.77
CA ASP H 142 10.16 -21.31 -12.98
C ASP H 142 9.58 -21.06 -11.58
N GLY H 143 9.56 -19.81 -11.17
CA GLY H 143 9.04 -19.42 -9.89
C GLY H 143 10.06 -18.89 -8.90
N GLY H 144 11.33 -19.22 -9.07
CA GLY H 144 12.38 -18.65 -8.23
C GLY H 144 12.90 -19.57 -7.14
N ASP H 145 12.28 -20.73 -6.93
CA ASP H 145 12.66 -21.57 -5.79
C ASP H 145 14.10 -22.06 -5.92
N LEU H 146 14.45 -22.59 -7.11
CA LEU H 146 15.82 -23.04 -7.34
C LEU H 146 16.79 -21.86 -7.22
N THR H 147 16.46 -20.72 -7.81
CA THR H 147 17.28 -19.52 -7.71
C THR H 147 17.48 -19.11 -6.25
N GLU H 148 16.40 -19.11 -5.47
CA GLU H 148 16.47 -18.74 -4.06
C GLU H 148 17.42 -19.67 -3.28
N ILE H 149 17.24 -20.98 -3.44
CA ILE H 149 18.06 -21.95 -2.72
C ILE H 149 19.53 -21.79 -3.08
N LEU H 150 19.83 -21.53 -4.35
CA LEU H 150 21.22 -21.32 -4.75
C LEU H 150 21.81 -20.10 -4.07
N HIS H 151 21.07 -18.99 -4.03
CA HIS H 151 21.62 -17.76 -3.46
C HIS H 151 21.78 -17.85 -1.95
N LYS H 152 20.84 -18.51 -1.28
CA LYS H 152 20.87 -18.51 0.18
C LYS H 152 21.63 -19.69 0.77
N LYS H 153 21.62 -20.84 0.10
CA LYS H 153 22.22 -22.04 0.68
C LYS H 153 23.50 -22.48 0.00
N TYR H 154 23.67 -22.20 -1.30
CA TYR H 154 24.87 -22.59 -2.03
C TYR H 154 25.46 -21.40 -2.76
N PRO H 155 25.76 -20.30 -2.06
CA PRO H 155 26.24 -19.10 -2.77
C PRO H 155 27.49 -19.36 -3.60
N GLN H 156 28.37 -20.23 -3.12
CA GLN H 156 29.62 -20.48 -3.83
C GLN H 156 29.38 -21.07 -5.22
N MET H 157 28.30 -21.84 -5.39
CA MET H 157 28.01 -22.41 -6.69
C MET H 157 27.73 -21.33 -7.72
N LEU H 158 27.24 -20.17 -7.28
CA LEU H 158 26.93 -19.08 -8.19
C LEU H 158 28.18 -18.47 -8.82
N GLU H 159 29.35 -18.68 -8.22
CA GLU H 159 30.58 -18.17 -8.82
C GLU H 159 30.93 -18.86 -10.13
N ARG H 160 30.28 -19.98 -10.46
CA ARG H 160 30.53 -20.72 -11.69
C ARG H 160 29.36 -20.67 -12.66
N ILE H 161 28.27 -19.99 -12.30
CA ILE H 161 27.04 -19.99 -13.07
C ILE H 161 26.99 -18.76 -13.96
N HIS H 162 26.80 -18.98 -15.27
CA HIS H 162 26.78 -17.90 -16.26
C HIS H 162 25.48 -17.11 -16.28
N GLY H 163 24.37 -17.69 -15.85
CA GLY H 163 23.10 -16.98 -15.92
C GLY H 163 21.92 -17.84 -15.52
N ILE H 164 20.77 -17.17 -15.38
CA ILE H 164 19.48 -17.76 -15.04
C ILE H 164 18.48 -17.37 -16.12
N THR H 165 17.69 -18.32 -16.58
CA THR H 165 16.55 -18.02 -17.44
C THR H 165 15.26 -18.35 -16.67
N GLU H 166 14.41 -17.35 -16.46
CA GLU H 166 13.29 -17.45 -15.52
C GLU H 166 11.96 -17.46 -16.28
N GLU H 167 11.14 -18.48 -16.00
CA GLU H 167 9.97 -18.76 -16.83
C GLU H 167 8.81 -17.80 -16.58
N THR H 168 8.56 -17.42 -15.32
CA THR H 168 7.23 -16.93 -14.98
C THR H 168 7.26 -15.62 -14.22
N THR H 169 6.10 -14.94 -14.23
CA THR H 169 5.98 -13.58 -13.69
C THR H 169 6.44 -13.50 -12.24
N THR H 170 6.00 -14.45 -11.40
CA THR H 170 6.39 -14.44 -9.99
C THR H 170 7.91 -14.58 -9.84
N GLY H 171 8.52 -15.42 -10.68
CA GLY H 171 9.96 -15.57 -10.62
C GLY H 171 10.69 -14.31 -11.02
N VAL H 172 10.19 -13.64 -12.08
CA VAL H 172 10.75 -12.37 -12.53
C VAL H 172 10.68 -11.34 -11.40
N HIS H 173 9.53 -11.24 -10.74
CA HIS H 173 9.42 -10.28 -9.64
C HIS H 173 10.45 -10.57 -8.56
N ARG H 174 10.67 -11.86 -8.23
CA ARG H 174 11.70 -12.20 -7.26
C ARG H 174 13.09 -11.82 -7.78
N LEU H 175 13.36 -12.05 -9.08
CA LEU H 175 14.65 -11.64 -9.65
C LEU H 175 14.85 -10.12 -9.56
N LEU H 176 13.81 -9.34 -9.88
CA LEU H 176 13.95 -7.89 -9.87
C LEU H 176 14.15 -7.34 -8.47
N ASP H 177 13.54 -7.96 -7.46
CA ASP H 177 13.77 -7.49 -6.11
C ASP H 177 15.16 -7.86 -5.64
N MET H 178 15.66 -9.03 -6.04
CA MET H 178 17.06 -9.34 -5.75
C MET H 178 17.98 -8.30 -6.39
N LEU H 179 17.64 -7.85 -7.59
CA LEU H 179 18.44 -6.83 -8.27
C LEU H 179 18.41 -5.51 -7.51
N LYS H 180 17.22 -5.02 -7.19
CA LYS H 180 17.09 -3.74 -6.49
C LYS H 180 17.78 -3.78 -5.13
N ASN H 181 17.84 -4.95 -4.50
CA ASN H 181 18.46 -5.08 -3.19
C ASN H 181 19.92 -5.52 -3.28
N GLY H 182 20.48 -5.63 -4.48
CA GLY H 182 21.89 -5.93 -4.63
C GLY H 182 22.30 -7.34 -4.26
N THR H 183 21.36 -8.29 -4.23
CA THR H 183 21.67 -9.65 -3.84
C THR H 183 21.70 -10.62 -5.01
N LEU H 184 21.18 -10.22 -6.17
CA LEU H 184 21.34 -11.02 -7.38
C LEU H 184 22.82 -11.12 -7.74
N LYS H 185 23.28 -12.35 -8.00
CA LYS H 185 24.70 -12.61 -8.20
C LYS H 185 25.08 -13.06 -9.60
N VAL H 186 24.13 -13.50 -10.40
CA VAL H 186 24.38 -13.81 -11.81
C VAL H 186 23.32 -13.11 -12.66
N PRO H 187 23.59 -12.81 -13.92
CA PRO H 187 22.58 -12.15 -14.77
C PRO H 187 21.44 -13.08 -15.10
N ALA H 188 20.32 -12.49 -15.49
CA ALA H 188 19.13 -13.28 -15.78
C ALA H 188 18.49 -12.79 -17.07
N ILE H 189 17.77 -13.70 -17.73
CA ILE H 189 16.89 -13.34 -18.81
C ILE H 189 15.46 -13.61 -18.36
N ASN H 190 14.63 -12.58 -18.39
CA ASN H 190 13.20 -12.67 -18.22
C ASN H 190 12.57 -13.33 -19.44
N VAL H 191 12.39 -14.65 -19.41
CA VAL H 191 11.73 -15.35 -20.51
C VAL H 191 10.24 -15.00 -20.55
N ASN H 192 9.67 -14.60 -19.41
CA ASN H 192 8.23 -14.41 -19.31
C ASN H 192 7.74 -13.31 -20.27
N ASP H 193 8.51 -12.24 -20.41
CA ASP H 193 8.00 -11.05 -21.10
C ASP H 193 8.26 -11.06 -22.60
N SER H 194 8.75 -12.15 -23.18
CA SER H 194 8.58 -12.30 -24.63
C SER H 194 7.08 -12.35 -24.93
N VAL H 195 6.66 -11.71 -26.01
CA VAL H 195 5.25 -11.76 -26.36
C VAL H 195 4.82 -13.19 -26.62
N THR H 196 5.69 -13.98 -27.24
CA THR H 196 5.40 -15.38 -27.54
C THR H 196 5.45 -16.27 -26.30
N LYS H 197 5.70 -15.69 -25.14
CA LYS H 197 5.51 -16.37 -23.87
C LYS H 197 4.32 -15.76 -23.14
N SER H 198 4.46 -14.54 -22.61
CA SER H 198 3.43 -13.93 -21.76
C SER H 198 2.07 -13.88 -22.45
N LYS H 199 2.02 -13.37 -23.69
CA LYS H 199 0.75 -13.20 -24.39
C LYS H 199 0.37 -14.45 -25.18
N ASN H 200 0.87 -15.62 -24.76
CA ASN H 200 0.60 -16.91 -25.37
C ASN H 200 0.39 -17.93 -24.26
N ASP H 201 1.45 -18.18 -23.51
CA ASP H 201 1.41 -19.09 -22.37
C ASP H 201 0.48 -18.56 -21.28
N ASN H 202 0.78 -17.37 -20.74
CA ASN H 202 0.04 -16.90 -19.57
C ASN H 202 -1.45 -16.76 -19.87
N LYS H 203 -1.78 -16.32 -21.09
CA LYS H 203 -3.18 -16.05 -21.46
C LYS H 203 -3.81 -17.28 -22.11
N TYR H 204 -3.40 -17.60 -23.35
CA TYR H 204 -4.05 -18.68 -24.09
C TYR H 204 -3.88 -20.04 -23.42
N GLY H 205 -2.73 -20.29 -22.77
CA GLY H 205 -2.56 -21.54 -22.06
C GLY H 205 -3.60 -21.77 -20.98
N CYS H 206 -3.86 -20.72 -20.18
CA CYS H 206 -4.87 -20.83 -19.12
C CYS H 206 -6.27 -20.91 -19.69
N ARG H 207 -6.53 -20.26 -20.83
CA ARG H 207 -7.79 -20.45 -21.53
C ARG H 207 -8.03 -21.93 -21.83
N HIS H 208 -6.99 -22.62 -22.31
CA HIS H 208 -7.10 -24.05 -22.60
C HIS H 208 -7.22 -24.89 -21.32
N SER H 209 -6.40 -24.63 -20.31
CA SER H 209 -6.23 -25.61 -19.25
C SER H 209 -7.01 -25.32 -17.95
N LEU H 210 -7.59 -24.13 -17.78
CA LEU H 210 -8.38 -23.91 -16.57
C LEU H 210 -9.66 -24.76 -16.58
N ASN H 211 -10.54 -24.58 -17.59
CA ASN H 211 -11.74 -25.40 -17.60
CA ASN H 211 -11.75 -25.40 -17.63
C ASN H 211 -11.41 -26.89 -17.70
N ASP H 212 -10.28 -27.22 -18.34
CA ASP H 212 -9.80 -28.59 -18.39
C ASP H 212 -9.66 -29.18 -17.00
N ALA H 213 -8.92 -28.48 -16.13
CA ALA H 213 -8.67 -28.96 -14.78
C ALA H 213 -9.93 -29.01 -13.93
N ILE H 214 -10.85 -28.05 -14.12
CA ILE H 214 -12.07 -28.05 -13.31
C ILE H 214 -12.96 -29.23 -13.71
N LYS H 215 -13.02 -29.53 -15.00
CA LYS H 215 -13.79 -30.69 -15.47
C LYS H 215 -13.19 -31.99 -14.97
N ARG H 216 -11.87 -32.13 -15.01
CA ARG H 216 -11.27 -33.37 -14.55
C ARG H 216 -11.46 -33.55 -13.05
N GLY H 217 -11.33 -32.46 -12.28
CA GLY H 217 -11.48 -32.54 -10.84
C GLY H 217 -12.90 -32.82 -10.38
N THR H 218 -13.89 -32.17 -11.01
CA THR H 218 -15.26 -32.15 -10.50
C THR H 218 -16.30 -32.66 -11.48
N ASP H 219 -16.00 -32.65 -12.78
CA ASP H 219 -16.96 -32.98 -13.83
C ASP H 219 -18.22 -32.14 -13.72
N HIS H 220 -18.08 -30.94 -13.15
CA HIS H 220 -19.17 -30.00 -13.00
C HIS H 220 -19.51 -29.34 -14.33
N LEU H 221 -20.79 -29.29 -14.66
CA LEU H 221 -21.28 -28.35 -15.64
C LEU H 221 -20.83 -26.96 -15.23
N LEU H 222 -20.27 -26.22 -16.18
CA LEU H 222 -19.94 -24.82 -15.93
C LEU H 222 -20.97 -23.87 -16.52
N SER H 223 -21.57 -24.20 -17.66
CA SER H 223 -22.55 -23.34 -18.33
C SER H 223 -23.68 -22.93 -17.39
N GLY H 224 -24.03 -21.65 -17.40
CA GLY H 224 -25.11 -21.13 -16.59
C GLY H 224 -24.76 -20.86 -15.13
N LYS H 225 -23.58 -21.24 -14.67
CA LYS H 225 -23.14 -20.99 -13.30
C LYS H 225 -22.32 -19.71 -13.18
N GLN H 226 -22.25 -19.21 -11.95
CA GLN H 226 -21.61 -17.94 -11.60
C GLN H 226 -20.15 -18.15 -11.19
N ALA H 227 -19.24 -17.47 -11.87
CA ALA H 227 -17.83 -17.51 -11.53
C ALA H 227 -17.32 -16.14 -11.11
N LEU H 228 -16.34 -16.14 -10.22
CA LEU H 228 -15.63 -14.93 -9.83
C LEU H 228 -14.15 -15.20 -10.07
N VAL H 229 -13.54 -14.46 -10.98
CA VAL H 229 -12.12 -14.54 -11.27
C VAL H 229 -11.44 -13.37 -10.57
N ILE H 230 -10.48 -13.67 -9.68
CA ILE H 230 -9.73 -12.62 -8.99
C ILE H 230 -8.49 -12.31 -9.82
N GLY H 231 -8.47 -11.13 -10.43
CA GLY H 231 -7.40 -10.63 -11.27
C GLY H 231 -7.73 -10.72 -12.75
N TYR H 232 -7.19 -9.78 -13.53
CA TYR H 232 -7.40 -9.65 -14.97
C TYR H 232 -6.12 -9.24 -15.67
N GLY H 233 -4.96 -9.74 -15.20
CA GLY H 233 -3.72 -9.68 -15.94
C GLY H 233 -3.74 -10.74 -17.03
N ASP H 234 -2.56 -11.19 -17.46
CA ASP H 234 -2.53 -12.18 -18.53
C ASP H 234 -3.24 -13.47 -18.13
N VAL H 235 -2.91 -14.01 -16.95
CA VAL H 235 -3.58 -15.24 -16.48
C VAL H 235 -5.07 -15.00 -16.23
N GLY H 236 -5.42 -13.87 -15.61
CA GLY H 236 -6.82 -13.58 -15.37
C GLY H 236 -7.63 -13.43 -16.65
N LYS H 237 -7.04 -12.79 -17.66
CA LYS H 237 -7.69 -12.70 -18.97
C LYS H 237 -7.96 -14.09 -19.55
N GLY H 238 -6.94 -14.96 -19.56
CA GLY H 238 -7.13 -16.27 -20.14
C GLY H 238 -8.10 -17.12 -19.35
N SER H 239 -8.04 -17.00 -18.02
CA SER H 239 -8.95 -17.74 -17.14
C SER H 239 -10.38 -17.28 -17.34
N SER H 240 -10.63 -15.96 -17.32
CA SER H 240 -11.98 -15.47 -17.57
C SER H 240 -12.54 -16.03 -18.88
N GLN H 241 -11.71 -16.06 -19.92
CA GLN H 241 -12.16 -16.56 -21.22
C GLN H 241 -12.42 -18.06 -21.16
N SER H 242 -11.54 -18.80 -20.47
CA SER H 242 -11.73 -20.24 -20.31
C SER H 242 -13.11 -20.56 -19.76
N LEU H 243 -13.57 -19.77 -18.79
CA LEU H 243 -14.86 -20.00 -18.16
C LEU H 243 -16.00 -19.43 -19.00
N ARG H 244 -15.82 -18.22 -19.56
CA ARG H 244 -16.88 -17.58 -20.33
C ARG H 244 -17.22 -18.37 -21.58
N GLN H 245 -16.20 -18.93 -22.26
CA GLN H 245 -16.47 -19.71 -23.46
C GLN H 245 -17.28 -20.97 -23.14
N GLU H 246 -17.25 -21.44 -21.90
CA GLU H 246 -18.09 -22.56 -21.47
C GLU H 246 -19.50 -22.14 -21.11
N GLY H 247 -19.80 -20.86 -21.20
CA GLY H 247 -21.09 -20.34 -20.79
C GLY H 247 -21.22 -19.93 -19.34
N MET H 248 -20.13 -19.86 -18.59
CA MET H 248 -20.27 -19.30 -17.25
C MET H 248 -20.59 -17.82 -17.31
N ILE H 249 -21.34 -17.35 -16.31
CA ILE H 249 -21.50 -15.93 -16.05
C ILE H 249 -20.33 -15.50 -15.18
N VAL H 250 -19.41 -14.73 -15.74
CA VAL H 250 -18.12 -14.45 -15.12
C VAL H 250 -18.09 -13.00 -14.63
N LYS H 251 -17.79 -12.82 -13.34
CA LYS H 251 -17.46 -11.52 -12.78
C LYS H 251 -15.96 -11.48 -12.50
N VAL H 252 -15.40 -10.29 -12.57
CA VAL H 252 -13.96 -10.09 -12.54
C VAL H 252 -13.65 -9.09 -11.44
N ALA H 253 -12.67 -9.40 -10.60
CA ALA H 253 -12.16 -8.47 -9.61
C ALA H 253 -10.76 -8.03 -10.00
N GLU H 254 -10.45 -6.75 -9.76
CA GLU H 254 -9.13 -6.20 -10.09
C GLU H 254 -8.81 -5.04 -9.17
N VAL H 255 -7.52 -4.86 -8.90
CA VAL H 255 -7.02 -3.65 -8.27
C VAL H 255 -6.48 -2.65 -9.27
N ASP H 256 -6.18 -3.08 -10.51
CA ASP H 256 -5.64 -2.20 -11.53
C ASP H 256 -6.79 -1.67 -12.38
N PRO H 257 -7.04 -0.36 -12.36
CA PRO H 257 -8.17 0.21 -13.12
C PRO H 257 -8.05 0.01 -14.61
N ILE H 258 -6.83 -0.05 -15.13
CA ILE H 258 -6.67 -0.29 -16.56
C ILE H 258 -7.08 -1.72 -16.90
N CYS H 259 -6.64 -2.68 -16.10
CA CYS H 259 -7.07 -4.06 -16.32
C CYS H 259 -8.57 -4.22 -16.13
N ALA H 260 -9.13 -3.56 -15.10
CA ALA H 260 -10.59 -3.58 -14.92
C ALA H 260 -11.32 -2.97 -16.11
N MET H 261 -10.76 -1.88 -16.67
N MET H 261 -10.77 -1.88 -16.68
CA MET H 261 -11.34 -1.28 -17.88
CA MET H 261 -11.37 -1.30 -17.89
C MET H 261 -11.40 -2.29 -19.02
C MET H 261 -11.41 -2.32 -19.01
N GLN H 262 -10.35 -3.10 -19.16
CA GLN H 262 -10.36 -4.15 -20.18
C GLN H 262 -11.46 -5.17 -19.92
N ALA H 263 -11.64 -5.56 -18.65
CA ALA H 263 -12.65 -6.56 -18.34
C ALA H 263 -14.04 -6.08 -18.73
N CYS H 264 -14.34 -4.80 -18.42
CA CYS H 264 -15.62 -4.22 -18.79
C CYS H 264 -15.82 -4.26 -20.30
N MET H 265 -14.84 -3.74 -21.05
CA MET H 265 -14.91 -3.74 -22.51
C MET H 265 -14.99 -5.15 -23.08
N ASP H 266 -14.35 -6.12 -22.43
CA ASP H 266 -14.43 -7.53 -22.79
C ASP H 266 -15.77 -8.17 -22.45
N GLY H 267 -16.69 -7.42 -21.84
CA GLY H 267 -18.00 -7.96 -21.54
C GLY H 267 -18.15 -8.59 -20.18
N PHE H 268 -17.28 -8.25 -19.22
CA PHE H 268 -17.41 -8.77 -17.87
C PHE H 268 -17.90 -7.68 -16.93
N GLU H 269 -18.72 -8.08 -15.96
CA GLU H 269 -19.08 -7.22 -14.84
C GLU H 269 -17.93 -7.24 -13.81
N VAL H 270 -17.48 -6.06 -13.41
CA VAL H 270 -16.32 -5.93 -12.51
C VAL H 270 -16.84 -5.66 -11.11
N VAL H 271 -16.49 -6.51 -10.16
CA VAL H 271 -17.01 -6.46 -8.79
C VAL H 271 -15.85 -6.61 -7.83
N SER H 272 -16.10 -6.29 -6.57
CA SER H 272 -15.13 -6.55 -5.53
C SER H 272 -15.71 -7.47 -4.46
N PRO H 273 -14.91 -8.38 -3.91
CA PRO H 273 -15.40 -9.17 -2.77
C PRO H 273 -15.75 -8.31 -1.56
N TYR H 274 -15.26 -7.07 -1.49
CA TYR H 274 -15.48 -6.18 -0.36
C TYR H 274 -16.38 -5.02 -0.78
N LYS H 275 -17.25 -4.61 0.16
CA LYS H 275 -18.10 -3.46 -0.05
C LYS H 275 -17.28 -2.22 -0.40
N ASN H 276 -17.58 -1.61 -1.53
CA ASN H 276 -16.87 -0.44 -2.07
C ASN H 276 -15.39 -0.72 -2.30
N GLY H 277 -15.03 -2.00 -2.39
CA GLY H 277 -13.66 -2.39 -2.68
C GLY H 277 -12.69 -2.29 -1.53
N ILE H 278 -13.15 -1.97 -0.33
CA ILE H 278 -12.27 -1.67 0.79
C ILE H 278 -12.30 -2.82 1.79
N ASN H 279 -11.16 -3.49 1.95
CA ASN H 279 -11.02 -4.67 2.79
C ASN H 279 -10.47 -4.21 4.14
N ASP H 280 -11.37 -4.07 5.12
CA ASP H 280 -10.97 -3.64 6.46
C ASP H 280 -10.70 -4.80 7.40
N GLY H 281 -10.57 -6.02 6.87
CA GLY H 281 -10.27 -7.18 7.68
C GLY H 281 -11.43 -7.78 8.45
N THR H 282 -12.57 -7.10 8.54
CA THR H 282 -13.74 -7.58 9.24
C THR H 282 -14.71 -8.29 8.30
N GLU H 283 -15.57 -9.12 8.89
CA GLU H 283 -16.63 -9.77 8.12
C GLU H 283 -17.64 -8.76 7.58
N ALA H 284 -17.78 -7.62 8.27
CA ALA H 284 -18.72 -6.60 7.81
C ALA H 284 -18.36 -6.09 6.42
N SER H 285 -17.06 -6.10 6.07
CA SER H 285 -16.67 -5.57 4.76
C SER H 285 -16.93 -6.55 3.62
N ILE H 286 -17.17 -7.83 3.90
CA ILE H 286 -17.44 -8.80 2.84
C ILE H 286 -18.80 -8.49 2.21
N ASP H 287 -18.86 -8.52 0.89
CA ASP H 287 -20.13 -8.47 0.16
C ASP H 287 -20.72 -9.89 0.19
N ALA H 288 -21.48 -10.17 1.24
CA ALA H 288 -22.02 -11.51 1.47
C ALA H 288 -23.05 -11.90 0.42
N ALA H 289 -23.85 -10.93 -0.05
CA ALA H 289 -24.80 -11.19 -1.12
C ALA H 289 -24.08 -11.67 -2.38
N LEU H 290 -22.99 -11.02 -2.75
CA LEU H 290 -22.27 -11.39 -3.96
C LEU H 290 -21.64 -12.76 -3.84
N LEU H 291 -20.87 -12.99 -2.77
CA LEU H 291 -20.18 -14.26 -2.64
C LEU H 291 -21.15 -15.41 -2.38
N GLY H 292 -22.32 -15.13 -1.83
CA GLY H 292 -23.35 -16.14 -1.66
C GLY H 292 -23.95 -16.66 -2.95
N LYS H 293 -23.67 -16.01 -4.09
CA LYS H 293 -24.18 -16.49 -5.37
C LYS H 293 -23.09 -17.04 -6.28
N ILE H 294 -21.86 -17.17 -5.80
CA ILE H 294 -20.73 -17.56 -6.64
C ILE H 294 -20.52 -19.07 -6.53
N ASP H 295 -20.51 -19.76 -7.69
CA ASP H 295 -20.32 -21.20 -7.75
C ASP H 295 -18.86 -21.59 -7.92
N LEU H 296 -18.02 -20.66 -8.35
CA LEU H 296 -16.62 -20.95 -8.65
C LEU H 296 -15.83 -19.67 -8.47
N ILE H 297 -14.74 -19.75 -7.72
CA ILE H 297 -13.80 -18.64 -7.61
C ILE H 297 -12.42 -19.15 -8.00
N VAL H 298 -11.71 -18.34 -8.79
CA VAL H 298 -10.40 -18.67 -9.32
C VAL H 298 -9.49 -17.48 -9.03
N THR H 299 -8.34 -17.73 -8.41
CA THR H 299 -7.39 -16.66 -8.13
C THR H 299 -6.30 -16.69 -9.19
N THR H 300 -5.95 -15.52 -9.73
CA THR H 300 -5.01 -15.45 -10.83
C THR H 300 -3.96 -14.36 -10.62
N THR H 301 -3.76 -13.90 -9.38
CA THR H 301 -3.08 -12.62 -9.19
C THR H 301 -1.56 -12.69 -9.04
N GLY H 302 -1.02 -13.79 -8.51
CA GLY H 302 0.35 -13.71 -8.04
C GLY H 302 0.52 -12.92 -6.74
N ASN H 303 -0.58 -12.50 -6.12
CA ASN H 303 -0.55 -11.75 -4.88
C ASN H 303 -0.93 -12.69 -3.73
N VAL H 304 -0.98 -12.16 -2.50
CA VAL H 304 -1.19 -12.96 -1.30
C VAL H 304 -2.59 -12.73 -0.77
N ASN H 305 -3.28 -13.82 -0.43
CA ASN H 305 -4.53 -13.78 0.32
C ASN H 305 -5.61 -12.95 -0.40
N VAL H 306 -5.75 -13.18 -1.70
CA VAL H 306 -6.82 -12.56 -2.47
C VAL H 306 -8.13 -13.31 -2.34
N CYS H 307 -8.11 -14.52 -1.79
CA CYS H 307 -9.33 -15.25 -1.43
C CYS H 307 -9.11 -15.59 0.05
N ASP H 308 -9.58 -14.70 0.93
CA ASP H 308 -9.22 -14.78 2.33
C ASP H 308 -10.28 -15.57 3.12
N ALA H 309 -10.04 -15.66 4.42
CA ALA H 309 -10.89 -16.48 5.29
C ALA H 309 -12.33 -15.99 5.29
N ASN H 310 -12.54 -14.67 5.41
CA ASN H 310 -13.89 -14.14 5.44
C ASN H 310 -14.61 -14.34 4.10
N MET H 311 -13.88 -14.28 2.98
CA MET H 311 -14.48 -14.66 1.70
C MET H 311 -14.88 -16.13 1.71
N LEU H 312 -14.01 -17.00 2.22
CA LEU H 312 -14.31 -18.44 2.23
C LEU H 312 -15.50 -18.74 3.12
N LYS H 313 -15.67 -17.96 4.21
CA LYS H 313 -16.83 -18.14 5.08
C LYS H 313 -18.12 -17.72 4.40
N ALA H 314 -18.05 -16.77 3.47
CA ALA H 314 -19.26 -16.24 2.83
C ALA H 314 -19.60 -16.93 1.51
N LEU H 315 -18.73 -17.76 0.96
CA LEU H 315 -19.00 -18.39 -0.33
C LEU H 315 -20.26 -19.24 -0.29
N LYS H 316 -20.94 -19.32 -1.44
CA LYS H 316 -22.06 -20.22 -1.61
C LYS H 316 -21.67 -21.65 -1.22
N LYS H 317 -22.55 -22.34 -0.51
CA LYS H 317 -22.33 -23.77 -0.25
C LYS H 317 -22.00 -24.50 -1.54
N ARG H 318 -21.04 -25.42 -1.45
CA ARG H 318 -20.60 -26.31 -2.52
C ARG H 318 -19.91 -25.58 -3.66
N ALA H 319 -19.51 -24.33 -3.44
CA ALA H 319 -18.68 -23.61 -4.40
C ALA H 319 -17.33 -24.28 -4.56
N VAL H 320 -16.77 -24.20 -5.78
CA VAL H 320 -15.43 -24.71 -6.07
C VAL H 320 -14.44 -23.57 -5.88
N VAL H 321 -13.30 -23.86 -5.25
CA VAL H 321 -12.26 -22.87 -4.98
C VAL H 321 -10.97 -23.37 -5.59
N CYS H 322 -10.32 -22.54 -6.40
CA CYS H 322 -9.07 -22.99 -7.00
C CYS H 322 -8.19 -21.80 -7.35
N ASN H 323 -6.91 -22.11 -7.54
CA ASN H 323 -5.87 -21.10 -7.77
C ASN H 323 -5.06 -21.48 -9.00
N ILE H 324 -4.92 -20.55 -9.94
CA ILE H 324 -4.08 -20.78 -11.10
C ILE H 324 -2.86 -19.85 -11.10
N GLY H 325 -2.66 -19.09 -10.01
CA GLY H 325 -1.40 -18.37 -9.82
C GLY H 325 -0.29 -19.31 -9.39
N HIS H 326 0.93 -18.78 -9.29
CA HIS H 326 2.08 -19.67 -9.10
C HIS H 326 2.08 -20.33 -7.73
N PHE H 327 1.77 -19.58 -6.68
CA PHE H 327 1.85 -20.10 -5.31
C PHE H 327 0.45 -20.26 -4.72
N ASP H 328 0.35 -21.15 -3.71
CA ASP H 328 -0.95 -21.48 -3.11
C ASP H 328 -1.43 -20.47 -2.08
N ASN H 329 -0.60 -19.52 -1.66
CA ASN H 329 -0.99 -18.52 -0.67
C ASN H 329 -1.94 -17.44 -1.21
N GLU H 330 -2.39 -17.54 -2.46
CA GLU H 330 -3.47 -16.67 -2.93
C GLU H 330 -4.76 -16.93 -2.18
N ILE H 331 -5.00 -18.19 -1.83
CA ILE H 331 -6.13 -18.62 -1.01
C ILE H 331 -5.60 -18.90 0.38
N ASP H 332 -6.36 -18.48 1.41
CA ASP H 332 -6.02 -18.78 2.80
C ASP H 332 -6.40 -20.23 3.12
N THR H 333 -5.66 -21.15 2.50
CA THR H 333 -5.85 -22.57 2.82
C THR H 333 -5.45 -22.88 4.26
N ALA H 334 -4.50 -22.14 4.83
CA ALA H 334 -4.10 -22.41 6.19
C ALA H 334 -5.27 -22.24 7.16
N PHE H 335 -6.10 -21.22 6.94
CA PHE H 335 -7.29 -21.04 7.76
C PHE H 335 -8.19 -22.27 7.68
N MET H 336 -8.35 -22.83 6.48
CA MET H 336 -9.22 -23.98 6.28
C MET H 336 -8.66 -25.24 6.93
N ARG H 337 -7.34 -25.42 6.88
CA ARG H 337 -6.73 -26.55 7.59
C ARG H 337 -6.95 -26.45 9.09
N LYS H 338 -6.84 -25.24 9.63
CA LYS H 338 -6.93 -25.07 11.07
C LYS H 338 -8.36 -25.18 11.61
N ASN H 339 -9.36 -24.86 10.78
CA ASN H 339 -10.73 -24.70 11.28
C ASN H 339 -11.74 -25.70 10.73
N TRP H 340 -11.50 -26.28 9.54
CA TRP H 340 -12.52 -27.06 8.84
C TRP H 340 -11.99 -28.47 8.52
N ALA H 341 -12.93 -29.40 8.38
CA ALA H 341 -12.61 -30.81 8.18
C ALA H 341 -12.48 -31.13 6.69
N TRP H 342 -11.39 -31.79 6.32
CA TRP H 342 -11.10 -32.07 4.91
C TRP H 342 -11.46 -33.51 4.57
N GLU H 343 -12.30 -33.68 3.55
CA GLU H 343 -12.67 -35.00 3.06
C GLU H 343 -12.11 -35.16 1.66
N GLU H 344 -11.13 -36.06 1.50
CA GLU H 344 -10.59 -36.28 0.17
C GLU H 344 -11.62 -36.99 -0.69
N VAL H 345 -12.01 -36.34 -1.80
CA VAL H 345 -12.87 -37.00 -2.78
C VAL H 345 -12.04 -37.96 -3.60
N LYS H 346 -10.94 -37.45 -4.15
CA LYS H 346 -9.93 -38.20 -4.89
C LYS H 346 -8.68 -37.34 -4.88
N PRO H 347 -7.55 -37.85 -5.36
CA PRO H 347 -6.31 -37.05 -5.32
C PRO H 347 -6.54 -35.66 -5.90
N GLN H 348 -6.01 -34.65 -5.18
CA GLN H 348 -6.09 -33.24 -5.52
C GLN H 348 -7.52 -32.72 -5.57
N VAL H 349 -8.46 -33.34 -4.86
CA VAL H 349 -9.85 -32.86 -4.79
C VAL H 349 -10.34 -33.09 -3.35
N HIS H 350 -10.59 -32.01 -2.63
CA HIS H 350 -10.99 -32.10 -1.22
C HIS H 350 -12.28 -31.32 -1.03
N LYS H 351 -13.22 -31.93 -0.29
CA LYS H 351 -14.36 -31.22 0.25
C LYS H 351 -13.94 -30.63 1.59
N ILE H 352 -14.25 -29.35 1.80
CA ILE H 352 -13.86 -28.64 3.01
C ILE H 352 -15.14 -28.37 3.76
N HIS H 353 -15.37 -29.13 4.84
CA HIS H 353 -16.64 -29.04 5.57
C HIS H 353 -16.59 -27.89 6.56
N ARG H 354 -17.45 -26.91 6.38
CA ARG H 354 -17.40 -25.70 7.21
C ARG H 354 -18.15 -25.88 8.53
N THR H 355 -18.51 -27.10 8.87
CA THR H 355 -19.25 -27.35 10.10
C THR H 355 -18.34 -27.49 11.32
N GLY H 356 -17.03 -27.55 11.14
CA GLY H 356 -16.15 -27.72 12.29
C GLY H 356 -14.87 -28.45 11.89
N LYS H 357 -13.96 -28.50 12.86
CA LYS H 357 -12.61 -29.02 12.61
C LYS H 357 -12.53 -30.53 12.74
N ASP H 358 -13.17 -31.09 13.77
CA ASP H 358 -12.99 -32.50 14.12
C ASP H 358 -14.15 -33.31 13.57
N GLY H 359 -13.90 -34.01 12.46
CA GLY H 359 -14.89 -34.86 11.86
C GLY H 359 -15.92 -34.08 11.06
N PHE H 360 -16.69 -34.83 10.27
CA PHE H 360 -17.69 -34.28 9.38
C PHE H 360 -18.76 -35.33 9.12
N ASP H 361 -19.96 -34.85 8.78
CA ASP H 361 -21.02 -35.71 8.31
C ASP H 361 -20.85 -35.94 6.82
N ALA H 362 -20.82 -37.21 6.41
CA ALA H 362 -20.58 -37.53 5.01
C ALA H 362 -21.65 -36.97 4.08
N HIS H 363 -22.82 -36.58 4.63
CA HIS H 363 -23.91 -36.00 3.85
C HIS H 363 -24.11 -34.52 4.15
N ASN H 364 -23.17 -33.90 4.87
CA ASN H 364 -23.21 -32.46 5.11
C ASN H 364 -23.26 -31.70 3.79
N ASP H 365 -24.13 -30.69 3.73
CA ASP H 365 -24.26 -29.87 2.53
C ASP H 365 -23.41 -28.62 2.59
N ASP H 366 -22.90 -28.25 3.76
CA ASP H 366 -22.14 -27.01 3.90
C ASP H 366 -20.66 -27.33 3.74
N TYR H 367 -20.21 -27.45 2.49
CA TYR H 367 -18.79 -27.64 2.20
C TYR H 367 -18.38 -26.82 0.98
N LEU H 368 -17.08 -26.65 0.83
CA LEU H 368 -16.50 -26.13 -0.41
C LEU H 368 -15.66 -27.23 -1.05
N ILE H 369 -15.44 -27.13 -2.35
CA ILE H 369 -14.53 -28.05 -3.02
C ILE H 369 -13.28 -27.29 -3.40
N LEU H 370 -12.15 -27.72 -2.83
CA LEU H 370 -10.83 -27.17 -3.12
C LEU H 370 -10.08 -28.11 -4.06
N LEU H 371 -9.53 -27.55 -5.15
CA LEU H 371 -8.73 -28.33 -6.10
C LEU H 371 -7.24 -28.11 -5.86
N ALA H 372 -6.46 -29.19 -6.02
CA ALA H 372 -4.99 -29.15 -5.95
C ALA H 372 -4.48 -28.56 -4.63
N GLU H 373 -5.26 -28.66 -3.56
CA GLU H 373 -4.95 -28.06 -2.27
C GLU H 373 -4.49 -26.60 -2.40
N GLY H 374 -5.04 -25.87 -3.39
CA GLY H 374 -4.71 -24.47 -3.59
C GLY H 374 -3.51 -24.21 -4.49
N ARG H 375 -2.82 -25.25 -4.95
CA ARG H 375 -1.72 -25.13 -5.90
C ARG H 375 -2.25 -24.98 -7.32
N LEU H 376 -1.34 -24.58 -8.23
CA LEU H 376 -1.68 -24.32 -9.63
C LEU H 376 -2.64 -25.36 -10.20
N VAL H 377 -3.89 -24.98 -10.43
CA VAL H 377 -4.91 -25.99 -10.67
C VAL H 377 -4.77 -26.63 -12.06
N ASN H 378 -4.34 -25.85 -13.07
CA ASN H 378 -4.24 -26.42 -14.41
C ASN H 378 -3.25 -27.57 -14.44
N LEU H 379 -2.11 -27.40 -13.75
CA LEU H 379 -1.11 -28.46 -13.67
C LEU H 379 -1.48 -29.52 -12.65
N GLY H 380 -2.17 -29.13 -11.57
CA GLY H 380 -2.46 -30.06 -10.49
C GLY H 380 -3.59 -31.02 -10.80
N ASN H 381 -4.65 -30.53 -11.43
CA ASN H 381 -5.80 -31.37 -11.74
C ASN H 381 -5.88 -31.79 -13.21
N ALA H 382 -5.03 -31.22 -14.06
CA ALA H 382 -4.94 -31.66 -15.45
C ALA H 382 -3.48 -31.83 -15.84
N THR H 383 -3.08 -31.29 -17.01
CA THR H 383 -1.70 -31.42 -17.48
C THR H 383 -1.11 -30.07 -17.86
N GLY H 384 -1.65 -28.98 -17.33
CA GLY H 384 -1.18 -27.66 -17.70
C GLY H 384 -1.41 -27.35 -19.17
N HIS H 385 -0.59 -26.42 -19.67
CA HIS H 385 -0.75 -25.92 -21.02
C HIS H 385 -0.48 -27.02 -22.04
N PRO H 386 -1.04 -26.92 -23.23
CA PRO H 386 -0.74 -27.89 -24.28
C PRO H 386 0.60 -27.62 -24.97
N SER H 387 1.13 -28.69 -25.55
CA SER H 387 2.43 -28.64 -26.22
C SER H 387 2.53 -27.45 -27.16
N ARG H 388 1.50 -27.23 -27.98
CA ARG H 388 1.63 -26.21 -29.01
C ARG H 388 1.64 -24.80 -28.43
N ILE H 389 1.15 -24.61 -27.21
CA ILE H 389 1.35 -23.32 -26.54
C ILE H 389 2.72 -23.27 -25.88
N MET H 390 3.08 -24.32 -25.12
CA MET H 390 4.39 -24.36 -24.46
C MET H 390 5.53 -24.24 -25.47
N ASP H 391 5.28 -24.63 -26.71
CA ASP H 391 6.29 -24.49 -27.77
C ASP H 391 6.85 -23.08 -27.81
N GLY H 392 5.98 -22.06 -27.70
CA GLY H 392 6.49 -20.69 -27.67
C GLY H 392 7.37 -20.42 -26.47
N SER H 393 6.88 -20.74 -25.28
CA SER H 393 7.64 -20.50 -24.06
C SER H 393 9.00 -21.18 -24.11
N PHE H 394 9.02 -22.45 -24.51
CA PHE H 394 10.27 -23.21 -24.38
C PHE H 394 11.26 -22.90 -25.49
N ALA H 395 10.79 -22.49 -26.69
CA ALA H 395 11.72 -21.96 -27.66
C ALA H 395 12.46 -20.74 -27.10
N ASN H 396 11.72 -19.85 -26.43
CA ASN H 396 12.36 -18.71 -25.76
C ASN H 396 13.37 -19.19 -24.72
N GLN H 397 13.03 -20.24 -23.96
CA GLN H 397 13.96 -20.78 -22.97
C GLN H 397 15.27 -21.22 -23.62
N VAL H 398 15.17 -21.99 -24.70
CA VAL H 398 16.38 -22.49 -25.36
C VAL H 398 17.22 -21.32 -25.85
N LEU H 399 16.58 -20.32 -26.48
CA LEU H 399 17.32 -19.17 -26.98
C LEU H 399 17.97 -18.39 -25.84
N ALA H 400 17.27 -18.26 -24.72
CA ALA H 400 17.82 -17.58 -23.56
C ALA H 400 18.99 -18.36 -22.97
N GLN H 401 18.87 -19.69 -22.88
CA GLN H 401 19.99 -20.49 -22.38
C GLN H 401 21.20 -20.35 -23.29
N ILE H 402 20.99 -20.41 -24.61
CA ILE H 402 22.08 -20.24 -25.56
C ILE H 402 22.74 -18.89 -25.35
N HIS H 403 21.94 -17.81 -25.26
CA HIS H 403 22.52 -16.48 -25.18
C HIS H 403 23.38 -16.33 -23.93
N LEU H 404 22.81 -16.60 -22.74
CA LEU H 404 23.57 -16.42 -21.51
C LEU H 404 24.79 -17.33 -21.46
N PHE H 405 24.64 -18.60 -21.85
CA PHE H 405 25.80 -19.51 -21.80
C PHE H 405 26.93 -18.98 -22.66
N GLU H 406 26.62 -18.46 -23.85
CA GLU H 406 27.64 -17.93 -24.75
C GLU H 406 28.25 -16.64 -24.24
N GLN H 407 27.56 -15.88 -23.39
CA GLN H 407 28.19 -14.66 -22.86
C GLN H 407 29.23 -14.95 -21.80
N LYS H 408 29.21 -16.15 -21.20
CA LYS H 408 30.25 -16.59 -20.25
C LYS H 408 30.50 -15.57 -19.12
N TYR H 409 29.42 -15.19 -18.44
CA TYR H 409 29.52 -14.22 -17.34
C TYR H 409 30.47 -14.70 -16.26
N ALA H 410 30.40 -15.98 -15.88
CA ALA H 410 31.22 -16.49 -14.78
C ALA H 410 32.72 -16.44 -15.08
N ASP H 411 33.11 -16.35 -16.35
CA ASP H 411 34.53 -16.23 -16.69
C ASP H 411 35.04 -14.81 -16.68
N LEU H 412 34.16 -13.81 -16.49
CA LEU H 412 34.53 -12.40 -16.48
C LEU H 412 35.24 -12.03 -15.18
N PRO H 413 36.12 -11.03 -15.23
CA PRO H 413 36.73 -10.53 -13.99
C PRO H 413 35.66 -9.96 -13.06
N ALA H 414 36.00 -9.92 -11.76
CA ALA H 414 35.06 -9.43 -10.76
C ALA H 414 34.65 -7.98 -11.01
N ALA H 415 35.53 -7.18 -11.62
CA ALA H 415 35.22 -5.77 -11.89
C ALA H 415 34.24 -5.62 -13.04
N GLU H 416 34.29 -6.49 -14.05
CA GLU H 416 33.34 -6.43 -15.14
C GLU H 416 32.00 -7.08 -14.79
N LYS H 417 31.99 -8.02 -13.85
CA LYS H 417 30.73 -8.70 -13.52
C LYS H 417 29.68 -7.72 -13.02
N ALA H 418 30.11 -6.69 -12.30
CA ALA H 418 29.17 -5.72 -11.73
C ALA H 418 28.41 -4.97 -12.83
N LYS H 419 29.11 -4.61 -13.91
CA LYS H 419 28.48 -3.87 -15.00
C LYS H 419 27.74 -4.78 -15.97
N ARG H 420 27.83 -6.09 -15.82
CA ARG H 420 27.08 -7.04 -16.63
C ARG H 420 25.89 -7.64 -15.89
N LEU H 421 25.61 -7.21 -14.67
CA LEU H 421 24.54 -7.77 -13.85
C LEU H 421 23.24 -7.03 -14.14
N SER H 422 22.26 -7.76 -14.65
CA SER H 422 21.00 -7.15 -15.06
C SER H 422 19.98 -8.25 -15.32
N VAL H 423 18.74 -7.83 -15.51
CA VAL H 423 17.65 -8.72 -15.90
C VAL H 423 17.13 -8.21 -17.23
N GLU H 424 17.33 -9.00 -18.28
CA GLU H 424 17.01 -8.58 -19.63
C GLU H 424 15.98 -9.51 -20.24
N VAL H 425 15.35 -9.03 -21.32
CA VAL H 425 14.47 -9.83 -22.15
C VAL H 425 15.18 -10.13 -23.46
N LEU H 426 14.66 -11.11 -24.19
CA LEU H 426 15.17 -11.41 -25.52
C LEU H 426 14.77 -10.30 -26.50
N PRO H 427 15.63 -9.97 -27.47
CA PRO H 427 15.28 -8.92 -28.44
C PRO H 427 14.08 -9.30 -29.29
N LYS H 428 13.40 -8.27 -29.80
CA LYS H 428 12.14 -8.49 -30.51
C LYS H 428 12.34 -9.35 -31.76
N LYS H 429 13.51 -9.29 -32.38
CA LYS H 429 13.73 -10.08 -33.58
C LYS H 429 13.54 -11.57 -33.33
N LEU H 430 14.04 -12.07 -32.19
CA LEU H 430 13.90 -13.48 -31.85
C LEU H 430 12.47 -13.84 -31.48
N ASP H 431 11.81 -12.98 -30.71
CA ASP H 431 10.38 -13.10 -30.43
C ASP H 431 9.56 -13.26 -31.71
N GLU H 432 9.85 -12.44 -32.73
CA GLU H 432 9.17 -12.58 -34.02
C GLU H 432 9.52 -13.90 -34.71
N GLU H 433 10.76 -14.37 -34.56
CA GLU H 433 11.18 -15.61 -35.21
C GLU H 433 10.49 -16.82 -34.60
N VAL H 434 10.36 -16.84 -33.27
CA VAL H 434 9.57 -17.89 -32.62
C VAL H 434 8.13 -17.84 -33.10
N ALA H 435 7.54 -16.64 -33.11
CA ALA H 435 6.13 -16.50 -33.51
C ALA H 435 5.91 -17.01 -34.93
N LEU H 436 6.86 -16.72 -35.83
CA LEU H 436 6.77 -17.18 -37.21
C LEU H 436 6.65 -18.70 -37.28
N GLU H 437 7.50 -19.42 -36.54
CA GLU H 437 7.43 -20.88 -36.56
C GLU H 437 6.13 -21.39 -35.96
N MET H 438 5.60 -20.69 -34.95
CA MET H 438 4.30 -21.06 -34.41
C MET H 438 3.20 -20.90 -35.45
N VAL H 439 3.21 -19.78 -36.17
CA VAL H 439 2.20 -19.54 -37.21
C VAL H 439 2.28 -20.62 -38.28
N LYS H 440 3.49 -20.95 -38.73
CA LYS H 440 3.62 -22.01 -39.73
C LYS H 440 3.05 -23.32 -39.21
N GLY H 441 3.14 -23.56 -37.89
CA GLY H 441 2.59 -24.78 -37.34
C GLY H 441 1.09 -24.86 -37.48
N PHE H 442 0.42 -23.71 -37.49
CA PHE H 442 -1.01 -23.63 -37.78
C PHE H 442 -1.31 -23.64 -39.28
N GLY H 443 -0.27 -23.70 -40.12
CA GLY H 443 -0.48 -23.54 -41.54
C GLY H 443 -0.71 -22.11 -41.98
N GLY H 444 -0.49 -21.14 -41.09
CA GLY H 444 -0.64 -19.74 -41.47
C GLY H 444 0.44 -19.31 -42.45
N VAL H 445 0.11 -18.29 -43.24
CA VAL H 445 1.01 -17.73 -44.26
C VAL H 445 1.17 -16.25 -43.95
N VAL H 446 2.37 -15.87 -43.53
CA VAL H 446 2.68 -14.47 -43.25
C VAL H 446 3.02 -13.78 -44.58
N THR H 447 2.49 -12.58 -44.78
CA THR H 447 2.76 -11.79 -45.98
C THR H 447 4.09 -11.06 -45.84
N GLN H 448 4.84 -10.94 -46.94
CA GLN H 448 6.07 -10.17 -46.94
C GLN H 448 5.80 -8.77 -47.47
N LEU H 449 6.29 -7.77 -46.75
CA LEU H 449 6.21 -6.40 -47.24
C LEU H 449 6.96 -6.24 -48.55
N THR H 450 6.44 -5.38 -49.42
CA THR H 450 7.25 -4.91 -50.52
C THR H 450 8.24 -3.88 -49.99
N PRO H 451 9.33 -3.63 -50.72
CA PRO H 451 10.24 -2.55 -50.31
C PRO H 451 9.52 -1.22 -50.15
N LYS H 452 8.64 -0.86 -51.09
CA LYS H 452 7.83 0.35 -50.95
C LYS H 452 7.11 0.38 -49.61
N GLN H 453 6.37 -0.69 -49.30
CA GLN H 453 5.59 -0.75 -48.06
C GLN H 453 6.48 -0.71 -46.84
N ALA H 454 7.61 -1.44 -46.87
CA ALA H 454 8.54 -1.39 -45.75
C ALA H 454 9.03 0.04 -45.53
N GLU H 455 9.37 0.74 -46.61
CA GLU H 455 9.82 2.13 -46.48
C GLU H 455 8.70 3.04 -46.01
N TYR H 456 7.48 2.78 -46.45
CA TYR H 456 6.34 3.60 -46.06
C TYR H 456 6.12 3.59 -44.55
N ILE H 457 6.21 2.41 -43.90
CA ILE H 457 6.00 2.35 -42.45
C ILE H 457 7.31 2.36 -41.67
N GLY H 458 8.45 2.44 -42.34
CA GLY H 458 9.73 2.60 -41.68
C GLY H 458 10.29 1.37 -40.98
N VAL H 459 10.15 0.19 -41.59
CA VAL H 459 10.71 -1.02 -41.02
C VAL H 459 11.47 -1.75 -42.10
N SER H 460 12.37 -2.63 -41.68
CA SER H 460 12.99 -3.54 -42.61
C SER H 460 12.00 -4.62 -43.03
N VAL H 461 12.14 -5.09 -44.27
CA VAL H 461 11.31 -6.18 -44.74
C VAL H 461 11.44 -7.38 -43.80
N GLU H 462 12.62 -7.55 -43.20
CA GLU H 462 12.92 -8.67 -42.31
C GLU H 462 12.44 -8.44 -40.88
N GLY H 463 11.83 -7.31 -40.56
CA GLY H 463 11.55 -6.97 -39.19
C GLY H 463 12.78 -6.46 -38.48
N PRO H 464 12.64 -6.04 -37.21
CA PRO H 464 11.40 -6.03 -36.41
C PRO H 464 10.34 -5.07 -36.96
N PHE H 465 9.08 -5.44 -36.83
CA PHE H 465 7.97 -4.71 -37.43
C PHE H 465 7.33 -3.72 -36.46
N LYS H 466 7.69 -3.74 -35.18
CA LYS H 466 7.10 -2.90 -34.15
C LYS H 466 8.19 -2.28 -33.30
N PRO H 467 7.98 -1.07 -32.78
CA PRO H 467 8.91 -0.52 -31.79
C PRO H 467 8.85 -1.32 -30.49
N ASP H 468 9.90 -1.20 -29.68
CA ASP H 468 9.93 -1.97 -28.44
C ASP H 468 8.82 -1.56 -27.49
N THR H 469 8.27 -0.35 -27.65
CA THR H 469 7.15 0.06 -26.83
C THR H 469 5.82 -0.56 -27.24
N TYR H 470 5.75 -1.27 -28.38
CA TYR H 470 4.45 -1.76 -28.83
C TYR H 470 3.90 -2.80 -27.85
N ARG H 471 2.59 -2.76 -27.61
CA ARG H 471 2.01 -3.63 -26.58
C ARG H 471 1.25 -4.83 -27.15
N TYR H 472 0.98 -4.88 -28.44
CA TYR H 472 0.21 -5.99 -29.05
C TYR H 472 -1.14 -6.17 -28.37
PA NAD I . 4.31 -3.41 27.98
O1A NAD I . 3.99 -2.03 28.39
O2A NAD I . 3.12 -4.20 27.45
O5B NAD I . 5.55 -3.33 26.95
C5B NAD I . 6.17 -4.42 26.25
C4B NAD I . 6.33 -3.92 24.83
O4B NAD I . 7.05 -4.89 24.05
C3B NAD I . 5.03 -3.64 24.08
O3B NAD I . 4.83 -2.25 23.84
C2B NAD I . 5.13 -4.51 22.81
O2B NAD I . 4.57 -3.92 21.64
C1B NAD I . 6.64 -4.74 22.71
N9A NAD I . 7.04 -5.95 21.99
C8A NAD I . 6.50 -7.21 22.10
N7A NAD I . 7.07 -8.10 21.32
C5A NAD I . 8.05 -7.38 20.66
C6A NAD I . 9.03 -7.74 19.71
N6A NAD I . 9.13 -8.96 19.16
N1A NAD I . 9.89 -6.79 19.28
C2A NAD I . 9.75 -5.55 19.76
N3A NAD I . 8.85 -5.08 20.63
C4A NAD I . 8.04 -6.06 21.06
O3 NAD I . 4.95 -4.24 29.19
PN NAD I . 5.84 -3.63 30.35
O1N NAD I . 4.98 -3.14 31.45
O2N NAD I . 6.80 -2.71 29.71
O5D NAD I . 6.66 -4.90 30.87
C5D NAD I . 7.52 -5.63 29.97
C4D NAD I . 8.15 -6.77 30.74
O4D NAD I . 8.95 -6.25 31.81
C3D NAD I . 7.16 -7.75 31.39
O3D NAD I . 7.78 -9.02 31.38
C2D NAD I . 7.08 -7.21 32.83
O2D NAD I . 6.56 -8.17 33.75
C1D NAD I . 8.56 -6.85 33.02
N1N NAD I . 8.86 -5.92 34.13
C2N NAD I . 10.10 -5.90 34.64
C3N NAD I . 10.44 -4.97 35.61
C7N NAD I . 11.82 -4.93 36.23
O7N NAD I . 12.00 -4.30 37.29
N7N NAD I . 12.76 -5.69 35.71
C4N NAD I . 9.48 -4.03 36.00
C5N NAD I . 8.21 -4.09 35.46
C6N NAD I . 7.89 -5.07 34.55
N9 ADE J . 10.70 -5.14 41.26
C8 ADE J . 11.62 -4.25 40.75
N7 ADE J . 12.49 -3.81 41.62
C5 ADE J . 12.11 -4.43 42.81
C6 ADE J . 12.62 -4.36 44.12
N6 ADE J . 13.67 -3.59 44.46
N1 ADE J . 12.02 -5.13 45.06
C2 ADE J . 10.97 -5.88 44.72
N3 ADE J . 10.40 -6.02 43.52
C4 ADE J . 11.02 -5.26 42.60
K K K . 16.78 -1.36 45.45
P PO4 L . 30.81 -10.19 14.28
O1 PO4 L . 29.85 -11.35 14.40
O2 PO4 L . 31.55 -10.02 15.57
O3 PO4 L . 30.04 -8.94 13.92
O4 PO4 L . 31.87 -10.47 13.24
P PO4 M . 12.14 -1.19 62.26
O1 PO4 M . 13.20 -1.51 63.30
O2 PO4 M . 10.78 -1.75 62.62
O3 PO4 M . 12.58 -1.78 60.93
O4 PO4 M . 11.98 0.32 62.17
P PO4 N . 8.01 -5.19 39.45
O1 PO4 N . 8.61 -6.50 39.97
O2 PO4 N . 7.05 -5.48 38.32
O3 PO4 N . 9.12 -4.30 38.93
O4 PO4 N . 7.35 -4.44 40.59
PA NAD O . 38.75 22.93 38.77
O1A NAD O . 38.55 22.82 37.29
O2A NAD O . 39.76 24.04 39.11
O5B NAD O . 37.37 23.22 39.54
C5B NAD O . 37.28 23.48 40.95
C4B NAD O . 36.26 24.58 41.08
O4B NAD O . 35.92 24.78 42.48
C3B NAD O . 36.71 25.94 40.54
O3B NAD O . 35.91 26.34 39.42
C2B NAD O . 36.60 26.88 41.76
O2B NAD O . 36.13 28.19 41.47
C1B NAD O . 35.59 26.14 42.61
N9A NAD O . 35.62 26.48 44.03
C8A NAD O . 36.72 26.65 44.82
N7A NAD O . 36.45 26.95 46.06
C5A NAD O . 35.06 26.99 46.10
C6A NAD O . 34.15 27.26 47.13
N6A NAD O . 34.50 27.56 48.39
N1A NAD O . 32.83 27.21 46.83
C2A NAD O . 32.47 26.92 45.57
N3A NAD O . 33.24 26.65 44.52
C4A NAD O . 34.53 26.71 44.85
O3 NAD O . 39.37 21.57 39.29
PN NAD O . 38.84 20.12 38.88
O1N NAD O . 37.37 20.25 38.78
O2N NAD O . 39.62 19.60 37.74
O5D NAD O . 39.20 19.29 40.18
C5D NAD O . 38.49 19.50 41.41
C4D NAD O . 39.00 18.47 42.38
O4D NAD O . 38.60 17.15 41.93
C3D NAD O . 40.52 18.42 42.51
O3D NAD O . 40.80 18.07 43.86
C2D NAD O . 40.90 17.27 41.56
O2D NAD O . 42.14 16.65 41.89
C1D NAD O . 39.74 16.32 41.87
N1N NAD O . 39.50 15.26 40.85
C2N NAD O . 38.80 14.18 41.23
C3N NAD O . 38.48 13.20 40.32
C7N NAD O . 37.73 11.96 40.72
O7N NAD O . 37.68 10.99 39.93
N7N NAD O . 37.25 11.91 41.97
C4N NAD O . 38.86 13.38 38.99
C5N NAD O . 39.58 14.50 38.62
C6N NAD O . 39.91 15.43 39.58
N9 ADE P . 40.88 8.23 38.78
C8 ADE P . 39.50 8.24 38.68
N7 ADE P . 38.98 7.08 38.36
C5 ADE P . 40.08 6.24 38.29
C6 ADE P . 40.22 4.88 37.98
N6 ADE P . 39.17 4.08 37.69
N1 ADE P . 41.46 4.36 37.99
C2 ADE P . 42.49 5.14 38.28
N3 ADE P . 42.49 6.45 38.56
C4 ADE P . 41.25 6.94 38.55
S DMS Q . 44.96 28.62 26.75
O DMS Q . 46.10 28.61 27.72
C1 DMS Q . 43.54 29.49 27.50
C2 DMS Q . 44.35 26.91 26.57
K K R . 36.14 1.58 36.79
P PO4 S . 46.72 -10.01 29.38
O1 PO4 S . 46.63 -11.49 29.68
O2 PO4 S . 48.16 -9.55 29.17
O3 PO4 S . 46.15 -9.21 30.52
O4 PO4 S . 45.99 -9.79 28.06
P PO4 T . 17.21 20.20 60.09
O1 PO4 T . 17.71 18.82 59.81
O2 PO4 T . 18.32 21.00 60.74
O3 PO4 T . 16.80 20.88 58.80
O4 PO4 T . 16.03 20.09 61.03
P PO4 U . 41.98 11.28 38.27
O1 PO4 U . 42.33 10.58 39.58
O2 PO4 U . 40.50 11.26 37.98
O3 PO4 U . 42.59 10.58 37.05
O4 PO4 U . 42.46 12.72 38.37
PA NAD V . 35.82 26.88 16.15
O1A NAD V . 35.68 26.80 17.62
O2A NAD V . 37.27 26.97 15.71
O5B NAD V . 35.03 25.70 15.36
C5B NAD V . 35.16 25.35 13.96
C4B NAD V . 35.29 23.86 13.94
O4B NAD V . 35.10 23.35 12.59
C3B NAD V . 36.65 23.33 14.42
O3B NAD V . 36.52 22.48 15.56
C2B NAD V . 37.22 22.62 13.19
O2B NAD V . 37.99 21.48 13.55
C1B NAD V . 35.94 22.25 12.43
N9A NAD V . 36.12 22.02 11.00
C8A NAD V . 36.85 22.75 10.11
N7A NAD V . 36.85 22.29 8.88
C5A NAD V . 36.04 21.16 8.97
C6A NAD V . 35.62 20.22 8.01
N6A NAD V . 36.00 20.24 6.73
N1A NAD V . 34.77 19.24 8.42
C2A NAD V . 34.39 19.22 9.71
N3A NAD V . 34.75 20.02 10.70
C4A NAD V . 35.58 20.98 10.27
O3 NAD V . 35.09 28.20 15.64
PN NAD V . 33.68 28.72 16.16
O1N NAD V . 32.86 27.52 16.46
O2N NAD V . 33.89 29.73 17.23
O5D NAD V . 33.10 29.49 14.90
C5D NAD V . 32.74 28.77 13.69
C4D NAD V . 32.21 29.77 12.68
O4D NAD V . 30.97 30.34 13.16
C3D NAD V . 33.12 30.98 12.39
O3D NAD V . 32.88 31.40 11.05
C2D NAD V . 32.58 32.03 13.36
O2D NAD V . 32.95 33.35 12.98
C1D NAD V . 31.09 31.74 13.22
N1N NAD V . 30.24 32.24 14.32
C2N NAD V . 28.92 32.38 14.07
C3N NAD V . 28.06 32.75 15.08
C7N NAD V . 26.57 32.93 14.84
O7N NAD V . 25.89 33.50 15.70
N7N NAD V . 26.09 32.58 13.65
C4N NAD V . 28.57 32.95 16.35
C5N NAD V . 29.93 32.79 16.58
C6N NAD V . 30.75 32.45 15.55
N9 ADE W . 25.85 37.76 16.56
C8 ADE W . 24.99 36.73 16.88
N7 ADE W . 23.81 37.13 17.30
C5 ADE W . 23.92 38.52 17.26
C6 ADE W . 23.01 39.54 17.59
N6 ADE W . 21.78 39.30 18.05
N1 ADE W . 23.41 40.82 17.44
C2 ADE W . 24.65 41.05 16.98
N3 ADE W . 25.59 40.17 16.63
C4 ADE W . 25.16 38.92 16.80
S DMS X . 18.25 11.36 -3.20
O DMS X . 19.32 12.00 -4.07
C1 DMS X . 19.02 10.11 -2.13
C2 DMS X . 17.17 10.33 -4.23
K K Y . 17.89 38.54 19.17
P PO4 Z . 16.31 54.30 26.44
O1 PO4 Z . 15.89 53.62 27.73
O2 PO4 Z . 17.64 55.01 26.62
O3 PO4 Z . 15.21 55.30 26.09
O4 PO4 Z . 16.43 53.33 25.28
P PO4 AA . 29.00 36.78 16.82
O1 PO4 AA . 27.96 35.71 17.10
O2 PO4 AA . 28.97 37.68 18.05
O3 PO4 AA . 28.54 37.52 15.58
O4 PO4 AA . 30.38 36.17 16.61
P PO4 BA . 46.05 32.45 39.45
O1 PO4 BA . 46.41 31.10 38.86
O2 PO4 BA . 45.97 33.53 38.39
O3 PO4 BA . 47.09 32.86 40.48
O4 PO4 BA . 44.72 32.38 40.15
PA NAD CA . -5.43 17.54 30.73
O1A NAD CA . -6.65 17.08 31.42
O2A NAD CA . -4.54 16.35 30.24
O5B NAD CA . -4.53 18.42 31.69
C5B NAD CA . -4.95 19.59 32.41
C4B NAD CA . -4.31 19.47 33.76
O4B NAD CA . -4.49 20.68 34.53
C3B NAD CA . -4.86 18.32 34.61
O3B NAD CA . -3.87 17.34 34.86
C2B NAD CA . -5.37 19.02 35.88
O2B NAD CA . -5.11 18.25 37.04
C1B NAD CA . -4.57 20.31 35.88
N9A NAD CA . -5.17 21.42 36.63
C8A NAD CA . -6.50 21.75 36.65
N7A NAD CA . -6.76 22.80 37.41
C5A NAD CA . -5.52 23.18 37.90
C6A NAD CA . -5.12 24.20 38.78
N6A NAD CA . -5.97 25.08 39.34
N1A NAD CA . -3.81 24.28 39.10
C2A NAD CA . -2.97 23.40 38.55
N3A NAD CA . -3.23 22.40 37.70
C4A NAD CA . -4.53 22.34 37.43
O3 NAD CA . -5.77 18.34 29.40
PN NAD CA . -4.78 18.68 28.18
O1N NAD CA . -4.95 17.69 27.10
O2N NAD CA . -3.44 18.91 28.77
O5D NAD CA . -5.34 20.09 27.69
C5D NAD CA . -5.22 21.27 28.51
C4D NAD CA . -5.82 22.46 27.80
O4D NAD CA . -5.02 22.78 26.64
C3D NAD CA . -7.24 22.25 27.26
O3D NAD CA . -7.89 23.52 27.18
C2D NAD CA . -6.98 21.76 25.84
O2D NAD CA . -8.11 21.91 24.99
C1D NAD CA . -5.82 22.70 25.47
N1N NAD CA . -4.95 22.26 24.32
C2N NAD CA . -4.23 23.21 23.73
C3N NAD CA . -3.37 22.89 22.69
C7N NAD CA . -2.54 23.98 22.06
O7N NAD CA . -1.96 23.76 20.98
N7N NAD CA . -2.55 25.17 22.63
C4N NAD CA . -3.26 21.56 22.31
C5N NAD CA . -4.02 20.58 22.94
C6N NAD CA . -4.88 20.96 23.96
N9 ADE DA . -3.87 23.06 17.09
C8 ADE DA . -2.58 23.25 17.56
N7 ADE DA . -1.71 23.56 16.61
C5 ADE DA . -2.46 23.57 15.44
C6 ADE DA . -2.13 23.82 14.09
N6 ADE DA . -0.89 24.13 13.67
N1 ADE DA . -3.13 23.76 13.18
C2 ADE DA . -4.38 23.47 13.60
N3 ADE DA . -4.81 23.20 14.83
C4 ADE DA . -3.79 23.27 15.72
S DMS EA . -8.24 3.63 29.74
O DMS EA . -9.01 2.35 29.77
C1 DMS EA . -7.08 3.71 28.35
C2 DMS EA . -7.12 3.73 31.17
K K FA . 2.67 25.09 12.19
P PO4 GA . 7.15 42.70 42.49
O1 PO4 GA . 7.67 41.41 43.10
O2 PO4 GA . 7.96 43.85 43.03
O3 PO4 GA . 5.69 42.83 42.86
O4 PO4 GA . 7.28 42.65 40.99
P PO4 HA . -1.58 20.88 -4.06
O1 PO4 HA . -0.37 19.99 -4.04
O2 PO4 HA . -1.37 21.88 -5.17
O3 PO4 HA . -1.73 21.61 -2.75
O4 PO4 HA . -2.84 20.04 -4.30
P PO4 IA . -5.50 21.09 19.13
O1 PO4 IA . -6.28 20.51 20.29
O2 PO4 IA . -6.14 22.39 18.69
O3 PO4 IA . -5.47 20.10 17.98
O4 PO4 IA . -4.06 21.30 19.54
PA NAD JA . -0.97 -1.02 -35.61
O1A NAD JA . -1.27 -1.54 -34.26
O2A NAD JA . 0.49 -0.75 -35.86
O5B NAD JA . -1.51 -2.15 -36.68
C5B NAD JA . -1.30 -2.14 -38.10
C4B NAD JA . -0.94 -3.56 -38.45
O4B NAD JA . -0.89 -3.72 -39.89
C3B NAD JA . 0.41 -4.05 -37.92
O3B NAD JA . 0.23 -5.14 -37.02
C2B NAD JA . 1.20 -4.42 -39.18
O2B NAD JA . 2.06 -5.54 -38.98
C1B NAD JA . 0.09 -4.70 -40.17
N9A NAD JA . 0.45 -4.59 -41.58
C8A NAD JA . 1.25 -3.64 -42.15
N7A NAD JA . 1.41 -3.77 -43.45
C5A NAD JA . 0.65 -4.90 -43.75
C6A NAD JA . 0.40 -5.57 -44.96
N6A NAD JA . 0.94 -5.23 -46.13
N1A NAD JA . -0.41 -6.65 -44.92
C2A NAD JA . -0.92 -7.03 -43.74
N3A NAD JA . -0.76 -6.48 -42.54
C4A NAD JA . 0.05 -5.40 -42.61
O3 NAD JA . -1.82 0.31 -35.84
PN NAD JA . -3.33 0.52 -35.37
O1N NAD JA . -3.32 1.16 -34.03
O2N NAD JA . -4.03 -0.77 -35.54
O5D NAD JA . -3.86 1.54 -36.47
C5D NAD JA . -3.98 1.15 -37.86
C4D NAD JA . -4.50 2.31 -38.67
O4D NAD JA . -5.85 2.63 -38.26
C3D NAD JA . -3.72 3.62 -38.54
O3D NAD JA . -3.82 4.31 -39.77
C2D NAD JA . -4.51 4.36 -37.45
O2D NAD JA . -4.34 5.77 -37.51
C1D NAD JA . -5.93 3.97 -37.87
N1N NAD JA . -6.96 4.10 -36.80
C2N NAD JA . -8.24 4.20 -37.22
C3N NAD JA . -9.26 4.24 -36.29
C7N NAD JA . -10.71 4.35 -36.73
O7N NAD JA . -11.57 4.74 -35.93
N7N NAD JA . -10.97 4.17 -38.01
C4N NAD JA . -8.94 4.13 -34.94
C5N NAD JA . -7.62 4.03 -34.55
C6N NAD JA . -6.62 4.02 -35.50
N9 ADE KA . -12.27 8.51 -34.04
C8 ADE KA . -13.03 7.35 -34.04
N7 ADE KA . -14.28 7.53 -33.69
C5 ADE KA . -14.36 8.91 -33.43
C6 ADE KA . -15.42 9.75 -33.01
N6 ADE KA . -16.66 9.30 -32.75
N1 ADE KA . -15.14 11.07 -32.86
C2 ADE KA . -13.90 11.50 -33.09
N3 ADE KA . -12.83 10.82 -33.48
C4 ADE KA . -13.12 9.52 -33.64
K K LA . -20.40 7.89 -32.34
P PO4 MA . 5.79 -0.25 -10.34
O1 PO4 MA . 6.10 -0.18 -8.86
O2 PO4 MA . 6.76 -1.14 -11.08
O3 PO4 MA . 5.78 1.15 -10.93
O4 PO4 MA . 4.42 -0.87 -10.50
P PO4 NA . -34.88 -5.40 -61.49
O1 PO4 NA . -33.64 -6.27 -61.55
O2 PO4 NA . -36.01 -6.25 -62.01
O3 PO4 NA . -35.16 -4.98 -60.06
O4 PO4 NA . -34.68 -4.13 -62.32
P PO4 OA . -14.36 -12.98 -60.32
O1 PO4 OA . -13.54 -14.02 -59.59
O2 PO4 OA . -15.45 -12.60 -59.37
O3 PO4 OA . -14.97 -13.56 -61.58
O4 PO4 OA . -13.50 -11.81 -60.70
P PO4 PA . -24.70 21.25 -22.10
O1 PO4 PA . -25.02 20.30 -20.96
O2 PO4 PA . -23.49 22.03 -21.66
O3 PO4 PA . -24.39 20.53 -23.39
O4 PO4 PA . -25.89 22.14 -22.37
P PO4 QA . -8.90 7.81 -33.50
O1 PO4 QA . -9.73 6.55 -33.66
O2 PO4 QA . -7.42 7.47 -33.56
O3 PO4 QA . -9.26 8.39 -32.15
O4 PO4 QA . -9.29 8.72 -34.65
PA NAD RA . -42.29 -17.17 -29.24
O1A NAD RA . -41.39 -18.12 -29.92
O2A NAD RA . -43.61 -17.81 -28.80
O5B NAD RA . -41.58 -16.54 -27.96
C5B NAD RA . -42.16 -15.52 -27.11
C4B NAD RA . -41.71 -15.90 -25.71
O4B NAD RA . -42.17 -14.92 -24.74
C3B NAD RA . -42.24 -17.27 -25.22
O3B NAD RA . -41.17 -18.19 -25.03
C2B NAD RA . -42.96 -16.94 -23.90
O2B NAD RA . -42.73 -17.93 -22.90
C1B NAD RA . -42.33 -15.61 -23.52
N9A NAD RA . -43.14 -14.78 -22.63
C8A NAD RA . -44.48 -14.51 -22.74
N7A NAD RA . -44.95 -13.73 -21.79
C5A NAD RA . -43.83 -13.46 -21.01
C6A NAD RA . -43.65 -12.66 -19.87
N6A NAD RA . -44.65 -12.06 -19.22
N1A NAD RA . -42.40 -12.56 -19.36
C2A NAD RA . -41.41 -13.23 -19.96
N3A NAD RA . -41.46 -14.03 -21.04
C4A NAD RA . -42.71 -14.09 -21.52
O3 NAD RA . -42.63 -16.01 -30.27
PN NAD RA . -41.55 -15.32 -31.24
O1N NAD RA . -40.28 -15.26 -30.48
O2N NAD RA . -41.59 -16.00 -32.55
O5D NAD RA . -42.20 -13.89 -31.44
C5D NAD RA . -42.37 -12.98 -30.32
C4D NAD RA . -42.97 -11.73 -30.89
O4D NAD RA . -42.05 -11.13 -31.85
C3D NAD RA . -44.28 -11.90 -31.65
O3D NAD RA . -45.03 -10.71 -31.51
C2D NAD RA . -43.80 -11.99 -33.10
O2D NAD RA . -44.83 -11.71 -34.05
C1D NAD RA . -42.72 -10.91 -33.05
N1N NAD RA . -41.72 -10.95 -34.16
C2N NAD RA . -41.01 -9.84 -34.41
C3N NAD RA . -40.01 -9.86 -35.37
C7N NAD RA . -39.17 -8.66 -35.70
O7N NAD RA . -38.46 -8.67 -36.73
N7N NAD RA . -39.29 -7.58 -34.93
C4N NAD RA . -39.75 -11.06 -36.03
C5N NAD RA . -40.51 -12.18 -35.75
C6N NAD RA . -41.50 -12.11 -34.82
N9 ADE SA . -39.69 -8.47 -40.86
C8 ADE SA . -38.47 -8.26 -40.29
N7 ADE SA . -37.62 -7.62 -41.08
C5 ADE SA . -38.34 -7.41 -42.23
C6 ADE SA . -38.00 -6.80 -43.44
N6 ADE SA . -36.80 -6.26 -43.69
N1 ADE SA . -38.96 -6.72 -44.40
C2 ADE SA . -40.16 -7.27 -44.14
N3 ADE SA . -40.58 -7.87 -43.04
C4 ADE SA . -39.62 -7.92 -42.12
C10 UIV TA . -53.63 -13.76 -7.80
C13 UIV TA . -54.62 -12.63 -5.99
C15 UIV TA . -55.78 -13.88 -4.06
C17 UIV TA . -55.03 -15.18 -6.14
C01 UIV TA . -51.27 -12.76 -7.18
C03 UIV TA . -51.97 -13.15 -9.63
C04 UIV TA . -52.49 -11.81 -10.19
C05 UIV TA . -53.80 -11.40 -10.34
C08 UIV TA . -52.07 -8.47 -11.59
C09 UIV TA . -51.71 -10.75 -10.63
C12 UIV TA . -54.07 -13.84 -6.33
C14 UIV TA . -55.46 -12.59 -4.57
C16 UIV TA . -56.03 -15.04 -5.10
N02 UIV TA . -52.30 -13.23 -8.18
N06 UIV TA . -53.80 -10.16 -10.86
N07 UIV TA . -52.51 -9.77 -11.04
O11 UIV TA . -54.39 -14.09 -8.66
C10 UIV UA . -37.15 -25.24 -56.68
C13 UIV UA . -37.38 -24.38 -54.49
C15 UIV UA . -37.07 -21.87 -53.95
C17 UIV UA . -36.29 -22.86 -56.21
C01 UIV UA . -39.69 -25.92 -56.48
C03 UIV UA . -37.98 -27.34 -57.85
C04 UIV UA . -37.61 -28.55 -56.95
C05 UIV UA . -36.52 -28.66 -56.11
C08 UIV UA . -38.08 -31.91 -55.57
C09 UIV UA . -38.30 -29.75 -56.83
C12 UIV UA . -37.40 -24.01 -55.80
C14 UIV UA . -37.50 -23.13 -53.42
C16 UIV UA . -36.03 -21.91 -55.14
N02 UIV UA . -38.27 -26.14 -56.99
N06 UIV UA . -36.56 -29.87 -55.51
N07 UIV UA . -37.66 -30.54 -55.98
O11 UIV UA . -36.07 -25.45 -57.10
K K VA . -33.00 -4.74 -44.26
P PO4 WA . -33.96 5.35 -10.33
O1 PO4 WA . -33.49 3.99 -9.89
O2 PO4 WA . -35.47 5.39 -10.26
O3 PO4 WA . -33.54 5.61 -11.75
O4 PO4 WA . -33.31 6.40 -9.45
P PO4 XA . -41.41 -11.01 -39.50
O1 PO4 XA . -42.22 -11.96 -38.63
O2 PO4 XA . -40.09 -10.76 -38.84
O3 PO4 XA . -41.16 -11.64 -40.86
O4 PO4 XA . -42.13 -9.69 -39.69
PA NAD YA . -30.06 -35.99 -35.18
O1A NAD YA . -30.60 -34.76 -34.56
O2A NAD YA . -31.04 -36.67 -36.12
O5B NAD YA . -28.73 -35.58 -36.04
C5B NAD YA . -28.00 -36.45 -36.92
C4B NAD YA . -27.69 -35.56 -38.09
O4B NAD YA . -26.73 -36.20 -38.97
C3B NAD YA . -28.91 -35.22 -38.96
O3B NAD YA . -29.15 -33.81 -38.96
C2B NAD YA . -28.56 -35.78 -40.34
O2B NAD YA . -29.10 -34.98 -41.38
C1B NAD YA . -27.04 -35.80 -40.29
N9A NAD YA . -26.41 -36.75 -41.20
C8A NAD YA . -26.84 -38.03 -41.47
N7A NAD YA . -26.11 -38.65 -42.37
C5A NAD YA . -25.13 -37.72 -42.70
C6A NAD YA . -24.02 -37.79 -43.57
N6A NAD YA . -23.72 -38.86 -44.31
N1A NAD YA . -23.21 -36.70 -43.64
C2A NAD YA . -23.50 -35.64 -42.88
N3A NAD YA . -24.52 -35.45 -42.04
C4A NAD YA . -25.30 -36.55 -41.99
O3 NAD YA . -29.57 -37.02 -34.08
PN NAD YA . -28.83 -36.60 -32.72
O1N NAD YA . -27.94 -35.45 -33.02
O2N NAD YA . -29.85 -36.48 -31.66
O5D NAD YA . -27.95 -37.89 -32.44
C5D NAD YA . -26.89 -38.30 -33.31
C4D NAD YA . -26.28 -39.56 -32.75
O4D NAD YA . -25.65 -39.28 -31.48
C3D NAD YA . -27.27 -40.70 -32.46
O3D NAD YA . -26.58 -41.93 -32.71
C2D NAD YA . -27.57 -40.52 -30.97
O2D NAD YA . -28.12 -41.68 -30.34
C1D NAD YA . -26.16 -40.15 -30.50
N1N NAD YA . -26.09 -39.45 -29.20
C2N NAD YA . -24.92 -39.45 -28.56
C3N NAD YA . -24.76 -38.74 -27.38
C7N NAD YA . -23.46 -38.75 -26.64
O7N NAD YA . -23.42 -38.34 -25.47
N7N NAD YA . -22.41 -39.33 -27.23
C4N NAD YA . -25.84 -38.00 -26.90
C5N NAD YA . -27.04 -38.02 -27.59
C6N NAD YA . -27.16 -38.76 -28.73
N9 ADE ZA . -25.04 -40.28 -21.93
C8 ADE ZA . -24.22 -39.20 -22.10
N7 ADE ZA . -23.55 -38.86 -21.02
C5 ADE ZA . -23.97 -39.79 -20.06
C6 ADE ZA . -23.66 -39.96 -18.70
N6 ADE ZA . -22.78 -39.19 -18.02
N1 ADE ZA . -24.26 -40.98 -18.04
C2 ADE ZA . -25.13 -41.75 -18.71
N3 ADE ZA . -25.51 -41.68 -19.98
C4 ADE ZA . -24.90 -40.66 -20.61
S DMS AB . -1.75 -36.89 -46.32
O DMS AB . -2.49 -38.10 -46.79
C1 DMS AB . -2.56 -35.42 -47.02
C2 DMS AB . -0.18 -36.85 -47.22
S DMS BB . -43.02 -31.02 -33.52
O DMS BB . -42.81 -30.38 -32.17
C1 DMS BB . -42.70 -29.83 -34.86
C2 DMS BB . -44.76 -31.42 -33.83
K K CB . -19.96 -37.02 -16.08
P PO4 DB . -26.47 -41.15 -0.58
O1 PO4 DB . -25.60 -41.66 0.55
O2 PO4 DB . -27.81 -41.85 -0.64
O3 PO4 DB . -25.72 -41.36 -1.86
O4 PO4 DB . -26.71 -39.67 -0.35
P PO4 EB . 12.34 -39.14 -29.91
O1 PO4 EB . 12.56 -40.63 -29.84
O2 PO4 EB . 11.64 -38.79 -31.22
O3 PO4 EB . 11.46 -38.71 -28.75
O4 PO4 EB . 13.68 -38.42 -29.83
P PO4 FB . -27.60 -40.09 -24.08
O1 PO4 FB . -26.89 -41.42 -23.91
O2 PO4 FB . -26.53 -39.04 -24.19
O3 PO4 FB . -28.39 -39.75 -22.81
O4 PO4 FB . -28.48 -40.13 -25.32
P PO4 GB . -51.23 -24.49 -25.60
O1 PO4 GB . -51.77 -25.90 -25.60
O2 PO4 GB . -50.89 -24.08 -27.01
O3 PO4 GB . -52.25 -23.53 -25.02
O4 PO4 GB . -50.00 -24.49 -24.73
PA NAD HB . -0.06 -10.13 -14.10
O1A NAD HB . 0.89 -9.15 -13.54
O2A NAD HB . -0.24 -9.92 -15.61
O5B NAD HB . -1.56 -10.12 -13.50
C5B NAD HB . -1.88 -10.27 -12.10
C4B NAD HB . -3.03 -9.31 -11.90
O4B NAD HB . -3.61 -9.47 -10.59
C3B NAD HB . -2.66 -7.83 -12.05
O3B NAD HB . -3.36 -7.26 -13.15
C2B NAD HB . -3.04 -7.22 -10.70
O2B NAD HB . -3.57 -5.90 -10.82
C1B NAD HB . -4.08 -8.21 -10.19
N9A NAD HB . -4.24 -8.23 -8.74
C8A NAD HB . -3.25 -8.16 -7.81
N7A NAD HB . -3.66 -8.19 -6.57
C5A NAD HB . -5.04 -8.28 -6.69
C6A NAD HB . -6.07 -8.32 -5.74
N6A NAD HB . -5.87 -8.27 -4.42
N1A NAD HB . -7.35 -8.40 -6.19
C2A NAD HB . -7.56 -8.42 -7.52
N3A NAD HB . -6.67 -8.38 -8.52
C4A NAD HB . -5.42 -8.31 -8.03
O3 NAD HB . 0.59 -11.57 -13.95
PN NAD HB . 0.26 -12.90 -14.77
O1N NAD HB . 1.26 -13.04 -15.86
O2N NAD HB . -1.19 -12.86 -15.09
O5D NAD HB . 0.55 -14.01 -13.68
C5D NAD HB . -0.26 -14.15 -12.49
C4D NAD HB . 0.27 -15.35 -11.73
O4D NAD HB . 0.03 -16.56 -12.48
C3D NAD HB . 1.78 -15.32 -11.45
O3D NAD HB . 1.99 -15.95 -10.19
C2D NAD HB . 2.34 -16.18 -12.58
O2D NAD HB . 3.60 -16.75 -12.25
C1D NAD HB . 1.25 -17.26 -12.64
N1N NAD HB . 1.20 -18.01 -13.90
C2N NAD HB . 0.59 -19.21 -13.86
C3N NAD HB . 0.51 -19.98 -15.02
C7N NAD HB . -0.18 -21.31 -14.96
O7N NAD HB . -0.02 -22.11 -15.90
N7N NAD HB . -0.83 -21.64 -13.85
C4N NAD HB . 1.03 -19.47 -16.19
C5N NAD HB . 1.65 -18.23 -16.20
C6N NAD HB . 1.74 -17.52 -15.03
N9 ADE IB . 3.46 -24.21 -17.22
C8 ADE IB . 2.14 -24.27 -17.60
N7 ADE IB . 1.81 -25.36 -18.28
C5 ADE IB . 3.02 -26.05 -18.36
C6 ADE IB . 3.36 -27.27 -18.96
N6 ADE IB . 2.49 -28.04 -19.62
N1 ADE IB . 4.65 -27.69 -18.86
C2 ADE IB . 5.53 -26.91 -18.21
N3 ADE IB . 5.32 -25.74 -17.61
C4 ADE IB . 4.04 -25.36 -17.72
S DMS JB . 6.29 -1.93 -23.29
O DMS JB . 6.10 -2.71 -24.57
C1 DMS JB . 4.90 -0.80 -23.01
C2 DMS JB . 7.69 -0.77 -23.37
K K KB . -0.18 -30.60 -21.30
P PO4 LB . -23.32 -19.78 2.98
O1 PO4 LB . -22.82 -20.93 2.16
O2 PO4 LB . -24.64 -20.18 3.60
O3 PO4 LB . -22.29 -19.43 4.02
O4 PO4 LB . -23.53 -18.57 2.10
P PO4 MB . 4.52 -21.03 -16.99
O1 PO4 MB . 4.93 -22.11 -15.99
O2 PO4 MB . 4.81 -19.66 -16.44
O3 PO4 MB . 5.21 -21.29 -18.33
O4 PO4 MB . 3.04 -21.20 -17.20
P PO4 NB . 16.05 -31.92 -50.91
O1 PO4 NB . 16.23 -33.25 -50.23
O2 PO4 NB . 15.96 -32.07 -52.42
O3 PO4 NB . 14.82 -31.24 -50.35
O4 PO4 NB . 17.23 -31.06 -50.61
#